data_7MFO
#
_entry.id   7MFO
#
_cell.length_a   74.885
_cell.length_b   126.875
_cell.length_c   206.365
_cell.angle_alpha   90.000
_cell.angle_beta   90.890
_cell.angle_gamma   90.000
#
_symmetry.space_group_name_H-M   'P 1 21 1'
#
loop_
_entity.id
_entity.type
_entity.pdbx_description
1 polymer 'L136 aminotransferase'
2 non-polymer "4'-DEOXY-4'-AMINOPYRIDOXAL-5'-PHOSPHATE"
3 non-polymer 'PHOSPHATE ION'
4 non-polymer 1,2-ETHANEDIOL
5 non-polymer 'CHLORIDE ION'
6 non-polymer "THYMIDINE-5'-DIPHOSPHATE"
7 water water
#
_entity_poly.entity_id   1
_entity_poly.type   'polypeptide(L)'
_entity_poly.pdbx_seq_one_letter_code
;GGGHMGLEKLTWVSEKKPDWSNVQKLIAACEATNQYTNIGPIISQLESFIRDSFLIEESKAVIVTSNGTSALHALVGGIN
RQLGRELKFVTQSFTFPSSNQGPLKDSIIVDIDEDGGLDLNAVKNIEYDGIIVTNIHGNVVDINKYVDFCMNHNKLLIFD
NAATGYTFYLGKNSCNYGHASIISFHHTKPFGFGEGGCIIVDRLYENNIRIGLNFGLDNSLGEKSQYSNQASNYRMCDLN
AAFILSYLQNNYKKIINRHSEIYEIYKNNLPKRFKLFPNHSKKNPVCSSICLLFDKPFRLDKIPFLSRKYYKPLDLSSPV
SLDFYQRILCIPCNIDLTDRQIYEIIGVLNEFADKN
;
_entity_poly.pdbx_strand_id   A,B,C,D,E,F,G,H,I,J
#
# COMPACT_ATOMS: atom_id res chain seq x y z
N LYS A 9 -73.16 15.65 -28.43
CA LYS A 9 -73.45 16.88 -27.63
C LYS A 9 -72.83 16.77 -26.22
N LEU A 10 -73.13 15.72 -25.46
CA LEU A 10 -72.55 15.56 -24.10
C LEU A 10 -71.03 15.41 -24.26
N THR A 11 -70.27 15.81 -23.26
CA THR A 11 -68.83 15.48 -23.15
C THR A 11 -68.55 14.82 -21.81
N TRP A 12 -67.53 13.97 -21.78
CA TRP A 12 -67.14 13.29 -20.52
C TRP A 12 -66.61 14.29 -19.50
N VAL A 13 -65.73 15.20 -19.91
CA VAL A 13 -65.17 16.20 -18.98
C VAL A 13 -65.49 17.57 -19.52
N SER A 14 -65.37 18.55 -18.64
CA SER A 14 -65.58 19.98 -18.99
C SER A 14 -64.43 20.45 -19.87
N GLU A 15 -64.70 21.45 -20.67
CA GLU A 15 -63.66 22.11 -21.48
C GLU A 15 -62.68 22.73 -20.50
N LYS A 16 -61.42 22.38 -20.65
CA LYS A 16 -60.32 22.89 -19.81
C LYS A 16 -59.29 23.58 -20.73
N LYS A 17 -58.91 24.77 -20.35
CA LYS A 17 -57.98 25.62 -21.11
C LYS A 17 -57.05 26.25 -20.12
N PRO A 18 -55.75 26.35 -20.44
CA PRO A 18 -54.82 26.95 -19.49
C PRO A 18 -55.17 28.42 -19.30
N ASP A 19 -55.00 28.89 -18.07
CA ASP A 19 -54.94 30.34 -17.73
C ASP A 19 -53.49 30.71 -18.01
N TRP A 20 -53.18 31.08 -19.25
CA TRP A 20 -51.80 31.25 -19.75
C TRP A 20 -51.03 32.23 -18.86
N SER A 21 -51.64 33.37 -18.49
CA SER A 21 -50.98 34.40 -17.64
C SER A 21 -50.48 33.76 -16.34
N ASN A 22 -51.33 32.97 -15.69
CA ASN A 22 -51.07 32.33 -14.39
C ASN A 22 -50.05 31.18 -14.55
N VAL A 23 -50.22 30.37 -15.57
CA VAL A 23 -49.26 29.28 -15.87
C VAL A 23 -47.88 29.89 -16.12
N GLN A 24 -47.80 30.97 -16.91
CA GLN A 24 -46.51 31.64 -17.18
C GLN A 24 -45.89 32.19 -15.90
N LYS A 25 -46.69 32.80 -15.02
CA LYS A 25 -46.24 33.36 -13.74
C LYS A 25 -45.71 32.21 -12.87
N LEU A 26 -46.38 31.07 -12.83
CA LEU A 26 -45.87 29.93 -12.04
C LEU A 26 -44.54 29.44 -12.63
N ILE A 27 -44.46 29.22 -13.95
CA ILE A 27 -43.28 28.57 -14.57
C ILE A 27 -42.10 29.59 -14.65
N ALA A 28 -42.35 30.88 -14.48
CA ALA A 28 -41.28 31.90 -14.35
C ALA A 28 -40.29 31.45 -13.27
N ALA A 29 -40.75 30.73 -12.24
CA ALA A 29 -39.89 30.28 -11.13
C ALA A 29 -38.90 29.24 -11.68
N CYS A 30 -39.38 28.31 -12.52
CA CYS A 30 -38.52 27.34 -13.24
C CYS A 30 -37.51 28.08 -14.13
N GLU A 31 -37.97 29.06 -14.90
CA GLU A 31 -37.14 29.80 -15.88
C GLU A 31 -35.97 30.52 -15.17
N ALA A 32 -36.19 31.04 -13.96
CA ALA A 32 -35.18 31.81 -13.19
C ALA A 32 -34.04 30.88 -12.74
N THR A 33 -34.31 29.58 -12.53
CA THR A 33 -33.29 28.66 -11.96
C THR A 33 -32.96 27.52 -12.91
N ASN A 34 -33.60 27.44 -14.09
CA ASN A 34 -33.49 26.31 -15.06
C ASN A 34 -33.91 24.99 -14.40
N GLN A 35 -34.69 25.03 -13.34
CA GLN A 35 -35.18 23.82 -12.63
C GLN A 35 -36.63 23.50 -13.05
N TYR A 36 -36.86 22.51 -13.92
CA TYR A 36 -38.24 22.20 -14.39
C TYR A 36 -38.65 20.80 -13.96
N THR A 37 -37.78 20.05 -13.31
CA THR A 37 -38.12 18.72 -12.76
C THR A 37 -37.14 18.44 -11.64
N ASN A 38 -37.08 17.19 -11.21
CA ASN A 38 -36.25 16.72 -10.09
C ASN A 38 -36.61 17.59 -8.88
N ILE A 39 -37.91 17.86 -8.70
CA ILE A 39 -38.49 18.67 -7.60
C ILE A 39 -37.97 20.10 -7.73
N GLY A 40 -38.52 20.79 -8.73
CA GLY A 40 -38.40 22.22 -8.97
C GLY A 40 -39.27 23.01 -7.99
N PRO A 41 -39.43 24.31 -8.27
CA PRO A 41 -40.12 25.23 -7.36
C PRO A 41 -41.66 25.14 -7.37
N ILE A 42 -42.26 24.38 -8.29
CA ILE A 42 -43.75 24.28 -8.37
C ILE A 42 -44.27 23.13 -7.50
N ILE A 43 -43.48 22.09 -7.32
CA ILE A 43 -43.94 20.84 -6.66
C ILE A 43 -44.51 21.16 -5.26
N SER A 44 -43.76 21.90 -4.44
CA SER A 44 -44.19 22.26 -3.07
C SER A 44 -45.46 23.13 -3.14
N GLN A 45 -45.59 23.98 -4.13
CA GLN A 45 -46.78 24.87 -4.28
C GLN A 45 -48.01 24.02 -4.58
N LEU A 46 -47.87 23.00 -5.44
CA LEU A 46 -49.05 22.15 -5.73
C LEU A 46 -49.35 21.27 -4.53
N GLU A 47 -48.36 20.71 -3.88
CA GLU A 47 -48.58 19.78 -2.76
C GLU A 47 -49.23 20.55 -1.58
N SER A 48 -48.82 21.80 -1.36
CA SER A 48 -49.43 22.69 -0.33
C SER A 48 -50.88 23.03 -0.73
N PHE A 49 -51.11 23.32 -2.00
CA PHE A 49 -52.48 23.65 -2.50
C PHE A 49 -53.40 22.46 -2.25
N ILE A 50 -52.92 21.26 -2.55
CA ILE A 50 -53.72 20.03 -2.34
C ILE A 50 -54.01 19.88 -0.85
N ARG A 51 -52.98 19.99 -0.01
CA ARG A 51 -53.14 19.85 1.45
C ARG A 51 -54.26 20.79 1.93
N ASP A 52 -54.18 22.06 1.55
CA ASP A 52 -55.06 23.13 2.13
C ASP A 52 -56.46 23.02 1.54
N SER A 53 -56.58 22.75 0.24
CA SER A 53 -57.89 22.80 -0.47
C SER A 53 -58.65 21.46 -0.31
N PHE A 54 -57.93 20.33 -0.26
CA PHE A 54 -58.58 19.00 -0.11
C PHE A 54 -58.71 18.62 1.37
N LEU A 55 -58.10 19.39 2.28
CA LEU A 55 -58.17 19.19 3.75
C LEU A 55 -57.54 17.85 4.13
N ILE A 56 -56.26 17.73 3.78
CA ILE A 56 -55.41 16.59 4.16
C ILE A 56 -54.84 16.90 5.55
N GLU A 57 -54.80 15.90 6.40
CA GLU A 57 -54.38 16.01 7.81
C GLU A 57 -52.85 16.10 7.91
N GLU A 58 -52.39 16.70 8.99
CA GLU A 58 -50.93 16.94 9.21
C GLU A 58 -50.16 15.62 9.34
N SER A 59 -50.80 14.54 9.78
CA SER A 59 -50.14 13.23 9.94
C SER A 59 -49.81 12.63 8.57
N LYS A 60 -50.29 13.24 7.49
CA LYS A 60 -50.09 12.67 6.12
C LYS A 60 -49.15 13.57 5.32
N ALA A 61 -48.28 12.94 4.52
CA ALA A 61 -47.57 13.60 3.39
C ALA A 61 -48.50 13.74 2.19
N VAL A 62 -48.27 14.78 1.41
CA VAL A 62 -48.86 14.96 0.06
C VAL A 62 -47.70 14.90 -0.92
N ILE A 63 -47.70 13.88 -1.77
CA ILE A 63 -46.57 13.60 -2.69
C ILE A 63 -47.09 13.52 -4.13
N VAL A 64 -46.78 14.50 -4.95
CA VAL A 64 -47.23 14.49 -6.37
C VAL A 64 -46.32 13.57 -7.19
N THR A 65 -46.95 12.93 -8.18
CA THR A 65 -46.34 11.96 -9.10
C THR A 65 -46.84 12.19 -10.54
N SER A 66 -46.22 11.49 -11.48
CA SER A 66 -46.48 11.70 -12.90
C SER A 66 -47.94 11.36 -13.28
N ASN A 67 -48.59 10.43 -12.61
CA ASN A 67 -49.98 10.03 -12.92
C ASN A 67 -50.56 9.24 -11.76
N GLY A 68 -51.83 8.89 -11.79
CA GLY A 68 -52.46 8.19 -10.66
C GLY A 68 -51.84 6.81 -10.52
N THR A 69 -51.50 6.22 -11.66
CA THR A 69 -50.89 4.88 -11.64
C THR A 69 -49.54 4.94 -10.93
N SER A 70 -48.70 5.90 -11.30
CA SER A 70 -47.38 6.07 -10.66
C SER A 70 -47.55 6.45 -9.18
N ALA A 71 -48.64 7.11 -8.81
CA ALA A 71 -48.88 7.39 -7.39
C ALA A 71 -49.00 6.04 -6.66
N LEU A 72 -49.84 5.17 -7.19
CA LEU A 72 -50.01 3.83 -6.59
C LEU A 72 -48.71 3.05 -6.63
N HIS A 73 -48.00 3.06 -7.75
CA HIS A 73 -46.78 2.22 -7.86
C HIS A 73 -45.65 2.76 -7.01
N ALA A 74 -45.51 4.07 -6.89
CA ALA A 74 -44.48 4.74 -6.08
C ALA A 74 -44.82 4.50 -4.61
N LEU A 75 -46.10 4.48 -4.27
CA LEU A 75 -46.51 4.22 -2.86
C LEU A 75 -46.05 2.82 -2.48
N VAL A 76 -46.37 1.83 -3.30
CA VAL A 76 -46.03 0.40 -3.06
C VAL A 76 -44.50 0.23 -3.10
N GLY A 77 -43.84 0.76 -4.13
CA GLY A 77 -42.37 0.67 -4.26
C GLY A 77 -41.65 1.24 -3.04
N GLY A 78 -42.10 2.40 -2.58
CA GLY A 78 -41.51 3.10 -1.41
C GLY A 78 -41.67 2.25 -0.17
N ILE A 79 -42.86 1.72 0.07
CA ILE A 79 -43.08 0.89 1.30
C ILE A 79 -42.27 -0.41 1.15
N ASN A 80 -42.26 -1.03 -0.03
CA ASN A 80 -41.42 -2.24 -0.27
C ASN A 80 -39.98 -1.94 0.14
N ARG A 81 -39.43 -0.83 -0.34
CA ARG A 81 -38.03 -0.42 -0.03
C ARG A 81 -37.89 -0.29 1.50
N GLN A 82 -38.84 0.34 2.17
CA GLN A 82 -38.67 0.63 3.63
C GLN A 82 -38.79 -0.67 4.43
N LEU A 83 -39.67 -1.59 4.05
CA LEU A 83 -39.90 -2.85 4.80
C LEU A 83 -38.94 -3.95 4.33
N GLY A 84 -38.18 -3.75 3.24
CA GLY A 84 -37.17 -4.70 2.67
C GLY A 84 -37.77 -5.99 2.13
N ARG A 85 -38.92 -5.92 1.47
CA ARG A 85 -39.44 -7.07 0.70
C ARG A 85 -40.53 -6.56 -0.24
N GLU A 86 -40.87 -7.40 -1.20
CA GLU A 86 -41.91 -7.11 -2.22
C GLU A 86 -43.26 -7.47 -1.62
N LEU A 87 -44.01 -6.46 -1.15
CA LEU A 87 -45.29 -6.68 -0.44
C LEU A 87 -46.34 -7.27 -1.38
N LYS A 88 -47.04 -8.27 -0.88
CA LYS A 88 -48.17 -8.93 -1.56
C LYS A 88 -49.47 -8.22 -1.20
N PHE A 89 -50.08 -7.52 -2.19
CA PHE A 89 -51.36 -6.84 -1.96
C PHE A 89 -52.48 -7.66 -2.60
N VAL A 90 -53.64 -7.55 -1.97
CA VAL A 90 -54.95 -7.96 -2.54
C VAL A 90 -55.63 -6.69 -3.06
N THR A 91 -56.21 -6.78 -4.25
CA THR A 91 -57.04 -5.72 -4.83
C THR A 91 -58.38 -6.33 -5.22
N GLN A 92 -59.39 -5.49 -5.39
CA GLN A 92 -60.75 -5.91 -5.79
C GLN A 92 -60.82 -6.01 -7.32
N SER A 93 -61.65 -6.91 -7.83
CA SER A 93 -61.78 -7.15 -9.28
C SER A 93 -62.40 -5.91 -9.92
N PHE A 94 -63.35 -5.27 -9.27
CA PHE A 94 -64.07 -4.08 -9.78
C PHE A 94 -63.20 -2.85 -9.51
N THR A 95 -62.18 -2.69 -10.35
CA THR A 95 -61.23 -1.57 -10.28
C THR A 95 -60.47 -1.45 -11.59
N PHE A 96 -59.63 -0.42 -11.64
CA PHE A 96 -58.85 -0.07 -12.86
C PHE A 96 -57.57 -0.91 -12.85
N PRO A 97 -56.97 -1.23 -14.01
CA PRO A 97 -55.80 -2.13 -14.05
C PRO A 97 -54.57 -1.74 -13.25
N SER A 98 -54.42 -0.48 -12.86
CA SER A 98 -53.25 0.05 -12.14
C SER A 98 -52.86 -0.82 -10.92
N SER A 99 -53.85 -1.37 -10.22
CA SER A 99 -53.58 -2.15 -8.99
C SER A 99 -53.28 -3.61 -9.32
N ASN A 100 -53.06 -3.98 -10.59
CA ASN A 100 -52.50 -5.28 -11.03
C ASN A 100 -51.40 -5.04 -12.07
N GLN A 101 -50.61 -3.99 -11.90
CA GLN A 101 -49.50 -3.60 -12.78
C GLN A 101 -48.31 -3.11 -11.93
N GLY A 102 -47.16 -2.95 -12.58
CA GLY A 102 -45.95 -2.50 -11.93
C GLY A 102 -45.59 -3.38 -10.73
N PRO A 103 -45.36 -2.79 -9.56
CA PRO A 103 -45.06 -3.60 -8.38
C PRO A 103 -46.24 -4.45 -7.90
N LEU A 104 -47.44 -4.18 -8.43
CA LEU A 104 -48.69 -4.92 -8.14
C LEU A 104 -49.00 -5.89 -9.28
N LYS A 105 -48.08 -6.14 -10.22
CA LYS A 105 -48.42 -7.00 -11.39
C LYS A 105 -48.83 -8.39 -10.92
N ASP A 106 -48.37 -8.80 -9.73
CA ASP A 106 -48.80 -10.12 -9.22
C ASP A 106 -49.65 -9.97 -7.95
N SER A 107 -50.35 -8.84 -7.76
CA SER A 107 -51.37 -8.68 -6.71
C SER A 107 -52.44 -9.77 -6.84
N ILE A 108 -53.04 -10.14 -5.73
CA ILE A 108 -54.16 -11.12 -5.71
C ILE A 108 -55.45 -10.37 -5.98
N ILE A 109 -56.27 -10.91 -6.88
CA ILE A 109 -57.58 -10.30 -7.22
C ILE A 109 -58.71 -11.09 -6.54
N VAL A 110 -59.47 -10.39 -5.72
CA VAL A 110 -60.71 -10.97 -5.13
C VAL A 110 -61.92 -10.12 -5.55
N ASP A 111 -63.11 -10.67 -5.30
CA ASP A 111 -64.39 -9.98 -5.58
C ASP A 111 -64.64 -8.79 -4.65
N ILE A 112 -65.54 -7.92 -5.07
CA ILE A 112 -66.18 -6.91 -4.18
C ILE A 112 -67.35 -7.61 -3.44
N ASP A 113 -67.82 -6.94 -2.40
CA ASP A 113 -69.16 -7.20 -1.78
C ASP A 113 -70.13 -6.18 -2.38
N GLU A 114 -71.41 -6.25 -1.99
CA GLU A 114 -72.49 -5.45 -2.63
C GLU A 114 -72.41 -3.97 -2.26
N ASP A 115 -71.49 -3.54 -1.36
CA ASP A 115 -71.29 -2.13 -0.96
C ASP A 115 -70.14 -1.46 -1.78
N GLY A 116 -69.55 -2.21 -2.71
CA GLY A 116 -68.70 -1.66 -3.79
C GLY A 116 -67.22 -1.85 -3.54
N GLY A 117 -66.86 -2.42 -2.41
CA GLY A 117 -65.45 -2.58 -2.02
C GLY A 117 -65.04 -4.03 -1.86
N LEU A 118 -63.71 -4.24 -1.87
CA LEU A 118 -63.07 -5.55 -1.62
C LEU A 118 -63.85 -6.35 -0.55
N ASP A 119 -64.13 -7.61 -0.85
CA ASP A 119 -64.91 -8.53 0.05
C ASP A 119 -63.94 -9.13 1.09
N LEU A 120 -64.02 -8.65 2.33
CA LEU A 120 -63.08 -9.10 3.41
C LEU A 120 -63.28 -10.61 3.65
N ASN A 121 -64.44 -11.18 3.32
CA ASN A 121 -64.62 -12.66 3.41
C ASN A 121 -63.65 -13.40 2.49
N ALA A 122 -63.25 -12.83 1.35
CA ALA A 122 -62.42 -13.51 0.34
C ALA A 122 -60.94 -13.62 0.78
N VAL A 123 -60.50 -12.92 1.83
CA VAL A 123 -59.04 -12.91 2.18
C VAL A 123 -58.78 -13.77 3.41
N LYS A 124 -59.77 -14.49 3.92
CA LYS A 124 -59.63 -15.23 5.21
C LYS A 124 -58.48 -16.24 5.19
N ASN A 125 -58.28 -17.00 4.11
CA ASN A 125 -57.29 -18.10 4.03
C ASN A 125 -56.17 -17.79 3.04
N ILE A 126 -55.95 -16.52 2.76
CA ILE A 126 -54.91 -16.04 1.82
C ILE A 126 -53.75 -15.49 2.64
N GLU A 127 -52.54 -15.65 2.12
CA GLU A 127 -51.30 -14.97 2.60
C GLU A 127 -51.15 -13.63 1.85
N TYR A 128 -51.03 -12.54 2.59
CA TYR A 128 -50.91 -11.16 2.01
C TYR A 128 -50.47 -10.19 3.10
N ASP A 129 -49.97 -9.04 2.64
CA ASP A 129 -49.37 -7.99 3.49
C ASP A 129 -50.34 -6.84 3.62
N GLY A 130 -51.18 -6.66 2.59
CA GLY A 130 -52.02 -5.47 2.54
C GLY A 130 -53.13 -5.65 1.51
N ILE A 131 -54.08 -4.74 1.58
CA ILE A 131 -55.24 -4.65 0.67
C ILE A 131 -55.30 -3.25 0.07
N ILE A 132 -55.83 -3.21 -1.13
CA ILE A 132 -56.17 -1.97 -1.88
C ILE A 132 -57.67 -2.01 -2.10
N VAL A 133 -58.36 -0.99 -1.57
CA VAL A 133 -59.84 -0.85 -1.64
C VAL A 133 -60.12 0.34 -2.54
N THR A 134 -60.97 0.17 -3.55
CA THR A 134 -61.27 1.26 -4.51
C THR A 134 -62.59 1.91 -4.11
N ASN A 135 -62.54 3.20 -3.84
CA ASN A 135 -63.73 4.10 -3.71
C ASN A 135 -64.15 4.54 -5.12
N ILE A 136 -65.25 3.97 -5.65
CA ILE A 136 -65.61 4.02 -7.09
C ILE A 136 -66.19 5.38 -7.48
N HIS A 137 -65.51 6.10 -8.37
CA HIS A 137 -66.04 7.32 -9.03
C HIS A 137 -66.57 8.34 -8.04
N GLY A 138 -65.97 8.41 -6.85
CA GLY A 138 -66.25 9.46 -5.86
C GLY A 138 -67.12 8.94 -4.74
N ASN A 139 -67.71 7.76 -4.92
CA ASN A 139 -68.47 7.05 -3.87
C ASN A 139 -67.49 6.38 -2.90
N VAL A 140 -67.82 6.31 -1.62
CA VAL A 140 -66.91 5.63 -0.66
C VAL A 140 -67.58 4.40 -0.07
N VAL A 141 -66.75 3.41 0.24
CA VAL A 141 -67.10 2.18 0.98
C VAL A 141 -67.27 2.54 2.46
N ASP A 142 -67.63 1.55 3.27
CA ASP A 142 -67.67 1.69 4.75
C ASP A 142 -66.21 1.66 5.25
N ILE A 143 -65.54 2.79 5.13
CA ILE A 143 -64.07 2.93 5.32
C ILE A 143 -63.66 2.27 6.66
N ASN A 144 -64.37 2.55 7.74
CA ASN A 144 -63.94 2.06 9.08
C ASN A 144 -64.00 0.53 9.14
N LYS A 145 -64.84 -0.18 8.37
CA LYS A 145 -64.81 -1.68 8.39
C LYS A 145 -63.45 -2.17 7.90
N TYR A 146 -62.89 -1.51 6.88
CA TYR A 146 -61.54 -1.83 6.34
C TYR A 146 -60.46 -1.40 7.33
N VAL A 147 -60.57 -0.20 7.88
CA VAL A 147 -59.57 0.35 8.84
C VAL A 147 -59.50 -0.62 10.03
N ASP A 148 -60.65 -1.02 10.57
CA ASP A 148 -60.71 -1.91 11.77
C ASP A 148 -60.15 -3.29 11.43
N PHE A 149 -60.55 -3.89 10.30
CA PHE A 149 -60.08 -5.21 9.84
C PHE A 149 -58.56 -5.19 9.73
N CYS A 150 -58.02 -4.16 9.10
CA CYS A 150 -56.56 -4.10 8.82
C CYS A 150 -55.80 -3.87 10.14
N MET A 151 -56.35 -3.12 11.08
CA MET A 151 -55.76 -2.91 12.44
C MET A 151 -55.73 -4.26 13.15
N ASN A 152 -56.84 -4.98 13.16
CA ASN A 152 -57.01 -6.28 13.87
C ASN A 152 -56.04 -7.32 13.31
N HIS A 153 -55.75 -7.28 12.01
CA HIS A 153 -54.96 -8.34 11.33
C HIS A 153 -53.56 -7.88 10.97
N ASN A 154 -53.17 -6.68 11.38
CA ASN A 154 -51.85 -6.06 11.12
C ASN A 154 -51.57 -6.10 9.61
N LYS A 155 -52.48 -5.52 8.82
CA LYS A 155 -52.34 -5.43 7.34
C LYS A 155 -52.24 -3.96 6.92
N LEU A 156 -51.50 -3.69 5.83
CA LEU A 156 -51.46 -2.33 5.27
C LEU A 156 -52.80 -2.06 4.52
N LEU A 157 -53.29 -0.84 4.57
CA LEU A 157 -54.57 -0.47 3.91
C LEU A 157 -54.26 0.69 2.98
N ILE A 158 -54.50 0.51 1.66
CA ILE A 158 -54.46 1.58 0.66
C ILE A 158 -55.85 1.78 0.08
N PHE A 159 -56.28 3.04 -0.01
CA PHE A 159 -57.49 3.44 -0.78
C PHE A 159 -57.07 3.95 -2.14
N ASP A 160 -57.60 3.32 -3.18
CA ASP A 160 -57.47 3.82 -4.57
C ASP A 160 -58.58 4.87 -4.72
N ASN A 161 -58.19 6.10 -4.46
CA ASN A 161 -59.07 7.28 -4.59
C ASN A 161 -58.77 7.98 -5.89
N ALA A 162 -58.34 7.27 -6.92
CA ALA A 162 -57.99 7.98 -8.17
C ALA A 162 -59.12 8.93 -8.58
N ALA A 163 -60.36 8.47 -8.44
CA ALA A 163 -61.54 9.20 -8.90
C ALA A 163 -62.28 9.81 -7.72
N THR A 164 -61.65 9.91 -6.55
CA THR A 164 -62.34 10.20 -5.27
C THR A 164 -61.48 11.18 -4.47
N GLY A 165 -61.31 12.40 -4.97
CA GLY A 165 -60.45 13.41 -4.34
C GLY A 165 -61.13 14.20 -3.24
N TYR A 166 -62.47 14.26 -3.21
CA TYR A 166 -63.20 15.12 -2.26
C TYR A 166 -64.56 14.52 -1.90
N THR A 167 -64.51 13.32 -1.34
CA THR A 167 -65.67 12.67 -0.67
C THR A 167 -65.30 12.48 0.80
N PHE A 168 -66.18 12.95 1.68
CA PHE A 168 -65.90 13.03 3.13
C PHE A 168 -66.52 11.79 3.80
N TYR A 169 -65.86 11.34 4.85
CA TYR A 169 -66.29 10.20 5.67
C TYR A 169 -66.01 10.55 7.12
N LEU A 170 -67.08 10.58 7.91
CA LEU A 170 -67.06 11.00 9.33
C LEU A 170 -66.26 12.29 9.48
N GLY A 171 -66.54 13.28 8.63
CA GLY A 171 -66.07 14.65 8.86
C GLY A 171 -64.76 14.99 8.20
N LYS A 172 -64.11 14.03 7.52
CA LYS A 172 -62.83 14.40 6.88
C LYS A 172 -62.69 13.69 5.54
N ASN A 173 -61.80 14.27 4.74
CA ASN A 173 -61.59 13.78 3.35
C ASN A 173 -61.30 12.29 3.49
N SER A 174 -61.95 11.48 2.67
CA SER A 174 -61.77 10.00 2.67
C SER A 174 -60.27 9.67 2.41
N CYS A 175 -59.52 10.57 1.82
CA CYS A 175 -58.08 10.36 1.49
C CYS A 175 -57.24 10.21 2.76
N ASN A 176 -57.75 10.73 3.88
CA ASN A 176 -57.04 10.69 5.18
C ASN A 176 -57.13 9.33 5.88
N TYR A 177 -57.85 8.37 5.35
CA TYR A 177 -58.03 7.02 5.96
C TYR A 177 -57.10 5.99 5.34
N GLY A 178 -56.87 4.90 6.07
CA GLY A 178 -55.88 3.89 5.68
C GLY A 178 -54.49 4.42 5.94
N HIS A 179 -53.48 3.61 5.65
CA HIS A 179 -52.05 4.02 5.62
C HIS A 179 -51.87 5.06 4.54
N ALA A 180 -52.61 4.95 3.44
CA ALA A 180 -52.40 5.86 2.32
C ALA A 180 -53.58 5.82 1.37
N SER A 181 -53.68 6.84 0.56
CA SER A 181 -54.60 6.86 -0.59
C SER A 181 -53.88 7.47 -1.79
N ILE A 182 -54.45 7.29 -2.97
CA ILE A 182 -53.92 7.97 -4.17
C ILE A 182 -55.08 8.69 -4.86
N ILE A 183 -54.74 9.75 -5.56
CA ILE A 183 -55.66 10.53 -6.42
C ILE A 183 -55.05 10.68 -7.82
N SER A 184 -55.90 10.74 -8.83
CA SER A 184 -55.50 11.03 -10.23
C SER A 184 -55.87 12.45 -10.61
N PHE A 185 -54.94 13.13 -11.25
CA PHE A 185 -55.15 14.41 -11.94
C PHE A 185 -55.13 14.20 -13.46
N HIS A 186 -55.48 13.02 -13.92
CA HIS A 186 -55.69 12.73 -15.35
C HIS A 186 -56.74 13.69 -15.91
N HIS A 187 -56.61 14.09 -17.16
CA HIS A 187 -57.55 15.07 -17.79
C HIS A 187 -58.99 14.61 -17.61
N THR A 188 -59.23 13.30 -17.60
CA THR A 188 -60.62 12.72 -17.53
C THR A 188 -61.23 12.82 -16.13
N LYS A 189 -60.49 13.28 -15.12
CA LYS A 189 -60.96 13.38 -13.72
C LYS A 189 -61.40 14.81 -13.43
N PRO A 190 -62.29 15.01 -12.44
CA PRO A 190 -62.86 16.35 -12.21
C PRO A 190 -61.77 17.38 -11.91
N PHE A 191 -60.76 16.97 -11.14
CA PHE A 191 -59.68 17.89 -10.70
C PHE A 191 -58.46 17.81 -11.65
N GLY A 192 -58.53 17.04 -12.73
CA GLY A 192 -57.35 16.75 -13.54
C GLY A 192 -57.06 17.81 -14.56
N PHE A 193 -55.80 17.84 -15.04
CA PHE A 193 -55.40 18.59 -16.24
C PHE A 193 -54.18 17.93 -16.83
N GLY A 194 -54.36 17.29 -17.98
CA GLY A 194 -53.28 16.53 -18.62
C GLY A 194 -53.05 15.20 -17.90
N GLU A 195 -51.89 15.03 -17.27
CA GLU A 195 -51.57 13.82 -16.46
C GLU A 195 -51.04 14.28 -15.10
N GLY A 196 -51.31 13.47 -14.09
CA GLY A 196 -50.76 13.72 -12.77
C GLY A 196 -51.35 12.81 -11.74
N GLY A 197 -50.63 12.66 -10.64
CA GLY A 197 -51.09 11.88 -9.50
C GLY A 197 -50.67 12.47 -8.18
N CYS A 198 -51.20 11.90 -7.12
CA CYS A 198 -50.87 12.37 -5.75
C CYS A 198 -51.03 11.20 -4.79
N ILE A 199 -50.05 11.03 -3.91
CA ILE A 199 -50.06 10.07 -2.78
C ILE A 199 -50.37 10.88 -1.54
N ILE A 200 -51.31 10.39 -0.75
CA ILE A 200 -51.58 10.87 0.64
C ILE A 200 -51.16 9.73 1.54
N VAL A 201 -50.11 9.90 2.36
CA VAL A 201 -49.54 8.75 3.08
C VAL A 201 -49.03 9.14 4.48
N ASP A 202 -49.13 8.19 5.36
CA ASP A 202 -48.56 8.27 6.73
C ASP A 202 -47.11 8.74 6.61
N ARG A 203 -46.73 9.76 7.37
CA ARG A 203 -45.37 10.37 7.37
C ARG A 203 -44.27 9.30 7.54
N LEU A 204 -44.54 8.20 8.21
CA LEU A 204 -43.55 7.12 8.49
C LEU A 204 -42.87 6.70 7.19
N TYR A 205 -43.61 6.72 6.06
CA TYR A 205 -43.13 6.24 4.73
C TYR A 205 -42.80 7.40 3.82
N GLU A 206 -42.94 8.65 4.25
CA GLU A 206 -42.86 9.82 3.35
C GLU A 206 -41.48 9.84 2.69
N ASN A 207 -40.42 9.78 3.48
CA ASN A 207 -39.06 10.03 2.94
C ASN A 207 -38.73 8.96 1.90
N ASN A 208 -38.97 7.69 2.18
CA ASN A 208 -38.63 6.57 1.25
C ASN A 208 -39.50 6.68 0.00
N ILE A 209 -40.74 7.14 0.11
CA ILE A 209 -41.60 7.27 -1.09
C ILE A 209 -41.06 8.42 -1.95
N ARG A 210 -40.68 9.53 -1.36
CA ARG A 210 -40.15 10.69 -2.16
C ARG A 210 -38.83 10.29 -2.85
N ILE A 211 -37.90 9.68 -2.14
CA ILE A 211 -36.66 9.14 -2.76
C ILE A 211 -36.99 8.08 -3.85
N GLY A 212 -38.04 7.28 -3.66
CA GLY A 212 -38.40 6.25 -4.65
C GLY A 212 -38.94 6.86 -5.94
N LEU A 213 -39.31 8.15 -5.97
CA LEU A 213 -39.71 8.82 -7.24
C LEU A 213 -38.47 9.09 -8.09
N ASN A 214 -37.29 9.01 -7.45
CA ASN A 214 -35.97 9.36 -8.00
C ASN A 214 -35.09 8.12 -8.02
N PHE A 215 -35.63 6.97 -8.40
CA PHE A 215 -34.87 5.70 -8.59
C PHE A 215 -34.36 5.17 -7.24
N GLY A 216 -34.82 5.75 -6.12
CA GLY A 216 -34.35 5.32 -4.79
C GLY A 216 -33.09 6.06 -4.39
N LEU A 217 -32.65 7.02 -5.19
CA LEU A 217 -31.42 7.83 -5.01
C LEU A 217 -31.73 8.96 -4.04
N ASP A 218 -31.04 8.93 -2.92
CA ASP A 218 -31.26 9.87 -1.81
C ASP A 218 -30.18 10.93 -1.96
N ASN A 219 -30.55 12.13 -2.44
CA ASN A 219 -29.55 13.21 -2.66
C ASN A 219 -28.92 13.62 -1.32
N SER A 220 -29.45 13.14 -0.19
CA SER A 220 -28.87 13.37 1.17
C SER A 220 -27.59 12.56 1.38
N LEU A 221 -27.38 11.46 0.65
CA LEU A 221 -26.18 10.61 0.82
C LEU A 221 -25.05 11.06 -0.13
N GLY A 222 -25.26 12.13 -0.92
CA GLY A 222 -24.32 12.59 -1.97
C GLY A 222 -23.90 11.45 -2.89
N GLU A 223 -22.59 11.28 -3.13
CA GLU A 223 -22.02 10.19 -3.97
C GLU A 223 -22.28 8.79 -3.37
N LYS A 224 -22.65 8.67 -2.07
CA LYS A 224 -23.01 7.37 -1.41
C LYS A 224 -24.45 6.92 -1.79
N SER A 225 -25.23 7.73 -2.50
CA SER A 225 -26.63 7.40 -2.86
C SER A 225 -26.66 6.04 -3.56
N GLN A 226 -27.62 5.20 -3.17
CA GLN A 226 -27.74 3.84 -3.74
C GLN A 226 -29.17 3.64 -4.25
N TYR A 227 -29.30 3.19 -5.49
CA TYR A 227 -30.64 3.01 -6.12
C TYR A 227 -31.35 1.84 -5.46
N SER A 228 -32.67 1.80 -5.60
CA SER A 228 -33.49 0.63 -5.22
C SER A 228 -34.06 -0.01 -6.48
N ASN A 229 -34.04 -1.32 -6.58
CA ASN A 229 -34.72 -2.03 -7.72
C ASN A 229 -36.26 -1.93 -7.56
N GLN A 230 -36.75 -1.43 -6.43
CA GLN A 230 -38.20 -1.20 -6.15
C GLN A 230 -38.66 0.19 -6.62
N ALA A 231 -37.77 1.02 -7.12
CA ALA A 231 -38.07 2.41 -7.47
C ALA A 231 -38.15 2.55 -9.00
N SER A 232 -38.29 3.78 -9.42
CA SER A 232 -38.33 4.13 -10.86
C SER A 232 -38.23 5.62 -11.00
N ASN A 233 -38.61 6.13 -12.17
CA ASN A 233 -38.84 7.57 -12.38
C ASN A 233 -40.34 7.76 -12.26
N TYR A 234 -40.77 8.23 -11.10
CA TYR A 234 -42.21 8.40 -10.82
C TYR A 234 -42.57 9.85 -10.52
N ARG A 235 -41.63 10.80 -10.58
CA ARG A 235 -41.88 12.17 -10.12
C ARG A 235 -42.82 12.91 -11.08
N MET A 236 -43.49 13.95 -10.58
CA MET A 236 -44.26 14.91 -11.41
C MET A 236 -43.27 15.99 -11.89
N CYS A 237 -43.31 16.28 -13.18
CA CYS A 237 -42.60 17.42 -13.77
C CYS A 237 -43.23 18.71 -13.26
N ASP A 238 -42.42 19.75 -12.99
CA ASP A 238 -42.92 21.07 -12.54
C ASP A 238 -43.82 21.66 -13.63
N LEU A 239 -43.57 21.41 -14.91
CA LEU A 239 -44.45 21.97 -15.98
C LEU A 239 -45.89 21.49 -15.72
N ASN A 240 -46.05 20.19 -15.52
CA ASN A 240 -47.41 19.60 -15.30
C ASN A 240 -47.99 20.18 -14.00
N ALA A 241 -47.16 20.26 -12.97
CA ALA A 241 -47.55 20.80 -11.65
C ALA A 241 -48.17 22.20 -11.86
N ALA A 242 -47.58 23.04 -12.71
CA ALA A 242 -48.08 24.43 -12.95
C ALA A 242 -49.48 24.35 -13.61
N PHE A 243 -49.68 23.50 -14.61
CA PHE A 243 -50.97 23.41 -15.33
C PHE A 243 -52.04 22.86 -14.37
N ILE A 244 -51.70 21.89 -13.54
CA ILE A 244 -52.68 21.30 -12.59
C ILE A 244 -53.00 22.34 -11.50
N LEU A 245 -51.96 22.94 -10.91
CA LEU A 245 -52.15 23.98 -9.86
C LEU A 245 -53.02 25.14 -10.40
N SER A 246 -52.73 25.68 -11.58
CA SER A 246 -53.51 26.78 -12.21
C SER A 246 -54.97 26.37 -12.41
N TYR A 247 -55.22 25.17 -12.92
CA TYR A 247 -56.61 24.68 -13.15
C TYR A 247 -57.33 24.59 -11.79
N LEU A 248 -56.71 24.01 -10.73
CA LEU A 248 -57.34 23.85 -9.40
C LEU A 248 -57.59 25.24 -8.77
N GLN A 249 -56.62 26.16 -8.86
CA GLN A 249 -56.77 27.54 -8.30
C GLN A 249 -58.06 28.20 -8.86
N ASN A 250 -58.30 28.08 -10.17
CA ASN A 250 -59.38 28.75 -10.93
C ASN A 250 -60.71 27.98 -10.82
N ASN A 251 -60.74 26.68 -10.46
CA ASN A 251 -61.96 25.84 -10.63
C ASN A 251 -62.33 24.93 -9.48
N TYR A 252 -61.45 24.59 -8.53
CA TYR A 252 -61.73 23.49 -7.57
C TYR A 252 -63.04 23.71 -6.81
N LYS A 253 -63.32 24.95 -6.42
CA LYS A 253 -64.54 25.25 -5.60
C LYS A 253 -65.79 25.02 -6.47
N LYS A 254 -65.81 25.60 -7.66
CA LYS A 254 -66.92 25.41 -8.63
C LYS A 254 -67.15 23.90 -8.85
N ILE A 255 -66.08 23.11 -9.00
CA ILE A 255 -66.21 21.66 -9.27
C ILE A 255 -66.87 20.95 -8.09
N ILE A 256 -66.38 21.17 -6.87
CA ILE A 256 -66.94 20.51 -5.67
C ILE A 256 -68.43 20.86 -5.58
N ASN A 257 -68.77 22.13 -5.72
CA ASN A 257 -70.17 22.59 -5.48
C ASN A 257 -71.09 22.09 -6.60
N ARG A 258 -70.69 22.26 -7.86
CA ARG A 258 -71.53 21.84 -9.00
C ARG A 258 -71.65 20.32 -9.04
N HIS A 259 -70.58 19.56 -8.76
CA HIS A 259 -70.72 18.09 -8.78
C HIS A 259 -71.71 17.61 -7.71
N SER A 260 -71.71 18.22 -6.53
CA SER A 260 -72.67 17.94 -5.46
C SER A 260 -74.11 18.28 -5.92
N GLU A 261 -74.29 19.44 -6.49
CA GLU A 261 -75.61 19.86 -7.07
C GLU A 261 -76.09 18.90 -8.15
N ILE A 262 -75.19 18.42 -9.02
CA ILE A 262 -75.55 17.44 -10.08
C ILE A 262 -76.03 16.14 -9.41
N TYR A 263 -75.30 15.61 -8.45
CA TYR A 263 -75.67 14.39 -7.71
C TYR A 263 -77.08 14.56 -7.09
N GLU A 264 -77.30 15.72 -6.50
CA GLU A 264 -78.60 16.08 -5.86
C GLU A 264 -79.75 15.81 -6.84
N ILE A 265 -79.62 16.27 -8.09
CA ILE A 265 -80.72 16.07 -9.09
C ILE A 265 -80.98 14.58 -9.28
N TYR A 266 -79.94 13.76 -9.52
CA TYR A 266 -80.14 12.31 -9.73
C TYR A 266 -80.74 11.65 -8.49
N LYS A 267 -80.23 12.00 -7.31
CA LYS A 267 -80.71 11.40 -6.03
C LYS A 267 -82.23 11.62 -5.89
N ASN A 268 -82.71 12.80 -6.26
CA ASN A 268 -84.11 13.25 -6.05
C ASN A 268 -85.02 12.92 -7.24
N ASN A 269 -84.48 12.34 -8.33
CA ASN A 269 -85.22 12.08 -9.59
C ASN A 269 -84.70 10.79 -10.23
N LEU A 270 -84.42 9.78 -9.43
CA LEU A 270 -83.83 8.51 -9.96
C LEU A 270 -84.78 7.96 -11.02
N PRO A 271 -84.26 7.59 -12.20
CA PRO A 271 -85.08 6.94 -13.21
C PRO A 271 -85.48 5.55 -12.72
N LYS A 272 -86.62 5.09 -13.23
CA LYS A 272 -87.20 3.80 -12.82
C LYS A 272 -86.20 2.66 -12.84
N ARG A 273 -86.18 1.87 -11.76
CA ARG A 273 -85.44 0.59 -11.68
C ARG A 273 -83.93 0.90 -11.66
N PHE A 274 -83.52 2.16 -11.52
CA PHE A 274 -82.10 2.56 -11.27
C PHE A 274 -81.88 2.93 -9.80
N LYS A 275 -80.73 2.54 -9.27
CA LYS A 275 -80.28 2.96 -7.92
C LYS A 275 -78.91 3.63 -8.03
N LEU A 276 -78.66 4.52 -7.09
CA LEU A 276 -77.38 5.23 -6.91
C LEU A 276 -76.34 4.19 -6.53
N PHE A 277 -75.16 4.31 -7.09
CA PHE A 277 -74.05 3.43 -6.66
C PHE A 277 -73.95 3.50 -5.14
N PRO A 278 -73.65 2.38 -4.46
CA PRO A 278 -73.48 2.40 -3.01
C PRO A 278 -72.44 3.43 -2.55
N ASN A 279 -72.86 4.31 -1.61
CA ASN A 279 -72.03 5.40 -1.08
C ASN A 279 -72.28 5.50 0.42
N HIS A 280 -71.25 5.34 1.21
CA HIS A 280 -71.38 5.26 2.69
C HIS A 280 -71.25 6.64 3.32
N SER A 281 -70.90 7.63 2.53
CA SER A 281 -70.80 9.03 2.99
C SER A 281 -72.20 9.54 3.34
N LYS A 282 -72.30 10.41 4.33
CA LYS A 282 -73.59 11.04 4.68
C LYS A 282 -73.70 12.35 3.94
N LYS A 283 -72.66 12.76 3.17
CA LYS A 283 -72.70 13.96 2.32
C LYS A 283 -72.60 13.51 0.86
N ASN A 284 -73.13 14.33 -0.04
CA ASN A 284 -73.09 14.07 -1.50
C ASN A 284 -71.63 13.89 -1.88
N PRO A 285 -71.31 12.83 -2.63
CA PRO A 285 -69.96 12.67 -3.12
C PRO A 285 -69.66 13.65 -4.27
N VAL A 286 -68.38 13.92 -4.51
CA VAL A 286 -67.94 14.67 -5.69
C VAL A 286 -67.50 13.62 -6.73
N CYS A 287 -68.33 13.38 -7.72
CA CYS A 287 -68.19 12.19 -8.61
C CYS A 287 -67.43 12.53 -9.88
N SER A 288 -66.73 11.55 -10.40
CA SER A 288 -66.03 11.61 -11.69
C SER A 288 -67.00 11.28 -12.84
N SER A 289 -68.02 10.52 -12.52
CA SER A 289 -69.22 10.25 -13.35
C SER A 289 -70.36 9.89 -12.41
N ILE A 290 -71.61 10.10 -12.83
CA ILE A 290 -72.77 9.62 -12.03
C ILE A 290 -72.97 8.15 -12.37
N CYS A 291 -72.77 7.27 -11.38
CA CYS A 291 -72.85 5.81 -11.47
C CYS A 291 -74.22 5.33 -10.93
N LEU A 292 -75.06 4.84 -11.84
CA LEU A 292 -76.36 4.20 -11.48
C LEU A 292 -76.24 2.71 -11.72
N LEU A 293 -77.00 1.94 -10.97
CA LEU A 293 -77.08 0.49 -11.17
C LEU A 293 -78.50 0.22 -11.61
N PHE A 294 -78.65 -0.35 -12.80
CA PHE A 294 -79.96 -0.90 -13.27
C PHE A 294 -80.25 -2.22 -12.53
N ASP A 295 -81.52 -2.65 -12.55
CA ASP A 295 -81.94 -3.83 -11.77
C ASP A 295 -81.56 -5.08 -12.52
N LYS A 296 -81.17 -5.00 -13.79
CA LYS A 296 -80.73 -6.19 -14.53
C LYS A 296 -79.59 -5.87 -15.50
N PRO A 297 -78.83 -6.88 -15.93
CA PRO A 297 -77.76 -6.69 -16.90
C PRO A 297 -78.31 -6.07 -18.19
N PHE A 298 -77.56 -5.13 -18.75
CA PHE A 298 -78.00 -4.49 -20.01
C PHE A 298 -76.75 -4.10 -20.78
N ARG A 299 -76.92 -3.84 -22.07
CA ARG A 299 -75.83 -3.49 -23.00
C ARG A 299 -75.77 -1.97 -23.17
N LEU A 300 -74.57 -1.41 -23.06
CA LEU A 300 -74.33 0.04 -23.25
C LEU A 300 -74.90 0.54 -24.57
N ASP A 301 -74.90 -0.28 -25.61
CA ASP A 301 -75.30 0.22 -26.95
C ASP A 301 -76.81 0.44 -27.01
N LYS A 302 -77.57 0.14 -25.93
CA LYS A 302 -79.00 0.54 -25.82
C LYS A 302 -79.15 1.94 -25.26
N ILE A 303 -78.10 2.57 -24.75
CA ILE A 303 -78.21 3.94 -24.19
C ILE A 303 -77.81 4.91 -25.27
N PRO A 304 -78.73 5.75 -25.74
CA PRO A 304 -78.44 6.66 -26.87
C PRO A 304 -77.81 8.02 -26.52
N PHE A 305 -76.91 8.07 -25.56
CA PHE A 305 -76.11 9.27 -25.25
C PHE A 305 -74.79 8.77 -24.67
N LEU A 306 -73.84 9.67 -24.61
CA LEU A 306 -72.45 9.39 -24.16
C LEU A 306 -72.52 8.79 -22.76
N SER A 307 -71.96 7.60 -22.59
CA SER A 307 -72.06 6.81 -21.34
C SER A 307 -71.02 5.72 -21.38
N ARG A 308 -70.62 5.21 -20.22
CA ARG A 308 -69.55 4.20 -20.13
C ARG A 308 -69.98 3.17 -19.09
N LYS A 309 -69.30 2.03 -19.13
CA LYS A 309 -69.31 1.11 -17.98
C LYS A 309 -67.90 1.00 -17.43
N TYR A 310 -67.71 1.48 -16.21
CA TYR A 310 -66.45 1.28 -15.45
C TYR A 310 -66.86 0.50 -14.20
N TYR A 311 -66.10 -0.49 -13.75
CA TYR A 311 -64.89 -0.97 -14.40
C TYR A 311 -65.16 -2.34 -14.94
N LYS A 312 -64.58 -2.64 -16.10
CA LYS A 312 -64.55 -4.04 -16.54
C LYS A 312 -63.76 -4.82 -15.51
N PRO A 313 -64.29 -5.93 -14.96
CA PRO A 313 -63.54 -6.61 -13.90
C PRO A 313 -62.17 -7.13 -14.38
N LEU A 314 -61.18 -6.97 -13.51
CA LEU A 314 -59.80 -7.45 -13.79
C LEU A 314 -59.84 -8.95 -13.88
N ASP A 315 -60.65 -9.56 -13.02
CA ASP A 315 -60.96 -11.00 -13.01
C ASP A 315 -62.46 -11.13 -13.27
N LEU A 316 -62.82 -11.60 -14.47
CA LEU A 316 -64.24 -11.66 -14.90
C LEU A 316 -64.97 -12.77 -14.14
N SER A 317 -64.23 -13.65 -13.42
CA SER A 317 -64.79 -14.73 -12.58
C SER A 317 -65.23 -14.24 -11.20
N SER A 318 -65.04 -12.98 -10.86
CA SER A 318 -65.57 -12.37 -9.61
C SER A 318 -67.04 -12.03 -9.83
N PRO A 319 -68.02 -12.80 -9.28
CA PRO A 319 -69.42 -12.61 -9.71
C PRO A 319 -70.05 -11.28 -9.33
N VAL A 320 -69.76 -10.71 -8.17
CA VAL A 320 -70.40 -9.41 -7.78
C VAL A 320 -69.83 -8.32 -8.70
N SER A 321 -68.51 -8.32 -8.87
CA SER A 321 -67.83 -7.35 -9.78
C SER A 321 -68.47 -7.42 -11.17
N LEU A 322 -68.65 -8.63 -11.71
CA LEU A 322 -69.22 -8.79 -13.06
C LEU A 322 -70.69 -8.32 -13.08
N ASP A 323 -71.46 -8.62 -12.04
CA ASP A 323 -72.86 -8.12 -11.90
C ASP A 323 -72.89 -6.59 -11.92
N PHE A 324 -72.03 -5.94 -11.15
CA PHE A 324 -71.97 -4.45 -11.09
C PHE A 324 -71.64 -3.97 -12.51
N TYR A 325 -70.71 -4.63 -13.20
CA TYR A 325 -70.26 -4.13 -14.53
C TYR A 325 -71.46 -4.20 -15.48
N GLN A 326 -72.16 -5.32 -15.45
CA GLN A 326 -73.35 -5.53 -16.33
C GLN A 326 -74.50 -4.57 -16.01
N ARG A 327 -74.65 -4.13 -14.76
CA ARG A 327 -75.82 -3.32 -14.37
C ARG A 327 -75.46 -1.87 -14.31
N ILE A 328 -74.17 -1.50 -14.37
CA ILE A 328 -73.80 -0.09 -14.14
C ILE A 328 -74.00 0.74 -15.41
N LEU A 329 -74.30 2.00 -15.18
CA LEU A 329 -74.26 3.08 -16.18
C LEU A 329 -73.51 4.25 -15.60
N CYS A 330 -72.41 4.65 -16.22
CA CYS A 330 -71.61 5.81 -15.79
C CYS A 330 -71.95 6.96 -16.75
N ILE A 331 -72.51 8.03 -16.21
CA ILE A 331 -73.06 9.17 -16.97
C ILE A 331 -72.10 10.32 -16.77
N PRO A 332 -71.80 11.12 -17.82
CA PRO A 332 -71.01 12.32 -17.66
C PRO A 332 -71.47 13.19 -16.51
N CYS A 333 -70.49 13.73 -15.81
CA CYS A 333 -70.64 14.62 -14.65
C CYS A 333 -69.50 15.59 -14.72
N ASN A 334 -69.80 16.82 -15.15
CA ASN A 334 -68.79 17.89 -15.24
C ASN A 334 -69.49 19.25 -15.19
N ILE A 335 -68.71 20.32 -15.03
CA ILE A 335 -69.27 21.68 -14.79
C ILE A 335 -69.83 22.28 -16.08
N ASP A 336 -69.69 21.64 -17.24
CA ASP A 336 -70.31 22.18 -18.48
C ASP A 336 -71.76 21.67 -18.62
N LEU A 337 -72.18 20.62 -17.91
CA LEU A 337 -73.51 19.99 -18.05
C LEU A 337 -74.58 20.94 -17.55
N THR A 338 -75.66 21.11 -18.28
CA THR A 338 -76.78 21.95 -17.77
C THR A 338 -77.80 21.09 -17.03
N ASP A 339 -78.57 21.69 -16.13
CA ASP A 339 -79.71 20.96 -15.49
C ASP A 339 -80.61 20.42 -16.59
N ARG A 340 -80.84 21.19 -17.66
CA ARG A 340 -81.72 20.79 -18.77
C ARG A 340 -81.21 19.46 -19.35
N GLN A 341 -79.87 19.31 -19.54
CA GLN A 341 -79.26 18.08 -20.07
C GLN A 341 -79.49 16.94 -19.08
N ILE A 342 -79.38 17.23 -17.78
CA ILE A 342 -79.53 16.18 -16.73
C ILE A 342 -80.97 15.63 -16.78
N TYR A 343 -81.97 16.50 -16.80
CA TYR A 343 -83.39 16.04 -16.85
C TYR A 343 -83.65 15.30 -18.17
N GLU A 344 -83.01 15.68 -19.27
CA GLU A 344 -83.12 14.97 -20.57
C GLU A 344 -82.57 13.55 -20.43
N ILE A 345 -81.39 13.40 -19.80
CA ILE A 345 -80.76 12.09 -19.51
C ILE A 345 -81.75 11.26 -18.70
N ILE A 346 -82.37 11.85 -17.66
CA ILE A 346 -83.25 11.06 -16.75
C ILE A 346 -84.50 10.62 -17.55
N GLY A 347 -85.01 11.49 -18.44
CA GLY A 347 -86.07 11.14 -19.40
C GLY A 347 -85.74 9.96 -20.29
N VAL A 348 -84.53 9.95 -20.87
CA VAL A 348 -84.12 8.85 -21.76
C VAL A 348 -83.97 7.59 -20.93
N LEU A 349 -83.54 7.72 -19.68
CA LEU A 349 -83.35 6.51 -18.85
C LEU A 349 -84.70 5.96 -18.39
N ASN A 350 -85.70 6.80 -18.11
CA ASN A 350 -87.08 6.32 -17.85
C ASN A 350 -87.61 5.58 -19.08
N GLU A 351 -87.39 6.12 -20.27
CA GLU A 351 -87.78 5.44 -21.53
C GLU A 351 -87.04 4.10 -21.65
N PHE A 352 -85.74 4.05 -21.36
CA PHE A 352 -84.97 2.79 -21.40
C PHE A 352 -85.55 1.79 -20.41
N ALA A 353 -85.88 2.22 -19.20
CA ALA A 353 -86.47 1.29 -18.19
C ALA A 353 -87.80 0.75 -18.74
N ASP A 354 -88.59 1.56 -19.41
CA ASP A 354 -89.92 1.12 -19.93
C ASP A 354 -89.73 0.03 -20.97
N LYS A 355 -88.72 0.20 -21.83
CA LYS A 355 -88.47 -0.67 -23.03
C LYS A 355 -87.68 -1.91 -22.63
N ASN A 356 -87.09 -1.95 -21.45
CA ASN A 356 -86.22 -3.09 -21.04
C ASN A 356 -86.75 -3.67 -19.74
N LEU B 7 -14.69 29.84 -14.99
CA LEU B 7 -15.20 28.45 -14.73
C LEU B 7 -16.22 28.40 -13.58
N GLU B 8 -16.40 29.46 -12.79
CA GLU B 8 -17.44 29.54 -11.74
C GLU B 8 -18.85 29.49 -12.40
N LYS B 9 -18.94 29.94 -13.65
CA LYS B 9 -20.19 30.10 -14.42
C LYS B 9 -20.60 28.77 -15.09
N LEU B 10 -19.77 27.71 -15.06
CA LEU B 10 -20.10 26.39 -15.69
C LEU B 10 -21.45 25.91 -15.17
N THR B 11 -22.35 25.49 -16.05
CA THR B 11 -23.58 24.78 -15.64
C THR B 11 -23.56 23.44 -16.36
N TRP B 12 -24.28 22.47 -15.82
CA TRP B 12 -24.31 21.12 -16.41
C TRP B 12 -25.10 21.17 -17.72
N VAL B 13 -26.22 21.89 -17.67
CA VAL B 13 -27.31 22.06 -18.67
C VAL B 13 -27.26 23.49 -19.19
N SER B 14 -27.46 23.72 -20.48
CA SER B 14 -27.69 25.09 -20.99
C SER B 14 -28.96 25.62 -20.34
N GLU B 15 -29.05 26.94 -20.27
CA GLU B 15 -30.25 27.65 -19.77
C GLU B 15 -31.37 27.41 -20.78
N LYS B 16 -32.49 26.82 -20.35
CA LYS B 16 -33.62 26.51 -21.26
C LYS B 16 -34.85 27.26 -20.78
N LYS B 17 -35.53 27.91 -21.72
CA LYS B 17 -36.77 28.68 -21.47
C LYS B 17 -37.77 28.43 -22.59
N PRO B 18 -39.07 28.33 -22.25
CA PRO B 18 -40.10 28.09 -23.25
C PRO B 18 -40.16 29.29 -24.21
N ASP B 19 -40.33 28.97 -25.48
CA ASP B 19 -40.81 29.92 -26.52
C ASP B 19 -42.32 29.94 -26.37
N TRP B 20 -42.82 30.84 -25.55
CA TRP B 20 -44.23 30.86 -25.10
C TRP B 20 -45.15 31.03 -26.30
N SER B 21 -44.87 31.94 -27.23
CA SER B 21 -45.76 32.07 -28.40
C SER B 21 -45.80 30.73 -29.15
N ASN B 22 -44.69 30.01 -29.29
CA ASN B 22 -44.66 28.74 -30.06
C ASN B 22 -45.36 27.64 -29.27
N VAL B 23 -45.11 27.57 -27.96
CA VAL B 23 -45.75 26.56 -27.09
C VAL B 23 -47.27 26.77 -27.12
N GLN B 24 -47.71 28.02 -27.04
CA GLN B 24 -49.16 28.33 -27.07
C GLN B 24 -49.77 27.96 -28.42
N LYS B 25 -49.09 28.23 -29.53
CA LYS B 25 -49.52 27.84 -30.90
C LYS B 25 -49.70 26.31 -30.96
N LEU B 26 -48.78 25.55 -30.40
CA LEU B 26 -48.88 24.07 -30.45
C LEU B 26 -50.06 23.64 -29.58
N ILE B 27 -50.14 24.12 -28.33
CA ILE B 27 -51.16 23.67 -27.34
C ILE B 27 -52.54 24.21 -27.74
N ALA B 28 -52.64 25.24 -28.62
CA ALA B 28 -53.95 25.61 -29.20
C ALA B 28 -54.69 24.40 -29.79
N ALA B 29 -54.02 23.38 -30.32
CA ALA B 29 -54.69 22.22 -30.95
C ALA B 29 -55.32 21.38 -29.83
N CYS B 30 -54.68 21.31 -28.68
CA CYS B 30 -55.25 20.66 -27.46
C CYS B 30 -56.51 21.47 -27.04
N GLU B 31 -56.37 22.78 -26.94
CA GLU B 31 -57.46 23.64 -26.46
C GLU B 31 -58.69 23.45 -27.36
N ALA B 32 -58.49 23.29 -28.66
CA ALA B 32 -59.57 23.21 -29.66
C ALA B 32 -60.40 21.93 -29.45
N THR B 33 -59.80 20.84 -28.99
CA THR B 33 -60.46 19.50 -28.92
C THR B 33 -60.60 19.04 -27.47
N ASN B 34 -60.04 19.80 -26.54
CA ASN B 34 -59.89 19.44 -25.11
C ASN B 34 -59.10 18.12 -24.97
N GLN B 35 -58.29 17.73 -25.93
CA GLN B 35 -57.47 16.50 -25.85
C GLN B 35 -56.03 16.87 -25.47
N TYR B 36 -55.63 16.59 -24.23
CA TYR B 36 -54.27 16.97 -23.77
C TYR B 36 -53.45 15.73 -23.41
N THR B 37 -54.10 14.58 -23.45
CA THR B 37 -53.38 13.30 -23.26
C THR B 37 -54.16 12.19 -23.94
N ASN B 38 -53.79 10.92 -23.65
CA ASN B 38 -54.32 9.71 -24.32
C ASN B 38 -54.16 9.91 -25.83
N ILE B 39 -52.99 10.41 -26.24
CA ILE B 39 -52.59 10.63 -27.65
C ILE B 39 -53.50 11.71 -28.25
N GLY B 40 -53.21 12.92 -27.84
CA GLY B 40 -53.79 14.11 -28.45
C GLY B 40 -53.02 14.52 -29.70
N PRO B 41 -53.24 15.78 -30.13
CA PRO B 41 -52.78 16.19 -31.46
C PRO B 41 -51.29 16.56 -31.57
N ILE B 42 -50.58 16.58 -30.46
CA ILE B 42 -49.15 17.00 -30.41
C ILE B 42 -48.30 15.73 -30.54
N ILE B 43 -48.79 14.59 -30.09
CA ILE B 43 -47.91 13.39 -30.07
C ILE B 43 -47.34 13.09 -31.46
N SER B 44 -48.18 13.05 -32.50
CA SER B 44 -47.77 12.74 -33.89
C SER B 44 -46.76 13.78 -34.35
N GLN B 45 -46.92 15.05 -33.95
CA GLN B 45 -46.01 16.14 -34.37
C GLN B 45 -44.64 15.91 -33.80
N LEU B 46 -44.56 15.55 -32.53
CA LEU B 46 -43.23 15.29 -31.94
C LEU B 46 -42.63 13.99 -32.51
N GLU B 47 -43.39 12.91 -32.65
CA GLU B 47 -42.86 11.64 -33.21
C GLU B 47 -42.35 11.88 -34.64
N SER B 48 -43.08 12.68 -35.42
CA SER B 48 -42.66 13.02 -36.81
C SER B 48 -41.35 13.82 -36.79
N PHE B 49 -41.29 14.82 -35.93
CA PHE B 49 -40.11 15.70 -35.75
C PHE B 49 -38.91 14.84 -35.40
N ILE B 50 -39.09 13.86 -34.50
CA ILE B 50 -37.96 12.98 -34.09
C ILE B 50 -37.54 12.13 -35.29
N ARG B 51 -38.49 11.50 -35.96
CA ARG B 51 -38.21 10.64 -37.13
C ARG B 51 -37.41 11.43 -38.16
N ASP B 52 -37.84 12.64 -38.51
CA ASP B 52 -37.22 13.39 -39.63
C ASP B 52 -35.91 14.05 -39.19
N SER B 53 -35.83 14.55 -37.97
CA SER B 53 -34.68 15.35 -37.50
C SER B 53 -33.56 14.42 -37.02
N PHE B 54 -33.90 13.31 -36.35
CA PHE B 54 -32.90 12.35 -35.86
C PHE B 54 -32.58 11.28 -36.90
N LEU B 55 -33.24 11.24 -38.05
CA LEU B 55 -32.99 10.25 -39.16
C LEU B 55 -33.25 8.83 -38.66
N ILE B 56 -34.46 8.60 -38.18
CA ILE B 56 -34.89 7.24 -37.81
C ILE B 56 -35.34 6.55 -39.09
N GLU B 57 -35.01 5.27 -39.26
CA GLU B 57 -35.37 4.51 -40.48
C GLU B 57 -36.85 4.16 -40.51
N GLU B 58 -37.35 3.92 -41.71
CA GLU B 58 -38.78 3.58 -41.93
C GLU B 58 -39.15 2.28 -41.21
N SER B 59 -38.21 1.37 -41.04
CA SER B 59 -38.44 0.05 -40.40
C SER B 59 -38.69 0.19 -38.89
N LYS B 60 -38.57 1.39 -38.35
CA LYS B 60 -38.69 1.62 -36.88
C LYS B 60 -39.90 2.51 -36.60
N ALA B 61 -40.61 2.17 -35.51
CA ALA B 61 -41.59 3.09 -34.90
C ALA B 61 -40.87 4.14 -34.07
N VAL B 62 -41.45 5.33 -33.96
CA VAL B 62 -41.03 6.34 -32.97
C VAL B 62 -42.20 6.52 -32.02
N ILE B 63 -41.99 6.16 -30.75
CA ILE B 63 -43.05 6.13 -29.74
C ILE B 63 -42.59 6.98 -28.55
N VAL B 64 -43.24 8.13 -28.32
CA VAL B 64 -42.87 8.97 -27.17
C VAL B 64 -43.55 8.42 -25.92
N THR B 65 -42.87 8.60 -24.82
CA THR B 65 -43.29 8.15 -23.47
C THR B 65 -43.04 9.24 -22.44
N SER B 66 -43.45 8.99 -21.19
CA SER B 66 -43.40 10.02 -20.11
C SER B 66 -41.95 10.36 -19.74
N ASN B 67 -41.05 9.40 -19.86
CA ASN B 67 -39.62 9.65 -19.47
C ASN B 67 -38.77 8.59 -20.16
N GLY B 68 -37.45 8.74 -20.07
CA GLY B 68 -36.52 7.73 -20.63
C GLY B 68 -36.72 6.38 -19.96
N THR B 69 -36.97 6.39 -18.64
CA THR B 69 -37.21 5.17 -17.87
C THR B 69 -38.47 4.46 -18.39
N SER B 70 -39.58 5.19 -18.56
CA SER B 70 -40.84 4.61 -19.08
C SER B 70 -40.67 4.19 -20.54
N ALA B 71 -39.77 4.79 -21.27
CA ALA B 71 -39.44 4.35 -22.64
C ALA B 71 -38.90 2.92 -22.52
N LEU B 72 -37.93 2.71 -21.66
CA LEU B 72 -37.33 1.36 -21.50
C LEU B 72 -38.37 0.37 -20.97
N HIS B 73 -39.14 0.78 -19.98
CA HIS B 73 -40.11 -0.12 -19.30
C HIS B 73 -41.27 -0.46 -20.22
N ALA B 74 -41.79 0.50 -20.99
CA ALA B 74 -42.87 0.27 -21.98
C ALA B 74 -42.37 -0.60 -23.14
N LEU B 75 -41.11 -0.44 -23.48
CA LEU B 75 -40.51 -1.28 -24.55
C LEU B 75 -40.51 -2.72 -24.10
N VAL B 76 -40.00 -2.98 -22.91
CA VAL B 76 -39.96 -4.35 -22.35
C VAL B 76 -41.36 -4.90 -22.09
N GLY B 77 -42.22 -4.14 -21.41
CA GLY B 77 -43.62 -4.51 -21.15
C GLY B 77 -44.34 -4.88 -22.40
N GLY B 78 -44.17 -4.10 -23.48
CA GLY B 78 -44.86 -4.32 -24.74
C GLY B 78 -44.41 -5.61 -25.40
N ILE B 79 -43.10 -5.85 -25.40
CA ILE B 79 -42.53 -7.08 -26.01
C ILE B 79 -42.96 -8.27 -25.14
N ASN B 80 -42.87 -8.18 -23.81
CA ASN B 80 -43.37 -9.26 -22.91
C ASN B 80 -44.82 -9.64 -23.26
N ARG B 81 -45.69 -8.65 -23.37
CA ARG B 81 -47.10 -8.88 -23.74
C ARG B 81 -47.24 -9.54 -25.10
N GLN B 82 -46.49 -9.10 -26.11
CA GLN B 82 -46.56 -9.71 -27.45
C GLN B 82 -46.12 -11.19 -27.41
N LEU B 83 -45.05 -11.50 -26.68
CA LEU B 83 -44.41 -12.85 -26.71
C LEU B 83 -45.04 -13.76 -25.65
N GLY B 84 -45.78 -13.20 -24.71
CA GLY B 84 -46.56 -14.00 -23.73
C GLY B 84 -45.68 -14.53 -22.59
N ARG B 85 -44.56 -13.88 -22.29
CA ARG B 85 -43.82 -14.23 -21.06
C ARG B 85 -43.03 -13.04 -20.54
N GLU B 86 -42.61 -13.08 -19.29
CA GLU B 86 -41.77 -12.00 -18.74
C GLU B 86 -40.32 -12.23 -19.17
N LEU B 87 -39.83 -11.43 -20.10
CA LEU B 87 -38.49 -11.62 -20.67
C LEU B 87 -37.39 -11.31 -19.66
N LYS B 88 -36.36 -12.18 -19.67
CA LYS B 88 -35.18 -12.03 -18.80
C LYS B 88 -34.11 -11.30 -19.60
N PHE B 89 -33.80 -10.09 -19.17
CA PHE B 89 -32.72 -9.25 -19.74
C PHE B 89 -31.46 -9.24 -18.88
N VAL B 90 -30.33 -9.15 -19.57
CA VAL B 90 -29.02 -8.80 -19.00
C VAL B 90 -28.75 -7.34 -19.31
N THR B 91 -28.33 -6.58 -18.31
CA THR B 91 -27.87 -5.19 -18.44
C THR B 91 -26.43 -5.11 -17.94
N GLN B 92 -25.73 -4.06 -18.33
CA GLN B 92 -24.33 -3.83 -17.89
C GLN B 92 -24.36 -3.09 -16.56
N SER B 93 -23.35 -3.34 -15.72
CA SER B 93 -23.25 -2.67 -14.41
C SER B 93 -23.02 -1.16 -14.53
N PHE B 94 -22.30 -0.72 -15.55
CA PHE B 94 -21.92 0.69 -15.80
C PHE B 94 -23.04 1.36 -16.59
N THR B 95 -24.11 1.71 -15.88
CA THR B 95 -25.32 2.31 -16.48
C THR B 95 -26.19 2.90 -15.38
N PHE B 96 -27.27 3.55 -15.83
CA PHE B 96 -28.28 4.13 -14.90
C PHE B 96 -29.24 3.07 -14.36
N PRO B 97 -29.85 3.29 -13.16
CA PRO B 97 -30.71 2.29 -12.56
C PRO B 97 -31.92 1.77 -13.37
N SER B 98 -32.38 2.53 -14.39
CA SER B 98 -33.63 2.25 -15.12
C SER B 98 -33.66 0.81 -15.62
N SER B 99 -32.48 0.24 -16.01
CA SER B 99 -32.46 -1.15 -16.60
C SER B 99 -32.38 -2.22 -15.52
N ASN B 100 -32.54 -1.88 -14.25
CA ASN B 100 -32.77 -2.84 -13.14
C ASN B 100 -33.98 -2.39 -12.31
N GLN B 101 -35.01 -1.87 -13.00
CA GLN B 101 -36.24 -1.34 -12.36
C GLN B 101 -37.46 -1.69 -13.21
N GLY B 102 -38.66 -1.55 -12.64
CA GLY B 102 -39.90 -1.94 -13.33
C GLY B 102 -39.88 -3.38 -13.82
N PRO B 103 -40.21 -3.65 -15.10
CA PRO B 103 -40.20 -5.01 -15.63
C PRO B 103 -38.78 -5.59 -15.69
N LEU B 104 -37.81 -4.76 -15.45
CA LEU B 104 -36.36 -5.15 -15.43
C LEU B 104 -35.83 -5.21 -13.99
N LYS B 105 -36.70 -5.17 -13.00
CA LYS B 105 -36.26 -5.17 -11.59
C LYS B 105 -35.49 -6.44 -11.22
N ASP B 106 -35.63 -7.55 -11.97
CA ASP B 106 -34.84 -8.78 -11.68
C ASP B 106 -33.92 -9.07 -12.86
N SER B 107 -33.48 -8.03 -13.57
CA SER B 107 -32.57 -8.21 -14.70
C SER B 107 -31.26 -8.72 -14.12
N ILE B 108 -30.52 -9.45 -14.94
CA ILE B 108 -29.17 -9.96 -14.59
C ILE B 108 -28.17 -8.85 -14.89
N ILE B 109 -27.32 -8.50 -13.94
CA ILE B 109 -26.32 -7.42 -14.12
C ILE B 109 -24.97 -8.09 -14.37
N VAL B 110 -24.29 -7.73 -15.44
CA VAL B 110 -22.90 -8.22 -15.68
C VAL B 110 -21.98 -7.04 -15.94
N ASP B 111 -20.67 -7.28 -16.01
CA ASP B 111 -19.71 -6.16 -16.20
C ASP B 111 -19.73 -5.68 -17.65
N ILE B 112 -19.12 -4.52 -17.86
CA ILE B 112 -18.70 -3.98 -19.17
C ILE B 112 -17.33 -4.60 -19.51
N ASP B 113 -16.99 -4.56 -20.77
CA ASP B 113 -15.60 -4.74 -21.24
C ASP B 113 -15.00 -3.34 -21.35
N GLU B 114 -13.73 -3.24 -21.78
CA GLU B 114 -12.99 -1.97 -21.76
C GLU B 114 -13.42 -1.05 -22.89
N ASP B 115 -14.35 -1.46 -23.76
CA ASP B 115 -14.87 -0.59 -24.84
C ASP B 115 -16.19 0.09 -24.40
N GLY B 116 -16.65 -0.14 -23.17
CA GLY B 116 -17.74 0.69 -22.59
C GLY B 116 -19.09 0.00 -22.56
N GLY B 117 -19.18 -1.20 -23.12
CA GLY B 117 -20.43 -1.96 -23.25
C GLY B 117 -20.40 -3.30 -22.54
N LEU B 118 -21.57 -3.82 -22.24
CA LEU B 118 -21.78 -5.19 -21.71
C LEU B 118 -20.75 -6.20 -22.26
N ASP B 119 -20.11 -6.95 -21.36
CA ASP B 119 -19.13 -8.02 -21.73
C ASP B 119 -19.87 -9.27 -22.19
N LEU B 120 -19.88 -9.52 -23.49
CA LEU B 120 -20.55 -10.71 -24.06
C LEU B 120 -19.91 -11.98 -23.49
N ASN B 121 -18.66 -11.92 -23.00
CA ASN B 121 -18.07 -13.13 -22.37
C ASN B 121 -18.80 -13.50 -21.07
N ALA B 122 -19.36 -12.51 -20.35
CA ALA B 122 -20.04 -12.70 -19.05
C ALA B 122 -21.39 -13.40 -19.23
N VAL B 123 -21.96 -13.51 -20.43
CA VAL B 123 -23.30 -14.13 -20.57
C VAL B 123 -23.20 -15.59 -21.06
N LYS B 124 -22.00 -16.18 -21.00
CA LYS B 124 -21.69 -17.50 -21.62
C LYS B 124 -22.59 -18.61 -21.07
N ASN B 125 -22.75 -18.68 -19.75
CA ASN B 125 -23.43 -19.81 -19.05
C ASN B 125 -24.76 -19.38 -18.43
N ILE B 126 -25.33 -18.26 -18.90
CA ILE B 126 -26.53 -17.63 -18.29
C ILE B 126 -27.74 -17.92 -19.18
N GLU B 127 -28.90 -18.20 -18.57
CA GLU B 127 -30.22 -18.25 -19.26
C GLU B 127 -30.77 -16.82 -19.27
N TYR B 128 -31.03 -16.30 -20.47
CA TYR B 128 -31.58 -14.94 -20.68
C TYR B 128 -32.27 -14.92 -22.05
N ASP B 129 -33.08 -13.87 -22.28
CA ASP B 129 -33.80 -13.72 -23.56
C ASP B 129 -33.22 -12.55 -24.36
N GLY B 130 -32.64 -11.57 -23.69
CA GLY B 130 -32.06 -10.44 -24.40
C GLY B 130 -31.04 -9.71 -23.58
N ILE B 131 -30.43 -8.70 -24.19
CA ILE B 131 -29.42 -7.87 -23.52
C ILE B 131 -29.73 -6.40 -23.77
N ILE B 132 -29.32 -5.58 -22.82
CA ILE B 132 -29.43 -4.11 -22.88
C ILE B 132 -28.02 -3.54 -22.79
N VAL B 133 -27.63 -2.77 -23.79
CA VAL B 133 -26.25 -2.27 -23.93
C VAL B 133 -26.37 -0.77 -23.87
N THR B 134 -25.63 -0.13 -23.00
CA THR B 134 -25.67 1.34 -22.83
C THR B 134 -24.56 2.01 -23.62
N ASN B 135 -24.97 2.92 -24.52
CA ASN B 135 -24.11 3.86 -25.29
C ASN B 135 -23.93 5.10 -24.39
N ILE B 136 -22.78 5.20 -23.73
CA ILE B 136 -22.55 6.12 -22.59
C ILE B 136 -22.38 7.57 -23.04
N HIS B 137 -23.29 8.46 -22.60
CA HIS B 137 -23.19 9.92 -22.72
C HIS B 137 -22.94 10.40 -24.16
N GLY B 138 -23.43 9.65 -25.14
CA GLY B 138 -23.38 10.04 -26.57
C GLY B 138 -22.31 9.25 -27.29
N ASN B 139 -21.46 8.57 -26.54
CA ASN B 139 -20.48 7.61 -27.11
C ASN B 139 -21.22 6.34 -27.53
N VAL B 140 -20.72 5.63 -28.55
CA VAL B 140 -21.31 4.34 -28.93
C VAL B 140 -20.25 3.26 -28.83
N VAL B 141 -20.70 2.09 -28.38
CA VAL B 141 -19.99 0.79 -28.41
C VAL B 141 -19.81 0.34 -29.87
N ASP B 142 -19.12 -0.78 -30.09
CA ASP B 142 -18.90 -1.36 -31.43
C ASP B 142 -20.19 -2.11 -31.71
N ILE B 143 -21.21 -1.36 -32.10
CA ILE B 143 -22.61 -1.89 -32.21
C ILE B 143 -22.64 -3.21 -32.98
N ASN B 144 -21.91 -3.35 -34.10
CA ASN B 144 -22.02 -4.57 -34.95
C ASN B 144 -21.70 -5.83 -34.13
N LYS B 145 -20.82 -5.77 -33.13
CA LYS B 145 -20.45 -7.02 -32.40
C LYS B 145 -21.65 -7.49 -31.55
N TYR B 146 -22.49 -6.57 -31.06
CA TYR B 146 -23.73 -6.93 -30.35
C TYR B 146 -24.80 -7.40 -31.32
N VAL B 147 -24.96 -6.73 -32.45
CA VAL B 147 -25.99 -7.11 -33.45
C VAL B 147 -25.64 -8.55 -33.90
N ASP B 148 -24.39 -8.82 -34.22
CA ASP B 148 -23.98 -10.18 -34.70
C ASP B 148 -24.20 -11.20 -33.59
N PHE B 149 -23.78 -10.91 -32.38
CA PHE B 149 -23.90 -11.86 -31.25
C PHE B 149 -25.38 -12.25 -31.07
N CYS B 150 -26.26 -11.24 -31.06
CA CYS B 150 -27.69 -11.41 -30.77
C CYS B 150 -28.37 -12.15 -31.94
N MET B 151 -27.90 -11.92 -33.16
CA MET B 151 -28.38 -12.65 -34.37
C MET B 151 -28.00 -14.13 -34.20
N ASN B 152 -26.74 -14.40 -33.87
CA ASN B 152 -26.21 -15.80 -33.77
C ASN B 152 -26.92 -16.58 -32.68
N HIS B 153 -27.28 -15.93 -31.56
CA HIS B 153 -27.81 -16.61 -30.35
C HIS B 153 -29.32 -16.42 -30.17
N ASN B 154 -30.02 -15.83 -31.16
CA ASN B 154 -31.49 -15.59 -31.14
C ASN B 154 -31.85 -14.85 -29.85
N LYS B 155 -31.17 -13.73 -29.59
CA LYS B 155 -31.45 -12.87 -28.41
C LYS B 155 -31.97 -11.51 -28.87
N LEU B 156 -32.81 -10.90 -28.04
CA LEU B 156 -33.27 -9.52 -28.32
C LEU B 156 -32.14 -8.55 -27.95
N LEU B 157 -31.99 -7.47 -28.67
CA LEU B 157 -30.97 -6.45 -28.38
C LEU B 157 -31.63 -5.09 -28.25
N ILE B 158 -31.46 -4.49 -27.10
CA ILE B 158 -31.90 -3.11 -26.81
C ILE B 158 -30.67 -2.26 -26.52
N PHE B 159 -30.62 -1.08 -27.13
CA PHE B 159 -29.64 -0.04 -26.80
C PHE B 159 -30.29 1.00 -25.88
N ASP B 160 -29.67 1.16 -24.72
CA ASP B 160 -30.01 2.30 -23.84
C ASP B 160 -29.30 3.53 -24.37
N ASN B 161 -29.97 4.32 -25.19
CA ASN B 161 -29.46 5.57 -25.80
C ASN B 161 -30.06 6.79 -25.09
N ALA B 162 -30.38 6.68 -23.80
CA ALA B 162 -30.95 7.79 -23.03
C ALA B 162 -30.19 9.08 -23.33
N ALA B 163 -28.85 9.03 -23.31
CA ALA B 163 -27.95 10.18 -23.46
C ALA B 163 -27.37 10.25 -24.88
N THR B 164 -27.96 9.57 -25.85
CA THR B 164 -27.29 9.27 -27.14
C THR B 164 -28.31 9.34 -28.29
N GLY B 165 -28.83 10.54 -28.54
CA GLY B 165 -29.89 10.72 -29.52
C GLY B 165 -29.40 10.92 -30.94
N TYR B 166 -28.14 11.33 -31.14
CA TYR B 166 -27.69 11.75 -32.50
C TYR B 166 -26.19 11.45 -32.67
N THR B 167 -25.83 10.21 -32.38
CA THR B 167 -24.48 9.69 -32.71
C THR B 167 -24.62 8.67 -33.83
N PHE B 168 -23.78 8.79 -34.85
CA PHE B 168 -23.89 7.95 -36.07
C PHE B 168 -22.85 6.86 -36.03
N TYR B 169 -23.29 5.67 -36.32
CA TYR B 169 -22.47 4.45 -36.43
C TYR B 169 -22.66 3.87 -37.82
N LEU B 170 -21.55 3.70 -38.54
CA LEU B 170 -21.52 3.09 -39.91
C LEU B 170 -22.73 3.58 -40.72
N GLY B 171 -22.94 4.89 -40.73
CA GLY B 171 -23.78 5.54 -41.74
C GLY B 171 -25.21 5.79 -41.29
N LYS B 172 -25.58 5.49 -40.03
CA LYS B 172 -26.94 5.87 -39.59
C LYS B 172 -26.99 6.07 -38.07
N ASN B 173 -28.05 6.72 -37.65
CA ASN B 173 -28.25 7.03 -36.22
C ASN B 173 -28.12 5.71 -35.46
N SER B 174 -27.35 5.71 -34.37
CA SER B 174 -27.12 4.49 -33.55
C SER B 174 -28.45 3.97 -33.01
N CYS B 175 -29.45 4.85 -32.89
CA CYS B 175 -30.81 4.47 -32.43
C CYS B 175 -31.46 3.43 -33.37
N ASN B 176 -31.03 3.33 -34.63
CA ASN B 176 -31.57 2.41 -35.65
C ASN B 176 -31.05 0.98 -35.55
N TYR B 177 -30.09 0.70 -34.65
CA TYR B 177 -29.53 -0.66 -34.47
C TYR B 177 -30.18 -1.38 -33.29
N GLY B 178 -30.05 -2.71 -33.31
CA GLY B 178 -30.74 -3.65 -32.42
C GLY B 178 -32.21 -3.70 -32.72
N HIS B 179 -32.98 -4.43 -31.92
CA HIS B 179 -34.47 -4.48 -32.08
C HIS B 179 -35.04 -3.12 -31.73
N ALA B 180 -34.38 -2.42 -30.82
CA ALA B 180 -34.95 -1.18 -30.25
C ALA B 180 -33.85 -0.37 -29.56
N SER B 181 -34.09 0.92 -29.40
CA SER B 181 -33.30 1.82 -28.53
C SER B 181 -34.27 2.75 -27.82
N ILE B 182 -33.78 3.42 -26.78
CA ILE B 182 -34.61 4.46 -26.10
C ILE B 182 -33.74 5.70 -25.97
N ILE B 183 -34.37 6.87 -25.94
CA ILE B 183 -33.78 8.20 -25.70
C ILE B 183 -34.54 8.87 -24.56
N SER B 184 -33.86 9.77 -23.88
CA SER B 184 -34.41 10.62 -22.81
C SER B 184 -34.50 12.07 -23.25
N PHE B 185 -35.63 12.73 -22.97
CA PHE B 185 -35.79 14.19 -23.08
C PHE B 185 -35.86 14.83 -21.69
N HIS B 186 -35.26 14.21 -20.69
CA HIS B 186 -35.09 14.78 -19.34
C HIS B 186 -34.32 16.10 -19.54
N HIS B 187 -34.66 17.07 -18.70
CA HIS B 187 -34.11 18.43 -18.77
C HIS B 187 -32.59 18.35 -18.78
N THR B 188 -32.00 17.36 -18.12
CA THR B 188 -30.52 17.27 -17.97
C THR B 188 -29.84 16.81 -19.25
N LYS B 189 -30.61 16.38 -20.27
CA LYS B 189 -30.10 15.82 -21.54
C LYS B 189 -30.04 16.93 -22.58
N PRO B 190 -29.15 16.81 -23.61
CA PRO B 190 -29.03 17.87 -24.61
C PRO B 190 -30.32 18.24 -25.35
N PHE B 191 -31.14 17.24 -25.65
CA PHE B 191 -32.41 17.45 -26.39
C PHE B 191 -33.59 17.54 -25.44
N GLY B 192 -33.34 17.50 -24.13
CA GLY B 192 -34.43 17.43 -23.14
C GLY B 192 -35.06 18.75 -22.77
N PHE B 193 -36.30 18.67 -22.32
CA PHE B 193 -36.98 19.83 -21.70
C PHE B 193 -38.03 19.27 -20.75
N GLY B 194 -37.81 19.41 -19.44
CA GLY B 194 -38.69 18.83 -18.41
C GLY B 194 -38.48 17.34 -18.32
N GLU B 195 -39.50 16.55 -18.68
CA GLU B 195 -39.43 15.06 -18.68
C GLU B 195 -39.91 14.54 -20.02
N GLY B 196 -39.33 13.45 -20.50
CA GLY B 196 -39.86 12.79 -21.69
C GLY B 196 -38.97 11.63 -22.12
N GLY B 197 -39.50 10.73 -22.91
CA GLY B 197 -38.72 9.63 -23.48
C GLY B 197 -39.22 9.30 -24.87
N CYS B 198 -38.47 8.45 -25.55
CA CYS B 198 -38.85 7.95 -26.86
C CYS B 198 -38.28 6.54 -27.00
N ILE B 199 -39.09 5.68 -27.59
CA ILE B 199 -38.72 4.34 -28.06
C ILE B 199 -38.57 4.39 -29.56
N ILE B 200 -37.45 3.83 -30.03
CA ILE B 200 -37.23 3.55 -31.48
C ILE B 200 -37.25 2.03 -31.60
N VAL B 201 -38.22 1.46 -32.30
CA VAL B 201 -38.46 0.01 -32.21
C VAL B 201 -38.92 -0.59 -33.54
N ASP B 202 -38.40 -1.76 -33.86
CA ASP B 202 -38.92 -2.60 -34.96
C ASP B 202 -40.45 -2.56 -34.97
N ARG B 203 -41.01 -2.33 -36.15
CA ARG B 203 -42.47 -2.17 -36.32
C ARG B 203 -43.23 -3.41 -35.84
N LEU B 204 -42.65 -4.62 -35.87
CA LEU B 204 -43.27 -5.86 -35.44
C LEU B 204 -43.91 -5.68 -34.03
N TYR B 205 -43.31 -4.86 -33.18
CA TYR B 205 -43.74 -4.69 -31.77
C TYR B 205 -44.45 -3.36 -31.56
N GLU B 206 -44.63 -2.54 -32.62
CA GLU B 206 -45.09 -1.15 -32.43
C GLU B 206 -46.50 -1.11 -31.83
N ASN B 207 -47.44 -1.88 -32.35
CA ASN B 207 -48.86 -1.75 -31.93
C ASN B 207 -48.99 -2.18 -30.45
N ASN B 208 -48.37 -3.29 -30.07
CA ASN B 208 -48.43 -3.77 -28.65
C ASN B 208 -47.73 -2.80 -27.70
N ILE B 209 -46.65 -2.13 -28.14
CA ILE B 209 -45.94 -1.17 -27.27
C ILE B 209 -46.81 0.06 -27.12
N ARG B 210 -47.46 0.52 -28.19
CA ARG B 210 -48.34 1.71 -28.07
C ARG B 210 -49.51 1.39 -27.16
N ILE B 211 -50.14 0.23 -27.31
CA ILE B 211 -51.32 -0.17 -26.50
CA ILE B 211 -51.34 0.01 -26.46
C ILE B 211 -50.82 -0.29 -25.04
N GLY B 212 -49.58 -0.75 -24.92
CA GLY B 212 -48.91 -0.92 -23.61
C GLY B 212 -48.69 0.39 -22.85
N LEU B 213 -48.70 1.55 -23.53
CA LEU B 213 -48.64 2.84 -22.80
C LEU B 213 -49.98 3.10 -22.08
N ASN B 214 -51.05 2.43 -22.53
CA ASN B 214 -52.45 2.69 -22.14
C ASN B 214 -52.94 1.42 -21.42
N PHE B 215 -52.13 0.89 -20.50
CA PHE B 215 -52.55 -0.25 -19.63
C PHE B 215 -52.72 -1.55 -20.42
N GLY B 216 -52.36 -1.62 -21.71
CA GLY B 216 -52.60 -2.81 -22.53
C GLY B 216 -53.97 -2.76 -23.20
N LEU B 217 -54.69 -1.66 -23.04
CA LEU B 217 -56.08 -1.49 -23.56
C LEU B 217 -56.03 -1.00 -25.00
N ASP B 218 -56.46 -1.84 -25.91
CA ASP B 218 -56.47 -1.55 -27.36
C ASP B 218 -57.79 -0.85 -27.67
N ASN B 219 -57.77 0.45 -27.95
CA ASN B 219 -59.01 1.19 -28.34
C ASN B 219 -59.66 0.54 -29.56
N SER B 220 -58.93 -0.20 -30.40
CA SER B 220 -59.52 -0.87 -31.60
C SER B 220 -60.49 -1.98 -31.19
N LEU B 221 -60.44 -2.45 -29.94
CA LEU B 221 -61.36 -3.52 -29.49
C LEU B 221 -62.64 -2.93 -28.85
N GLY B 222 -62.74 -1.60 -28.66
CA GLY B 222 -63.89 -0.95 -28.00
C GLY B 222 -64.14 -1.55 -26.62
N GLU B 223 -65.39 -1.95 -26.32
CA GLU B 223 -65.76 -2.51 -24.98
C GLU B 223 -65.04 -3.84 -24.73
N LYS B 224 -64.46 -4.49 -25.73
CA LYS B 224 -63.81 -5.81 -25.56
C LYS B 224 -62.33 -5.67 -25.18
N SER B 225 -61.81 -4.46 -25.05
CA SER B 225 -60.38 -4.31 -24.67
C SER B 225 -60.10 -5.01 -23.33
N GLN B 226 -58.89 -5.54 -23.17
CA GLN B 226 -58.45 -6.24 -21.94
C GLN B 226 -57.06 -5.73 -21.57
N TYR B 227 -56.91 -5.38 -20.30
CA TYR B 227 -55.61 -4.89 -19.79
C TYR B 227 -54.61 -6.06 -19.83
N SER B 228 -53.35 -5.70 -19.72
CA SER B 228 -52.20 -6.60 -19.50
C SER B 228 -51.49 -6.21 -18.19
N ASN B 229 -51.22 -7.20 -17.38
CA ASN B 229 -50.43 -6.95 -16.16
C ASN B 229 -48.97 -6.54 -16.47
N GLN B 230 -48.55 -6.57 -17.75
CA GLN B 230 -47.19 -6.19 -18.18
C GLN B 230 -47.16 -4.72 -18.50
N ALA B 231 -48.32 -4.07 -18.53
CA ALA B 231 -48.43 -2.67 -19.01
C ALA B 231 -48.56 -1.73 -17.82
N SER B 232 -48.79 -0.45 -18.12
CA SER B 232 -48.93 0.63 -17.11
C SER B 232 -49.45 1.86 -17.81
N ASN B 233 -49.37 2.98 -17.13
CA ASN B 233 -49.53 4.32 -17.72
C ASN B 233 -48.14 4.81 -18.10
N TYR B 234 -47.75 4.68 -19.39
CA TYR B 234 -46.38 5.08 -19.81
C TYR B 234 -46.41 6.18 -20.87
N ARG B 235 -47.59 6.67 -21.23
CA ARG B 235 -47.70 7.64 -22.35
C ARG B 235 -47.04 8.97 -21.99
N MET B 236 -46.69 9.71 -23.03
CA MET B 236 -46.31 11.13 -22.93
C MET B 236 -47.59 11.97 -23.00
N CYS B 237 -47.71 12.93 -22.10
CA CYS B 237 -48.76 13.98 -22.11
C CYS B 237 -48.47 14.94 -23.28
N ASP B 238 -49.50 15.41 -23.95
CA ASP B 238 -49.34 16.37 -25.07
C ASP B 238 -48.74 17.70 -24.56
N LEU B 239 -48.95 18.10 -23.31
CA LEU B 239 -48.35 19.34 -22.77
C LEU B 239 -46.80 19.19 -22.85
N ASN B 240 -46.31 18.08 -22.37
CA ASN B 240 -44.86 17.83 -22.34
C ASN B 240 -44.34 17.74 -23.78
N ALA B 241 -45.07 17.04 -24.65
CA ALA B 241 -44.70 16.95 -26.07
C ALA B 241 -44.52 18.35 -26.68
N ALA B 242 -45.39 19.31 -26.34
CA ALA B 242 -45.35 20.69 -26.92
C ALA B 242 -44.06 21.40 -26.45
N PHE B 243 -43.75 21.31 -25.17
CA PHE B 243 -42.52 21.96 -24.63
C PHE B 243 -41.28 21.32 -25.24
N ILE B 244 -41.28 20.01 -25.45
CA ILE B 244 -40.08 19.32 -26.00
C ILE B 244 -39.97 19.67 -27.49
N LEU B 245 -41.10 19.65 -28.20
CA LEU B 245 -41.09 19.93 -29.66
C LEU B 245 -40.60 21.36 -29.85
N SER B 246 -41.14 22.30 -29.11
CA SER B 246 -40.77 23.73 -29.25
C SER B 246 -39.27 23.90 -28.98
N TYR B 247 -38.79 23.28 -27.90
CA TYR B 247 -37.35 23.37 -27.56
C TYR B 247 -36.53 22.87 -28.77
N LEU B 248 -36.89 21.72 -29.35
CA LEU B 248 -36.10 21.11 -30.44
C LEU B 248 -36.21 21.95 -31.71
N GLN B 249 -37.40 22.47 -32.02
CA GLN B 249 -37.60 23.30 -33.22
C GLN B 249 -36.66 24.50 -33.16
N ASN B 250 -36.47 25.05 -31.96
CA ASN B 250 -35.70 26.30 -31.77
C ASN B 250 -34.20 26.02 -31.61
N ASN B 251 -33.79 24.81 -31.26
CA ASN B 251 -32.40 24.59 -30.77
C ASN B 251 -31.72 23.32 -31.29
N TYR B 252 -32.41 22.35 -31.91
CA TYR B 252 -31.82 21.03 -32.20
CA TYR B 252 -31.77 21.02 -32.14
C TYR B 252 -30.54 21.21 -33.03
N LYS B 253 -30.57 22.14 -34.00
CA LYS B 253 -29.46 22.29 -34.99
C LYS B 253 -28.22 22.83 -34.24
N LYS B 254 -28.43 23.83 -33.40
CA LYS B 254 -27.34 24.48 -32.64
C LYS B 254 -26.73 23.45 -31.69
N ILE B 255 -27.54 22.53 -31.12
CA ILE B 255 -27.03 21.54 -30.16
C ILE B 255 -26.14 20.54 -30.89
N ILE B 256 -26.62 19.97 -31.98
CA ILE B 256 -25.84 18.94 -32.71
C ILE B 256 -24.50 19.56 -33.17
N ASN B 257 -24.51 20.80 -33.63
CA ASN B 257 -23.32 21.47 -34.24
C ASN B 257 -22.32 21.81 -33.13
N ARG B 258 -22.77 22.55 -32.12
CA ARG B 258 -21.93 22.99 -30.99
C ARG B 258 -21.40 21.77 -30.21
N HIS B 259 -22.21 20.77 -29.95
CA HIS B 259 -21.70 19.63 -29.17
C HIS B 259 -20.60 18.92 -29.95
N SER B 260 -20.72 18.85 -31.27
CA SER B 260 -19.67 18.26 -32.14
C SER B 260 -18.41 19.13 -32.08
N GLU B 261 -18.57 20.45 -32.09
CA GLU B 261 -17.47 21.46 -32.02
C GLU B 261 -16.75 21.32 -30.69
N ILE B 262 -17.50 21.08 -29.63
CA ILE B 262 -16.92 20.96 -28.26
C ILE B 262 -16.10 19.67 -28.20
N TYR B 263 -16.60 18.54 -28.72
CA TYR B 263 -15.89 17.25 -28.77
C TYR B 263 -14.57 17.43 -29.55
N GLU B 264 -14.65 18.19 -30.63
CA GLU B 264 -13.52 18.48 -31.56
C GLU B 264 -12.36 19.11 -30.78
N ILE B 265 -12.62 20.12 -29.95
CA ILE B 265 -11.55 20.79 -29.15
C ILE B 265 -10.89 19.77 -28.20
N TYR B 266 -11.64 18.94 -27.47
CA TYR B 266 -11.03 17.93 -26.55
C TYR B 266 -10.24 16.88 -27.34
N LYS B 267 -10.78 16.43 -28.46
CA LYS B 267 -10.15 15.39 -29.30
C LYS B 267 -8.74 15.86 -29.72
N ASN B 268 -8.60 17.15 -30.07
CA ASN B 268 -7.34 17.69 -30.67
C ASN B 268 -6.40 18.25 -29.59
N ASN B 269 -6.83 18.31 -28.33
CA ASN B 269 -6.14 19.09 -27.26
C ASN B 269 -6.27 18.35 -25.91
N LEU B 270 -6.24 17.03 -25.95
CA LEU B 270 -6.46 16.12 -24.81
C LEU B 270 -5.44 16.48 -23.74
N PRO B 271 -5.86 16.69 -22.47
CA PRO B 271 -4.90 16.91 -21.38
C PRO B 271 -4.13 15.62 -21.11
N LYS B 272 -2.92 15.77 -20.54
CA LYS B 272 -1.96 14.65 -20.31
C LYS B 272 -2.64 13.54 -19.53
N ARG B 273 -2.45 12.28 -19.94
CA ARG B 273 -2.81 11.07 -19.15
C ARG B 273 -4.35 10.93 -19.04
N PHE B 274 -5.07 11.65 -19.89
CA PHE B 274 -6.54 11.51 -20.07
C PHE B 274 -6.77 11.00 -21.48
N LYS B 275 -7.73 10.08 -21.66
CA LYS B 275 -8.16 9.62 -22.99
C LYS B 275 -9.65 9.94 -23.12
N LEU B 276 -10.11 10.08 -24.36
CA LEU B 276 -11.56 10.12 -24.63
C LEU B 276 -12.16 8.78 -24.18
N PHE B 277 -13.41 8.82 -23.70
CA PHE B 277 -14.18 7.60 -23.42
C PHE B 277 -14.27 6.77 -24.70
N PRO B 278 -14.16 5.42 -24.66
CA PRO B 278 -14.23 4.59 -25.87
C PRO B 278 -15.49 4.86 -26.68
N ASN B 279 -15.28 5.13 -27.96
CA ASN B 279 -16.33 5.56 -28.90
C ASN B 279 -15.99 5.00 -30.27
N HIS B 280 -17.02 4.51 -30.98
CA HIS B 280 -16.89 3.81 -32.28
C HIS B 280 -17.53 4.56 -33.44
N SER B 281 -17.91 5.81 -33.25
CA SER B 281 -18.47 6.68 -34.31
C SER B 281 -17.32 7.32 -35.10
N LYS B 282 -17.46 7.44 -36.41
CA LYS B 282 -16.44 8.11 -37.26
C LYS B 282 -16.59 9.62 -37.06
N LYS B 283 -17.80 10.13 -37.20
CA LYS B 283 -18.09 11.55 -36.94
C LYS B 283 -18.17 11.74 -35.42
N ASN B 284 -17.84 12.94 -34.95
CA ASN B 284 -17.88 13.30 -33.51
C ASN B 284 -19.26 12.92 -32.98
N PRO B 285 -19.33 12.31 -31.79
CA PRO B 285 -20.61 12.01 -31.16
C PRO B 285 -21.19 13.33 -30.64
N VAL B 286 -22.48 13.31 -30.33
CA VAL B 286 -23.17 14.43 -29.69
C VAL B 286 -23.39 14.03 -28.24
N CYS B 287 -22.54 14.52 -27.37
CA CYS B 287 -22.41 14.02 -25.98
C CYS B 287 -23.26 14.81 -24.99
N SER B 288 -23.71 14.13 -23.91
CA SER B 288 -24.46 14.74 -22.79
C SER B 288 -23.49 15.37 -21.77
N SER B 289 -22.25 14.92 -21.79
CA SER B 289 -21.10 15.52 -21.06
C SER B 289 -19.86 15.01 -21.77
N ILE B 290 -18.73 15.71 -21.65
CA ILE B 290 -17.49 15.15 -22.25
C ILE B 290 -16.86 14.21 -21.20
N CYS B 291 -16.79 12.92 -21.51
CA CYS B 291 -16.27 11.86 -20.61
C CYS B 291 -14.81 11.58 -20.96
N LEU B 292 -13.88 11.83 -20.03
CA LEU B 292 -12.46 11.44 -20.18
C LEU B 292 -12.16 10.35 -19.14
N LEU B 293 -11.17 9.48 -19.42
CA LEU B 293 -10.66 8.50 -18.45
C LEU B 293 -9.23 8.90 -18.09
N PHE B 294 -9.00 9.26 -16.84
CA PHE B 294 -7.62 9.45 -16.32
C PHE B 294 -6.96 8.09 -16.29
N ASP B 295 -5.63 8.03 -16.17
CA ASP B 295 -4.91 6.74 -16.30
C ASP B 295 -4.92 6.00 -14.98
N LYS B 296 -5.31 6.63 -13.87
CA LYS B 296 -5.49 5.89 -12.58
C LYS B 296 -6.65 6.48 -11.77
N PRO B 297 -7.18 5.70 -10.80
CA PRO B 297 -8.29 6.17 -9.96
C PRO B 297 -7.98 7.54 -9.37
N PHE B 298 -8.98 8.38 -9.24
CA PHE B 298 -8.87 9.71 -8.60
C PHE B 298 -10.24 10.05 -8.00
N ARG B 299 -10.27 11.08 -7.17
CA ARG B 299 -11.46 11.54 -6.40
C ARG B 299 -11.90 12.87 -7.00
N LEU B 300 -13.20 13.02 -7.25
CA LEU B 300 -13.83 14.23 -7.84
C LEU B 300 -13.36 15.51 -7.14
N ASP B 301 -13.06 15.47 -5.83
CA ASP B 301 -12.82 16.70 -5.02
C ASP B 301 -11.46 17.33 -5.38
N LYS B 302 -10.61 16.61 -6.13
CA LYS B 302 -9.32 17.13 -6.66
C LYS B 302 -9.53 17.91 -7.96
N ILE B 303 -10.77 17.97 -8.50
CA ILE B 303 -11.06 18.77 -9.73
C ILE B 303 -11.76 20.05 -9.33
N PRO B 304 -11.11 21.23 -9.44
CA PRO B 304 -11.68 22.48 -8.94
C PRO B 304 -12.72 23.19 -9.83
N PHE B 305 -13.51 22.47 -10.63
CA PHE B 305 -14.60 23.03 -11.46
C PHE B 305 -15.74 21.98 -11.51
N LEU B 306 -16.93 22.44 -11.88
CA LEU B 306 -18.16 21.61 -11.96
C LEU B 306 -17.86 20.39 -12.83
N SER B 307 -18.02 19.21 -12.26
CA SER B 307 -17.62 17.92 -12.87
C SER B 307 -18.25 16.79 -12.10
N ARG B 308 -18.45 15.64 -12.74
CA ARG B 308 -19.15 14.49 -12.13
C ARG B 308 -18.52 13.18 -12.51
N LYS B 309 -18.94 12.13 -11.82
CA LYS B 309 -18.66 10.75 -12.24
C LYS B 309 -19.99 10.06 -12.48
N TYR B 310 -20.16 9.51 -13.67
CA TYR B 310 -21.23 8.54 -14.05
C TYR B 310 -20.58 7.32 -14.68
N TYR B 311 -21.16 6.13 -14.58
CA TYR B 311 -22.29 5.81 -13.73
C TYR B 311 -21.76 5.04 -12.53
N LYS B 312 -22.25 5.32 -11.34
CA LYS B 312 -21.93 4.48 -10.18
C LYS B 312 -22.41 3.08 -10.50
N PRO B 313 -21.55 2.05 -10.45
CA PRO B 313 -21.94 0.73 -10.90
C PRO B 313 -23.16 0.19 -10.16
N LEU B 314 -24.07 -0.46 -10.88
CA LEU B 314 -25.31 -1.01 -10.26
C LEU B 314 -24.92 -2.18 -9.36
N ASP B 315 -23.91 -2.96 -9.78
CA ASP B 315 -23.35 -4.11 -9.04
C ASP B 315 -21.88 -3.76 -8.85
N LEU B 316 -21.49 -3.47 -7.61
CA LEU B 316 -20.12 -3.08 -7.18
C LEU B 316 -19.10 -4.21 -7.41
N SER B 317 -19.54 -5.46 -7.68
CA SER B 317 -18.68 -6.64 -7.96
C SER B 317 -18.29 -6.74 -9.46
N SER B 318 -18.49 -5.68 -10.23
CA SER B 318 -18.12 -5.56 -11.66
C SER B 318 -16.84 -4.76 -11.76
N PRO B 319 -15.65 -5.40 -11.89
CA PRO B 319 -14.40 -4.64 -11.78
C PRO B 319 -14.12 -3.60 -12.87
N VAL B 320 -14.42 -3.89 -14.13
CA VAL B 320 -14.22 -2.91 -15.25
C VAL B 320 -15.15 -1.70 -15.03
N SER B 321 -16.44 -1.93 -14.74
CA SER B 321 -17.38 -0.83 -14.41
C SER B 321 -16.80 0.04 -13.28
N LEU B 322 -16.27 -0.57 -12.22
CA LEU B 322 -15.79 0.21 -11.07
C LEU B 322 -14.51 0.99 -11.45
N ASP B 323 -13.64 0.35 -12.21
CA ASP B 323 -12.38 0.95 -12.71
C ASP B 323 -12.76 2.20 -13.52
N PHE B 324 -13.76 2.08 -14.41
CA PHE B 324 -14.24 3.25 -15.20
C PHE B 324 -14.77 4.33 -14.26
N TYR B 325 -15.65 3.98 -13.32
CA TYR B 325 -16.21 4.95 -12.34
C TYR B 325 -15.07 5.67 -11.63
N GLN B 326 -14.03 4.95 -11.25
CA GLN B 326 -12.90 5.53 -10.47
C GLN B 326 -12.06 6.44 -11.38
N ARG B 327 -11.96 6.16 -12.68
CA ARG B 327 -11.04 6.90 -13.58
C ARG B 327 -11.79 7.96 -14.38
N ILE B 328 -13.12 7.93 -14.45
CA ILE B 328 -13.86 8.87 -15.36
C ILE B 328 -13.93 10.30 -14.80
N LEU B 329 -13.96 11.28 -15.70
CA LEU B 329 -14.34 12.68 -15.41
C LEU B 329 -15.34 13.11 -16.47
N CYS B 330 -16.54 13.50 -16.05
CA CYS B 330 -17.64 13.95 -16.92
C CYS B 330 -17.68 15.47 -16.79
N ILE B 331 -17.35 16.16 -17.86
CA ILE B 331 -17.22 17.63 -17.94
C ILE B 331 -18.48 18.19 -18.58
N PRO B 332 -19.03 19.31 -18.09
CA PRO B 332 -20.19 19.92 -18.73
C PRO B 332 -19.99 20.09 -20.24
N CYS B 333 -21.04 19.76 -21.00
CA CYS B 333 -21.08 19.94 -22.46
C CYS B 333 -22.47 20.45 -22.81
N ASN B 334 -22.59 21.71 -23.17
CA ASN B 334 -23.88 22.35 -23.48
C ASN B 334 -23.60 23.59 -24.33
N ILE B 335 -24.65 24.15 -24.93
CA ILE B 335 -24.52 25.26 -25.91
C ILE B 335 -24.23 26.59 -25.22
N ASP B 336 -24.16 26.66 -23.89
CA ASP B 336 -23.79 27.91 -23.19
C ASP B 336 -22.28 28.00 -22.97
N LEU B 337 -21.55 26.89 -23.12
CA LEU B 337 -20.09 26.81 -22.82
C LEU B 337 -19.32 27.59 -23.87
N THR B 338 -18.29 28.33 -23.45
CA THR B 338 -17.42 29.07 -24.39
C THR B 338 -16.15 28.28 -24.64
N ASP B 339 -15.56 28.51 -25.79
CA ASP B 339 -14.24 27.95 -26.15
C ASP B 339 -13.25 28.36 -25.06
N ARG B 340 -13.34 29.59 -24.56
CA ARG B 340 -12.40 30.10 -23.52
C ARG B 340 -12.47 29.12 -22.34
N GLN B 341 -13.69 28.72 -21.92
CA GLN B 341 -13.91 27.85 -20.75
C GLN B 341 -13.31 26.48 -21.05
N ILE B 342 -13.45 25.99 -22.27
CA ILE B 342 -12.95 24.63 -22.67
C ILE B 342 -11.42 24.65 -22.54
N TYR B 343 -10.78 25.70 -23.04
CA TYR B 343 -9.30 25.79 -22.97
C TYR B 343 -8.88 25.90 -21.52
N GLU B 344 -9.57 26.72 -20.72
CA GLU B 344 -9.25 26.87 -19.28
C GLU B 344 -9.44 25.53 -18.56
N ILE B 345 -10.49 24.76 -18.88
CA ILE B 345 -10.68 23.38 -18.31
C ILE B 345 -9.48 22.49 -18.66
N ILE B 346 -9.04 22.51 -19.92
CA ILE B 346 -7.91 21.68 -20.42
C ILE B 346 -6.63 22.12 -19.69
N GLY B 347 -6.50 23.41 -19.37
CA GLY B 347 -5.36 23.88 -18.56
C GLY B 347 -5.38 23.25 -17.17
N VAL B 348 -6.52 23.33 -16.50
CA VAL B 348 -6.73 22.80 -15.13
C VAL B 348 -6.43 21.30 -15.14
N LEU B 349 -6.92 20.54 -16.13
CA LEU B 349 -6.66 19.07 -16.16
C LEU B 349 -5.17 18.77 -16.40
N ASN B 350 -4.46 19.61 -17.17
CA ASN B 350 -2.99 19.47 -17.38
C ASN B 350 -2.27 19.68 -16.01
N GLU B 351 -2.68 20.68 -15.22
CA GLU B 351 -2.14 20.97 -13.86
C GLU B 351 -2.44 19.78 -12.92
N PHE B 352 -3.68 19.30 -12.93
CA PHE B 352 -4.11 18.09 -12.17
C PHE B 352 -3.20 16.92 -12.54
N ALA B 353 -2.95 16.74 -13.83
CA ALA B 353 -2.18 15.61 -14.37
C ALA B 353 -0.75 15.71 -13.81
N ASP B 354 -0.23 16.92 -13.69
CA ASP B 354 1.17 17.21 -13.26
C ASP B 354 1.35 16.77 -11.81
N LYS B 355 0.31 16.95 -10.98
CA LYS B 355 0.39 16.87 -9.51
C LYS B 355 -0.18 15.54 -9.01
N ASN B 356 -0.59 14.65 -9.92
CA ASN B 356 -1.24 13.36 -9.56
C ASN B 356 -0.73 12.25 -10.49
N MET C 5 -29.05 14.41 63.15
CA MET C 5 -30.01 15.46 62.68
C MET C 5 -31.21 14.80 61.96
N GLY C 6 -32.27 15.57 61.66
CA GLY C 6 -33.56 15.07 61.13
C GLY C 6 -33.49 14.55 59.70
N LEU C 7 -32.46 14.94 58.95
CA LEU C 7 -32.40 14.74 57.48
C LEU C 7 -31.23 13.85 57.11
N GLU C 8 -30.70 13.10 58.07
CA GLU C 8 -29.55 12.23 57.79
C GLU C 8 -29.92 11.19 56.72
N LYS C 9 -31.18 10.78 56.61
CA LYS C 9 -31.58 9.63 55.77
C LYS C 9 -32.06 10.11 54.40
N LEU C 10 -31.95 11.39 54.06
CA LEU C 10 -32.27 11.84 52.68
C LEU C 10 -31.38 11.08 51.69
N THR C 11 -31.96 10.74 50.56
CA THR C 11 -31.21 10.25 49.38
C THR C 11 -31.74 11.01 48.15
N TRP C 12 -30.93 11.09 47.13
CA TRP C 12 -31.34 11.73 45.86
C TRP C 12 -32.47 10.93 45.20
N VAL C 13 -32.26 9.61 45.11
CA VAL C 13 -32.98 8.57 44.35
C VAL C 13 -33.65 7.67 45.39
N SER C 14 -34.87 7.20 45.15
CA SER C 14 -35.46 6.10 45.96
C SER C 14 -34.58 4.86 45.76
N GLU C 15 -34.62 4.02 46.77
CA GLU C 15 -34.10 2.64 46.67
C GLU C 15 -34.83 1.93 45.54
N LYS C 16 -34.05 1.42 44.59
CA LYS C 16 -34.55 0.66 43.43
C LYS C 16 -33.87 -0.71 43.44
N LYS C 17 -34.68 -1.76 43.36
CA LYS C 17 -34.22 -3.16 43.32
C LYS C 17 -35.01 -3.90 42.27
N PRO C 18 -34.35 -4.82 41.53
CA PRO C 18 -35.05 -5.59 40.52
C PRO C 18 -36.15 -6.47 41.15
N ASP C 19 -37.30 -6.45 40.50
CA ASP C 19 -38.36 -7.49 40.65
C ASP C 19 -37.82 -8.71 39.87
N TRP C 20 -37.01 -9.54 40.53
CA TRP C 20 -36.21 -10.57 39.81
C TRP C 20 -37.13 -11.53 39.05
N SER C 21 -38.26 -11.89 39.67
CA SER C 21 -39.22 -12.81 39.02
C SER C 21 -39.62 -12.20 37.68
N ASN C 22 -40.04 -10.93 37.68
CA ASN C 22 -40.57 -10.21 36.51
C ASN C 22 -39.47 -10.02 35.47
N VAL C 23 -38.26 -9.63 35.91
CA VAL C 23 -37.13 -9.35 34.98
C VAL C 23 -36.76 -10.68 34.30
N GLN C 24 -36.69 -11.78 35.03
CA GLN C 24 -36.48 -13.14 34.43
C GLN C 24 -37.60 -13.47 33.43
N LYS C 25 -38.87 -13.24 33.75
CA LYS C 25 -40.00 -13.55 32.83
C LYS C 25 -39.79 -12.76 31.53
N LEU C 26 -39.43 -11.49 31.61
CA LEU C 26 -39.17 -10.67 30.40
C LEU C 26 -37.99 -11.26 29.64
N ILE C 27 -36.87 -11.51 30.31
CA ILE C 27 -35.59 -11.87 29.64
C ILE C 27 -35.70 -13.30 29.09
N ALA C 28 -36.64 -14.10 29.58
CA ALA C 28 -36.88 -15.47 29.03
C ALA C 28 -37.18 -15.39 27.51
N ALA C 29 -37.81 -14.32 27.04
CA ALA C 29 -38.00 -14.09 25.60
C ALA C 29 -36.63 -13.99 24.90
N CYS C 30 -35.65 -13.30 25.50
CA CYS C 30 -34.28 -13.23 24.92
C CYS C 30 -33.64 -14.62 24.94
N GLU C 31 -33.79 -15.34 26.04
CA GLU C 31 -33.17 -16.68 26.25
C GLU C 31 -33.68 -17.64 25.16
N ALA C 32 -34.95 -17.56 24.81
CA ALA C 32 -35.58 -18.52 23.86
C ALA C 32 -34.99 -18.37 22.44
N THR C 33 -34.53 -17.17 22.07
CA THR C 33 -34.08 -16.86 20.69
C THR C 33 -32.61 -16.46 20.64
N ASN C 34 -31.96 -16.41 21.80
CA ASN C 34 -30.57 -15.91 21.97
C ASN C 34 -30.51 -14.45 21.46
N GLN C 35 -31.62 -13.69 21.47
CA GLN C 35 -31.59 -12.30 20.97
C GLN C 35 -31.65 -11.34 22.17
N TYR C 36 -30.55 -10.65 22.44
CA TYR C 36 -30.42 -9.81 23.65
C TYR C 36 -30.16 -8.36 23.25
N THR C 37 -29.92 -8.13 21.98
CA THR C 37 -29.70 -6.76 21.43
C THR C 37 -29.97 -6.80 19.94
N ASN C 38 -29.67 -5.70 19.26
CA ASN C 38 -30.01 -5.47 17.83
C ASN C 38 -31.53 -5.65 17.70
N ILE C 39 -32.25 -5.12 18.68
CA ILE C 39 -33.74 -4.99 18.71
C ILE C 39 -34.30 -6.38 18.88
N GLY C 40 -34.10 -6.92 20.07
CA GLY C 40 -34.65 -8.22 20.46
C GLY C 40 -36.11 -8.03 20.83
N PRO C 41 -36.70 -9.02 21.51
CA PRO C 41 -38.13 -8.98 21.78
C PRO C 41 -38.61 -8.04 22.92
N ILE C 42 -37.71 -7.45 23.70
CA ILE C 42 -38.12 -6.56 24.83
C ILE C 42 -38.35 -5.15 24.29
N ILE C 43 -37.60 -4.73 23.27
CA ILE C 43 -37.59 -3.29 22.83
C ILE C 43 -39.04 -2.83 22.59
N SER C 44 -39.77 -3.52 21.72
CA SER C 44 -41.15 -3.07 21.36
C SER C 44 -42.07 -3.08 22.60
N GLN C 45 -41.83 -3.97 23.57
CA GLN C 45 -42.63 -4.02 24.82
C GLN C 45 -42.40 -2.73 25.63
N LEU C 46 -41.13 -2.30 25.73
CA LEU C 46 -40.81 -1.07 26.50
C LEU C 46 -41.36 0.13 25.73
N GLU C 47 -41.21 0.19 24.42
CA GLU C 47 -41.64 1.36 23.62
C GLU C 47 -43.18 1.45 23.72
N SER C 48 -43.88 0.31 23.71
CA SER C 48 -45.36 0.26 23.84
C SER C 48 -45.76 0.78 25.23
N PHE C 49 -45.05 0.28 26.24
CA PHE C 49 -45.34 0.66 27.65
C PHE C 49 -45.20 2.18 27.81
N ILE C 50 -44.15 2.75 27.24
CA ILE C 50 -43.93 4.22 27.30
C ILE C 50 -45.09 4.91 26.58
N ARG C 51 -45.42 4.49 25.35
CA ARG C 51 -46.50 5.13 24.56
C ARG C 51 -47.77 5.14 25.41
N ASP C 52 -48.17 3.97 25.92
CA ASP C 52 -49.48 3.77 26.61
C ASP C 52 -49.44 4.48 27.97
N SER C 53 -48.34 4.40 28.70
CA SER C 53 -48.28 4.88 30.12
C SER C 53 -48.01 6.38 30.17
N PHE C 54 -47.13 6.90 29.31
CA PHE C 54 -46.81 8.34 29.29
C PHE C 54 -47.78 9.08 28.37
N LEU C 55 -48.60 8.39 27.57
CA LEU C 55 -49.66 9.01 26.71
C LEU C 55 -48.99 9.80 25.59
N ILE C 56 -48.15 9.08 24.85
CA ILE C 56 -47.51 9.66 23.64
C ILE C 56 -48.52 9.59 22.50
N GLU C 57 -48.65 10.64 21.70
CA GLU C 57 -49.60 10.71 20.56
C GLU C 57 -49.16 9.79 19.42
N GLU C 58 -50.14 9.36 18.63
CA GLU C 58 -49.92 8.45 17.48
C GLU C 58 -49.00 9.06 16.43
N SER C 59 -48.92 10.38 16.33
CA SER C 59 -48.09 11.09 15.32
C SER C 59 -46.58 10.99 15.63
N LYS C 60 -46.25 10.44 16.79
CA LYS C 60 -44.85 10.33 17.27
C LYS C 60 -44.44 8.87 17.37
N ALA C 61 -43.20 8.58 16.98
CA ALA C 61 -42.49 7.32 17.30
C ALA C 61 -41.98 7.38 18.74
N VAL C 62 -41.86 6.22 19.34
CA VAL C 62 -41.16 6.04 20.64
C VAL C 62 -39.97 5.12 20.39
N ILE C 63 -38.75 5.65 20.53
CA ILE C 63 -37.50 4.97 20.12
C ILE C 63 -36.58 4.91 21.34
N VAL C 64 -36.42 3.75 21.94
CA VAL C 64 -35.51 3.68 23.12
C VAL C 64 -34.06 3.61 22.64
N THR C 65 -33.15 4.08 23.51
CA THR C 65 -31.72 4.25 23.22
C THR C 65 -30.91 3.95 24.48
N SER C 66 -29.60 3.89 24.35
CA SER C 66 -28.72 3.42 25.43
C SER C 66 -28.76 4.38 26.63
N ASN C 67 -28.94 5.68 26.42
CA ASN C 67 -29.02 6.67 27.54
C ASN C 67 -29.74 7.91 27.05
N GLY C 68 -30.01 8.85 27.94
CA GLY C 68 -30.61 10.14 27.54
C GLY C 68 -29.76 10.90 26.53
N THR C 69 -28.45 10.85 26.73
CA THR C 69 -27.50 11.53 25.81
C THR C 69 -27.59 10.92 24.42
N SER C 70 -27.58 9.59 24.31
CA SER C 70 -27.65 8.94 22.97
C SER C 70 -29.05 9.14 22.38
N ALA C 71 -30.08 9.36 23.20
CA ALA C 71 -31.43 9.70 22.67
C ALA C 71 -31.25 11.02 21.91
N LEU C 72 -30.67 12.02 22.55
CA LEU C 72 -30.44 13.31 21.90
C LEU C 72 -29.53 13.18 20.68
N HIS C 73 -28.41 12.44 20.79
CA HIS C 73 -27.44 12.35 19.68
C HIS C 73 -28.01 11.52 18.52
N ALA C 74 -28.67 10.41 18.78
CA ALA C 74 -29.33 9.59 17.73
C ALA C 74 -30.45 10.38 17.05
N LEU C 75 -31.13 11.28 17.79
CA LEU C 75 -32.21 12.11 17.23
C LEU C 75 -31.57 13.07 16.22
N VAL C 76 -30.53 13.79 16.62
CA VAL C 76 -29.85 14.77 15.73
C VAL C 76 -29.18 14.01 14.60
N GLY C 77 -28.48 12.91 14.88
CA GLY C 77 -27.78 12.14 13.83
C GLY C 77 -28.73 11.57 12.78
N GLY C 78 -29.88 11.05 13.22
CA GLY C 78 -30.92 10.53 12.32
C GLY C 78 -31.44 11.63 11.43
N ILE C 79 -31.70 12.82 11.98
CA ILE C 79 -32.26 13.93 11.18
C ILE C 79 -31.17 14.49 10.24
N ASN C 80 -29.95 14.59 10.72
CA ASN C 80 -28.82 14.98 9.83
C ASN C 80 -28.78 14.04 8.61
N ARG C 81 -28.84 12.75 8.85
CA ARG C 81 -28.77 11.74 7.75
C ARG C 81 -29.91 12.00 6.78
N GLN C 82 -31.13 12.17 7.28
CA GLN C 82 -32.32 12.31 6.45
C GLN C 82 -32.21 13.59 5.62
N LEU C 83 -31.76 14.69 6.24
CA LEU C 83 -31.69 16.03 5.60
C LEU C 83 -30.39 16.22 4.78
N GLY C 84 -29.39 15.38 5.01
CA GLY C 84 -28.13 15.34 4.23
C GLY C 84 -27.19 16.48 4.55
N ARG C 85 -27.24 17.00 5.78
CA ARG C 85 -26.22 17.97 6.25
C ARG C 85 -26.11 17.87 7.76
N GLU C 86 -25.03 18.42 8.31
CA GLU C 86 -24.82 18.47 9.77
C GLU C 86 -25.58 19.68 10.28
N LEU C 87 -26.69 19.45 10.99
CA LEU C 87 -27.56 20.61 11.34
C LEU C 87 -26.94 21.39 12.50
N LYS C 88 -27.13 22.71 12.48
CA LYS C 88 -26.58 23.65 13.50
C LYS C 88 -27.70 23.94 14.48
N PHE C 89 -27.54 23.53 15.73
CA PHE C 89 -28.55 23.76 16.78
C PHE C 89 -28.04 24.81 17.74
N VAL C 90 -28.96 25.60 18.26
CA VAL C 90 -28.73 26.46 19.43
C VAL C 90 -29.30 25.71 20.64
N THR C 91 -28.56 25.72 21.74
CA THR C 91 -29.02 25.16 23.03
C THR C 91 -28.88 26.24 24.07
N GLN C 92 -29.53 26.09 25.22
CA GLN C 92 -29.48 27.11 26.28
C GLN C 92 -28.29 26.82 27.21
N SER C 93 -27.69 27.85 27.79
CA SER C 93 -26.52 27.66 28.71
C SER C 93 -26.91 26.84 29.94
N PHE C 94 -28.09 27.08 30.46
CA PHE C 94 -28.61 26.46 31.68
C PHE C 94 -29.15 25.09 31.30
N THR C 95 -28.25 24.11 31.13
CA THR C 95 -28.65 22.74 30.79
C THR C 95 -27.47 21.78 31.04
N PHE C 96 -27.68 20.53 30.71
CA PHE C 96 -26.71 19.44 30.92
C PHE C 96 -25.82 19.42 29.69
N PRO C 97 -24.54 18.99 29.79
CA PRO C 97 -23.63 19.00 28.63
C PRO C 97 -24.00 18.23 27.33
N SER C 98 -24.95 17.30 27.42
CA SER C 98 -25.35 16.41 26.31
C SER C 98 -25.64 17.22 25.03
N SER C 99 -26.24 18.41 25.17
CA SER C 99 -26.60 19.23 24.00
C SER C 99 -25.46 20.12 23.50
N ASN C 100 -24.24 19.91 23.97
CA ASN C 100 -23.00 20.49 23.40
C ASN C 100 -21.96 19.37 23.23
N GLN C 101 -22.41 18.16 22.90
CA GLN C 101 -21.57 16.93 22.73
C GLN C 101 -22.03 16.16 21.49
N GLY C 102 -21.18 15.28 21.01
CA GLY C 102 -21.51 14.38 19.90
C GLY C 102 -21.81 15.18 18.65
N PRO C 103 -22.93 14.92 17.96
CA PRO C 103 -23.27 15.69 16.77
C PRO C 103 -23.59 17.13 17.16
N LEU C 104 -23.75 17.41 18.46
CA LEU C 104 -23.96 18.79 18.95
C LEU C 104 -22.68 19.39 19.57
N LYS C 105 -21.48 18.84 19.35
CA LYS C 105 -20.26 19.38 20.00
C LYS C 105 -20.00 20.83 19.58
N ASP C 106 -20.49 21.27 18.42
CA ASP C 106 -20.29 22.67 17.98
C ASP C 106 -21.64 23.40 17.92
N SER C 107 -22.61 22.95 18.71
CA SER C 107 -23.86 23.72 18.94
C SER C 107 -23.56 25.12 19.48
N ILE C 108 -24.42 26.08 19.18
CA ILE C 108 -24.31 27.46 19.69
C ILE C 108 -25.02 27.51 21.04
N ILE C 109 -24.37 28.07 22.04
CA ILE C 109 -24.98 28.26 23.38
C ILE C 109 -25.39 29.72 23.53
N VAL C 110 -26.65 29.93 23.90
CA VAL C 110 -27.20 31.26 24.28
C VAL C 110 -27.83 31.17 25.66
N ASP C 111 -28.09 32.32 26.26
CA ASP C 111 -28.69 32.38 27.61
C ASP C 111 -30.14 31.89 27.58
N ILE C 112 -30.64 31.59 28.78
CA ILE C 112 -32.10 31.52 29.06
C ILE C 112 -32.65 32.92 29.27
N ASP C 113 -33.96 33.04 29.15
CA ASP C 113 -34.74 34.14 29.76
C ASP C 113 -35.12 33.72 31.18
N GLU C 114 -35.86 34.60 31.89
CA GLU C 114 -36.19 34.41 33.32
C GLU C 114 -37.29 33.34 33.53
N ASP C 115 -37.88 32.81 32.47
CA ASP C 115 -38.88 31.71 32.59
C ASP C 115 -38.20 30.35 32.44
N GLY C 116 -36.87 30.31 32.34
CA GLY C 116 -36.10 29.03 32.47
C GLY C 116 -35.74 28.37 31.16
N GLY C 117 -36.17 28.92 30.02
CA GLY C 117 -35.83 28.31 28.72
C GLY C 117 -35.07 29.27 27.82
N LEU C 118 -34.44 28.72 26.78
CA LEU C 118 -33.62 29.43 25.75
C LEU C 118 -34.26 30.79 25.43
N ASP C 119 -33.44 31.85 25.46
CA ASP C 119 -33.87 33.26 25.21
C ASP C 119 -33.99 33.45 23.70
N LEU C 120 -35.23 33.51 23.17
CA LEU C 120 -35.44 33.61 21.70
C LEU C 120 -34.91 34.96 21.20
N ASN C 121 -34.83 35.94 22.06
CA ASN C 121 -34.21 37.23 21.66
C ASN C 121 -32.74 37.04 21.28
N ALA C 122 -32.06 35.99 21.76
CA ALA C 122 -30.60 35.88 21.60
C ALA C 122 -30.24 35.19 20.27
N VAL C 123 -31.23 34.76 19.49
CA VAL C 123 -30.91 34.01 18.24
C VAL C 123 -31.13 34.93 17.04
N LYS C 124 -31.41 36.22 17.28
CA LYS C 124 -31.89 37.16 16.23
C LYS C 124 -30.86 37.24 15.09
N ASN C 125 -29.55 37.32 15.38
CA ASN C 125 -28.49 37.54 14.35
C ASN C 125 -27.60 36.30 14.22
N ILE C 126 -28.17 35.11 14.34
CA ILE C 126 -27.40 33.84 14.27
C ILE C 126 -27.97 33.01 13.11
N GLU C 127 -27.11 32.28 12.41
CA GLU C 127 -27.50 31.24 11.44
C GLU C 127 -27.63 29.93 12.21
N TYR C 128 -28.77 29.26 12.11
CA TYR C 128 -29.01 27.97 12.81
C TYR C 128 -30.19 27.24 12.16
N ASP C 129 -30.23 25.89 12.24
CA ASP C 129 -31.28 25.00 11.70
C ASP C 129 -32.37 24.72 12.74
N GLY C 130 -32.00 24.72 14.02
CA GLY C 130 -32.96 24.35 15.06
C GLY C 130 -32.49 24.74 16.43
N ILE C 131 -33.39 24.58 17.38
CA ILE C 131 -33.16 24.94 18.80
C ILE C 131 -33.53 23.74 19.66
N ILE C 132 -32.80 23.66 20.77
CA ILE C 132 -33.00 22.69 21.86
C ILE C 132 -33.33 23.48 23.12
N VAL C 133 -34.51 23.21 23.66
CA VAL C 133 -35.04 23.91 24.85
C VAL C 133 -35.14 22.90 25.96
N THR C 134 -34.59 23.23 27.13
CA THR C 134 -34.62 22.28 28.26
C THR C 134 -35.76 22.65 29.20
N ASN C 135 -36.61 21.67 29.48
CA ASN C 135 -37.69 21.69 30.51
C ASN C 135 -37.04 21.15 31.80
N ILE C 136 -36.66 22.07 32.66
CA ILE C 136 -35.73 21.86 33.79
C ILE C 136 -36.38 21.02 34.89
N HIS C 137 -35.85 19.82 35.12
CA HIS C 137 -36.18 18.98 36.30
C HIS C 137 -37.67 18.74 36.46
N GLY C 138 -38.43 18.66 35.37
CA GLY C 138 -39.85 18.29 35.38
C GLY C 138 -40.71 19.51 35.18
N ASN C 139 -40.13 20.69 35.36
CA ASN C 139 -40.81 21.99 35.09
C ASN C 139 -40.91 22.16 33.58
N VAL C 140 -41.91 22.91 33.11
CA VAL C 140 -42.00 23.18 31.63
C VAL C 140 -41.98 24.68 31.37
N VAL C 141 -41.38 25.02 30.24
CA VAL C 141 -41.37 26.42 29.75
C VAL C 141 -42.77 26.70 29.18
N ASP C 142 -42.95 27.91 28.68
CA ASP C 142 -44.13 28.31 27.87
C ASP C 142 -43.93 27.64 26.50
N ILE C 143 -44.27 26.38 26.39
CA ILE C 143 -43.93 25.54 25.20
C ILE C 143 -44.46 26.18 23.91
N ASN C 144 -45.67 26.76 23.93
CA ASN C 144 -46.28 27.31 22.69
C ASN C 144 -45.45 28.47 22.16
N LYS C 145 -44.76 29.26 22.99
CA LYS C 145 -43.96 30.38 22.45
C LYS C 145 -42.84 29.82 21.57
N TYR C 146 -42.24 28.67 21.96
CA TYR C 146 -41.18 27.99 21.18
C TYR C 146 -41.79 27.37 19.92
N VAL C 147 -42.93 26.72 20.04
CA VAL C 147 -43.61 26.07 18.89
C VAL C 147 -43.92 27.16 17.84
N ASP C 148 -44.51 28.27 18.26
CA ASP C 148 -44.92 29.38 17.35
C ASP C 148 -43.69 29.99 16.71
N PHE C 149 -42.69 30.35 17.51
CA PHE C 149 -41.43 30.88 16.97
C PHE C 149 -40.85 29.95 15.90
N CYS C 150 -40.73 28.66 16.19
CA CYS C 150 -40.03 27.72 15.26
C CYS C 150 -40.86 27.53 13.98
N MET C 151 -42.18 27.48 14.09
CA MET C 151 -43.09 27.37 12.91
C MET C 151 -42.93 28.62 12.05
N ASN C 152 -42.93 29.79 12.68
CA ASN C 152 -42.80 31.09 11.97
C ASN C 152 -41.47 31.19 11.22
N HIS C 153 -40.37 30.65 11.75
CA HIS C 153 -38.98 30.80 11.21
C HIS C 153 -38.47 29.53 10.52
N ASN C 154 -39.29 28.49 10.41
CA ASN C 154 -38.94 27.21 9.73
CA ASN C 154 -38.96 27.21 9.75
C ASN C 154 -37.70 26.61 10.41
N LYS C 155 -37.73 26.49 11.74
CA LYS C 155 -36.64 25.89 12.57
C LYS C 155 -37.13 24.56 13.20
N LEU C 156 -36.21 23.62 13.37
CA LEU C 156 -36.54 22.38 14.10
C LEU C 156 -36.56 22.74 15.58
N LEU C 157 -37.41 22.03 16.32
CA LEU C 157 -37.61 22.30 17.75
C LEU C 157 -37.51 20.95 18.46
N ILE C 158 -36.50 20.80 19.33
CA ILE C 158 -36.37 19.62 20.20
C ILE C 158 -36.51 20.10 21.64
N PHE C 159 -37.23 19.36 22.46
CA PHE C 159 -37.28 19.61 23.92
C PHE C 159 -36.38 18.56 24.58
N ASP C 160 -35.40 19.01 25.35
CA ASP C 160 -34.60 18.13 26.23
C ASP C 160 -35.49 17.92 27.47
N ASN C 161 -36.21 16.81 27.48
CA ASN C 161 -37.08 16.38 28.61
C ASN C 161 -36.38 15.25 29.36
N ALA C 162 -35.06 15.24 29.39
CA ALA C 162 -34.35 14.17 30.12
C ALA C 162 -35.00 13.95 31.49
N ALA C 163 -35.29 15.04 32.21
CA ALA C 163 -35.80 15.02 33.59
C ALA C 163 -37.31 15.23 33.65
N THR C 164 -38.03 15.14 32.53
CA THR C 164 -39.40 15.69 32.39
C THR C 164 -40.26 14.70 31.61
N GLY C 165 -40.47 13.52 32.16
CA GLY C 165 -41.18 12.44 31.46
C GLY C 165 -42.70 12.54 31.57
N TYR C 166 -43.24 13.26 32.55
CA TYR C 166 -44.72 13.29 32.77
C TYR C 166 -45.12 14.61 33.39
N THR C 167 -44.91 15.68 32.65
CA THR C 167 -45.48 17.00 32.94
C THR C 167 -46.34 17.35 31.75
N PHE C 168 -47.60 17.67 31.99
CA PHE C 168 -48.59 17.89 30.92
C PHE C 168 -48.71 19.37 30.70
N TYR C 169 -48.79 19.77 29.43
CA TYR C 169 -48.94 21.16 28.96
C TYR C 169 -50.16 21.18 28.02
N LEU C 170 -51.14 22.01 28.35
CA LEU C 170 -52.43 22.16 27.61
C LEU C 170 -53.01 20.78 27.24
N GLY C 171 -53.06 19.86 28.20
CA GLY C 171 -53.83 18.62 28.10
C GLY C 171 -53.06 17.42 27.57
N LYS C 172 -51.77 17.57 27.30
CA LYS C 172 -51.00 16.42 26.79
C LYS C 172 -49.57 16.44 27.33
N ASN C 173 -48.98 15.27 27.40
CA ASN C 173 -47.57 15.07 27.85
C ASN C 173 -46.71 16.07 27.06
N SER C 174 -45.87 16.85 27.79
CA SER C 174 -45.00 17.88 27.19
C SER C 174 -44.10 17.26 26.11
N CYS C 175 -43.85 15.95 26.20
CA CYS C 175 -42.97 15.22 25.24
C CYS C 175 -43.56 15.24 23.81
N ASN C 176 -44.85 15.55 23.70
CA ASN C 176 -45.59 15.50 22.40
C ASN C 176 -45.40 16.81 21.64
N TYR C 177 -44.75 17.81 22.23
CA TYR C 177 -44.53 19.12 21.59
C TYR C 177 -43.16 19.21 20.90
N GLY C 178 -43.06 20.14 19.97
CA GLY C 178 -41.92 20.27 19.05
C GLY C 178 -41.85 19.11 18.08
N HIS C 179 -40.82 19.07 17.25
CA HIS C 179 -40.57 17.94 16.33
C HIS C 179 -40.24 16.72 17.16
N ALA C 180 -39.61 16.90 18.32
CA ALA C 180 -39.14 15.75 19.09
C ALA C 180 -38.82 16.20 20.51
N SER C 181 -38.81 15.22 21.39
CA SER C 181 -38.27 15.37 22.76
C SER C 181 -37.49 14.11 23.11
N ILE C 182 -36.68 14.19 24.17
CA ILE C 182 -35.93 13.03 24.69
C ILE C 182 -36.17 12.97 26.20
N ILE C 183 -36.18 11.75 26.70
CA ILE C 183 -36.26 11.46 28.16
CA ILE C 183 -36.30 11.39 28.14
C ILE C 183 -35.10 10.53 28.54
N SER C 184 -34.70 10.65 29.79
CA SER C 184 -33.64 9.78 30.35
C SER C 184 -34.27 8.74 31.27
N PHE C 185 -33.77 7.51 31.23
CA PHE C 185 -34.02 6.44 32.22
C PHE C 185 -32.76 6.18 33.03
N HIS C 186 -31.87 7.18 33.18
CA HIS C 186 -30.71 7.08 34.10
C HIS C 186 -31.25 6.78 35.50
N HIS C 187 -30.52 5.98 36.27
CA HIS C 187 -30.89 5.61 37.65
C HIS C 187 -31.29 6.85 38.49
N THR C 188 -30.65 8.00 38.27
CA THR C 188 -30.87 9.23 39.05
C THR C 188 -32.21 9.90 38.71
N LYS C 189 -32.92 9.43 37.66
CA LYS C 189 -34.22 10.02 37.25
C LYS C 189 -35.37 9.24 37.86
N PRO C 190 -36.54 9.91 38.05
CA PRO C 190 -37.70 9.29 38.68
C PRO C 190 -38.08 7.96 38.03
N PHE C 191 -38.08 7.92 36.69
CA PHE C 191 -38.55 6.71 35.95
C PHE C 191 -37.36 5.83 35.61
N GLY C 192 -36.18 6.17 36.08
CA GLY C 192 -34.98 5.48 35.60
C GLY C 192 -34.62 4.22 36.36
N PHE C 193 -33.86 3.37 35.68
CA PHE C 193 -33.20 2.18 36.28
C PHE C 193 -31.96 1.85 35.45
N GLY C 194 -30.79 2.09 36.03
CA GLY C 194 -29.49 1.87 35.38
C GLY C 194 -29.21 2.95 34.37
N GLU C 195 -29.21 2.59 33.12
CA GLU C 195 -28.97 3.54 31.99
C GLU C 195 -30.06 3.35 30.94
N GLY C 196 -30.52 4.42 30.34
CA GLY C 196 -31.46 4.30 29.22
C GLY C 196 -31.97 5.63 28.76
N GLY C 197 -32.43 5.69 27.52
CA GLY C 197 -33.06 6.90 26.95
C GLY C 197 -34.26 6.56 26.07
N CYS C 198 -34.98 7.60 25.69
CA CYS C 198 -36.11 7.47 24.75
C CYS C 198 -36.23 8.74 23.95
N ILE C 199 -36.43 8.59 22.65
CA ILE C 199 -36.79 9.65 21.69
C ILE C 199 -38.29 9.58 21.45
N ILE C 200 -38.95 10.75 21.47
CA ILE C 200 -40.34 10.92 21.03
C ILE C 200 -40.24 11.83 19.82
N VAL C 201 -40.62 11.37 18.62
CA VAL C 201 -40.29 12.12 17.39
C VAL C 201 -41.37 11.90 16.32
N ASP C 202 -41.62 12.98 15.61
CA ASP C 202 -42.45 13.03 14.37
C ASP C 202 -42.04 11.82 13.51
N ARG C 203 -43.02 11.05 13.07
CA ARG C 203 -42.87 9.79 12.29
C ARG C 203 -42.03 10.01 11.02
N LEU C 204 -42.04 11.23 10.48
CA LEU C 204 -41.29 11.61 9.27
C LEU C 204 -39.83 11.17 9.41
N TYR C 205 -39.26 11.25 10.63
CA TYR C 205 -37.83 10.94 10.92
C TYR C 205 -37.62 9.55 11.53
N GLU C 206 -38.69 8.78 11.75
CA GLU C 206 -38.61 7.57 12.58
C GLU C 206 -37.64 6.55 11.98
N ASN C 207 -37.78 6.26 10.69
CA ASN C 207 -37.02 5.12 10.09
C ASN C 207 -35.53 5.46 10.09
N ASN C 208 -35.15 6.66 9.70
CA ASN C 208 -33.71 7.08 9.66
C ASN C 208 -33.19 7.10 11.09
N ILE C 209 -33.99 7.55 12.06
CA ILE C 209 -33.49 7.55 13.47
C ILE C 209 -33.28 6.11 13.92
N ARG C 210 -34.23 5.20 13.62
CA ARG C 210 -34.10 3.81 14.10
C ARG C 210 -32.85 3.19 13.44
N ILE C 211 -32.66 3.35 12.14
CA ILE C 211 -31.51 2.68 11.50
C ILE C 211 -30.24 3.41 11.96
N GLY C 212 -30.33 4.67 12.34
CA GLY C 212 -29.23 5.46 12.92
C GLY C 212 -28.75 4.90 14.27
N LEU C 213 -29.54 4.07 14.95
CA LEU C 213 -29.12 3.40 16.22
C LEU C 213 -28.13 2.29 15.87
N ASN C 214 -28.16 1.86 14.60
CA ASN C 214 -27.45 0.65 14.09
C ASN C 214 -26.50 1.11 13.01
N PHE C 215 -25.74 2.17 13.29
CA PHE C 215 -24.64 2.62 12.42
C PHE C 215 -25.22 3.19 11.12
N GLY C 216 -26.53 3.38 11.03
CA GLY C 216 -27.21 3.81 9.78
C GLY C 216 -27.46 2.63 8.83
N LEU C 217 -27.14 1.40 9.25
CA LEU C 217 -27.29 0.15 8.45
C LEU C 217 -28.78 -0.25 8.46
N ASP C 218 -29.42 -0.16 7.31
CA ASP C 218 -30.83 -0.56 7.12
C ASP C 218 -30.82 -2.05 6.73
N ASN C 219 -31.19 -2.94 7.64
CA ASN C 219 -31.25 -4.41 7.38
C ASN C 219 -32.28 -4.72 6.26
N SER C 220 -33.18 -3.78 5.93
CA SER C 220 -34.12 -3.86 4.77
C SER C 220 -33.35 -3.84 3.43
N LEU C 221 -32.14 -3.28 3.39
CA LEU C 221 -31.34 -3.17 2.14
C LEU C 221 -30.43 -4.40 2.00
N GLY C 222 -30.45 -5.32 2.97
CA GLY C 222 -29.68 -6.58 2.92
C GLY C 222 -28.21 -6.26 2.62
N GLU C 223 -27.62 -6.94 1.64
CA GLU C 223 -26.19 -6.76 1.25
C GLU C 223 -25.91 -5.28 0.95
N LYS C 224 -26.87 -4.53 0.44
CA LYS C 224 -26.67 -3.14 -0.05
C LYS C 224 -26.86 -2.12 1.10
N SER C 225 -26.87 -2.54 2.38
CA SER C 225 -26.93 -1.56 3.50
C SER C 225 -25.67 -0.71 3.46
N GLN C 226 -25.85 0.60 3.65
CA GLN C 226 -24.74 1.59 3.69
C GLN C 226 -24.72 2.29 5.04
N TYR C 227 -23.58 2.36 5.69
CA TYR C 227 -23.41 3.09 6.98
C TYR C 227 -23.52 4.58 6.73
N SER C 228 -23.81 5.37 7.78
CA SER C 228 -23.77 6.85 7.76
C SER C 228 -22.69 7.31 8.75
N ASN C 229 -21.86 8.28 8.39
CA ASN C 229 -20.86 8.83 9.34
C ASN C 229 -21.61 9.70 10.37
N GLN C 230 -22.93 9.91 10.19
CA GLN C 230 -23.76 10.64 11.20
C GLN C 230 -24.31 9.72 12.27
N ALA C 231 -24.08 8.41 12.16
CA ALA C 231 -24.71 7.43 13.07
C ALA C 231 -23.67 6.83 14.02
N SER C 232 -24.09 5.85 14.82
CA SER C 232 -23.23 5.18 15.82
C SER C 232 -23.96 3.96 16.31
N ASN C 233 -23.47 3.33 17.37
CA ASN C 233 -24.19 2.32 18.17
C ASN C 233 -24.94 3.10 19.26
N TYR C 234 -26.22 3.37 19.06
CA TYR C 234 -27.03 4.14 20.02
C TYR C 234 -28.20 3.32 20.58
N ARG C 235 -28.30 2.04 20.20
CA ARG C 235 -29.42 1.17 20.58
C ARG C 235 -29.47 0.94 22.10
N MET C 236 -30.66 0.68 22.62
CA MET C 236 -30.85 0.11 23.96
C MET C 236 -30.72 -1.41 23.85
N CYS C 237 -29.92 -2.01 24.72
CA CYS C 237 -29.79 -3.48 24.88
C CYS C 237 -31.09 -4.01 25.52
N ASP C 238 -31.58 -5.18 25.08
CA ASP C 238 -32.84 -5.76 25.62
C ASP C 238 -32.72 -6.06 27.12
N LEU C 239 -31.51 -6.30 27.65
CA LEU C 239 -31.33 -6.52 29.09
C LEU C 239 -31.77 -5.26 29.85
N ASN C 240 -31.29 -4.12 29.40
CA ASN C 240 -31.60 -2.84 30.08
C ASN C 240 -33.09 -2.56 29.91
N ALA C 241 -33.63 -2.78 28.72
CA ALA C 241 -35.07 -2.57 28.45
C ALA C 241 -35.92 -3.37 29.44
N ALA C 242 -35.52 -4.58 29.84
CA ALA C 242 -36.27 -5.45 30.77
C ALA C 242 -36.23 -4.84 32.18
N PHE C 243 -35.06 -4.36 32.63
CA PHE C 243 -34.95 -3.76 33.98
C PHE C 243 -35.81 -2.49 34.05
N ILE C 244 -35.77 -1.65 33.01
CA ILE C 244 -36.52 -0.35 32.98
C ILE C 244 -38.01 -0.67 32.91
N LEU C 245 -38.43 -1.55 32.00
CA LEU C 245 -39.88 -1.91 31.86
C LEU C 245 -40.41 -2.45 33.18
N SER C 246 -39.72 -3.39 33.81
CA SER C 246 -40.08 -3.99 35.13
C SER C 246 -40.25 -2.87 36.18
N TYR C 247 -39.25 -1.97 36.32
CA TYR C 247 -39.32 -0.85 37.27
C TYR C 247 -40.59 -0.03 37.00
N LEU C 248 -40.85 0.30 35.72
CA LEU C 248 -41.96 1.19 35.34
C LEU C 248 -43.28 0.48 35.59
N GLN C 249 -43.35 -0.80 35.26
CA GLN C 249 -44.63 -1.56 35.45
C GLN C 249 -44.95 -1.52 36.94
N ASN C 250 -43.93 -1.67 37.78
CA ASN C 250 -44.14 -1.78 39.26
C ASN C 250 -44.34 -0.43 39.93
N ASN C 251 -43.95 0.71 39.33
CA ASN C 251 -43.81 1.95 40.15
C ASN C 251 -44.28 3.21 39.46
N TYR C 252 -44.53 3.23 38.15
CA TYR C 252 -44.62 4.53 37.44
C TYR C 252 -45.81 5.33 37.97
N LYS C 253 -46.92 4.68 38.35
CA LYS C 253 -48.12 5.47 38.77
C LYS C 253 -47.86 6.06 40.18
N LYS C 254 -47.23 5.30 41.06
CA LYS C 254 -46.90 5.77 42.43
C LYS C 254 -45.94 6.95 42.32
N ILE C 255 -45.01 6.87 41.37
CA ILE C 255 -44.00 7.96 41.17
C ILE C 255 -44.75 9.24 40.76
N ILE C 256 -45.61 9.16 39.75
CA ILE C 256 -46.35 10.35 39.28
C ILE C 256 -47.15 10.95 40.46
N ASN C 257 -47.87 10.10 41.16
CA ASN C 257 -48.81 10.57 42.21
C ASN C 257 -48.02 11.17 43.38
N ARG C 258 -47.00 10.48 43.86
CA ARG C 258 -46.25 10.92 45.05
C ARG C 258 -45.38 12.12 44.70
N HIS C 259 -44.73 12.13 43.53
CA HIS C 259 -43.96 13.33 43.14
C HIS C 259 -44.88 14.55 43.09
N SER C 260 -46.13 14.40 42.60
CA SER C 260 -47.13 15.49 42.56
C SER C 260 -47.44 15.93 44.00
N GLU C 261 -47.59 14.98 44.90
CA GLU C 261 -47.89 15.25 46.34
C GLU C 261 -46.75 16.03 47.00
N ILE C 262 -45.50 15.69 46.69
CA ILE C 262 -44.32 16.36 47.26
C ILE C 262 -44.30 17.81 46.77
N TYR C 263 -44.49 18.02 45.46
CA TYR C 263 -44.52 19.36 44.87
C TYR C 263 -45.61 20.16 45.61
N GLU C 264 -46.75 19.55 45.86
CA GLU C 264 -47.90 20.22 46.55
C GLU C 264 -47.45 20.77 47.91
N ILE C 265 -46.70 19.99 48.68
CA ILE C 265 -46.26 20.48 50.01
C ILE C 265 -45.36 21.70 49.83
N TYR C 266 -44.37 21.66 48.94
CA TYR C 266 -43.50 22.84 48.72
C TYR C 266 -44.33 24.04 48.26
N LYS C 267 -45.29 23.83 47.37
CA LYS C 267 -46.09 24.95 46.81
C LYS C 267 -46.85 25.65 47.94
N ASN C 268 -47.32 24.88 48.91
CA ASN C 268 -48.19 25.35 50.01
C ASN C 268 -47.39 25.78 51.24
N ASN C 269 -46.09 25.52 51.32
CA ASN C 269 -45.25 25.78 52.53
C ASN C 269 -44.01 26.56 52.14
N LEU C 270 -44.06 27.13 50.94
CA LEU C 270 -42.90 27.77 50.33
C LEU C 270 -42.19 28.65 51.34
N PRO C 271 -40.91 28.33 51.61
CA PRO C 271 -40.17 29.12 52.57
C PRO C 271 -40.06 30.56 52.08
N LYS C 272 -39.96 31.47 53.02
CA LYS C 272 -39.81 32.93 52.75
C LYS C 272 -38.58 33.10 51.84
N ARG C 273 -38.61 34.12 50.97
CA ARG C 273 -37.49 34.51 50.06
C ARG C 273 -37.08 33.37 49.10
N PHE C 274 -37.83 32.26 49.03
CA PHE C 274 -37.65 31.27 47.93
C PHE C 274 -38.87 31.36 46.98
N LYS C 275 -38.64 31.06 45.70
CA LYS C 275 -39.74 30.86 44.72
C LYS C 275 -39.56 29.49 44.09
N LEU C 276 -40.67 28.89 43.73
CA LEU C 276 -40.69 27.69 42.88
C LEU C 276 -40.03 28.02 41.54
N PHE C 277 -39.26 27.08 41.00
CA PHE C 277 -38.69 27.24 39.65
C PHE C 277 -39.83 27.60 38.69
N PRO C 278 -39.61 28.52 37.71
CA PRO C 278 -40.67 28.83 36.75
C PRO C 278 -41.20 27.57 36.07
N ASN C 279 -42.53 27.45 36.05
CA ASN C 279 -43.23 26.28 35.50
C ASN C 279 -44.56 26.77 34.90
N HIS C 280 -44.92 26.18 33.76
CA HIS C 280 -46.16 26.55 33.01
C HIS C 280 -47.20 25.42 32.96
N SER C 281 -47.04 24.32 33.68
CA SER C 281 -48.07 23.27 33.72
C SER C 281 -49.21 23.74 34.65
N LYS C 282 -50.47 23.44 34.32
CA LYS C 282 -51.62 23.87 35.16
C LYS C 282 -51.69 22.98 36.41
N LYS C 283 -51.36 21.70 36.29
CA LYS C 283 -51.32 20.78 37.44
C LYS C 283 -49.84 20.58 37.80
N ASN C 284 -49.59 20.07 38.99
CA ASN C 284 -48.21 20.00 39.53
C ASN C 284 -47.37 19.19 38.54
N PRO C 285 -46.12 19.62 38.27
CA PRO C 285 -45.21 18.83 37.46
C PRO C 285 -44.73 17.64 38.26
N VAL C 286 -44.19 16.66 37.55
CA VAL C 286 -43.55 15.50 38.16
C VAL C 286 -42.04 15.76 38.08
N CYS C 287 -41.40 16.07 39.20
CA CYS C 287 -40.03 16.64 39.21
C CYS C 287 -38.97 15.57 39.52
N SER C 288 -37.77 15.77 39.03
CA SER C 288 -36.59 14.90 39.30
C SER C 288 -35.92 15.39 40.60
N SER C 289 -36.10 16.65 40.91
CA SER C 289 -35.72 17.32 42.17
C SER C 289 -36.67 18.49 42.37
N ILE C 290 -36.82 18.96 43.59
CA ILE C 290 -37.60 20.21 43.84
C ILE C 290 -36.63 21.39 43.76
N CYS C 291 -36.81 22.20 42.73
CA CYS C 291 -35.94 23.33 42.37
C CYS C 291 -36.55 24.60 42.92
N LEU C 292 -35.90 25.24 43.87
CA LEU C 292 -36.31 26.56 44.41
C LEU C 292 -35.26 27.59 44.03
N LEU C 293 -35.67 28.84 43.87
CA LEU C 293 -34.72 29.94 43.62
C LEU C 293 -34.78 30.85 44.85
N PHE C 294 -33.64 31.03 45.51
CA PHE C 294 -33.44 32.02 46.59
C PHE C 294 -33.40 33.40 45.96
N ASP C 295 -33.68 34.42 46.76
CA ASP C 295 -33.81 35.78 46.18
C ASP C 295 -32.40 36.32 45.92
N LYS C 296 -31.32 35.66 46.39
CA LYS C 296 -29.94 36.13 46.08
C LYS C 296 -28.96 34.97 45.93
N PRO C 297 -27.80 35.21 45.27
CA PRO C 297 -26.78 34.15 45.14
C PRO C 297 -26.43 33.63 46.54
N PHE C 298 -26.25 32.31 46.68
CA PHE C 298 -25.74 31.71 47.92
C PHE C 298 -24.86 30.52 47.57
N ARG C 299 -24.09 30.07 48.58
CA ARG C 299 -23.22 28.87 48.51
C ARG C 299 -23.98 27.64 49.00
N LEU C 300 -23.93 26.59 48.21
CA LEU C 300 -24.55 25.31 48.53
C LEU C 300 -24.06 24.81 49.91
N ASP C 301 -22.81 25.11 50.31
CA ASP C 301 -22.25 24.52 51.54
C ASP C 301 -22.91 25.15 52.77
N LYS C 302 -23.78 26.18 52.64
CA LYS C 302 -24.57 26.76 53.76
C LYS C 302 -25.83 25.96 54.06
N ILE C 303 -26.19 25.02 53.20
CA ILE C 303 -27.43 24.21 53.36
C ILE C 303 -27.04 22.89 54.01
N PRO C 304 -27.53 22.60 55.22
CA PRO C 304 -26.99 21.49 56.01
C PRO C 304 -27.75 20.18 55.79
N PHE C 305 -28.18 19.91 54.57
CA PHE C 305 -28.82 18.63 54.19
C PHE C 305 -28.55 18.38 52.72
N LEU C 306 -28.82 17.16 52.26
CA LEU C 306 -28.50 16.70 50.90
C LEU C 306 -29.20 17.62 49.90
N SER C 307 -28.42 18.24 49.05
CA SER C 307 -28.90 19.27 48.10
C SER C 307 -27.84 19.51 47.02
N ARG C 308 -28.27 20.02 45.85
CA ARG C 308 -27.45 20.16 44.65
C ARG C 308 -27.83 21.49 43.96
N LYS C 309 -26.93 22.01 43.16
CA LYS C 309 -27.22 23.07 42.18
C LYS C 309 -27.05 22.46 40.79
N TYR C 310 -28.11 22.42 40.03
CA TYR C 310 -28.11 22.11 38.59
C TYR C 310 -28.70 23.34 37.92
N TYR C 311 -28.31 23.66 36.70
CA TYR C 311 -27.16 23.15 35.97
C TYR C 311 -26.07 24.20 36.01
N LYS C 312 -24.83 23.78 36.18
CA LYS C 312 -23.71 24.74 36.03
C LYS C 312 -23.76 25.21 34.59
N PRO C 313 -23.82 26.53 34.28
CA PRO C 313 -23.98 26.97 32.89
C PRO C 313 -22.87 26.39 31.99
N LEU C 314 -23.27 25.95 30.80
CA LEU C 314 -22.30 25.46 29.78
C LEU C 314 -21.41 26.63 29.34
N ASP C 315 -21.98 27.83 29.31
CA ASP C 315 -21.22 29.06 29.03
C ASP C 315 -21.43 29.97 30.24
N LEU C 316 -20.39 30.15 31.04
CA LEU C 316 -20.50 30.85 32.35
C LEU C 316 -20.69 32.35 32.15
N SER C 317 -20.46 32.84 30.94
CA SER C 317 -20.71 34.24 30.55
C SER C 317 -22.21 34.53 30.31
N SER C 318 -23.08 33.54 30.30
CA SER C 318 -24.56 33.69 30.12
C SER C 318 -25.17 34.15 31.45
N PRO C 319 -25.54 35.45 31.62
CA PRO C 319 -25.82 36.01 32.95
C PRO C 319 -27.10 35.49 33.62
N VAL C 320 -28.20 35.28 32.90
CA VAL C 320 -29.42 34.70 33.52
C VAL C 320 -29.12 33.27 34.00
N SER C 321 -28.48 32.48 33.14
CA SER C 321 -28.10 31.10 33.46
C SER C 321 -27.22 31.13 34.73
N LEU C 322 -26.22 32.00 34.78
CA LEU C 322 -25.33 32.06 35.96
C LEU C 322 -26.14 32.47 37.20
N ASP C 323 -27.02 33.47 37.05
CA ASP C 323 -27.86 33.94 38.18
C ASP C 323 -28.73 32.80 38.72
N PHE C 324 -29.41 32.07 37.84
CA PHE C 324 -30.19 30.87 38.19
C PHE C 324 -29.32 29.86 38.97
N TYR C 325 -28.15 29.55 38.45
CA TYR C 325 -27.24 28.56 39.10
C TYR C 325 -26.88 29.03 40.50
N GLN C 326 -26.57 30.31 40.66
CA GLN C 326 -26.14 30.88 41.96
C GLN C 326 -27.31 30.94 42.94
N ARG C 327 -28.54 31.12 42.44
CA ARG C 327 -29.73 31.22 43.32
C ARG C 327 -30.44 29.89 43.52
N ILE C 328 -30.16 28.86 42.74
CA ILE C 328 -31.01 27.64 42.77
C ILE C 328 -30.64 26.77 43.98
N LEU C 329 -31.62 26.03 44.42
CA LEU C 329 -31.44 24.91 45.39
C LEU C 329 -32.27 23.74 44.89
N CYS C 330 -31.63 22.63 44.57
CA CYS C 330 -32.30 21.40 44.08
C CYS C 330 -32.36 20.43 45.25
N ILE C 331 -33.55 20.03 45.63
CA ILE C 331 -33.86 19.28 46.87
C ILE C 331 -34.29 17.91 46.41
N PRO C 332 -33.83 16.85 47.09
CA PRO C 332 -34.30 15.52 46.75
C PRO C 332 -35.81 15.46 46.64
N CYS C 333 -36.27 14.63 45.70
CA CYS C 333 -37.70 14.37 45.38
C CYS C 333 -37.81 12.93 44.91
N ASN C 334 -38.34 12.05 45.75
CA ASN C 334 -38.46 10.63 45.42
C ASN C 334 -39.47 10.01 46.37
N ILE C 335 -39.86 8.78 46.05
CA ILE C 335 -40.98 8.07 46.74
C ILE C 335 -40.53 7.50 48.08
N ASP C 336 -39.26 7.61 48.48
CA ASP C 336 -38.80 7.20 49.84
C ASP C 336 -38.94 8.35 50.86
N LEU C 337 -39.07 9.59 50.38
CA LEU C 337 -39.12 10.80 51.24
C LEU C 337 -40.45 10.84 51.98
N THR C 338 -40.39 11.14 53.28
CA THR C 338 -41.61 11.28 54.09
C THR C 338 -42.01 12.76 54.14
N ASP C 339 -43.30 12.99 54.42
CA ASP C 339 -43.82 14.38 54.65
C ASP C 339 -43.09 14.99 55.85
N ARG C 340 -42.74 14.18 56.84
CA ARG C 340 -41.95 14.63 58.01
C ARG C 340 -40.65 15.26 57.52
N GLN C 341 -39.92 14.58 56.64
CA GLN C 341 -38.64 15.06 56.09
C GLN C 341 -38.88 16.38 55.35
N ILE C 342 -39.98 16.46 54.61
CA ILE C 342 -40.23 17.65 53.75
C ILE C 342 -40.50 18.87 54.65
N TYR C 343 -41.35 18.71 55.66
CA TYR C 343 -41.61 19.83 56.59
C TYR C 343 -40.32 20.18 57.34
N GLU C 344 -39.48 19.17 57.66
CA GLU C 344 -38.18 19.46 58.31
C GLU C 344 -37.29 20.28 57.35
N ILE C 345 -37.21 19.88 56.08
CA ILE C 345 -36.45 20.64 55.04
C ILE C 345 -36.96 22.08 55.02
N ILE C 346 -38.26 22.26 55.01
CA ILE C 346 -38.84 23.61 54.93
C ILE C 346 -38.43 24.40 56.17
N GLY C 347 -38.41 23.77 57.34
CA GLY C 347 -37.99 24.48 58.57
C GLY C 347 -36.56 25.01 58.43
N VAL C 348 -35.67 24.19 57.90
CA VAL C 348 -34.24 24.53 57.72
C VAL C 348 -34.12 25.67 56.72
N LEU C 349 -34.89 25.62 55.64
CA LEU C 349 -34.83 26.69 54.63
C LEU C 349 -35.33 28.00 55.24
N ASN C 350 -36.36 27.97 56.06
CA ASN C 350 -36.85 29.18 56.78
C ASN C 350 -35.75 29.72 57.71
N GLU C 351 -35.02 28.85 58.41
CA GLU C 351 -33.87 29.29 59.26
C GLU C 351 -32.76 29.88 58.38
N PHE C 352 -32.47 29.26 57.24
CA PHE C 352 -31.45 29.77 56.29
C PHE C 352 -31.84 31.17 55.81
N ALA C 353 -33.10 31.34 55.41
CA ALA C 353 -33.66 32.61 54.91
C ALA C 353 -33.49 33.71 55.98
N ASP C 354 -33.68 33.33 57.24
CA ASP C 354 -33.63 34.21 58.43
C ASP C 354 -32.22 34.77 58.62
N LYS C 355 -31.18 33.98 58.34
CA LYS C 355 -29.76 34.28 58.65
C LYS C 355 -28.99 34.76 57.41
N ASN C 356 -29.59 34.75 56.22
CA ASN C 356 -28.89 35.12 54.97
C ASN C 356 -29.69 36.19 54.23
N GLY D 6 -26.61 -31.80 11.36
CA GLY D 6 -26.17 -31.30 10.02
C GLY D 6 -25.94 -29.81 10.09
N LEU D 7 -25.94 -29.13 8.93
CA LEU D 7 -25.57 -27.70 8.85
C LEU D 7 -26.79 -26.79 8.99
N GLU D 8 -28.00 -27.36 9.04
CA GLU D 8 -29.27 -26.64 9.30
C GLU D 8 -29.20 -25.98 10.69
N LYS D 9 -28.51 -26.64 11.63
CA LYS D 9 -28.43 -26.29 13.07
C LYS D 9 -27.31 -25.27 13.35
N LEU D 10 -26.53 -24.83 12.35
CA LEU D 10 -25.46 -23.82 12.56
C LEU D 10 -26.09 -22.53 13.08
N THR D 11 -25.53 -21.94 14.13
CA THR D 11 -25.81 -20.55 14.54
C THR D 11 -24.49 -19.78 14.53
N TRP D 12 -24.54 -18.45 14.34
CA TRP D 12 -23.35 -17.56 14.36
C TRP D 12 -22.72 -17.58 15.76
N VAL D 13 -23.56 -17.43 16.78
CA VAL D 13 -23.21 -17.30 18.21
C VAL D 13 -23.59 -18.61 18.90
N SER D 14 -22.82 -19.02 19.91
CA SER D 14 -23.26 -20.10 20.83
C SER D 14 -24.53 -19.62 21.54
N GLU D 15 -25.38 -20.54 21.93
CA GLU D 15 -26.49 -20.23 22.86
C GLU D 15 -25.90 -19.62 24.13
N LYS D 16 -26.35 -18.42 24.49
CA LYS D 16 -25.94 -17.79 25.77
C LYS D 16 -27.19 -17.54 26.61
N LYS D 17 -27.10 -17.89 27.90
CA LYS D 17 -28.15 -17.63 28.91
C LYS D 17 -27.51 -17.21 30.22
N PRO D 18 -28.13 -16.27 30.95
CA PRO D 18 -27.62 -15.86 32.24
C PRO D 18 -27.54 -17.06 33.19
N ASP D 19 -26.45 -17.12 33.94
CA ASP D 19 -26.36 -17.87 35.22
C ASP D 19 -27.04 -16.98 36.26
N TRP D 20 -28.35 -17.13 36.43
CA TRP D 20 -29.16 -16.13 37.19
C TRP D 20 -28.62 -16.03 38.61
N SER D 21 -28.31 -17.17 39.24
CA SER D 21 -27.83 -17.24 40.64
C SER D 21 -26.58 -16.34 40.73
N ASN D 22 -25.67 -16.47 39.79
CA ASN D 22 -24.39 -15.71 39.76
C ASN D 22 -24.64 -14.24 39.42
N VAL D 23 -25.45 -13.96 38.41
CA VAL D 23 -25.83 -12.56 38.04
C VAL D 23 -26.50 -11.87 39.24
N GLN D 24 -27.42 -12.55 39.93
CA GLN D 24 -28.11 -11.97 41.12
C GLN D 24 -27.12 -11.74 42.26
N LYS D 25 -26.13 -12.63 42.46
CA LYS D 25 -25.12 -12.50 43.53
C LYS D 25 -24.31 -11.23 43.24
N LEU D 26 -23.93 -11.03 41.98
CA LEU D 26 -23.11 -9.87 41.54
C LEU D 26 -23.93 -8.62 41.77
N ILE D 27 -25.17 -8.62 41.28
CA ILE D 27 -26.00 -7.38 41.28
C ILE D 27 -26.49 -7.10 42.70
N ALA D 28 -26.43 -8.05 43.63
CA ALA D 28 -26.68 -7.80 45.07
C ALA D 28 -25.84 -6.60 45.56
N ALA D 29 -24.61 -6.40 45.10
CA ALA D 29 -23.75 -5.27 45.53
C ALA D 29 -24.40 -3.92 45.13
N CYS D 30 -24.95 -3.84 43.91
CA CYS D 30 -25.73 -2.67 43.42
C CYS D 30 -26.95 -2.47 44.32
N GLU D 31 -27.67 -3.54 44.65
CA GLU D 31 -28.91 -3.44 45.44
C GLU D 31 -28.59 -2.87 46.83
N ALA D 32 -27.46 -3.29 47.39
CA ALA D 32 -27.04 -2.88 48.74
C ALA D 32 -26.83 -1.35 48.78
N THR D 33 -26.31 -0.75 47.72
CA THR D 33 -25.86 0.66 47.74
C THR D 33 -26.75 1.53 46.84
N ASN D 34 -27.66 0.91 46.11
CA ASN D 34 -28.51 1.58 45.08
C ASN D 34 -27.62 2.20 44.00
N GLN D 35 -26.41 1.70 43.80
CA GLN D 35 -25.49 2.16 42.75
C GLN D 35 -25.52 1.15 41.59
N TYR D 36 -26.15 1.53 40.47
CA TYR D 36 -26.24 0.65 39.29
C TYR D 36 -25.54 1.25 38.09
N THR D 37 -25.01 2.46 38.21
CA THR D 37 -24.23 3.12 37.13
C THR D 37 -23.38 4.23 37.77
N ASN D 38 -22.73 5.03 36.95
CA ASN D 38 -21.75 6.08 37.35
C ASN D 38 -20.67 5.39 38.18
N ILE D 39 -20.28 4.20 37.73
CA ILE D 39 -19.16 3.40 38.29
C ILE D 39 -19.55 2.85 39.64
N GLY D 40 -20.48 1.89 39.57
CA GLY D 40 -20.98 1.10 40.69
C GLY D 40 -19.93 0.06 41.08
N PRO D 41 -20.35 -0.89 41.93
CA PRO D 41 -19.41 -1.87 42.50
C PRO D 41 -19.02 -3.03 41.56
N ILE D 42 -19.65 -3.16 40.38
CA ILE D 42 -19.32 -4.27 39.41
C ILE D 42 -18.20 -3.84 38.45
N ILE D 43 -18.07 -2.54 38.13
CA ILE D 43 -17.13 -2.07 37.08
C ILE D 43 -15.71 -2.55 37.39
N SER D 44 -15.23 -2.32 38.62
CA SER D 44 -13.86 -2.71 39.04
C SER D 44 -13.73 -4.25 38.93
N GLN D 45 -14.79 -4.98 39.25
CA GLN D 45 -14.75 -6.47 39.21
C GLN D 45 -14.56 -6.95 37.76
N LEU D 46 -15.29 -6.39 36.80
CA LEU D 46 -15.14 -6.75 35.39
C LEU D 46 -13.78 -6.26 34.88
N GLU D 47 -13.33 -5.03 35.21
CA GLU D 47 -12.06 -4.54 34.64
C GLU D 47 -10.93 -5.45 35.16
N SER D 48 -10.99 -5.84 36.43
CA SER D 48 -10.02 -6.74 37.14
C SER D 48 -10.02 -8.09 36.42
N PHE D 49 -11.22 -8.62 36.16
CA PHE D 49 -11.32 -9.95 35.51
C PHE D 49 -10.71 -9.90 34.10
N ILE D 50 -11.01 -8.85 33.33
CA ILE D 50 -10.46 -8.69 31.97
C ILE D 50 -8.92 -8.68 32.08
N ARG D 51 -8.38 -7.82 32.94
CA ARG D 51 -6.90 -7.66 33.06
C ARG D 51 -6.26 -9.04 33.30
N ASP D 52 -6.80 -9.78 34.27
CA ASP D 52 -6.22 -11.01 34.86
C ASP D 52 -6.45 -12.18 33.88
N SER D 53 -7.58 -12.19 33.17
CA SER D 53 -8.01 -13.31 32.31
C SER D 53 -7.45 -13.13 30.90
N PHE D 54 -7.45 -11.91 30.37
CA PHE D 54 -6.95 -11.63 29.02
C PHE D 54 -5.44 -11.30 29.07
N LEU D 55 -4.85 -11.24 30.27
CA LEU D 55 -3.39 -10.97 30.51
C LEU D 55 -3.03 -9.59 29.93
N ILE D 56 -3.66 -8.55 30.48
CA ILE D 56 -3.35 -7.15 30.07
C ILE D 56 -2.17 -6.68 30.93
N GLU D 57 -1.23 -5.98 30.32
CA GLU D 57 0.03 -5.51 30.97
C GLU D 57 -0.29 -4.38 31.95
N GLU D 58 0.48 -4.28 33.02
CA GLU D 58 0.34 -3.24 34.08
C GLU D 58 0.42 -1.82 33.48
N SER D 59 1.06 -1.62 32.33
CA SER D 59 1.30 -0.31 31.65
C SER D 59 0.01 0.23 31.02
N LYS D 60 -1.02 -0.61 31.01
CA LYS D 60 -2.33 -0.37 30.35
C LYS D 60 -3.44 -0.29 31.38
N ALA D 61 -4.37 0.66 31.18
CA ALA D 61 -5.66 0.71 31.88
C ALA D 61 -6.62 -0.23 31.14
N VAL D 62 -7.54 -0.79 31.89
CA VAL D 62 -8.75 -1.53 31.42
C VAL D 62 -9.97 -0.67 31.81
N ILE D 63 -10.62 -0.11 30.81
CA ILE D 63 -11.79 0.79 31.00
C ILE D 63 -13.00 0.27 30.22
N VAL D 64 -14.01 -0.22 30.92
CA VAL D 64 -15.21 -0.74 30.22
C VAL D 64 -16.09 0.43 29.81
N THR D 65 -16.83 0.23 28.73
CA THR D 65 -17.71 1.24 28.12
C THR D 65 -19.02 0.55 27.69
N SER D 66 -19.99 1.33 27.23
CA SER D 66 -21.34 0.82 26.89
C SER D 66 -21.26 -0.15 25.69
N ASN D 67 -20.38 0.06 24.74
CA ASN D 67 -20.22 -0.89 23.60
C ASN D 67 -18.83 -0.76 22.99
N GLY D 68 -18.47 -1.62 22.06
CA GLY D 68 -17.18 -1.47 21.37
C GLY D 68 -17.04 -0.14 20.66
N THR D 69 -18.10 0.34 20.02
CA THR D 69 -18.10 1.64 19.34
C THR D 69 -17.79 2.76 20.36
N SER D 70 -18.40 2.73 21.52
CA SER D 70 -18.18 3.79 22.54
C SER D 70 -16.79 3.60 23.19
N ALA D 71 -16.26 2.38 23.18
CA ALA D 71 -14.84 2.20 23.59
C ALA D 71 -14.00 3.03 22.62
N LEU D 72 -14.16 2.87 21.30
CA LEU D 72 -13.34 3.60 20.34
C LEU D 72 -13.59 5.09 20.49
N HIS D 73 -14.86 5.50 20.62
CA HIS D 73 -15.16 6.95 20.62
C HIS D 73 -14.66 7.60 21.93
N ALA D 74 -14.83 6.95 23.07
CA ALA D 74 -14.36 7.46 24.39
C ALA D 74 -12.85 7.51 24.39
N LEU D 75 -12.20 6.53 23.74
CA LEU D 75 -10.72 6.50 23.65
C LEU D 75 -10.27 7.79 22.94
N VAL D 76 -10.84 8.11 21.78
CA VAL D 76 -10.44 9.24 20.91
C VAL D 76 -10.84 10.53 21.63
N GLY D 77 -12.05 10.54 22.20
CA GLY D 77 -12.58 11.76 22.88
C GLY D 77 -11.70 12.12 24.05
N GLY D 78 -11.31 11.12 24.84
CA GLY D 78 -10.44 11.31 26.00
C GLY D 78 -9.07 11.84 25.60
N ILE D 79 -8.47 11.30 24.54
CA ILE D 79 -7.15 11.80 24.10
C ILE D 79 -7.32 13.18 23.48
N ASN D 80 -8.38 13.44 22.72
CA ASN D 80 -8.65 14.82 22.21
C ASN D 80 -8.64 15.80 23.41
N ARG D 81 -9.32 15.42 24.48
CA ARG D 81 -9.50 16.32 25.66
C ARG D 81 -8.12 16.57 26.28
N GLN D 82 -7.34 15.51 26.40
CA GLN D 82 -6.00 15.59 27.05
C GLN D 82 -5.07 16.47 26.22
N LEU D 83 -5.04 16.31 24.90
CA LEU D 83 -4.09 17.04 24.00
C LEU D 83 -4.61 18.43 23.60
N GLY D 84 -5.89 18.71 23.80
CA GLY D 84 -6.47 20.02 23.50
C GLY D 84 -6.69 20.25 22.02
N ARG D 85 -6.93 19.20 21.23
CA ARG D 85 -7.36 19.39 19.81
C ARG D 85 -8.11 18.14 19.35
N GLU D 86 -8.84 18.30 18.25
CA GLU D 86 -9.64 17.22 17.63
C GLU D 86 -8.72 16.43 16.71
N LEU D 87 -8.25 15.27 17.15
CA LEU D 87 -7.23 14.46 16.44
C LEU D 87 -7.80 13.87 15.15
N LYS D 88 -7.00 13.95 14.08
CA LYS D 88 -7.31 13.40 12.75
C LYS D 88 -6.75 11.97 12.70
N PHE D 89 -7.63 10.99 12.63
CA PHE D 89 -7.23 9.59 12.43
C PHE D 89 -7.46 9.13 11.00
N VAL D 90 -6.62 8.15 10.62
CA VAL D 90 -6.74 7.34 9.39
C VAL D 90 -7.21 5.97 9.84
N THR D 91 -8.20 5.39 9.15
CA THR D 91 -8.69 4.03 9.39
C THR D 91 -8.63 3.29 8.05
N GLN D 92 -8.69 1.96 8.10
CA GLN D 92 -8.67 1.12 6.88
C GLN D 92 -10.09 0.94 6.36
N SER D 93 -10.19 0.70 5.05
CA SER D 93 -11.51 0.59 4.39
C SER D 93 -12.18 -0.73 4.81
N PHE D 94 -11.39 -1.77 5.05
CA PHE D 94 -11.85 -3.13 5.41
C PHE D 94 -12.02 -3.16 6.92
N THR D 95 -13.12 -2.57 7.39
CA THR D 95 -13.43 -2.55 8.83
C THR D 95 -14.90 -2.16 9.03
N PHE D 96 -15.30 -2.15 10.29
CA PHE D 96 -16.67 -1.77 10.71
C PHE D 96 -16.79 -0.23 10.75
N PRO D 97 -17.99 0.34 10.46
CA PRO D 97 -18.19 1.79 10.47
C PRO D 97 -17.77 2.61 11.71
N SER D 98 -17.62 1.96 12.86
CA SER D 98 -17.33 2.63 14.17
C SER D 98 -16.17 3.60 14.03
N SER D 99 -15.14 3.26 13.24
CA SER D 99 -13.93 4.10 13.10
C SER D 99 -14.12 5.21 12.06
N ASN D 100 -15.34 5.45 11.57
CA ASN D 100 -15.71 6.64 10.74
C ASN D 100 -16.97 7.31 11.32
N GLN D 101 -17.12 7.28 12.64
CA GLN D 101 -18.35 7.79 13.32
C GLN D 101 -17.93 8.52 14.59
N GLY D 102 -18.83 9.30 15.17
CA GLY D 102 -18.55 9.99 16.44
C GLY D 102 -17.39 10.96 16.26
N PRO D 103 -16.40 10.97 17.17
CA PRO D 103 -15.25 11.86 16.99
C PRO D 103 -14.35 11.45 15.81
N LEU D 104 -14.69 10.32 15.18
CA LEU D 104 -14.01 9.81 13.96
C LEU D 104 -14.88 10.02 12.71
N LYS D 105 -15.96 10.82 12.77
CA LYS D 105 -16.89 10.94 11.62
C LYS D 105 -16.18 11.53 10.40
N ASP D 106 -15.05 12.24 10.60
CA ASP D 106 -14.25 12.84 9.49
C ASP D 106 -12.87 12.18 9.41
N SER D 107 -12.72 10.94 9.89
CA SER D 107 -11.47 10.14 9.77
C SER D 107 -11.22 9.93 8.27
N ILE D 108 -9.96 9.72 7.92
CA ILE D 108 -9.53 9.48 6.51
C ILE D 108 -9.55 7.96 6.30
N ILE D 109 -10.14 7.50 5.18
CA ILE D 109 -10.19 6.04 4.90
C ILE D 109 -9.15 5.71 3.81
N VAL D 110 -8.31 4.72 4.09
CA VAL D 110 -7.33 4.23 3.09
C VAL D 110 -7.44 2.71 3.02
N ASP D 111 -6.78 2.12 2.01
CA ASP D 111 -6.92 0.69 1.73
C ASP D 111 -6.12 -0.10 2.75
N ILE D 112 -6.43 -1.39 2.81
CA ILE D 112 -5.56 -2.39 3.45
C ILE D 112 -4.50 -2.77 2.43
N ASP D 113 -3.45 -3.40 2.93
CA ASP D 113 -2.51 -4.23 2.13
C ASP D 113 -2.92 -5.71 2.28
N GLU D 114 -2.22 -6.63 1.62
CA GLU D 114 -2.65 -8.05 1.50
C GLU D 114 -2.41 -8.79 2.81
N ASP D 115 -1.83 -8.13 3.82
CA ASP D 115 -1.65 -8.75 5.16
C ASP D 115 -2.83 -8.41 6.10
N GLY D 116 -3.80 -7.61 5.62
CA GLY D 116 -5.14 -7.45 6.26
C GLY D 116 -5.28 -6.18 7.07
N GLY D 117 -4.24 -5.33 7.08
CA GLY D 117 -4.14 -4.08 7.85
C GLY D 117 -3.99 -2.87 6.95
N LEU D 118 -4.35 -1.69 7.46
CA LEU D 118 -4.07 -0.35 6.88
C LEU D 118 -2.73 -0.33 6.15
N ASP D 119 -2.75 0.10 4.89
CA ASP D 119 -1.56 0.14 4.00
C ASP D 119 -0.78 1.40 4.33
N LEU D 120 0.38 1.27 4.99
CA LEU D 120 1.23 2.41 5.45
C LEU D 120 1.77 3.22 4.27
N ASN D 121 1.81 2.66 3.06
CA ASN D 121 2.18 3.40 1.81
C ASN D 121 1.07 4.38 1.42
N ALA D 122 -0.15 4.20 1.93
CA ALA D 122 -1.34 5.04 1.63
C ALA D 122 -1.26 6.40 2.32
N VAL D 123 -0.55 6.51 3.45
CA VAL D 123 -0.65 7.70 4.35
C VAL D 123 0.49 8.69 4.10
N LYS D 124 1.08 8.73 2.90
CA LYS D 124 2.39 9.41 2.69
C LYS D 124 2.21 10.90 2.42
N ASN D 125 1.25 11.32 1.60
CA ASN D 125 1.00 12.76 1.33
C ASN D 125 -0.19 13.25 2.19
N ILE D 126 -0.38 12.70 3.39
CA ILE D 126 -1.60 12.96 4.22
C ILE D 126 -1.18 13.64 5.52
N GLU D 127 -1.93 14.66 5.96
CA GLU D 127 -1.83 15.22 7.34
C GLU D 127 -2.79 14.45 8.26
N TYR D 128 -2.26 13.91 9.35
CA TYR D 128 -3.01 13.09 10.34
C TYR D 128 -2.20 12.97 11.62
N ASP D 129 -2.87 12.66 12.74
CA ASP D 129 -2.30 12.56 14.09
C ASP D 129 -2.12 11.10 14.48
N GLY D 130 -2.91 10.19 13.88
CA GLY D 130 -2.97 8.80 14.31
C GLY D 130 -3.61 7.89 13.27
N ILE D 131 -3.45 6.60 13.50
CA ILE D 131 -4.01 5.52 12.64
C ILE D 131 -4.75 4.52 13.54
N ILE D 132 -5.78 3.93 12.95
CA ILE D 132 -6.59 2.85 13.54
C ILE D 132 -6.42 1.63 12.62
N VAL D 133 -5.85 0.56 13.15
CA VAL D 133 -5.61 -0.72 12.42
C VAL D 133 -6.54 -1.80 12.98
N THR D 134 -7.32 -2.47 12.11
CA THR D 134 -8.26 -3.52 12.54
C THR D 134 -7.62 -4.90 12.40
N ASN D 135 -7.54 -5.64 13.52
CA ASN D 135 -7.17 -7.09 13.59
C ASN D 135 -8.46 -7.89 13.36
N ILE D 136 -8.62 -8.39 12.13
CA ILE D 136 -9.93 -8.88 11.58
C ILE D 136 -10.29 -10.21 12.25
N HIS D 137 -11.39 -10.24 13.00
CA HIS D 137 -12.08 -11.48 13.41
C HIS D 137 -11.16 -12.40 14.23
N GLY D 138 -10.17 -11.81 14.91
CA GLY D 138 -9.32 -12.54 15.87
C GLY D 138 -7.92 -12.74 15.30
N ASN D 139 -7.80 -12.50 14.00
CA ASN D 139 -6.53 -12.55 13.24
C ASN D 139 -5.79 -11.26 13.57
N VAL D 140 -4.46 -11.30 13.55
CA VAL D 140 -3.59 -10.12 13.84
C VAL D 140 -2.69 -9.82 12.64
N VAL D 141 -2.58 -8.52 12.32
CA VAL D 141 -1.59 -7.98 11.36
C VAL D 141 -0.17 -8.13 11.93
N ASP D 142 0.82 -7.73 11.11
CA ASP D 142 2.24 -7.63 11.55
C ASP D 142 2.33 -6.36 12.40
N ILE D 143 1.90 -6.50 13.64
CA ILE D 143 1.64 -5.37 14.58
C ILE D 143 2.88 -4.46 14.66
N ASN D 144 4.09 -5.06 14.80
CA ASN D 144 5.31 -4.27 15.12
C ASN D 144 5.66 -3.34 13.95
N LYS D 145 5.24 -3.64 12.72
CA LYS D 145 5.49 -2.73 11.55
C LYS D 145 4.70 -1.42 11.75
N TYR D 146 3.56 -1.51 12.44
CA TYR D 146 2.66 -0.35 12.69
C TYR D 146 3.24 0.47 13.84
N VAL D 147 3.61 -0.22 14.91
CA VAL D 147 4.28 0.35 16.12
C VAL D 147 5.49 1.20 15.65
N ASP D 148 6.35 0.56 14.86
CA ASP D 148 7.61 1.16 14.38
C ASP D 148 7.29 2.37 13.48
N PHE D 149 6.37 2.24 12.54
CA PHE D 149 5.98 3.35 11.63
C PHE D 149 5.48 4.53 12.49
N CYS D 150 4.69 4.24 13.53
CA CYS D 150 4.01 5.28 14.35
C CYS D 150 5.07 5.97 15.21
N MET D 151 6.07 5.22 15.70
CA MET D 151 7.28 5.75 16.39
C MET D 151 8.08 6.66 15.45
N ASN D 152 8.42 6.18 14.25
CA ASN D 152 9.22 6.96 13.27
C ASN D 152 8.53 8.29 12.96
N HIS D 153 7.19 8.31 12.85
CA HIS D 153 6.44 9.48 12.30
C HIS D 153 5.70 10.25 13.41
N ASN D 154 5.88 9.86 14.66
CA ASN D 154 5.27 10.51 15.85
C ASN D 154 3.74 10.59 15.64
N LYS D 155 3.14 9.42 15.46
CA LYS D 155 1.68 9.23 15.24
C LYS D 155 1.15 8.31 16.34
N LEU D 156 -0.09 8.54 16.80
CA LEU D 156 -0.81 7.63 17.72
C LEU D 156 -1.28 6.39 16.95
N LEU D 157 -1.21 5.24 17.59
CA LEU D 157 -1.64 3.94 17.02
C LEU D 157 -2.72 3.34 17.93
N ILE D 158 -3.88 3.07 17.34
CA ILE D 158 -4.99 2.35 18.00
C ILE D 158 -5.24 1.08 17.20
N PHE D 159 -5.40 -0.07 17.86
CA PHE D 159 -5.85 -1.35 17.24
C PHE D 159 -7.33 -1.53 17.54
N ASP D 160 -8.13 -1.70 16.49
CA ASP D 160 -9.53 -2.14 16.67
C ASP D 160 -9.53 -3.67 16.82
N ASN D 161 -9.56 -4.11 18.05
CA ASN D 161 -9.60 -5.53 18.47
C ASN D 161 -11.02 -5.87 18.89
N ALA D 162 -12.02 -5.22 18.28
CA ALA D 162 -13.45 -5.45 18.60
C ALA D 162 -13.74 -6.96 18.62
N ALA D 163 -13.22 -7.68 17.64
CA ALA D 163 -13.42 -9.14 17.48
C ALA D 163 -12.16 -9.96 17.84
N THR D 164 -11.19 -9.34 18.50
CA THR D 164 -9.83 -9.90 18.72
C THR D 164 -9.44 -9.71 20.18
N GLY D 165 -10.14 -10.40 21.08
CA GLY D 165 -9.91 -10.33 22.55
C GLY D 165 -8.74 -11.17 23.03
N TYR D 166 -8.41 -12.31 22.40
CA TYR D 166 -7.41 -13.27 22.95
C TYR D 166 -6.58 -13.86 21.81
N THR D 167 -5.94 -13.01 21.01
CA THR D 167 -4.90 -13.45 20.04
C THR D 167 -3.55 -12.86 20.45
N PHE D 168 -2.54 -13.72 20.56
CA PHE D 168 -1.21 -13.34 21.13
CA PHE D 168 -1.22 -13.34 21.13
C PHE D 168 -0.22 -13.10 19.99
N TYR D 169 0.54 -12.00 20.10
CA TYR D 169 1.58 -11.57 19.13
C TYR D 169 2.90 -11.44 19.89
N LEU D 170 3.92 -12.19 19.47
CA LEU D 170 5.24 -12.24 20.15
C LEU D 170 5.05 -12.29 21.66
N GLY D 171 4.19 -13.19 22.16
CA GLY D 171 4.16 -13.64 23.56
C GLY D 171 3.27 -12.81 24.47
N LYS D 172 2.56 -11.80 23.95
CA LYS D 172 1.53 -11.15 24.81
C LYS D 172 0.27 -10.87 23.97
N ASN D 173 -0.85 -10.76 24.67
CA ASN D 173 -2.19 -10.40 24.10
C ASN D 173 -1.99 -9.21 23.16
N SER D 174 -2.46 -9.29 21.91
CA SER D 174 -2.35 -8.26 20.86
C SER D 174 -2.92 -6.91 21.35
N CYS D 175 -3.78 -6.95 22.37
CA CYS D 175 -4.45 -5.75 22.92
C CYS D 175 -3.40 -4.87 23.62
N ASN D 176 -2.21 -5.43 23.90
CA ASN D 176 -1.14 -4.71 24.64
C ASN D 176 -0.28 -3.84 23.72
N TYR D 177 -0.50 -3.84 22.41
CA TYR D 177 0.31 -3.10 21.44
C TYR D 177 -0.40 -1.81 21.03
N GLY D 178 0.34 -0.90 20.40
CA GLY D 178 -0.14 0.45 20.04
C GLY D 178 -0.34 1.23 21.34
N HIS D 179 -0.74 2.48 21.24
CA HIS D 179 -1.09 3.27 22.45
C HIS D 179 -2.33 2.68 23.10
N ALA D 180 -3.18 2.03 22.31
CA ALA D 180 -4.47 1.53 22.83
C ALA D 180 -5.07 0.48 21.89
N SER D 181 -5.92 -0.35 22.44
CA SER D 181 -6.84 -1.21 21.66
C SER D 181 -8.23 -1.14 22.28
N ILE D 182 -9.22 -1.54 21.49
CA ILE D 182 -10.61 -1.68 21.98
C ILE D 182 -11.07 -3.11 21.67
N ILE D 183 -11.88 -3.64 22.54
CA ILE D 183 -12.62 -4.91 22.36
C ILE D 183 -14.12 -4.68 22.49
N SER D 184 -14.92 -5.55 21.89
CA SER D 184 -16.39 -5.52 21.92
C SER D 184 -16.88 -6.74 22.69
N PHE D 185 -17.82 -6.53 23.60
CA PHE D 185 -18.62 -7.56 24.29
C PHE D 185 -20.04 -7.61 23.75
N HIS D 186 -20.25 -7.17 22.51
CA HIS D 186 -21.52 -7.36 21.79
C HIS D 186 -21.88 -8.85 21.79
N HIS D 187 -23.15 -9.19 21.83
CA HIS D 187 -23.60 -10.61 21.92
C HIS D 187 -23.02 -11.47 20.78
N THR D 188 -22.78 -10.89 19.62
CA THR D 188 -22.31 -11.57 18.40
C THR D 188 -20.85 -11.97 18.53
N LYS D 189 -20.15 -11.55 19.58
CA LYS D 189 -18.70 -11.82 19.74
C LYS D 189 -18.48 -12.98 20.69
N PRO D 190 -17.35 -13.68 20.58
CA PRO D 190 -17.12 -14.83 21.45
C PRO D 190 -17.32 -14.53 22.93
N PHE D 191 -16.71 -13.42 23.39
CA PHE D 191 -16.66 -13.06 24.82
C PHE D 191 -17.88 -12.20 25.20
N GLY D 192 -18.73 -11.85 24.24
CA GLY D 192 -19.82 -10.89 24.46
C GLY D 192 -21.07 -11.46 25.11
N PHE D 193 -21.82 -10.57 25.71
CA PHE D 193 -23.17 -10.85 26.27
C PHE D 193 -23.93 -9.54 26.27
N GLY D 194 -24.91 -9.42 25.38
CA GLY D 194 -25.71 -8.20 25.22
C GLY D 194 -24.92 -7.14 24.47
N GLU D 195 -24.54 -6.08 25.21
CA GLU D 195 -23.74 -4.94 24.71
C GLU D 195 -22.61 -4.64 25.71
N GLY D 196 -21.44 -4.30 25.21
CA GLY D 196 -20.36 -3.84 26.11
C GLY D 196 -19.10 -3.59 25.34
N GLY D 197 -18.22 -2.78 25.91
CA GLY D 197 -16.95 -2.46 25.27
C GLY D 197 -15.86 -2.33 26.30
N CYS D 198 -14.61 -2.30 25.84
CA CYS D 198 -13.44 -2.13 26.75
C CYS D 198 -12.31 -1.46 25.99
N ILE D 199 -11.67 -0.48 26.63
CA ILE D 199 -10.43 0.20 26.21
C ILE D 199 -9.28 -0.40 27.02
N ILE D 200 -8.25 -0.82 26.31
CA ILE D 200 -6.89 -1.09 26.82
C ILE D 200 -6.02 0.07 26.39
N VAL D 201 -5.51 0.89 27.32
CA VAL D 201 -4.83 2.14 26.91
C VAL D 201 -3.65 2.46 27.87
N ASP D 202 -2.60 3.01 27.28
CA ASP D 202 -1.42 3.62 27.96
C ASP D 202 -1.95 4.45 29.14
N ARG D 203 -1.45 4.21 30.34
CA ARG D 203 -1.88 4.90 31.58
C ARG D 203 -1.82 6.44 31.46
N LEU D 204 -0.96 6.98 30.60
CA LEU D 204 -0.83 8.44 30.36
C LEU D 204 -2.25 9.03 30.13
N TYR D 205 -3.13 8.30 29.44
CA TYR D 205 -4.45 8.82 29.02
C TYR D 205 -5.60 8.30 29.91
N GLU D 206 -5.34 7.47 30.93
CA GLU D 206 -6.41 6.69 31.64
C GLU D 206 -7.39 7.69 32.28
N ASN D 207 -6.86 8.63 33.04
CA ASN D 207 -7.74 9.49 33.88
C ASN D 207 -8.65 10.35 32.97
N ASN D 208 -8.11 10.96 31.92
CA ASN D 208 -8.90 11.81 31.00
C ASN D 208 -9.94 10.92 30.28
N ILE D 209 -9.58 9.70 29.90
CA ILE D 209 -10.57 8.80 29.24
C ILE D 209 -11.67 8.42 30.22
N ARG D 210 -11.37 8.06 31.47
CA ARG D 210 -12.38 7.70 32.48
C ARG D 210 -13.30 8.92 32.72
N ILE D 211 -12.74 10.12 32.81
CA ILE D 211 -13.57 11.32 33.11
C ILE D 211 -14.43 11.60 31.88
N GLY D 212 -13.94 11.23 30.70
CA GLY D 212 -14.64 11.47 29.42
C GLY D 212 -15.80 10.50 29.23
N LEU D 213 -15.92 9.41 30.03
CA LEU D 213 -17.15 8.57 29.98
C LEU D 213 -18.30 9.28 30.69
N ASN D 214 -17.97 10.30 31.47
CA ASN D 214 -18.87 11.04 32.37
C ASN D 214 -18.91 12.52 31.92
N PHE D 215 -18.99 12.76 30.61
CA PHE D 215 -19.21 14.10 30.00
C PHE D 215 -18.00 15.02 30.21
N GLY D 216 -16.86 14.47 30.63
CA GLY D 216 -15.65 15.27 30.92
C GLY D 216 -15.66 15.80 32.35
N LEU D 217 -16.64 15.41 33.17
CA LEU D 217 -16.81 15.94 34.53
C LEU D 217 -15.94 15.10 35.48
N ASP D 218 -14.92 15.74 36.04
CA ASP D 218 -13.97 15.07 36.97
C ASP D 218 -14.52 15.22 38.37
N ASN D 219 -15.04 14.15 38.94
CA ASN D 219 -15.62 14.19 40.29
C ASN D 219 -14.54 14.61 41.31
N SER D 220 -13.24 14.51 40.98
CA SER D 220 -12.17 14.96 41.90
C SER D 220 -12.20 16.49 42.04
N LEU D 221 -12.98 17.20 41.22
CA LEU D 221 -13.00 18.68 41.28
C LEU D 221 -14.24 19.14 42.06
N GLY D 222 -15.11 18.23 42.48
CA GLY D 222 -16.34 18.58 43.24
C GLY D 222 -17.14 19.61 42.45
N GLU D 223 -17.50 20.75 43.08
CA GLU D 223 -18.33 21.80 42.44
C GLU D 223 -17.63 22.42 41.22
N LYS D 224 -16.29 22.32 41.10
CA LYS D 224 -15.48 22.99 40.06
C LYS D 224 -15.38 22.11 38.80
N SER D 225 -16.00 20.94 38.77
CA SER D 225 -15.93 20.07 37.55
C SER D 225 -16.51 20.86 36.37
N GLN D 226 -15.93 20.69 35.20
CA GLN D 226 -16.30 21.43 33.94
C GLN D 226 -16.38 20.39 32.82
N TYR D 227 -17.49 20.32 32.09
CA TYR D 227 -17.61 19.40 30.95
C TYR D 227 -16.61 19.71 29.84
N SER D 228 -16.45 18.70 28.98
CA SER D 228 -15.71 18.83 27.70
C SER D 228 -16.66 18.54 26.55
N ASN D 229 -16.63 19.33 25.49
CA ASN D 229 -17.43 19.08 24.27
C ASN D 229 -16.88 17.85 23.52
N GLN D 230 -15.74 17.30 23.96
CA GLN D 230 -15.16 16.08 23.35
C GLN D 230 -15.70 14.81 24.02
N ALA D 231 -16.42 14.93 25.12
CA ALA D 231 -16.93 13.78 25.90
C ALA D 231 -18.40 13.50 25.60
N SER D 232 -18.94 12.52 26.28
CA SER D 232 -20.34 12.09 26.15
C SER D 232 -20.68 11.22 27.35
N ASN D 233 -21.80 10.52 27.28
CA ASN D 233 -22.10 9.42 28.20
C ASN D 233 -21.61 8.15 27.51
N TYR D 234 -20.45 7.67 27.91
CA TYR D 234 -19.85 6.45 27.31
C TYR D 234 -19.65 5.31 28.31
N ARG D 235 -20.11 5.44 29.54
CA ARG D 235 -19.82 4.46 30.63
C ARG D 235 -20.59 3.17 30.37
N MET D 236 -20.06 2.08 30.92
CA MET D 236 -20.82 0.81 31.06
C MET D 236 -21.67 0.83 32.33
N CYS D 237 -22.94 0.49 32.16
CA CYS D 237 -23.91 0.31 33.25
C CYS D 237 -23.48 -0.92 34.07
N ASP D 238 -23.56 -0.88 35.38
CA ASP D 238 -23.17 -2.05 36.21
C ASP D 238 -24.05 -3.26 35.91
N LEU D 239 -25.31 -3.11 35.52
CA LEU D 239 -26.15 -4.28 35.13
C LEU D 239 -25.48 -5.06 34.00
N ASN D 240 -25.08 -4.38 32.95
CA ASN D 240 -24.41 -5.01 31.78
C ASN D 240 -23.09 -5.63 32.26
N ALA D 241 -22.32 -4.89 33.08
CA ALA D 241 -21.05 -5.44 33.59
C ALA D 241 -21.29 -6.82 34.26
N ALA D 242 -22.38 -6.98 35.02
CA ALA D 242 -22.69 -8.23 35.75
C ALA D 242 -22.94 -9.38 34.76
N PHE D 243 -23.78 -9.14 33.74
CA PHE D 243 -24.08 -10.18 32.72
C PHE D 243 -22.79 -10.58 32.01
N ILE D 244 -21.91 -9.61 31.69
CA ILE D 244 -20.70 -9.91 30.91
C ILE D 244 -19.74 -10.70 31.80
N LEU D 245 -19.48 -10.23 33.02
CA LEU D 245 -18.53 -10.86 33.96
C LEU D 245 -18.97 -12.31 34.21
N SER D 246 -20.26 -12.51 34.46
CA SER D 246 -20.87 -13.85 34.73
C SER D 246 -20.57 -14.75 33.53
N TYR D 247 -20.87 -14.29 32.32
CA TYR D 247 -20.64 -15.08 31.09
C TYR D 247 -19.15 -15.41 30.99
N LEU D 248 -18.25 -14.43 31.21
CA LEU D 248 -16.78 -14.65 31.10
C LEU D 248 -16.33 -15.64 32.18
N GLN D 249 -16.81 -15.49 33.40
CA GLN D 249 -16.42 -16.39 34.53
C GLN D 249 -16.73 -17.83 34.13
N ASN D 250 -17.92 -18.05 33.58
CA ASN D 250 -18.48 -19.39 33.28
C ASN D 250 -17.89 -19.98 32.00
N ASN D 251 -17.38 -19.18 31.05
CA ASN D 251 -17.11 -19.67 29.66
C ASN D 251 -15.77 -19.27 29.03
N TYR D 252 -15.02 -18.26 29.51
CA TYR D 252 -13.89 -17.69 28.74
C TYR D 252 -12.84 -18.77 28.43
N LYS D 253 -12.51 -19.64 29.39
CA LYS D 253 -11.44 -20.67 29.22
C LYS D 253 -11.82 -21.62 28.06
N LYS D 254 -13.05 -22.13 28.11
CA LYS D 254 -13.62 -23.10 27.10
C LYS D 254 -13.75 -22.38 25.74
N ILE D 255 -14.20 -21.12 25.75
CA ILE D 255 -14.21 -20.34 24.47
C ILE D 255 -12.80 -20.29 23.87
N ILE D 256 -11.79 -19.92 24.67
CA ILE D 256 -10.40 -19.83 24.16
C ILE D 256 -9.99 -21.23 23.65
N ASN D 257 -10.10 -22.24 24.50
CA ASN D 257 -9.56 -23.60 24.16
C ASN D 257 -10.25 -24.11 22.90
N ARG D 258 -11.59 -24.00 22.84
CA ARG D 258 -12.45 -24.54 21.76
C ARG D 258 -12.22 -23.75 20.47
N HIS D 259 -12.22 -22.40 20.49
CA HIS D 259 -11.98 -21.66 19.22
C HIS D 259 -10.59 -22.02 18.64
N SER D 260 -9.57 -22.26 19.46
CA SER D 260 -8.21 -22.58 18.95
C SER D 260 -8.24 -23.99 18.34
N GLU D 261 -9.00 -24.94 18.92
CA GLU D 261 -9.20 -26.32 18.38
C GLU D 261 -9.94 -26.26 17.04
N ILE D 262 -10.94 -25.40 16.96
CA ILE D 262 -11.72 -25.20 15.70
C ILE D 262 -10.75 -24.69 14.64
N TYR D 263 -9.89 -23.73 14.98
CA TYR D 263 -8.94 -23.15 14.01
C TYR D 263 -8.00 -24.27 13.51
N GLU D 264 -7.54 -25.10 14.45
CA GLU D 264 -6.55 -26.17 14.19
C GLU D 264 -7.11 -27.10 13.10
N ILE D 265 -8.43 -27.38 13.11
CA ILE D 265 -9.07 -28.31 12.12
C ILE D 265 -9.02 -27.69 10.72
N TYR D 266 -9.42 -26.43 10.57
CA TYR D 266 -9.33 -25.72 9.27
C TYR D 266 -7.87 -25.59 8.84
N LYS D 267 -6.96 -25.23 9.75
CA LYS D 267 -5.53 -25.01 9.41
C LYS D 267 -5.00 -26.27 8.71
N ASN D 268 -5.35 -27.43 9.23
CA ASN D 268 -4.78 -28.76 8.84
C ASN D 268 -5.63 -29.45 7.77
N ASN D 269 -6.80 -28.90 7.40
CA ASN D 269 -7.75 -29.56 6.45
C ASN D 269 -8.36 -28.53 5.51
N LEU D 270 -7.55 -27.58 5.04
CA LEU D 270 -8.03 -26.45 4.21
C LEU D 270 -8.76 -27.02 3.01
N PRO D 271 -9.98 -26.58 2.70
CA PRO D 271 -10.57 -26.88 1.40
C PRO D 271 -9.63 -26.37 0.30
N LYS D 272 -9.66 -27.06 -0.84
CA LYS D 272 -8.89 -26.70 -2.06
C LYS D 272 -9.18 -25.23 -2.39
N ARG D 273 -8.15 -24.49 -2.78
CA ARG D 273 -8.28 -23.12 -3.34
C ARG D 273 -8.83 -22.13 -2.29
N PHE D 274 -8.85 -22.50 -1.01
CA PHE D 274 -9.09 -21.57 0.13
C PHE D 274 -7.80 -21.43 0.95
N LYS D 275 -7.45 -20.19 1.33
CA LYS D 275 -6.32 -19.83 2.22
C LYS D 275 -6.90 -19.29 3.55
N LEU D 276 -6.22 -19.55 4.66
CA LEU D 276 -6.55 -18.91 5.96
C LEU D 276 -6.40 -17.40 5.78
N PHE D 277 -7.29 -16.61 6.38
CA PHE D 277 -7.12 -15.13 6.42
C PHE D 277 -5.69 -14.85 6.89
N PRO D 278 -4.98 -13.84 6.33
CA PRO D 278 -3.67 -13.49 6.85
C PRO D 278 -3.67 -13.28 8.38
N ASN D 279 -2.71 -13.89 9.06
CA ASN D 279 -2.60 -13.88 10.55
C ASN D 279 -1.12 -14.01 10.97
N HIS D 280 -0.70 -13.28 12.00
CA HIS D 280 0.73 -13.18 12.39
C HIS D 280 0.98 -13.75 13.78
N SER D 281 -0.03 -14.35 14.43
CA SER D 281 0.15 -15.04 15.73
C SER D 281 0.81 -16.41 15.51
N LYS D 282 1.75 -16.75 16.38
CA LYS D 282 2.43 -18.07 16.47
C LYS D 282 1.42 -19.12 16.95
N LYS D 283 0.74 -18.88 18.08
CA LYS D 283 -0.35 -19.77 18.56
C LYS D 283 -1.59 -19.49 17.69
N ASN D 284 -2.50 -20.45 17.59
CA ASN D 284 -3.78 -20.25 16.85
C ASN D 284 -4.48 -19.04 17.44
N PRO D 285 -5.07 -18.20 16.60
CA PRO D 285 -5.87 -17.10 17.11
C PRO D 285 -7.19 -17.63 17.66
N VAL D 286 -7.82 -16.83 18.52
CA VAL D 286 -9.20 -17.10 18.99
C VAL D 286 -10.11 -16.21 18.13
N CYS D 287 -10.87 -16.79 17.21
CA CYS D 287 -11.61 -16.07 16.15
C CYS D 287 -13.10 -15.92 16.47
N SER D 288 -13.69 -14.85 15.96
CA SER D 288 -15.14 -14.54 16.07
C SER D 288 -15.89 -15.24 14.93
N SER D 289 -15.21 -15.52 13.83
CA SER D 289 -15.64 -16.41 12.73
C SER D 289 -14.38 -16.99 12.09
N ILE D 290 -14.47 -18.16 11.44
CA ILE D 290 -13.31 -18.67 10.66
C ILE D 290 -13.38 -18.01 9.29
N CYS D 291 -12.44 -17.11 9.02
CA CYS D 291 -12.36 -16.41 7.72
C CYS D 291 -11.41 -17.16 6.80
N LEU D 292 -11.94 -17.58 5.64
CA LEU D 292 -11.12 -18.16 4.55
C LEU D 292 -11.19 -17.18 3.39
N LEU D 293 -10.16 -17.14 2.55
CA LEU D 293 -10.16 -16.41 1.26
C LEU D 293 -10.10 -17.43 0.14
N PHE D 294 -11.18 -17.53 -0.63
CA PHE D 294 -11.22 -18.26 -1.92
C PHE D 294 -10.26 -17.56 -2.88
N ASP D 295 -9.85 -18.25 -3.95
CA ASP D 295 -8.78 -17.77 -4.84
C ASP D 295 -9.38 -16.79 -5.86
N LYS D 296 -10.70 -16.68 -5.95
CA LYS D 296 -11.30 -15.61 -6.81
C LYS D 296 -12.64 -15.18 -6.25
N PRO D 297 -13.22 -14.06 -6.76
CA PRO D 297 -14.49 -13.55 -6.26
C PRO D 297 -15.60 -14.61 -6.41
N PHE D 298 -16.50 -14.67 -5.43
CA PHE D 298 -17.71 -15.51 -5.46
C PHE D 298 -18.82 -14.84 -4.64
N ARG D 299 -20.06 -15.30 -4.83
CA ARG D 299 -21.27 -14.80 -4.14
C ARG D 299 -21.67 -15.79 -3.05
N LEU D 300 -22.13 -15.24 -1.94
CA LEU D 300 -22.53 -15.98 -0.71
C LEU D 300 -23.64 -17.01 -1.00
N ASP D 301 -24.48 -16.77 -2.02
CA ASP D 301 -25.63 -17.65 -2.36
C ASP D 301 -25.15 -19.00 -2.91
N LYS D 302 -23.89 -19.12 -3.31
CA LYS D 302 -23.34 -20.41 -3.82
C LYS D 302 -22.93 -21.31 -2.65
N ILE D 303 -23.05 -20.81 -1.41
CA ILE D 303 -22.69 -21.54 -0.16
C ILE D 303 -23.97 -21.97 0.55
N PRO D 304 -24.31 -23.27 0.61
CA PRO D 304 -25.60 -23.70 1.17
C PRO D 304 -25.72 -23.83 2.70
N PHE D 305 -24.79 -23.25 3.48
CA PHE D 305 -24.83 -23.25 4.97
C PHE D 305 -24.66 -21.80 5.48
N LEU D 306 -25.02 -21.57 6.75
CA LEU D 306 -24.86 -20.26 7.43
C LEU D 306 -23.43 -19.77 7.28
N SER D 307 -23.25 -18.65 6.59
CA SER D 307 -21.93 -18.06 6.26
C SER D 307 -22.14 -16.58 5.92
N ARG D 308 -21.14 -15.73 6.16
CA ARG D 308 -21.21 -14.27 5.90
C ARG D 308 -19.96 -13.73 5.23
N LYS D 309 -20.06 -12.49 4.74
CA LYS D 309 -18.89 -11.71 4.30
C LYS D 309 -18.77 -10.47 5.19
N TYR D 310 -17.63 -10.31 5.85
CA TYR D 310 -17.23 -9.08 6.56
C TYR D 310 -15.88 -8.70 5.97
N TYR D 311 -15.51 -7.42 5.96
CA TYR D 311 -16.38 -6.27 6.13
C TYR D 311 -16.64 -5.64 4.77
N LYS D 312 -17.88 -5.25 4.50
CA LYS D 312 -18.16 -4.41 3.32
C LYS D 312 -17.26 -3.19 3.42
N PRO D 313 -16.38 -2.91 2.46
CA PRO D 313 -15.54 -1.71 2.52
C PRO D 313 -16.30 -0.40 2.83
N LEU D 314 -15.74 0.45 3.67
CA LEU D 314 -16.35 1.76 4.06
C LEU D 314 -16.28 2.70 2.87
N ASP D 315 -15.27 2.48 2.06
CA ASP D 315 -14.95 3.30 0.88
C ASP D 315 -14.64 2.31 -0.23
N LEU D 316 -15.45 2.32 -1.28
CA LEU D 316 -15.36 1.29 -2.37
C LEU D 316 -14.03 1.45 -3.15
N SER D 317 -13.45 2.66 -3.22
CA SER D 317 -12.18 2.96 -3.96
C SER D 317 -10.93 2.43 -3.23
N SER D 318 -11.07 1.30 -2.53
CA SER D 318 -10.01 0.60 -1.77
C SER D 318 -9.89 -0.80 -2.37
N PRO D 319 -9.07 -0.97 -3.43
CA PRO D 319 -9.12 -2.21 -4.23
C PRO D 319 -8.81 -3.49 -3.43
N VAL D 320 -7.90 -3.48 -2.47
CA VAL D 320 -7.57 -4.70 -1.70
C VAL D 320 -8.70 -5.04 -0.72
N SER D 321 -9.22 -4.03 0.01
CA SER D 321 -10.42 -4.19 0.86
C SER D 321 -11.55 -4.88 0.06
N LEU D 322 -11.84 -4.38 -1.14
CA LEU D 322 -12.96 -4.92 -1.96
C LEU D 322 -12.63 -6.33 -2.48
N ASP D 323 -11.38 -6.62 -2.85
CA ASP D 323 -10.96 -7.97 -3.30
C ASP D 323 -11.15 -8.93 -2.13
N PHE D 324 -10.74 -8.52 -0.93
CA PHE D 324 -10.88 -9.33 0.30
C PHE D 324 -12.38 -9.60 0.54
N TYR D 325 -13.20 -8.58 0.31
CA TYR D 325 -14.66 -8.67 0.56
C TYR D 325 -15.24 -9.71 -0.40
N GLN D 326 -14.86 -9.61 -1.68
CA GLN D 326 -15.34 -10.52 -2.75
C GLN D 326 -14.86 -11.98 -2.53
N ARG D 327 -13.68 -12.21 -1.95
CA ARG D 327 -13.09 -13.58 -1.85
C ARG D 327 -13.28 -14.16 -0.45
N ILE D 328 -13.71 -13.38 0.55
CA ILE D 328 -13.75 -13.92 1.94
C ILE D 328 -14.96 -14.82 2.11
N LEU D 329 -14.83 -15.81 2.98
CA LEU D 329 -15.99 -16.55 3.50
C LEU D 329 -15.85 -16.57 5.01
N CYS D 330 -16.81 -16.01 5.73
CA CYS D 330 -16.78 -16.06 7.21
C CYS D 330 -17.71 -17.16 7.67
N ILE D 331 -17.13 -18.17 8.31
CA ILE D 331 -17.83 -19.41 8.75
C ILE D 331 -18.04 -19.36 10.25
N PRO D 332 -19.23 -19.76 10.74
CA PRO D 332 -19.50 -19.82 12.17
C PRO D 332 -18.37 -20.49 12.97
N CYS D 333 -17.99 -19.86 14.08
CA CYS D 333 -16.94 -20.33 15.01
C CYS D 333 -17.44 -20.07 16.42
N ASN D 334 -17.96 -21.08 17.11
CA ASN D 334 -18.56 -20.91 18.45
C ASN D 334 -18.52 -22.25 19.19
N ILE D 335 -18.76 -22.25 20.50
CA ILE D 335 -18.54 -23.46 21.35
C ILE D 335 -19.68 -24.47 21.18
N ASP D 336 -20.65 -24.18 20.31
CA ASP D 336 -21.79 -25.11 20.05
C ASP D 336 -21.46 -25.96 18.81
N LEU D 337 -20.50 -25.55 17.98
CA LEU D 337 -20.11 -26.26 16.73
C LEU D 337 -19.48 -27.62 17.05
N THR D 338 -19.87 -28.70 16.37
CA THR D 338 -19.21 -30.03 16.52
C THR D 338 -18.13 -30.24 15.43
N ASP D 339 -17.13 -31.06 15.75
CA ASP D 339 -16.11 -31.53 14.77
C ASP D 339 -16.81 -32.14 13.56
N ARG D 340 -17.88 -32.92 13.76
CA ARG D 340 -18.70 -33.50 12.65
C ARG D 340 -19.08 -32.37 11.68
N GLN D 341 -19.71 -31.31 12.19
CA GLN D 341 -20.18 -30.12 11.41
C GLN D 341 -19.00 -29.50 10.66
N ILE D 342 -17.85 -29.34 11.31
CA ILE D 342 -16.66 -28.67 10.69
C ILE D 342 -16.22 -29.48 9.46
N TYR D 343 -16.10 -30.80 9.62
CA TYR D 343 -15.67 -31.70 8.52
C TYR D 343 -16.74 -31.70 7.43
N GLU D 344 -18.03 -31.62 7.79
CA GLU D 344 -19.14 -31.45 6.81
C GLU D 344 -18.95 -30.15 6.00
N ILE D 345 -18.62 -29.04 6.68
CA ILE D 345 -18.37 -27.71 6.05
C ILE D 345 -17.23 -27.84 5.03
N ILE D 346 -16.13 -28.48 5.44
CA ILE D 346 -14.91 -28.61 4.60
C ILE D 346 -15.29 -29.47 3.37
N GLY D 347 -16.13 -30.48 3.58
CA GLY D 347 -16.77 -31.25 2.49
C GLY D 347 -17.43 -30.32 1.47
N VAL D 348 -18.34 -29.48 1.94
CA VAL D 348 -19.19 -28.61 1.08
C VAL D 348 -18.28 -27.64 0.33
N LEU D 349 -17.24 -27.15 0.98
CA LEU D 349 -16.31 -26.18 0.36
C LEU D 349 -15.39 -26.88 -0.65
N ASN D 350 -15.04 -28.15 -0.43
CA ASN D 350 -14.31 -28.96 -1.45
C ASN D 350 -15.21 -29.09 -2.69
N GLU D 351 -16.48 -29.50 -2.52
CA GLU D 351 -17.48 -29.54 -3.62
C GLU D 351 -17.57 -28.17 -4.28
N PHE D 352 -17.70 -27.11 -3.48
CA PHE D 352 -17.85 -25.73 -4.03
C PHE D 352 -16.68 -25.41 -4.97
N ALA D 353 -15.44 -25.59 -4.52
CA ALA D 353 -14.23 -25.20 -5.28
C ALA D 353 -14.23 -25.94 -6.63
N ASP D 354 -14.53 -27.25 -6.59
CA ASP D 354 -14.57 -28.14 -7.79
C ASP D 354 -15.46 -27.56 -8.90
N LYS D 355 -16.59 -26.94 -8.56
CA LYS D 355 -17.57 -26.39 -9.54
C LYS D 355 -17.25 -24.93 -9.92
N ASN D 356 -16.30 -24.27 -9.27
CA ASN D 356 -16.08 -22.80 -9.43
C ASN D 356 -14.60 -22.48 -9.67
N HIS E 4 8.58 49.88 10.17
CA HIS E 4 7.19 49.77 9.62
C HIS E 4 6.57 48.43 10.05
N MET E 5 6.76 48.08 11.33
CA MET E 5 6.18 46.90 12.02
C MET E 5 4.65 47.03 12.12
N GLY E 6 3.91 46.04 11.60
CA GLY E 6 2.45 45.93 11.80
C GLY E 6 2.12 45.22 13.10
N LEU E 7 0.83 44.98 13.38
CA LEU E 7 0.34 44.35 14.65
C LEU E 7 0.63 42.84 14.67
N GLU E 8 0.89 42.18 13.54
CA GLU E 8 1.28 40.74 13.57
C GLU E 8 2.61 40.59 14.32
N LYS E 9 3.45 41.61 14.46
CA LYS E 9 4.80 41.44 15.06
C LYS E 9 4.73 41.67 16.59
N LEU E 10 3.55 41.99 17.13
CA LEU E 10 3.35 42.17 18.59
C LEU E 10 3.83 40.90 19.30
N THR E 11 4.48 41.10 20.44
CA THR E 11 4.82 40.04 21.42
C THR E 11 4.40 40.51 22.81
N TRP E 12 4.14 39.57 23.70
CA TRP E 12 3.73 39.89 25.08
C TRP E 12 4.91 40.58 25.79
N VAL E 13 6.11 39.98 25.74
CA VAL E 13 7.29 40.62 26.37
C VAL E 13 8.34 40.90 25.29
N SER E 14 9.21 41.84 25.60
CA SER E 14 10.34 42.23 24.71
C SER E 14 11.24 41.00 24.59
N GLU E 15 11.95 40.98 23.49
CA GLU E 15 13.01 39.98 23.26
C GLU E 15 14.06 40.20 24.34
N LYS E 16 14.39 39.14 25.08
CA LYS E 16 15.40 39.19 26.15
C LYS E 16 16.47 38.16 25.89
N LYS E 17 17.73 38.57 25.96
CA LYS E 17 18.89 37.68 25.68
C LYS E 17 19.96 37.98 26.71
N PRO E 18 20.69 36.94 27.19
CA PRO E 18 21.75 37.18 28.16
C PRO E 18 22.85 38.05 27.55
N ASP E 19 23.35 38.95 28.36
CA ASP E 19 24.66 39.62 28.11
C ASP E 19 25.69 38.67 28.66
N TRP E 20 26.17 37.80 27.80
CA TRP E 20 26.99 36.63 28.22
C TRP E 20 28.27 37.06 28.93
N SER E 21 28.98 38.09 28.43
CA SER E 21 30.20 38.53 29.13
C SER E 21 29.86 38.99 30.56
N ASN E 22 28.72 39.65 30.75
CA ASN E 22 28.36 40.19 32.09
C ASN E 22 27.93 39.01 32.99
N VAL E 23 27.10 38.13 32.44
CA VAL E 23 26.61 36.93 33.16
C VAL E 23 27.82 36.09 33.60
N GLN E 24 28.80 35.87 32.71
CA GLN E 24 30.01 35.07 33.02
C GLN E 24 30.84 35.77 34.09
N LYS E 25 30.95 37.11 34.03
CA LYS E 25 31.71 37.90 35.02
C LYS E 25 31.06 37.72 36.39
N LEU E 26 29.72 37.79 36.46
CA LEU E 26 29.00 37.61 37.75
C LEU E 26 29.25 36.20 38.26
N ILE E 27 29.06 35.19 37.41
CA ILE E 27 29.07 33.76 37.83
C ILE E 27 30.52 33.34 38.11
N ALA E 28 31.52 34.07 37.60
CA ALA E 28 32.94 33.83 37.94
C ALA E 28 33.11 33.76 39.46
N ALA E 29 32.33 34.53 40.22
CA ALA E 29 32.40 34.56 41.69
C ALA E 29 31.92 33.22 42.24
N CYS E 30 30.89 32.61 41.63
CA CYS E 30 30.43 31.23 42.01
C CYS E 30 31.52 30.21 41.67
N GLU E 31 32.15 30.36 40.50
CA GLU E 31 33.15 29.38 40.01
C GLU E 31 34.36 29.37 40.96
N ALA E 32 34.75 30.54 41.48
CA ALA E 32 35.91 30.68 42.39
C ALA E 32 35.69 29.89 43.69
N THR E 33 34.47 29.88 44.25
CA THR E 33 34.17 29.29 45.57
C THR E 33 33.37 27.99 45.45
N ASN E 34 32.91 27.64 44.25
CA ASN E 34 31.99 26.51 44.01
C ASN E 34 30.68 26.75 44.76
N GLN E 35 30.31 28.02 45.03
CA GLN E 35 29.01 28.31 45.71
C GLN E 35 28.03 28.86 44.67
N TYR E 36 27.04 28.06 44.29
CA TYR E 36 26.04 28.46 43.28
C TYR E 36 24.63 28.51 43.87
N THR E 37 24.47 28.08 45.12
CA THR E 37 23.19 28.21 45.85
C THR E 37 23.46 28.26 47.36
N ASN E 38 22.44 28.12 48.17
CA ASN E 38 22.50 28.25 49.65
C ASN E 38 23.07 29.64 50.00
N ILE E 39 22.74 30.63 49.18
CA ILE E 39 23.15 32.06 49.32
C ILE E 39 24.62 32.19 49.00
N GLY E 40 24.92 32.08 47.72
CA GLY E 40 26.29 32.29 47.21
C GLY E 40 26.51 33.78 47.03
N PRO E 41 27.55 34.17 46.27
CA PRO E 41 27.99 35.56 46.22
C PRO E 41 27.15 36.50 45.35
N ILE E 42 26.18 36.01 44.57
CA ILE E 42 25.35 36.86 43.68
C ILE E 42 24.15 37.39 44.47
N ILE E 43 23.65 36.63 45.41
CA ILE E 43 22.36 36.96 46.06
C ILE E 43 22.43 38.37 46.64
N SER E 44 23.48 38.73 47.38
CA SER E 44 23.55 40.06 48.05
C SER E 44 23.61 41.12 46.94
N GLN E 45 24.24 40.80 45.83
CA GLN E 45 24.39 41.74 44.70
C GLN E 45 23.03 42.04 44.12
N LEU E 46 22.22 41.00 43.87
CA LEU E 46 20.89 41.25 43.30
C LEU E 46 20.03 42.00 44.32
N GLU E 47 20.06 41.57 45.58
CA GLU E 47 19.21 42.19 46.63
C GLU E 47 19.58 43.67 46.77
N SER E 48 20.87 44.02 46.74
CA SER E 48 21.34 45.43 46.87
C SER E 48 20.91 46.24 45.64
N PHE E 49 20.97 45.65 44.45
CA PHE E 49 20.55 46.28 43.19
C PHE E 49 19.07 46.61 43.26
N ILE E 50 18.25 45.65 43.70
CA ILE E 50 16.79 45.90 43.84
C ILE E 50 16.55 47.05 44.80
N ARG E 51 17.19 47.04 45.97
CA ARG E 51 16.99 48.06 46.99
C ARG E 51 17.30 49.40 46.32
N ASP E 52 18.47 49.50 45.69
CA ASP E 52 18.99 50.82 45.24
C ASP E 52 18.22 51.30 43.99
N SER E 53 17.81 50.40 43.11
CA SER E 53 17.20 50.73 41.79
C SER E 53 15.71 50.94 41.93
N PHE E 54 15.04 50.12 42.75
CA PHE E 54 13.58 50.23 42.96
C PHE E 54 13.24 51.18 44.12
N LEU E 55 14.25 51.66 44.85
CA LEU E 55 14.12 52.65 45.98
C LEU E 55 13.30 52.01 47.11
N ILE E 56 13.77 50.88 47.60
CA ILE E 56 13.21 50.21 48.79
C ILE E 56 13.77 50.90 50.02
N GLU E 57 12.91 51.16 51.01
CA GLU E 57 13.26 51.89 52.25
C GLU E 57 14.09 51.02 53.19
N GLU E 58 14.89 51.63 54.07
CA GLU E 58 15.81 50.89 54.98
C GLU E 58 15.02 50.06 56.00
N SER E 59 13.73 50.35 56.24
CA SER E 59 12.88 49.62 57.21
C SER E 59 12.50 48.25 56.63
N LYS E 60 12.84 47.96 55.37
CA LYS E 60 12.40 46.73 54.64
C LYS E 60 13.63 45.89 54.31
N ALA E 61 13.52 44.58 54.52
CA ALA E 61 14.41 43.60 53.89
C ALA E 61 14.08 43.47 52.40
N VAL E 62 15.07 43.10 51.63
CA VAL E 62 14.91 42.63 50.22
C VAL E 62 15.43 41.20 50.20
N ILE E 63 14.54 40.24 49.96
CA ILE E 63 14.86 38.79 50.06
C ILE E 63 14.46 38.11 48.76
N VAL E 64 15.44 37.67 47.98
CA VAL E 64 15.11 37.04 46.67
C VAL E 64 14.74 35.58 46.92
N THR E 65 13.85 35.07 46.06
CA THR E 65 13.29 33.70 46.15
C THR E 65 13.25 33.08 44.75
N SER E 66 12.89 31.81 44.68
CA SER E 66 12.90 31.10 43.39
C SER E 66 11.90 31.66 42.36
N ASN E 67 10.77 32.23 42.78
CA ASN E 67 9.72 32.76 41.88
C ASN E 67 8.83 33.70 42.68
N GLY E 68 7.90 34.40 42.03
CA GLY E 68 6.98 35.29 42.78
C GLY E 68 6.08 34.50 43.71
N THR E 69 5.71 33.29 43.27
CA THR E 69 4.84 32.46 44.12
C THR E 69 5.60 32.08 45.39
N SER E 70 6.86 31.66 45.27
CA SER E 70 7.66 31.28 46.46
C SER E 70 7.95 32.52 47.31
N ALA E 71 8.01 33.70 46.69
CA ALA E 71 8.16 34.93 47.52
C ALA E 71 6.94 35.04 48.46
N LEU E 72 5.71 34.96 47.92
CA LEU E 72 4.50 35.04 48.73
C LEU E 72 4.48 33.90 49.76
N HIS E 73 4.83 32.68 49.35
CA HIS E 73 4.72 31.51 50.27
C HIS E 73 5.79 31.57 51.36
N ALA E 74 7.02 31.97 51.05
CA ALA E 74 8.11 32.11 52.04
C ALA E 74 7.75 33.23 53.02
N LEU E 75 7.13 34.28 52.48
CA LEU E 75 6.69 35.43 53.31
C LEU E 75 5.73 34.91 54.36
N VAL E 76 4.69 34.18 53.94
CA VAL E 76 3.67 33.67 54.88
C VAL E 76 4.26 32.57 55.80
N GLY E 77 5.02 31.59 55.26
CA GLY E 77 5.65 30.56 56.11
C GLY E 77 6.60 31.13 57.17
N GLY E 78 7.39 32.15 56.82
CA GLY E 78 8.32 32.81 57.72
C GLY E 78 7.61 33.51 58.86
N ILE E 79 6.55 34.25 58.54
CA ILE E 79 5.71 34.92 59.57
C ILE E 79 4.97 33.87 60.40
N ASN E 80 4.43 32.82 59.80
CA ASN E 80 3.81 31.71 60.57
C ASN E 80 4.80 31.18 61.61
N ARG E 81 6.01 30.89 61.19
CA ARG E 81 7.03 30.31 62.08
C ARG E 81 7.32 31.30 63.21
N GLN E 82 7.42 32.59 62.90
CA GLN E 82 7.80 33.60 63.91
C GLN E 82 6.68 33.72 64.94
N LEU E 83 5.42 33.75 64.51
CA LEU E 83 4.23 34.00 65.39
C LEU E 83 3.73 32.69 66.00
N GLY E 84 4.20 31.54 65.51
CA GLY E 84 3.84 30.23 66.10
C GLY E 84 2.45 29.77 65.74
N ARG E 85 1.88 30.18 64.61
CA ARG E 85 0.57 29.62 64.17
C ARG E 85 0.46 29.78 62.66
N GLU E 86 -0.45 29.02 62.06
CA GLU E 86 -0.76 29.07 60.64
C GLU E 86 -1.75 30.21 60.41
N LEU E 87 -1.29 31.32 59.88
CA LEU E 87 -2.14 32.52 59.78
C LEU E 87 -3.19 32.32 58.69
N LYS E 88 -4.35 32.89 58.93
CA LYS E 88 -5.50 32.92 58.02
C LYS E 88 -5.50 34.23 57.23
N PHE E 89 -5.33 34.16 55.94
CA PHE E 89 -5.34 35.35 55.07
C PHE E 89 -6.59 35.36 54.25
N VAL E 90 -7.02 36.58 53.93
CA VAL E 90 -8.06 36.82 52.94
C VAL E 90 -7.36 37.35 51.69
N THR E 91 -7.71 36.84 50.51
CA THR E 91 -7.22 37.37 49.23
C THR E 91 -8.40 37.77 48.35
N GLN E 92 -8.15 38.59 47.34
CA GLN E 92 -9.20 39.01 46.39
C GLN E 92 -9.38 37.95 45.29
N SER E 93 -10.59 37.83 44.76
CA SER E 93 -10.87 36.82 43.71
C SER E 93 -10.16 37.19 42.43
N PHE E 94 -10.06 38.48 42.08
CA PHE E 94 -9.41 39.03 40.89
C PHE E 94 -7.91 39.06 41.13
N THR E 95 -7.23 37.90 41.00
CA THR E 95 -5.79 37.78 41.25
C THR E 95 -5.35 36.43 40.71
N PHE E 96 -4.05 36.20 40.76
CA PHE E 96 -3.41 34.96 40.27
C PHE E 96 -3.52 33.90 41.36
N PRO E 97 -3.47 32.60 41.01
CA PRO E 97 -3.68 31.55 42.02
C PRO E 97 -2.72 31.44 43.21
N SER E 98 -1.54 32.10 43.14
CA SER E 98 -0.47 31.96 44.18
C SER E 98 -1.03 32.25 45.57
N SER E 99 -2.00 33.19 45.72
CA SER E 99 -2.48 33.56 47.06
C SER E 99 -3.61 32.63 47.56
N ASN E 100 -3.86 31.51 46.87
CA ASN E 100 -4.70 30.40 47.37
C ASN E 100 -3.97 29.05 47.17
N GLN E 101 -2.67 29.06 47.42
CA GLN E 101 -1.77 27.87 47.22
C GLN E 101 -0.73 27.83 48.33
N GLY E 102 -0.08 26.68 48.47
CA GLY E 102 0.97 26.55 49.49
C GLY E 102 0.42 26.84 50.89
N PRO E 103 1.07 27.68 51.70
CA PRO E 103 0.55 28.01 53.02
C PRO E 103 -0.76 28.81 52.97
N LEU E 104 -1.16 29.26 51.79
CA LEU E 104 -2.40 30.02 51.53
C LEU E 104 -3.45 29.13 50.85
N LYS E 105 -3.21 27.80 50.78
CA LYS E 105 -4.17 26.89 50.09
C LYS E 105 -5.58 26.98 50.69
N ASP E 106 -5.71 27.38 51.95
CA ASP E 106 -7.04 27.57 52.58
C ASP E 106 -7.29 29.04 52.88
N SER E 107 -6.67 29.96 52.15
CA SER E 107 -7.02 31.38 52.26
C SER E 107 -8.50 31.56 51.90
N ILE E 108 -9.10 32.57 52.48
CA ILE E 108 -10.50 32.96 52.21
C ILE E 108 -10.49 33.89 51.02
N ILE E 109 -11.37 33.65 50.05
CA ILE E 109 -11.43 34.47 48.81
C ILE E 109 -12.66 35.39 48.93
N VAL E 110 -12.44 36.70 48.73
CA VAL E 110 -13.58 37.64 48.64
C VAL E 110 -13.44 38.48 47.37
N ASP E 111 -14.53 39.15 47.03
CA ASP E 111 -14.58 39.99 45.82
C ASP E 111 -13.67 41.20 45.99
N ILE E 112 -13.38 41.82 44.86
CA ILE E 112 -12.80 43.20 44.75
C ILE E 112 -13.96 44.19 44.83
N ASP E 113 -13.64 45.45 45.15
CA ASP E 113 -14.52 46.61 44.86
C ASP E 113 -14.14 47.15 43.49
N GLU E 114 -14.82 48.24 43.07
CA GLU E 114 -14.70 48.80 41.72
C GLU E 114 -13.39 49.53 41.53
N ASP E 115 -12.58 49.67 42.58
CA ASP E 115 -11.24 50.31 42.46
C ASP E 115 -10.16 49.23 42.29
N GLY E 116 -10.52 47.96 42.17
CA GLY E 116 -9.60 46.90 41.68
C GLY E 116 -8.95 46.08 42.78
N GLY E 117 -9.24 46.41 44.03
CA GLY E 117 -8.65 45.81 45.24
C GLY E 117 -9.66 45.09 46.10
N LEU E 118 -9.21 44.11 46.88
CA LEU E 118 -10.03 43.41 47.88
C LEU E 118 -11.09 44.34 48.52
N ASP E 119 -12.35 43.92 48.47
CA ASP E 119 -13.51 44.62 49.11
C ASP E 119 -13.47 44.52 50.64
N LEU E 120 -13.06 45.59 51.31
CA LEU E 120 -13.01 45.60 52.78
C LEU E 120 -14.41 45.39 53.41
N ASN E 121 -15.51 45.70 52.73
CA ASN E 121 -16.86 45.44 53.31
C ASN E 121 -17.08 43.94 53.46
N ALA E 122 -16.43 43.12 52.63
CA ALA E 122 -16.66 41.65 52.60
C ALA E 122 -16.00 40.93 53.79
N VAL E 123 -15.11 41.57 54.52
CA VAL E 123 -14.39 40.89 55.64
C VAL E 123 -15.03 41.24 56.98
N LYS E 124 -16.10 42.05 56.98
CA LYS E 124 -16.75 42.61 58.21
C LYS E 124 -16.95 41.55 59.29
N ASN E 125 -17.49 40.37 58.96
CA ASN E 125 -17.88 39.31 59.93
C ASN E 125 -17.07 38.03 59.70
N ILE E 126 -15.82 38.17 59.25
CA ILE E 126 -14.94 37.00 58.97
C ILE E 126 -13.85 37.01 60.04
N GLU E 127 -13.42 35.82 60.47
CA GLU E 127 -12.23 35.61 61.32
C GLU E 127 -11.01 35.46 60.39
N TYR E 128 -10.02 36.32 60.55
CA TYR E 128 -8.79 36.26 59.71
C TYR E 128 -7.65 37.01 60.42
N ASP E 129 -6.41 36.74 60.03
CA ASP E 129 -5.19 37.36 60.60
C ASP E 129 -4.69 38.49 59.73
N GLY E 130 -4.94 38.42 58.43
CA GLY E 130 -4.35 39.34 57.45
C GLY E 130 -5.05 39.31 56.13
N ILE E 131 -4.72 40.29 55.30
CA ILE E 131 -5.25 40.38 53.92
C ILE E 131 -4.10 40.52 52.92
N ILE E 132 -4.34 40.00 51.72
CA ILE E 132 -3.46 40.09 50.54
C ILE E 132 -4.23 40.87 49.46
N VAL E 133 -3.68 42.04 49.11
CA VAL E 133 -4.33 42.97 48.15
C VAL E 133 -3.44 43.01 46.92
N THR E 134 -4.02 42.81 45.74
CA THR E 134 -3.23 42.73 44.50
C THR E 134 -3.32 44.11 43.81
N ASN E 135 -2.14 44.64 43.52
CA ASN E 135 -1.94 45.81 42.64
C ASN E 135 -1.79 45.29 41.20
N ILE E 136 -2.85 45.41 40.41
CA ILE E 136 -3.03 44.68 39.12
C ILE E 136 -2.16 45.28 38.00
N HIS E 137 -1.23 44.47 37.51
CA HIS E 137 -0.47 44.72 36.26
C HIS E 137 0.24 46.07 36.31
N GLY E 138 0.66 46.50 37.49
CA GLY E 138 1.42 47.77 37.66
C GLY E 138 0.52 48.88 38.19
N ASN E 139 -0.79 48.73 38.07
CA ASN E 139 -1.74 49.69 38.69
C ASN E 139 -1.74 49.52 40.21
N VAL E 140 -2.06 50.56 40.96
CA VAL E 140 -2.18 50.45 42.43
C VAL E 140 -3.57 50.89 42.88
N VAL E 141 -4.04 50.20 43.91
CA VAL E 141 -5.27 50.52 44.69
C VAL E 141 -5.01 51.77 45.53
N ASP E 142 -6.03 52.25 46.23
CA ASP E 142 -5.86 53.31 47.26
C ASP E 142 -5.20 52.66 48.49
N ILE E 143 -3.87 52.58 48.42
CA ILE E 143 -3.01 51.80 49.36
C ILE E 143 -3.32 52.28 50.79
N ASN E 144 -3.47 53.58 51.01
CA ASN E 144 -3.69 54.03 52.41
C ASN E 144 -5.02 53.56 52.99
N LYS E 145 -6.08 53.34 52.20
CA LYS E 145 -7.34 52.83 52.80
C LYS E 145 -7.06 51.46 53.43
N TYR E 146 -6.18 50.67 52.79
CA TYR E 146 -5.83 49.31 53.30
C TYR E 146 -4.92 49.41 54.53
N VAL E 147 -3.89 50.26 54.43
CA VAL E 147 -2.98 50.53 55.57
C VAL E 147 -3.80 50.93 56.79
N ASP E 148 -4.69 51.91 56.64
CA ASP E 148 -5.47 52.45 57.78
C ASP E 148 -6.36 51.34 58.34
N PHE E 149 -7.06 50.61 57.47
CA PHE E 149 -7.97 49.53 57.90
C PHE E 149 -7.18 48.51 58.73
N CYS E 150 -6.05 48.05 58.17
CA CYS E 150 -5.29 46.98 58.84
C CYS E 150 -4.67 47.48 60.16
N MET E 151 -4.25 48.74 60.20
CA MET E 151 -3.81 49.41 61.43
C MET E 151 -4.96 49.44 62.47
N ASN E 152 -6.16 49.90 62.08
CA ASN E 152 -7.34 50.01 62.99
C ASN E 152 -7.74 48.63 63.53
N HIS E 153 -7.66 47.57 62.72
CA HIS E 153 -8.19 46.23 63.10
C HIS E 153 -7.07 45.26 63.49
N ASN E 154 -5.84 45.73 63.60
CA ASN E 154 -4.67 44.89 64.00
C ASN E 154 -4.54 43.67 63.06
N LYS E 155 -4.55 43.90 61.75
CA LYS E 155 -4.37 42.84 60.73
C LYS E 155 -3.04 43.04 59.98
N LEU E 156 -2.45 41.95 59.49
CA LEU E 156 -1.30 41.96 58.57
C LEU E 156 -1.81 42.32 57.18
N LEU E 157 -1.02 43.11 56.49
CA LEU E 157 -1.28 43.63 55.14
C LEU E 157 -0.09 43.24 54.25
N ILE E 158 -0.38 42.39 53.27
CA ILE E 158 0.55 42.00 52.15
C ILE E 158 0.03 42.53 50.84
N PHE E 159 0.89 43.18 50.07
CA PHE E 159 0.58 43.60 48.70
C PHE E 159 1.17 42.57 47.76
N ASP E 160 0.32 41.97 46.95
CA ASP E 160 0.81 41.14 45.81
C ASP E 160 1.16 42.09 44.66
N ASN E 161 2.41 42.50 44.62
CA ASN E 161 3.02 43.36 43.59
C ASN E 161 3.79 42.50 42.57
N ALA E 162 3.36 41.27 42.30
CA ALA E 162 4.06 40.43 41.30
C ALA E 162 4.33 41.24 40.04
N ALA E 163 3.34 41.99 39.56
CA ALA E 163 3.39 42.71 38.28
C ALA E 163 3.59 44.22 38.52
N THR E 164 4.01 44.61 39.72
CA THR E 164 4.04 46.04 40.16
C THR E 164 5.34 46.40 40.89
N GLY E 165 6.48 46.35 40.21
CA GLY E 165 7.81 46.57 40.82
C GLY E 165 8.18 48.05 40.91
N TYR E 166 7.54 48.94 40.15
CA TYR E 166 8.01 50.34 40.07
C TYR E 166 6.82 51.26 39.78
N THR E 167 5.82 51.21 40.64
CA THR E 167 4.71 52.18 40.68
C THR E 167 4.77 52.89 42.03
N PHE E 168 4.76 54.23 42.00
CA PHE E 168 4.96 55.04 43.22
C PHE E 168 3.60 55.57 43.68
N TYR E 169 3.46 55.54 44.99
CA TYR E 169 2.27 56.00 45.75
C TYR E 169 2.76 56.93 46.84
N LEU E 170 2.27 58.18 46.76
CA LEU E 170 2.61 59.28 47.70
C LEU E 170 4.13 59.36 47.89
N GLY E 171 4.88 59.32 46.80
CA GLY E 171 6.33 59.62 46.80
C GLY E 171 7.25 58.44 47.08
N LYS E 172 6.74 57.20 47.22
CA LYS E 172 7.66 56.06 47.36
C LYS E 172 7.12 54.85 46.62
N ASN E 173 8.01 53.95 46.24
CA ASN E 173 7.64 52.69 45.58
C ASN E 173 6.53 52.01 46.42
N SER E 174 5.42 51.65 45.78
CA SER E 174 4.25 50.95 46.40
C SER E 174 4.69 49.70 47.18
N CYS E 175 5.80 49.08 46.80
CA CYS E 175 6.30 47.88 47.51
C CYS E 175 6.66 48.20 48.96
N ASN E 176 6.86 49.49 49.30
CA ASN E 176 7.22 49.93 50.66
C ASN E 176 6.02 50.00 51.59
N TYR E 177 4.78 49.77 51.13
CA TYR E 177 3.58 49.88 51.98
C TYR E 177 3.13 48.49 52.45
N GLY E 178 2.34 48.50 53.51
CA GLY E 178 1.88 47.29 54.21
C GLY E 178 3.05 46.66 54.96
N HIS E 179 2.84 45.54 55.64
CA HIS E 179 3.95 44.83 56.31
C HIS E 179 4.90 44.26 55.26
N ALA E 180 4.41 43.96 54.08
CA ALA E 180 5.25 43.31 53.07
C ALA E 180 4.61 43.40 51.70
N SER E 181 5.45 43.21 50.69
CA SER E 181 5.01 43.05 49.30
C SER E 181 5.91 42.01 48.64
N ILE E 182 5.44 41.47 47.53
CA ILE E 182 6.25 40.57 46.68
C ILE E 182 6.25 41.07 45.24
N ILE E 183 7.31 40.72 44.52
CA ILE E 183 7.57 41.05 43.08
CA ILE E 183 7.44 41.02 43.07
C ILE E 183 7.94 39.72 42.40
N SER E 184 7.57 39.57 41.15
CA SER E 184 7.92 38.45 40.29
C SER E 184 9.00 38.90 39.30
N PHE E 185 10.06 38.09 39.13
CA PHE E 185 11.00 38.21 37.99
C PHE E 185 10.77 37.09 36.97
N HIS E 186 9.54 36.62 36.86
CA HIS E 186 9.18 35.70 35.76
C HIS E 186 9.46 36.39 34.42
N HIS E 187 9.83 35.59 33.41
CA HIS E 187 10.18 36.10 32.06
C HIS E 187 9.07 36.98 31.51
N THR E 188 7.81 36.71 31.88
CA THR E 188 6.60 37.41 31.38
C THR E 188 6.49 38.81 31.99
N LYS E 189 7.29 39.14 32.98
CA LYS E 189 7.14 40.42 33.69
C LYS E 189 8.13 41.40 33.13
N PRO E 190 7.88 42.74 33.26
CA PRO E 190 8.82 43.69 32.66
C PRO E 190 10.26 43.52 33.16
N PHE E 191 10.46 43.26 34.46
CA PHE E 191 11.81 43.25 35.07
C PHE E 191 12.31 41.79 35.12
N GLY E 192 11.61 40.88 34.47
CA GLY E 192 11.90 39.44 34.68
C GLY E 192 12.89 38.88 33.69
N PHE E 193 13.49 37.78 34.09
CA PHE E 193 14.34 36.95 33.20
C PHE E 193 14.35 35.53 33.72
N GLY E 194 13.67 34.62 33.02
CA GLY E 194 13.52 33.22 33.45
C GLY E 194 12.51 33.13 34.58
N GLU E 195 12.98 32.76 35.76
CA GLU E 195 12.16 32.60 37.02
C GLU E 195 12.83 33.40 38.14
N GLY E 196 12.04 33.99 39.02
CA GLY E 196 12.58 34.62 40.25
C GLY E 196 11.52 35.39 40.98
N GLY E 197 11.74 35.64 42.24
CA GLY E 197 10.85 36.51 43.03
C GLY E 197 11.63 37.32 44.05
N CYS E 198 10.94 38.20 44.73
CA CYS E 198 11.55 39.08 45.73
C CYS E 198 10.46 39.39 46.74
N ILE E 199 10.80 39.25 48.01
CA ILE E 199 10.01 39.76 49.14
C ILE E 199 10.59 41.11 49.58
N ILE E 200 9.73 42.11 49.79
CA ILE E 200 10.03 43.39 50.48
C ILE E 200 9.27 43.34 51.79
N VAL E 201 9.95 43.27 52.94
CA VAL E 201 9.23 42.96 54.20
C VAL E 201 9.83 43.69 55.40
N ASP E 202 8.98 44.09 56.33
CA ASP E 202 9.38 44.69 57.62
C ASP E 202 10.52 43.86 58.20
N ARG E 203 11.57 44.55 58.62
CA ARG E 203 12.79 43.91 59.18
C ARG E 203 12.49 42.97 60.36
N LEU E 204 11.44 43.22 61.13
CA LEU E 204 11.00 42.37 62.26
C LEU E 204 10.95 40.90 61.82
N TYR E 205 10.55 40.64 60.57
CA TYR E 205 10.35 39.24 60.12
C TYR E 205 11.53 38.72 59.29
N GLU E 206 12.50 39.59 58.96
CA GLU E 206 13.55 39.27 57.96
C GLU E 206 14.25 37.93 58.27
N ASN E 207 14.76 37.77 59.48
CA ASN E 207 15.67 36.65 59.83
C ASN E 207 14.87 35.33 59.71
N ASN E 208 13.65 35.30 60.23
CA ASN E 208 12.84 34.05 60.11
C ASN E 208 12.46 33.79 58.64
N ILE E 209 12.17 34.81 57.83
CA ILE E 209 11.82 34.59 56.40
C ILE E 209 13.07 34.05 55.68
N ARG E 210 14.27 34.57 55.98
CA ARG E 210 15.50 34.11 55.28
C ARG E 210 15.79 32.65 55.67
N ILE E 211 15.67 32.36 56.95
CA ILE E 211 15.89 30.98 57.45
C ILE E 211 14.83 30.06 56.84
N GLY E 212 13.63 30.57 56.63
CA GLY E 212 12.51 29.77 56.07
C GLY E 212 12.72 29.43 54.60
N LEU E 213 13.66 30.08 53.89
CA LEU E 213 13.99 29.70 52.50
C LEU E 213 14.82 28.39 52.52
N ASN E 214 15.39 28.09 53.68
CA ASN E 214 16.36 27.00 53.92
C ASN E 214 15.74 26.02 54.91
N PHE E 215 14.45 25.69 54.72
CA PHE E 215 13.75 24.62 55.48
C PHE E 215 13.52 24.98 56.96
N GLY E 216 13.76 26.25 57.36
CA GLY E 216 13.67 26.64 58.76
C GLY E 216 14.97 26.49 59.49
N LEU E 217 16.03 26.08 58.78
CA LEU E 217 17.32 25.68 59.41
C LEU E 217 18.16 26.95 59.53
N ASP E 218 18.36 27.37 60.77
CA ASP E 218 19.19 28.56 61.07
C ASP E 218 20.64 28.12 61.13
N ASN E 219 21.43 28.55 60.16
CA ASN E 219 22.88 28.22 60.11
C ASN E 219 23.58 28.78 61.36
N SER E 220 23.03 29.80 62.01
CA SER E 220 23.65 30.37 63.23
C SER E 220 23.60 29.39 64.41
N LEU E 221 22.76 28.38 64.37
CA LEU E 221 22.65 27.39 65.46
C LEU E 221 23.58 26.19 65.24
N GLY E 222 24.30 26.10 64.11
CA GLY E 222 25.16 24.93 63.77
C GLY E 222 24.40 23.61 63.88
N GLU E 223 24.89 22.64 64.68
CA GLU E 223 24.28 21.29 64.86
C GLU E 223 22.85 21.38 65.42
N LYS E 224 22.56 22.45 66.17
CA LYS E 224 21.30 22.60 66.92
C LYS E 224 20.19 23.15 66.03
N SER E 225 20.44 23.37 64.73
CA SER E 225 19.39 23.89 63.81
C SER E 225 18.21 22.90 63.81
N GLN E 226 16.99 23.43 63.76
CA GLN E 226 15.75 22.61 63.78
C GLN E 226 14.85 23.08 62.63
N TYR E 227 14.45 22.16 61.76
CA TYR E 227 13.53 22.55 60.66
C TYR E 227 12.20 23.08 61.23
N SER E 228 11.47 23.76 60.35
CA SER E 228 10.06 24.13 60.60
C SER E 228 9.18 23.47 59.56
N ASN E 229 8.04 22.91 59.96
CA ASN E 229 7.06 22.40 58.97
C ASN E 229 6.36 23.52 58.20
N GLN E 230 6.64 24.79 58.51
CA GLN E 230 6.13 25.98 57.81
C GLN E 230 7.08 26.43 56.73
N ALA E 231 8.25 25.80 56.60
CA ALA E 231 9.27 26.25 55.63
C ALA E 231 9.36 25.27 54.45
N SER E 232 10.27 25.54 53.54
CA SER E 232 10.52 24.68 52.37
C SER E 232 11.86 25.09 51.77
N ASN E 233 12.11 24.67 50.53
CA ASN E 233 13.22 25.17 49.72
C ASN E 233 12.65 26.31 48.86
N TYR E 234 12.81 27.56 49.29
CA TYR E 234 12.23 28.74 48.60
C TYR E 234 13.33 29.69 48.07
N ARG E 235 14.59 29.32 48.21
CA ARG E 235 15.70 30.25 47.86
C ARG E 235 15.83 30.44 46.35
N MET E 236 16.42 31.58 45.97
CA MET E 236 16.86 31.79 44.57
C MET E 236 18.27 31.25 44.44
N CYS E 237 18.47 30.50 43.38
CA CYS E 237 19.79 29.99 42.96
C CYS E 237 20.66 31.15 42.49
N ASP E 238 21.95 31.15 42.76
CA ASP E 238 22.81 32.28 42.30
C ASP E 238 22.83 32.35 40.76
N LEU E 239 22.69 31.24 40.04
CA LEU E 239 22.69 31.27 38.56
C LEU E 239 21.57 32.20 38.11
N ASN E 240 20.36 31.97 38.63
CA ASN E 240 19.18 32.79 38.25
C ASN E 240 19.44 34.22 38.70
N ALA E 241 19.94 34.43 39.93
CA ALA E 241 20.30 35.80 40.39
C ALA E 241 21.19 36.51 39.35
N ALA E 242 22.18 35.86 38.73
CA ALA E 242 23.09 36.48 37.76
C ALA E 242 22.30 36.93 36.50
N PHE E 243 21.43 36.06 35.95
CA PHE E 243 20.71 36.39 34.69
C PHE E 243 19.77 37.55 35.00
N ILE E 244 19.18 37.56 36.18
CA ILE E 244 18.19 38.62 36.46
C ILE E 244 18.96 39.93 36.69
N LEU E 245 20.01 39.87 37.48
CA LEU E 245 20.78 41.09 37.83
C LEU E 245 21.32 41.70 36.54
N SER E 246 21.92 40.89 35.67
CA SER E 246 22.45 41.33 34.37
C SER E 246 21.33 42.02 33.57
N TYR E 247 20.18 41.37 33.42
CA TYR E 247 19.08 41.98 32.64
C TYR E 247 18.71 43.35 33.24
N LEU E 248 18.54 43.42 34.55
CA LEU E 248 18.19 44.68 35.26
C LEU E 248 19.29 45.73 35.06
N GLN E 249 20.58 45.38 35.18
CA GLN E 249 21.68 46.35 35.00
C GLN E 249 21.53 47.00 33.62
N ASN E 250 21.24 46.19 32.60
CA ASN E 250 21.25 46.68 31.20
C ASN E 250 19.96 47.39 30.81
N ASN E 251 18.83 47.15 31.47
CA ASN E 251 17.51 47.53 30.90
C ASN E 251 16.56 48.27 31.85
N TYR E 252 16.76 48.24 33.16
CA TYR E 252 15.67 48.60 34.11
C TYR E 252 15.26 50.07 33.91
N LYS E 253 16.21 50.97 33.67
CA LYS E 253 15.86 52.42 33.45
C LYS E 253 15.03 52.58 32.18
N LYS E 254 15.44 51.97 31.08
CA LYS E 254 14.70 52.06 29.80
C LYS E 254 13.31 51.43 29.95
N ILE E 255 13.16 50.33 30.71
CA ILE E 255 11.84 49.72 30.97
C ILE E 255 10.92 50.73 31.69
N ILE E 256 11.38 51.31 32.80
CA ILE E 256 10.62 52.32 33.56
C ILE E 256 10.26 53.47 32.63
N ASN E 257 11.25 54.05 31.95
CA ASN E 257 10.97 55.25 31.11
C ASN E 257 10.02 54.92 29.94
N ARG E 258 10.29 53.85 29.21
CA ARG E 258 9.48 53.48 28.04
C ARG E 258 8.08 53.03 28.49
N HIS E 259 7.93 52.28 29.59
CA HIS E 259 6.58 51.79 29.98
C HIS E 259 5.73 53.00 30.37
N SER E 260 6.34 54.04 30.95
CA SER E 260 5.60 55.25 31.39
C SER E 260 5.16 56.05 30.14
N GLU E 261 6.03 56.13 29.13
CA GLU E 261 5.75 56.68 27.78
C GLU E 261 4.58 55.94 27.13
N ILE E 262 4.54 54.61 27.19
CA ILE E 262 3.43 53.84 26.54
C ILE E 262 2.11 54.17 27.24
N TYR E 263 2.12 54.21 28.57
CA TYR E 263 0.94 54.49 29.39
C TYR E 263 0.43 55.90 28.99
N GLU E 264 1.39 56.83 28.82
CA GLU E 264 1.04 58.25 28.50
C GLU E 264 0.26 58.28 27.18
N ILE E 265 0.66 57.53 26.16
CA ILE E 265 -0.07 57.54 24.86
C ILE E 265 -1.50 57.08 25.09
N TYR E 266 -1.72 55.98 25.82
CA TYR E 266 -3.08 55.42 26.02
C TYR E 266 -3.88 56.40 26.85
N LYS E 267 -3.30 56.93 27.92
CA LYS E 267 -4.01 57.85 28.83
C LYS E 267 -4.47 59.10 28.04
N ASN E 268 -3.65 59.58 27.11
CA ASN E 268 -3.95 60.85 26.36
C ASN E 268 -4.76 60.58 25.10
N ASN E 269 -5.08 59.32 24.78
CA ASN E 269 -5.73 58.93 23.50
C ASN E 269 -6.64 57.72 23.72
N LEU E 270 -7.38 57.72 24.83
CA LEU E 270 -8.20 56.54 25.22
C LEU E 270 -9.14 56.19 24.09
N PRO E 271 -9.21 54.92 23.63
CA PRO E 271 -10.21 54.55 22.65
C PRO E 271 -11.62 54.73 23.24
N LYS E 272 -12.60 54.85 22.34
CA LYS E 272 -14.04 55.11 22.63
C LYS E 272 -14.56 54.01 23.56
N ARG E 273 -15.18 54.41 24.67
CA ARG E 273 -15.94 53.50 25.58
C ARG E 273 -14.99 52.50 26.27
N PHE E 274 -13.70 52.84 26.36
CA PHE E 274 -12.69 52.16 27.21
C PHE E 274 -12.23 53.11 28.30
N LYS E 275 -11.92 52.58 29.47
CA LYS E 275 -11.31 53.36 30.57
C LYS E 275 -10.04 52.61 30.94
N LEU E 276 -9.05 53.37 31.39
CA LEU E 276 -7.85 52.84 32.07
C LEU E 276 -8.33 52.01 33.26
N PHE E 277 -7.65 50.90 33.52
CA PHE E 277 -7.91 50.13 34.76
C PHE E 277 -7.77 51.08 35.96
N PRO E 278 -8.56 50.97 37.05
CA PRO E 278 -8.40 51.88 38.18
C PRO E 278 -6.97 51.92 38.72
N ASN E 279 -6.42 53.13 38.90
CA ASN E 279 -5.01 53.32 39.35
C ASN E 279 -4.97 54.59 40.23
N HIS E 280 -4.26 54.53 41.33
CA HIS E 280 -4.22 55.59 42.37
C HIS E 280 -2.83 56.25 42.39
N SER E 281 -1.94 55.92 41.46
CA SER E 281 -0.60 56.56 41.33
C SER E 281 -0.77 57.95 40.67
N LYS E 282 -0.08 58.95 41.19
CA LYS E 282 -0.06 60.27 40.50
C LYS E 282 0.74 60.19 39.19
N LYS E 283 1.97 59.67 39.26
CA LYS E 283 2.83 59.45 38.07
C LYS E 283 2.39 58.13 37.43
N ASN E 284 2.60 58.03 36.12
CA ASN E 284 2.20 56.86 35.32
C ASN E 284 2.76 55.61 35.98
N PRO E 285 1.93 54.55 36.09
CA PRO E 285 2.47 53.27 36.56
C PRO E 285 3.39 52.64 35.50
N VAL E 286 4.27 51.72 35.92
CA VAL E 286 5.06 50.86 35.01
C VAL E 286 4.31 49.54 34.90
N CYS E 287 3.63 49.31 33.79
CA CYS E 287 2.66 48.20 33.64
C CYS E 287 3.30 46.96 33.03
N SER E 288 2.80 45.78 33.40
CA SER E 288 3.14 44.48 32.76
C SER E 288 2.29 44.26 31.50
N SER E 289 1.16 44.96 31.39
CA SER E 289 0.30 45.05 30.20
C SER E 289 -0.58 46.27 30.40
N ILE E 290 -1.02 46.87 29.31
CA ILE E 290 -1.95 48.04 29.41
C ILE E 290 -3.34 47.45 29.57
N CYS E 291 -3.95 47.67 30.71
CA CYS E 291 -5.27 47.11 31.04
C CYS E 291 -6.35 48.18 30.83
N LEU E 292 -7.24 47.95 29.88
CA LEU E 292 -8.43 48.79 29.62
C LEU E 292 -9.68 48.01 29.99
N LEU E 293 -10.73 48.72 30.40
CA LEU E 293 -12.05 48.11 30.70
C LEU E 293 -13.00 48.69 29.67
N PHE E 294 -13.55 47.84 28.83
CA PHE E 294 -14.68 48.21 27.92
C PHE E 294 -15.91 48.43 28.78
N ASP E 295 -16.97 49.07 28.25
CA ASP E 295 -18.14 49.42 29.08
C ASP E 295 -19.09 48.22 29.18
N LYS E 296 -18.83 47.14 28.42
CA LYS E 296 -19.66 45.92 28.58
C LYS E 296 -18.81 44.67 28.38
N PRO E 297 -19.32 43.49 28.82
CA PRO E 297 -18.65 42.21 28.56
C PRO E 297 -18.44 42.01 27.07
N PHE E 298 -17.30 41.41 26.72
CA PHE E 298 -16.96 41.08 25.33
C PHE E 298 -16.00 39.90 25.36
N ARG E 299 -15.85 39.26 24.21
CA ARG E 299 -15.00 38.07 23.98
C ARG E 299 -13.69 38.49 23.32
N LEU E 300 -12.56 37.94 23.78
CA LEU E 300 -11.23 38.23 23.19
C LEU E 300 -11.20 37.94 21.70
N ASP E 301 -11.99 36.97 21.20
CA ASP E 301 -11.94 36.53 19.78
C ASP E 301 -12.37 37.66 18.84
N LYS E 302 -12.93 38.75 19.35
CA LYS E 302 -13.34 39.93 18.54
C LYS E 302 -12.18 40.93 18.40
N ILE E 303 -11.08 40.72 19.12
CA ILE E 303 -9.90 41.64 19.06
C ILE E 303 -8.85 41.07 18.12
N PRO E 304 -8.58 41.68 16.94
CA PRO E 304 -7.71 41.06 15.93
C PRO E 304 -6.20 41.27 16.11
N PHE E 305 -5.73 41.49 17.35
CA PHE E 305 -4.28 41.55 17.61
C PHE E 305 -4.00 40.86 18.96
N LEU E 306 -2.72 40.59 19.22
CA LEU E 306 -2.31 39.87 20.45
C LEU E 306 -2.85 40.60 21.70
N SER E 307 -3.60 39.89 22.52
CA SER E 307 -4.24 40.47 23.73
C SER E 307 -4.76 39.38 24.65
N ARG E 308 -4.96 39.71 25.92
CA ARG E 308 -5.35 38.73 26.94
C ARG E 308 -6.38 39.29 27.89
N LYS E 309 -6.97 38.38 28.67
CA LYS E 309 -7.76 38.72 29.85
C LYS E 309 -7.08 38.13 31.09
N TYR E 310 -6.66 38.98 32.00
CA TYR E 310 -6.25 38.62 33.37
C TYR E 310 -7.14 39.42 34.32
N TYR E 311 -7.46 38.87 35.48
CA TYR E 311 -7.25 37.51 35.90
C TYR E 311 -8.59 36.79 35.88
N LYS E 312 -8.62 35.54 35.43
CA LYS E 312 -9.81 34.71 35.62
C LYS E 312 -10.06 34.59 37.11
N PRO E 313 -11.24 34.96 37.63
CA PRO E 313 -11.44 34.99 39.06
C PRO E 313 -11.18 33.64 39.71
N LEU E 314 -10.55 33.68 40.89
CA LEU E 314 -10.31 32.44 41.67
C LEU E 314 -11.67 31.87 42.12
N ASP E 315 -12.62 32.75 42.47
CA ASP E 315 -14.00 32.37 42.83
C ASP E 315 -14.88 33.05 41.77
N LEU E 316 -15.43 32.28 40.82
CA LEU E 316 -16.22 32.83 39.70
C LEU E 316 -17.54 33.39 40.20
N SER E 317 -17.90 33.17 41.45
CA SER E 317 -19.13 33.72 42.08
C SER E 317 -18.89 35.15 42.62
N SER E 318 -17.67 35.69 42.53
CA SER E 318 -17.31 37.07 42.92
C SER E 318 -17.73 38.02 41.79
N PRO E 319 -18.87 38.76 41.93
CA PRO E 319 -19.43 39.50 40.78
C PRO E 319 -18.59 40.64 40.20
N VAL E 320 -17.98 41.48 41.03
CA VAL E 320 -17.11 42.56 40.53
C VAL E 320 -15.90 41.95 39.80
N SER E 321 -15.25 40.95 40.40
CA SER E 321 -14.12 40.24 39.75
C SER E 321 -14.56 39.70 38.38
N LEU E 322 -15.71 39.03 38.30
CA LEU E 322 -16.13 38.43 37.03
C LEU E 322 -16.44 39.54 36.01
N ASP E 323 -17.08 40.62 36.45
CA ASP E 323 -17.41 41.77 35.57
C ASP E 323 -16.11 42.32 35.00
N PHE E 324 -15.13 42.56 35.86
CA PHE E 324 -13.80 43.06 35.42
C PHE E 324 -13.21 42.09 34.38
N TYR E 325 -13.25 40.78 34.68
CA TYR E 325 -12.72 39.74 33.77
C TYR E 325 -13.39 39.83 32.39
N GLN E 326 -14.72 40.00 32.38
CA GLN E 326 -15.53 40.04 31.14
C GLN E 326 -15.31 41.35 30.37
N ARG E 327 -14.97 42.43 31.05
CA ARG E 327 -14.82 43.76 30.41
C ARG E 327 -13.37 44.09 30.11
N ILE E 328 -12.41 43.32 30.66
CA ILE E 328 -10.99 43.77 30.62
C ILE E 328 -10.36 43.49 29.26
N LEU E 329 -9.40 44.31 28.84
CA LEU E 329 -8.52 43.97 27.71
C LEU E 329 -7.07 44.30 28.15
N CYS E 330 -6.21 43.29 28.15
CA CYS E 330 -4.78 43.41 28.52
C CYS E 330 -3.97 43.42 27.21
N ILE E 331 -3.31 44.54 26.96
CA ILE E 331 -2.63 44.83 25.67
C ILE E 331 -1.14 44.72 25.93
N PRO E 332 -0.35 44.09 25.06
CA PRO E 332 1.10 44.03 25.28
C PRO E 332 1.68 45.41 25.61
N CYS E 333 2.59 45.42 26.56
CA CYS E 333 3.37 46.62 27.01
C CYS E 333 4.81 46.19 27.26
N ASN E 334 5.72 46.58 26.36
CA ASN E 334 7.14 46.18 26.48
C ASN E 334 8.01 47.15 25.65
N ILE E 335 9.33 47.03 25.78
CA ILE E 335 10.26 48.01 25.16
C ILE E 335 10.45 47.75 23.65
N ASP E 336 9.82 46.73 23.08
CA ASP E 336 9.92 46.47 21.62
C ASP E 336 8.72 47.10 20.87
N LEU E 337 7.67 47.50 21.58
CA LEU E 337 6.48 48.13 20.96
C LEU E 337 6.84 49.53 20.45
N THR E 338 6.44 49.84 19.20
CA THR E 338 6.61 51.16 18.57
C THR E 338 5.37 52.03 18.81
N ASP E 339 5.57 53.35 18.85
CA ASP E 339 4.46 54.34 18.81
C ASP E 339 3.49 54.01 17.65
N ARG E 340 3.97 53.69 16.45
CA ARG E 340 3.08 53.34 15.30
C ARG E 340 2.16 52.18 15.70
N GLN E 341 2.70 51.10 16.29
CA GLN E 341 1.85 49.96 16.71
C GLN E 341 0.79 50.45 17.70
N ILE E 342 1.16 51.26 18.69
CA ILE E 342 0.23 51.71 19.76
C ILE E 342 -0.93 52.50 19.13
N TYR E 343 -0.63 53.41 18.20
CA TYR E 343 -1.69 54.22 17.56
C TYR E 343 -2.58 53.34 16.69
N GLU E 344 -2.02 52.32 16.02
CA GLU E 344 -2.81 51.34 15.23
C GLU E 344 -3.74 50.55 16.14
N ILE E 345 -3.25 50.09 17.31
CA ILE E 345 -4.09 49.43 18.34
C ILE E 345 -5.25 50.35 18.70
N ILE E 346 -4.97 51.62 18.99
CA ILE E 346 -6.06 52.54 19.43
C ILE E 346 -7.10 52.65 18.32
N GLY E 347 -6.65 52.77 17.06
CA GLY E 347 -7.53 52.83 15.89
C GLY E 347 -8.37 51.58 15.78
N VAL E 348 -7.74 50.41 15.97
CA VAL E 348 -8.47 49.11 15.90
C VAL E 348 -9.51 49.03 17.03
N LEU E 349 -9.24 49.60 18.22
CA LEU E 349 -10.17 49.51 19.38
C LEU E 349 -11.33 50.50 19.19
N ASN E 350 -11.10 51.62 18.50
CA ASN E 350 -12.17 52.59 18.15
C ASN E 350 -13.15 51.90 17.19
N GLU E 351 -12.61 51.18 16.21
CA GLU E 351 -13.38 50.38 15.23
C GLU E 351 -14.16 49.29 15.94
N PHE E 352 -13.50 48.59 16.88
CA PHE E 352 -14.17 47.57 17.73
C PHE E 352 -15.32 48.23 18.50
N ALA E 353 -15.08 49.38 19.14
CA ALA E 353 -16.11 50.06 19.96
C ALA E 353 -17.33 50.34 19.07
N ASP E 354 -17.11 50.98 17.92
CA ASP E 354 -18.19 51.45 17.01
C ASP E 354 -19.12 50.27 16.71
N LYS E 355 -18.56 49.05 16.55
CA LYS E 355 -19.32 47.84 16.14
C LYS E 355 -19.86 47.06 17.35
N ASN E 356 -19.68 47.52 18.59
CA ASN E 356 -20.11 46.71 19.77
C ASN E 356 -20.75 47.62 20.81
N LEU F 7 44.65 16.03 54.28
CA LEU F 7 43.15 15.95 54.28
C LEU F 7 42.50 17.33 54.42
N GLU F 8 43.30 18.40 54.60
CA GLU F 8 42.83 19.80 54.69
C GLU F 8 42.22 20.26 53.35
N LYS F 9 42.50 19.56 52.24
CA LYS F 9 41.97 19.93 50.90
C LYS F 9 40.67 19.16 50.62
N LEU F 10 40.15 18.40 51.59
CA LEU F 10 38.84 17.71 51.38
C LEU F 10 37.78 18.78 51.12
N THR F 11 36.86 18.52 50.18
CA THR F 11 35.64 19.31 49.95
C THR F 11 34.46 18.33 49.90
N TRP F 12 33.28 18.83 50.22
CA TRP F 12 32.08 17.97 50.25
C TRP F 12 31.72 17.57 48.83
N VAL F 13 31.72 18.55 47.94
CA VAL F 13 31.30 18.53 46.53
C VAL F 13 32.56 18.66 45.67
N SER F 14 32.63 17.99 44.52
CA SER F 14 33.71 18.26 43.55
C SER F 14 33.57 19.71 43.07
N GLU F 15 34.65 20.32 42.61
CA GLU F 15 34.60 21.65 41.94
C GLU F 15 33.81 21.50 40.65
N LYS F 16 32.76 22.31 40.49
CA LYS F 16 31.87 22.32 39.32
C LYS F 16 31.97 23.71 38.69
N LYS F 17 32.15 23.76 37.39
CA LYS F 17 32.20 25.01 36.60
C LYS F 17 31.43 24.77 35.31
N PRO F 18 30.69 25.79 34.81
CA PRO F 18 29.96 25.65 33.56
C PRO F 18 30.92 25.39 32.40
N ASP F 19 30.52 24.48 31.54
CA ASP F 19 31.03 24.41 30.16
C ASP F 19 30.34 25.52 29.36
N TRP F 20 30.89 26.73 29.37
CA TRP F 20 30.17 27.91 28.82
C TRP F 20 29.80 27.73 27.35
N SER F 21 30.70 27.18 26.51
CA SER F 21 30.36 26.94 25.09
C SER F 21 29.12 26.07 25.00
N ASN F 22 29.05 24.99 25.79
CA ASN F 22 27.90 24.04 25.72
C ASN F 22 26.64 24.71 26.27
N VAL F 23 26.76 25.37 27.41
CA VAL F 23 25.59 26.05 28.05
C VAL F 23 25.03 27.12 27.12
N GLN F 24 25.88 27.96 26.50
CA GLN F 24 25.46 28.97 25.49
C GLN F 24 24.80 28.30 24.29
N LYS F 25 25.31 27.15 23.81
CA LYS F 25 24.75 26.42 22.65
C LYS F 25 23.33 25.93 22.99
N LEU F 26 23.15 25.32 24.16
CA LEU F 26 21.82 24.92 24.67
C LEU F 26 20.90 26.15 24.74
N ILE F 27 21.34 27.19 25.43
CA ILE F 27 20.45 28.36 25.72
C ILE F 27 20.17 29.15 24.44
N ALA F 28 20.97 28.98 23.38
CA ALA F 28 20.69 29.60 22.07
C ALA F 28 19.25 29.27 21.64
N ALA F 29 18.72 28.09 21.96
CA ALA F 29 17.33 27.73 21.59
C ALA F 29 16.32 28.64 22.34
N CYS F 30 16.56 28.92 23.62
CA CYS F 30 15.74 29.90 24.38
C CYS F 30 15.83 31.28 23.71
N GLU F 31 17.02 31.71 23.33
CA GLU F 31 17.25 33.07 22.78
C GLU F 31 16.50 33.23 21.46
N ALA F 32 16.44 32.18 20.66
CA ALA F 32 15.82 32.21 19.32
C ALA F 32 14.31 32.44 19.44
N THR F 33 13.66 31.98 20.52
CA THR F 33 12.20 31.96 20.69
C THR F 33 11.77 32.79 21.90
N ASN F 34 12.73 33.35 22.64
CA ASN F 34 12.50 34.12 23.90
C ASN F 34 11.74 33.26 24.92
N GLN F 35 11.91 31.93 24.88
CA GLN F 35 11.19 31.00 25.77
C GLN F 35 12.21 30.45 26.75
N TYR F 36 12.20 30.93 27.99
CA TYR F 36 13.22 30.56 29.00
C TYR F 36 12.56 29.84 30.18
N THR F 37 11.24 29.71 30.16
CA THR F 37 10.51 28.99 31.24
C THR F 37 9.14 28.61 30.67
N ASN F 38 8.27 28.12 31.53
CA ASN F 38 6.93 27.61 31.17
C ASN F 38 7.12 26.50 30.13
N ILE F 39 8.15 25.67 30.35
CA ILE F 39 8.48 24.49 29.50
C ILE F 39 8.94 25.01 28.13
N GLY F 40 10.16 25.52 28.14
CA GLY F 40 10.92 25.96 26.99
C GLY F 40 11.62 24.79 26.31
N PRO F 41 12.51 25.07 25.36
CA PRO F 41 13.12 24.04 24.52
C PRO F 41 14.14 23.13 25.24
N ILE F 42 14.58 23.50 26.44
CA ILE F 42 15.61 22.66 27.16
C ILE F 42 14.92 21.57 27.98
N ILE F 43 13.71 21.79 28.50
CA ILE F 43 13.09 20.81 29.45
C ILE F 43 13.08 19.40 28.83
N SER F 44 12.59 19.23 27.60
CA SER F 44 12.50 17.87 26.99
C SER F 44 13.91 17.29 26.86
N GLN F 45 14.91 18.11 26.55
CA GLN F 45 16.31 17.62 26.39
C GLN F 45 16.81 17.02 27.72
N LEU F 46 16.61 17.73 28.84
CA LEU F 46 17.08 17.22 30.15
C LEU F 46 16.26 16.01 30.55
N GLU F 47 14.94 16.04 30.34
CA GLU F 47 14.10 14.90 30.76
C GLU F 47 14.52 13.66 29.95
N SER F 48 14.74 13.81 28.63
CA SER F 48 15.21 12.69 27.75
C SER F 48 16.58 12.19 28.22
N PHE F 49 17.50 13.11 28.49
CA PHE F 49 18.86 12.75 28.98
C PHE F 49 18.74 11.91 30.24
N ILE F 50 17.91 12.34 31.20
CA ILE F 50 17.72 11.58 32.46
C ILE F 50 17.14 10.21 32.14
N ARG F 51 16.12 10.15 31.30
CA ARG F 51 15.48 8.86 30.99
C ARG F 51 16.55 7.90 30.40
N ASP F 52 17.26 8.37 29.40
CA ASP F 52 18.14 7.51 28.57
C ASP F 52 19.39 7.18 29.36
N SER F 53 19.91 8.10 30.16
CA SER F 53 21.23 7.95 30.86
C SER F 53 21.05 7.26 32.20
N PHE F 54 19.95 7.52 32.91
CA PHE F 54 19.73 6.90 34.24
C PHE F 54 18.94 5.59 34.13
N LEU F 55 18.42 5.27 32.95
CA LEU F 55 17.69 4.03 32.63
C LEU F 55 16.36 4.01 33.41
N ILE F 56 15.55 5.02 33.14
CA ILE F 56 14.15 5.09 33.62
C ILE F 56 13.31 4.28 32.65
N GLU F 57 12.41 3.49 33.16
CA GLU F 57 11.53 2.65 32.34
C GLU F 57 10.43 3.45 31.63
N GLU F 58 9.89 2.85 30.59
CA GLU F 58 8.86 3.50 29.73
C GLU F 58 7.55 3.76 30.51
N SER F 59 7.29 3.03 31.57
CA SER F 59 6.03 3.11 32.33
C SER F 59 6.05 4.37 33.24
N LYS F 60 7.16 5.10 33.23
CA LYS F 60 7.39 6.26 34.16
C LYS F 60 7.59 7.52 33.35
N ALA F 61 6.96 8.60 33.82
CA ALA F 61 7.25 9.96 33.34
C ALA F 61 8.54 10.40 34.02
N VAL F 62 9.27 11.25 33.34
CA VAL F 62 10.41 12.01 33.90
C VAL F 62 10.04 13.49 33.85
N ILE F 63 9.83 14.10 35.01
CA ILE F 63 9.30 15.48 35.15
C ILE F 63 10.27 16.31 35.98
N VAL F 64 10.99 17.21 35.34
CA VAL F 64 11.93 18.04 36.11
C VAL F 64 11.16 19.19 36.80
N THR F 65 11.73 19.63 37.90
CA THR F 65 11.13 20.64 38.81
C THR F 65 12.21 21.58 39.32
N SER F 66 11.82 22.62 40.07
CA SER F 66 12.75 23.66 40.53
C SER F 66 13.80 23.12 41.53
N ASN F 67 13.45 22.17 42.36
CA ASN F 67 14.40 21.56 43.33
C ASN F 67 13.89 20.18 43.75
N GLY F 68 14.68 19.44 44.54
CA GLY F 68 14.19 18.13 44.98
C GLY F 68 12.95 18.25 45.83
N THR F 69 12.90 19.27 46.69
CA THR F 69 11.76 19.55 47.56
C THR F 69 10.50 19.79 46.74
N SER F 70 10.58 20.61 45.70
CA SER F 70 9.42 20.85 44.81
C SER F 70 9.11 19.63 43.95
N ALA F 71 10.08 18.76 43.68
CA ALA F 71 9.77 17.46 43.03
C ALA F 71 8.85 16.65 43.97
N LEU F 72 9.20 16.50 45.25
CA LEU F 72 8.36 15.77 46.22
C LEU F 72 6.99 16.49 46.36
N HIS F 73 7.00 17.84 46.44
CA HIS F 73 5.74 18.56 46.75
C HIS F 73 4.83 18.52 45.54
N ALA F 74 5.37 18.66 44.34
CA ALA F 74 4.63 18.62 43.05
C ALA F 74 4.06 17.21 42.87
N LEU F 75 4.82 16.20 43.25
CA LEU F 75 4.33 14.80 43.13
C LEU F 75 3.07 14.65 43.97
N VAL F 76 3.11 15.03 45.25
CA VAL F 76 2.02 14.88 46.23
C VAL F 76 0.86 15.79 45.81
N GLY F 77 1.15 17.03 45.45
CA GLY F 77 0.09 17.95 44.97
C GLY F 77 -0.66 17.43 43.75
N GLY F 78 0.08 16.86 42.76
CA GLY F 78 -0.52 16.35 41.53
C GLY F 78 -1.38 15.15 41.84
N ILE F 79 -0.91 14.25 42.70
CA ILE F 79 -1.72 13.05 43.08
C ILE F 79 -2.95 13.51 43.88
N ASN F 80 -2.80 14.48 44.78
CA ASN F 80 -3.93 15.04 45.55
C ASN F 80 -4.98 15.58 44.57
N ARG F 81 -4.54 16.38 43.60
CA ARG F 81 -5.43 16.96 42.56
C ARG F 81 -6.15 15.83 41.83
N GLN F 82 -5.42 14.81 41.40
CA GLN F 82 -6.03 13.73 40.62
C GLN F 82 -7.04 12.96 41.49
N LEU F 83 -6.77 12.69 42.74
CA LEU F 83 -7.64 11.79 43.56
C LEU F 83 -8.72 12.60 44.29
N GLY F 84 -8.63 13.92 44.30
CA GLY F 84 -9.62 14.81 44.93
C GLY F 84 -9.62 14.81 46.43
N ARG F 85 -8.47 14.57 47.08
CA ARG F 85 -8.33 14.78 48.54
C ARG F 85 -6.87 15.06 48.87
N GLU F 86 -6.64 15.62 50.05
CA GLU F 86 -5.27 15.89 50.56
C GLU F 86 -4.78 14.59 51.23
N LEU F 87 -3.91 13.87 50.54
CA LEU F 87 -3.44 12.54 50.98
C LEU F 87 -2.60 12.68 52.24
N LYS F 88 -2.80 11.72 53.13
CA LYS F 88 -2.05 11.59 54.37
C LYS F 88 -0.89 10.64 54.12
N PHE F 89 0.33 11.17 54.17
CA PHE F 89 1.54 10.30 54.09
C PHE F 89 2.19 10.14 55.44
N VAL F 90 2.87 8.97 55.54
CA VAL F 90 3.82 8.64 56.61
C VAL F 90 5.22 8.76 56.03
N THR F 91 6.09 9.45 56.75
CA THR F 91 7.54 9.51 56.40
C THR F 91 8.34 8.97 57.57
N GLN F 92 9.61 8.64 57.30
CA GLN F 92 10.53 8.16 58.36
C GLN F 92 11.24 9.34 59.01
N SER F 93 11.66 9.17 60.25
CA SER F 93 12.21 10.30 61.04
C SER F 93 13.64 10.61 60.55
N PHE F 94 14.34 9.57 60.09
CA PHE F 94 15.73 9.68 59.58
C PHE F 94 15.65 10.08 58.11
N THR F 95 15.34 11.37 57.91
CA THR F 95 15.28 11.93 56.55
C THR F 95 15.39 13.46 56.63
N PHE F 96 15.32 14.07 55.47
CA PHE F 96 15.46 15.52 55.30
C PHE F 96 14.07 16.16 55.52
N PRO F 97 14.01 17.41 55.95
CA PRO F 97 12.72 18.04 56.25
C PRO F 97 11.64 18.06 55.15
N SER F 98 12.04 17.92 53.90
CA SER F 98 11.14 18.09 52.72
C SER F 98 9.86 17.27 52.88
N SER F 99 9.96 16.06 53.43
CA SER F 99 8.77 15.16 53.51
C SER F 99 7.93 15.47 54.77
N ASN F 100 8.17 16.59 55.48
CA ASN F 100 7.23 17.13 56.50
C ASN F 100 7.02 18.63 56.25
N GLN F 101 6.96 19.02 54.99
CA GLN F 101 6.71 20.43 54.56
C GLN F 101 5.74 20.48 53.36
N GLY F 102 5.28 21.69 53.02
CA GLY F 102 4.40 21.87 51.87
C GLY F 102 3.13 21.02 52.06
N PRO F 103 2.74 20.23 51.04
CA PRO F 103 1.52 19.43 51.14
C PRO F 103 1.75 18.28 52.13
N LEU F 104 3.00 18.07 52.56
CA LEU F 104 3.38 17.07 53.57
C LEU F 104 3.61 17.71 54.94
N LYS F 105 3.16 18.95 55.18
CA LYS F 105 3.47 19.62 56.46
C LYS F 105 2.84 18.91 57.64
N ASP F 106 1.76 18.14 57.40
CA ASP F 106 1.11 17.37 58.48
C ASP F 106 1.30 15.88 58.22
N SER F 107 2.31 15.50 57.44
CA SER F 107 2.68 14.06 57.36
C SER F 107 2.93 13.50 58.77
N ILE F 108 2.74 12.17 58.86
CA ILE F 108 3.02 11.42 60.09
C ILE F 108 4.47 10.93 60.07
N ILE F 109 5.18 11.19 61.14
CA ILE F 109 6.61 10.74 61.23
C ILE F 109 6.69 9.47 62.09
N VAL F 110 7.30 8.42 61.56
CA VAL F 110 7.57 7.18 62.37
C VAL F 110 9.06 6.85 62.23
N ASP F 111 9.50 5.91 63.03
CA ASP F 111 10.92 5.52 63.09
C ASP F 111 11.28 4.72 61.84
N ILE F 112 12.58 4.55 61.68
CA ILE F 112 13.18 3.59 60.72
C ILE F 112 13.35 2.25 61.47
N ASP F 113 13.51 1.19 60.67
CA ASP F 113 14.05 -0.09 61.18
C ASP F 113 15.55 -0.08 60.93
N GLU F 114 16.25 -1.17 61.31
CA GLU F 114 17.73 -1.17 61.27
C GLU F 114 18.31 -1.32 59.86
N ASP F 115 17.48 -1.48 58.84
CA ASP F 115 17.93 -1.46 57.43
C ASP F 115 17.84 -0.06 56.82
N GLY F 116 17.48 0.99 57.57
CA GLY F 116 17.66 2.40 57.14
C GLY F 116 16.37 3.04 56.64
N GLY F 117 15.30 2.27 56.48
CA GLY F 117 14.02 2.74 55.92
C GLY F 117 12.89 2.67 56.94
N LEU F 118 11.82 3.42 56.67
CA LEU F 118 10.57 3.43 57.46
C LEU F 118 10.22 2.05 58.05
N ASP F 119 9.92 2.02 59.32
CA ASP F 119 9.57 0.77 60.05
C ASP F 119 8.09 0.44 59.75
N LEU F 120 7.82 -0.53 58.88
CA LEU F 120 6.44 -0.95 58.50
C LEU F 120 5.64 -1.39 59.75
N ASN F 121 6.28 -1.85 60.82
CA ASN F 121 5.58 -2.23 62.08
C ASN F 121 4.97 -1.00 62.74
N ALA F 122 5.52 0.17 62.49
CA ALA F 122 5.10 1.43 63.15
C ALA F 122 3.78 1.96 62.54
N VAL F 123 3.32 1.46 61.40
CA VAL F 123 2.12 2.02 60.72
C VAL F 123 0.88 1.12 60.96
N LYS F 124 0.96 0.18 61.90
CA LYS F 124 -0.08 -0.88 62.04
C LYS F 124 -1.42 -0.27 62.50
N ASN F 125 -1.43 0.67 63.43
CA ASN F 125 -2.70 1.24 63.99
C ASN F 125 -2.91 2.68 63.53
N ILE F 126 -2.41 3.02 62.34
CA ILE F 126 -2.40 4.43 61.84
C ILE F 126 -3.28 4.50 60.59
N GLU F 127 -4.08 5.55 60.46
CA GLU F 127 -4.83 5.90 59.24
C GLU F 127 -3.92 6.75 58.33
N TYR F 128 -3.69 6.28 57.10
CA TYR F 128 -2.79 6.96 56.13
C TYR F 128 -3.09 6.41 54.73
N ASP F 129 -2.70 7.17 53.68
CA ASP F 129 -2.93 6.86 52.25
C ASP F 129 -1.67 6.30 51.60
N GLY F 130 -0.53 6.77 52.06
CA GLY F 130 0.77 6.40 51.45
C GLY F 130 1.94 6.56 52.42
N ILE F 131 3.07 6.03 52.03
CA ILE F 131 4.36 6.13 52.75
C ILE F 131 5.44 6.69 51.80
N ILE F 132 6.41 7.34 52.42
CA ILE F 132 7.63 7.92 51.81
C ILE F 132 8.81 7.28 52.52
N VAL F 133 9.57 6.51 51.75
CA VAL F 133 10.76 5.75 52.25
C VAL F 133 11.99 6.43 51.65
N THR F 134 12.97 6.79 52.48
CA THR F 134 14.20 7.44 52.03
C THR F 134 15.31 6.40 51.82
N ASN F 135 15.88 6.43 50.63
CA ASN F 135 17.08 5.64 50.23
C ASN F 135 18.27 6.53 50.53
N ILE F 136 18.93 6.29 51.65
CA ILE F 136 19.83 7.29 52.29
C ILE F 136 21.15 7.42 51.50
N HIS F 137 21.43 8.62 51.00
CA HIS F 137 22.77 8.96 50.44
C HIS F 137 23.26 7.96 49.39
N GLY F 138 22.36 7.35 48.63
CA GLY F 138 22.65 6.46 47.49
C GLY F 138 22.46 4.99 47.84
N ASN F 139 22.39 4.68 49.13
CA ASN F 139 22.11 3.32 49.65
C ASN F 139 20.64 3.08 49.36
N VAL F 140 20.24 1.82 49.14
CA VAL F 140 18.81 1.48 48.94
C VAL F 140 18.36 0.50 50.02
N VAL F 141 17.13 0.69 50.49
CA VAL F 141 16.41 -0.24 51.39
C VAL F 141 16.11 -1.55 50.61
N ASP F 142 15.57 -2.53 51.31
CA ASP F 142 14.98 -3.74 50.67
C ASP F 142 13.66 -3.30 50.01
N ILE F 143 13.76 -2.73 48.82
CA ILE F 143 12.67 -2.00 48.14
C ILE F 143 11.46 -2.92 48.01
N ASN F 144 11.64 -4.19 47.58
CA ASN F 144 10.46 -5.05 47.38
C ASN F 144 9.69 -5.27 48.70
N LYS F 145 10.25 -5.19 49.91
CA LYS F 145 9.40 -5.39 51.13
C LYS F 145 8.39 -4.23 51.24
N TYR F 146 8.77 -3.04 50.76
CA TYR F 146 7.82 -1.87 50.75
C TYR F 146 6.83 -1.99 49.58
N VAL F 147 7.28 -2.47 48.42
CA VAL F 147 6.42 -2.62 47.21
C VAL F 147 5.34 -3.62 47.58
N ASP F 148 5.74 -4.78 48.13
CA ASP F 148 4.78 -5.84 48.55
C ASP F 148 3.82 -5.35 49.62
N PHE F 149 4.31 -4.64 50.64
CA PHE F 149 3.45 -4.15 51.76
C PHE F 149 2.39 -3.18 51.21
N CYS F 150 2.82 -2.21 50.41
CA CYS F 150 1.92 -1.16 49.83
C CYS F 150 0.93 -1.79 48.86
N MET F 151 1.33 -2.79 48.07
CA MET F 151 0.39 -3.52 47.19
C MET F 151 -0.64 -4.27 48.05
N ASN F 152 -0.21 -4.93 49.12
CA ASN F 152 -1.11 -5.77 49.96
C ASN F 152 -2.11 -4.84 50.67
N HIS F 153 -1.69 -3.61 51.05
CA HIS F 153 -2.51 -2.72 51.90
C HIS F 153 -3.11 -1.57 51.07
N ASN F 154 -2.99 -1.61 49.74
CA ASN F 154 -3.54 -0.57 48.83
CA ASN F 154 -3.52 -0.57 48.81
C ASN F 154 -3.04 0.82 49.29
N LYS F 155 -1.73 0.96 49.47
CA LYS F 155 -1.14 2.26 49.87
C LYS F 155 -0.25 2.77 48.73
N LEU F 156 -0.14 4.09 48.61
CA LEU F 156 0.82 4.70 47.69
C LEU F 156 2.22 4.59 48.30
N LEU F 157 3.21 4.47 47.42
CA LEU F 157 4.63 4.32 47.78
C LEU F 157 5.47 5.30 46.97
N ILE F 158 6.10 6.23 47.71
CA ILE F 158 7.10 7.19 47.18
C ILE F 158 8.46 6.85 47.80
N PHE F 159 9.48 6.78 46.98
CA PHE F 159 10.88 6.75 47.42
C PHE F 159 11.45 8.18 47.31
N ASP F 160 11.99 8.66 48.42
CA ASP F 160 12.79 9.89 48.41
C ASP F 160 14.22 9.50 48.01
N ASN F 161 14.54 9.61 46.74
CA ASN F 161 15.84 9.30 46.11
C ASN F 161 16.60 10.60 45.84
N ALA F 162 16.42 11.62 46.70
CA ALA F 162 17.06 12.93 46.48
C ALA F 162 18.55 12.71 46.21
N ALA F 163 19.15 11.83 47.00
CA ALA F 163 20.59 11.56 46.99
C ALA F 163 20.93 10.25 46.26
N THR F 164 20.00 9.66 45.51
CA THR F 164 20.06 8.27 45.02
C THR F 164 19.61 8.18 43.57
N GLY F 165 20.38 8.78 42.68
CA GLY F 165 20.04 8.84 41.25
C GLY F 165 20.44 7.60 40.48
N TYR F 166 21.42 6.83 40.99
CA TYR F 166 22.05 5.77 40.17
C TYR F 166 22.49 4.60 41.07
N THR F 167 21.53 4.08 41.83
CA THR F 167 21.67 2.79 42.55
C THR F 167 20.62 1.81 42.00
N PHE F 168 21.02 0.58 41.71
CA PHE F 168 20.21 -0.42 40.98
C PHE F 168 19.74 -1.48 41.96
N TYR F 169 18.48 -1.84 41.83
CA TYR F 169 17.79 -2.84 42.66
C TYR F 169 17.20 -3.83 41.67
N LEU F 170 17.62 -5.10 41.76
CA LEU F 170 17.15 -6.18 40.85
C LEU F 170 17.34 -5.74 39.39
N GLY F 171 18.45 -5.08 39.05
CA GLY F 171 18.87 -4.83 37.67
C GLY F 171 18.19 -3.62 37.06
N LYS F 172 17.45 -2.86 37.87
CA LYS F 172 16.78 -1.61 37.41
C LYS F 172 17.14 -0.45 38.35
N ASN F 173 17.27 0.74 37.80
CA ASN F 173 17.44 1.95 38.62
C ASN F 173 16.36 1.92 39.72
N SER F 174 16.76 2.20 40.95
CA SER F 174 15.87 2.18 42.12
C SER F 174 14.75 3.23 41.96
N CYS F 175 14.96 4.26 41.12
CA CYS F 175 13.95 5.34 40.88
C CYS F 175 12.71 4.74 40.21
N ASN F 176 12.84 3.55 39.61
CA ASN F 176 11.74 2.86 38.89
C ASN F 176 10.75 2.16 39.83
N TYR F 177 10.96 2.10 41.15
CA TYR F 177 10.15 1.32 42.09
C TYR F 177 9.21 2.25 42.85
N GLY F 178 8.19 1.67 43.47
CA GLY F 178 7.08 2.45 44.04
C GLY F 178 6.26 3.07 42.92
N HIS F 179 5.24 3.83 43.32
CA HIS F 179 4.46 4.67 42.38
C HIS F 179 5.33 5.78 41.83
N ALA F 180 6.32 6.20 42.61
CA ALA F 180 7.16 7.34 42.20
C ALA F 180 8.39 7.43 43.08
N SER F 181 9.36 8.13 42.55
CA SER F 181 10.55 8.57 43.30
C SER F 181 10.85 10.01 42.89
N ILE F 182 11.73 10.65 43.65
CA ILE F 182 12.23 12.01 43.32
C ILE F 182 13.74 12.01 43.52
N ILE F 183 14.40 12.82 42.72
CA ILE F 183 15.88 13.00 42.72
C ILE F 183 16.14 14.50 42.84
N SER F 184 17.24 14.86 43.49
CA SER F 184 17.71 16.25 43.62
C SER F 184 18.91 16.48 42.70
N PHE F 185 18.91 17.62 41.99
CA PHE F 185 20.08 18.19 41.32
C PHE F 185 20.63 19.41 42.07
N HIS F 186 20.44 19.47 43.37
CA HIS F 186 21.08 20.51 44.21
C HIS F 186 22.60 20.39 44.05
N HIS F 187 23.31 21.51 44.09
CA HIS F 187 24.78 21.52 43.87
C HIS F 187 25.51 20.49 44.76
N THR F 188 25.02 20.28 45.98
CA THR F 188 25.61 19.38 46.99
C THR F 188 25.47 17.91 46.59
N LYS F 189 24.74 17.58 45.52
CA LYS F 189 24.52 16.17 45.10
C LYS F 189 25.48 15.79 43.99
N PRO F 190 25.82 14.48 43.85
CA PRO F 190 26.74 14.05 42.79
C PRO F 190 26.35 14.55 41.40
N PHE F 191 25.07 14.42 41.06
CA PHE F 191 24.61 14.81 39.70
C PHE F 191 24.13 16.27 39.67
N GLY F 192 24.31 17.05 40.73
CA GLY F 192 23.65 18.34 40.81
C GLY F 192 24.47 19.48 40.22
N PHE F 193 23.78 20.56 39.91
CA PHE F 193 24.44 21.83 39.51
C PHE F 193 23.46 22.95 39.79
N GLY F 194 23.74 23.73 40.82
CA GLY F 194 22.83 24.83 41.22
C GLY F 194 21.66 24.27 42.01
N GLU F 195 20.46 24.36 41.46
CA GLU F 195 19.21 23.84 42.05
C GLU F 195 18.45 23.05 41.00
N GLY F 196 17.81 21.97 41.38
CA GLY F 196 16.93 21.26 40.45
C GLY F 196 16.40 20.01 41.07
N GLY F 197 15.32 19.47 40.50
CA GLY F 197 14.73 18.22 41.00
C GLY F 197 14.16 17.43 39.85
N CYS F 198 13.78 16.21 40.13
CA CYS F 198 13.09 15.41 39.09
C CYS F 198 12.18 14.40 39.75
N ILE F 199 11.01 14.28 39.18
CA ILE F 199 10.00 13.25 39.52
C ILE F 199 10.11 12.12 38.50
N ILE F 200 10.12 10.90 39.02
CA ILE F 200 9.97 9.68 38.21
C ILE F 200 8.66 9.07 38.68
N VAL F 201 7.63 9.01 37.84
CA VAL F 201 6.27 8.67 38.32
C VAL F 201 5.49 7.84 37.30
N ASP F 202 4.71 6.91 37.85
CA ASP F 202 3.69 6.14 37.09
C ASP F 202 2.97 7.10 36.15
N ARG F 203 2.89 6.76 34.89
CA ARG F 203 2.25 7.59 33.83
C ARG F 203 0.80 7.97 34.16
N LEU F 204 0.09 7.14 34.94
CA LEU F 204 -1.29 7.43 35.41
C LEU F 204 -1.39 8.87 35.92
N TYR F 205 -0.37 9.38 36.64
CA TYR F 205 -0.44 10.71 37.31
C TYR F 205 0.32 11.77 36.49
N GLU F 206 0.94 11.41 35.39
CA GLU F 206 1.87 12.33 34.67
C GLU F 206 1.19 13.67 34.35
N ASN F 207 0.07 13.60 33.66
CA ASN F 207 -0.56 14.81 33.10
C ASN F 207 -0.90 15.72 34.28
N ASN F 208 -1.51 15.22 35.34
CA ASN F 208 -1.93 16.13 36.44
C ASN F 208 -0.69 16.69 37.17
N ILE F 209 0.37 15.90 37.28
CA ILE F 209 1.62 16.40 37.92
C ILE F 209 2.24 17.48 37.03
N ARG F 210 2.32 17.35 35.71
CA ARG F 210 2.90 18.39 34.83
C ARG F 210 2.02 19.63 34.94
N ILE F 211 0.69 19.49 34.87
CA ILE F 211 -0.21 20.67 34.98
C ILE F 211 -0.05 21.30 36.36
N GLY F 212 0.23 20.50 37.40
CA GLY F 212 0.42 20.97 38.78
C GLY F 212 1.71 21.79 38.99
N LEU F 213 2.63 21.76 38.02
CA LEU F 213 3.86 22.58 38.07
C LEU F 213 3.49 24.02 37.73
N ASN F 214 2.33 24.19 37.09
CA ASN F 214 1.83 25.42 36.42
C ASN F 214 0.50 25.81 37.10
N PHE F 215 0.45 25.75 38.43
CA PHE F 215 -0.66 26.20 39.31
C PHE F 215 -1.92 25.33 39.15
N GLY F 216 -1.83 24.17 38.47
CA GLY F 216 -3.01 23.36 38.11
C GLY F 216 -3.70 23.80 36.83
N LEU F 217 -3.12 24.77 36.10
CA LEU F 217 -3.71 25.29 34.86
C LEU F 217 -3.36 24.39 33.68
N ASP F 218 -4.37 23.74 33.09
CA ASP F 218 -4.19 22.87 31.90
C ASP F 218 -4.31 23.73 30.66
N ASN F 219 -3.21 23.98 29.94
CA ASN F 219 -3.24 24.75 28.67
C ASN F 219 -4.09 24.06 27.59
N SER F 220 -4.37 22.76 27.68
CA SER F 220 -5.28 22.03 26.74
C SER F 220 -6.74 22.50 26.91
N LEU F 221 -7.04 23.25 27.97
CA LEU F 221 -8.43 23.75 28.19
C LEU F 221 -8.58 25.20 27.72
N GLY F 222 -7.53 25.87 27.27
CA GLY F 222 -7.58 27.28 26.87
C GLY F 222 -8.23 28.12 27.96
N GLU F 223 -9.23 28.92 27.59
CA GLU F 223 -9.92 29.87 28.53
C GLU F 223 -10.53 29.12 29.71
N LYS F 224 -10.84 27.82 29.56
CA LYS F 224 -11.57 27.06 30.59
C LYS F 224 -10.59 26.47 31.64
N SER F 225 -9.28 26.73 31.51
CA SER F 225 -8.32 26.23 32.51
C SER F 225 -8.75 26.73 33.90
N GLN F 226 -8.54 25.92 34.94
CA GLN F 226 -8.93 26.30 36.33
C GLN F 226 -7.77 25.89 37.23
N TYR F 227 -7.33 26.77 38.10
CA TYR F 227 -6.24 26.46 39.04
C TYR F 227 -6.71 25.40 40.04
N SER F 228 -5.72 24.75 40.68
CA SER F 228 -5.92 23.86 41.84
C SER F 228 -5.24 24.47 43.07
N ASN F 229 -5.90 24.48 44.21
CA ASN F 229 -5.28 24.93 45.47
C ASN F 229 -4.20 23.93 45.95
N GLN F 230 -4.08 22.77 45.30
CA GLN F 230 -3.07 21.75 45.62
C GLN F 230 -1.81 22.00 44.81
N ALA F 231 -1.79 22.98 43.90
CA ALA F 231 -0.66 23.19 42.99
C ALA F 231 0.16 24.43 43.42
N SER F 232 1.12 24.78 42.61
CA SER F 232 1.98 25.96 42.84
C SER F 232 2.78 26.22 41.59
N ASN F 233 3.83 27.05 41.73
CA ASN F 233 4.85 27.17 40.69
C ASN F 233 6.00 26.25 41.06
N TYR F 234 6.04 25.07 40.45
CA TYR F 234 7.07 24.07 40.83
C TYR F 234 7.96 23.74 39.63
N ARG F 235 7.80 24.42 38.50
CA ARG F 235 8.49 24.03 37.25
C ARG F 235 9.99 24.33 37.37
N MET F 236 10.79 23.64 36.59
CA MET F 236 12.21 24.02 36.39
C MET F 236 12.30 25.04 35.26
N CYS F 237 13.09 26.07 35.47
CA CYS F 237 13.43 27.12 34.48
C CYS F 237 14.40 26.51 33.44
N ASP F 238 14.26 26.85 32.17
CA ASP F 238 15.14 26.28 31.11
C ASP F 238 16.60 26.68 31.35
N LEU F 239 16.89 27.83 31.99
CA LEU F 239 18.29 28.22 32.30
C LEU F 239 18.92 27.13 33.18
N ASN F 240 18.25 26.73 34.24
CA ASN F 240 18.79 25.73 35.20
C ASN F 240 18.89 24.41 34.46
N ALA F 241 17.92 24.08 33.62
CA ALA F 241 17.92 22.80 32.88
C ALA F 241 19.18 22.74 31.99
N ALA F 242 19.63 23.84 31.41
CA ALA F 242 20.83 23.90 30.55
C ALA F 242 22.07 23.65 31.39
N PHE F 243 22.22 24.29 32.56
CA PHE F 243 23.40 24.08 33.45
C PHE F 243 23.48 22.62 33.92
N ILE F 244 22.38 22.02 34.31
CA ILE F 244 22.28 20.62 34.84
C ILE F 244 22.56 19.68 33.67
N LEU F 245 21.93 19.88 32.51
CA LEU F 245 22.14 18.99 31.33
C LEU F 245 23.63 19.02 30.96
N SER F 246 24.21 20.21 30.86
CA SER F 246 25.63 20.37 30.44
C SER F 246 26.54 19.64 31.44
N TYR F 247 26.32 19.82 32.74
CA TYR F 247 27.13 19.16 33.78
C TYR F 247 27.03 17.64 33.64
N LEU F 248 25.81 17.10 33.47
CA LEU F 248 25.59 15.64 33.36
C LEU F 248 26.25 15.12 32.07
N GLN F 249 26.04 15.80 30.93
CA GLN F 249 26.70 15.40 29.66
C GLN F 249 28.20 15.22 29.90
N ASN F 250 28.83 16.19 30.55
CA ASN F 250 30.32 16.24 30.69
C ASN F 250 30.76 15.19 31.72
N ASN F 251 29.96 14.87 32.73
CA ASN F 251 30.50 14.25 33.97
C ASN F 251 29.74 13.02 34.46
N TYR F 252 28.52 12.71 34.02
CA TYR F 252 27.74 11.66 34.70
C TYR F 252 28.48 10.31 34.71
N LYS F 253 29.12 9.90 33.61
CA LYS F 253 29.76 8.56 33.56
C LYS F 253 30.92 8.52 34.55
N LYS F 254 31.74 9.56 34.58
CA LYS F 254 32.89 9.63 35.51
C LYS F 254 32.37 9.60 36.96
N ILE F 255 31.28 10.31 37.25
CA ILE F 255 30.71 10.31 38.61
C ILE F 255 30.31 8.90 39.01
N ILE F 256 29.60 8.18 38.15
CA ILE F 256 29.10 6.81 38.47
C ILE F 256 30.31 5.87 38.71
N ASN F 257 31.23 5.88 37.77
CA ASN F 257 32.42 4.98 37.83
C ASN F 257 33.25 5.35 39.05
N ARG F 258 33.60 6.62 39.22
CA ARG F 258 34.51 6.95 40.33
C ARG F 258 33.78 6.74 41.67
N HIS F 259 32.51 7.13 41.81
CA HIS F 259 31.80 6.96 43.11
C HIS F 259 31.75 5.46 43.45
N SER F 260 31.63 4.59 42.46
CA SER F 260 31.57 3.11 42.62
C SER F 260 32.95 2.62 43.08
N GLU F 261 34.01 3.19 42.51
CA GLU F 261 35.43 2.83 42.85
C GLU F 261 35.69 3.18 44.31
N ILE F 262 35.25 4.37 44.74
CA ILE F 262 35.48 4.89 46.12
C ILE F 262 34.77 3.94 47.09
N TYR F 263 33.51 3.64 46.84
CA TYR F 263 32.74 2.70 47.69
C TYR F 263 33.53 1.37 47.81
N GLU F 264 34.10 0.86 46.71
CA GLU F 264 34.85 -0.43 46.71
C GLU F 264 36.02 -0.34 47.71
N ILE F 265 36.76 0.77 47.76
CA ILE F 265 37.93 0.91 48.68
C ILE F 265 37.45 0.86 50.13
N TYR F 266 36.37 1.55 50.46
CA TYR F 266 35.84 1.53 51.85
C TYR F 266 35.35 0.13 52.13
N LYS F 267 34.70 -0.53 51.16
CA LYS F 267 34.06 -1.85 51.38
C LYS F 267 35.17 -2.86 51.74
N ASN F 268 36.31 -2.76 51.07
CA ASN F 268 37.41 -3.76 51.20
C ASN F 268 38.34 -3.43 52.38
N ASN F 269 38.15 -2.29 53.07
CA ASN F 269 39.17 -1.73 54.01
C ASN F 269 38.50 -1.08 55.20
N LEU F 270 37.34 -1.57 55.62
CA LEU F 270 36.50 -0.93 56.67
C LEU F 270 37.31 -0.70 57.93
N PRO F 271 37.41 0.54 58.43
CA PRO F 271 38.08 0.79 59.71
C PRO F 271 37.44 -0.04 60.82
N LYS F 272 38.21 -0.34 61.87
CA LYS F 272 37.77 -1.06 63.10
C LYS F 272 36.39 -0.54 63.54
N ARG F 273 35.42 -1.45 63.76
CA ARG F 273 34.17 -1.18 64.52
C ARG F 273 33.24 -0.24 63.73
N PHE F 274 33.48 -0.10 62.42
CA PHE F 274 32.58 0.64 61.49
C PHE F 274 31.91 -0.35 60.55
N LYS F 275 30.61 -0.16 60.26
CA LYS F 275 29.87 -0.91 59.22
C LYS F 275 29.46 0.07 58.12
N LEU F 276 29.46 -0.37 56.87
CA LEU F 276 28.83 0.35 55.75
C LEU F 276 27.36 0.56 56.12
N PHE F 277 26.80 1.72 55.75
CA PHE F 277 25.34 1.93 55.94
C PHE F 277 24.63 0.78 55.25
N PRO F 278 23.52 0.25 55.82
CA PRO F 278 22.78 -0.82 55.14
C PRO F 278 22.39 -0.48 53.70
N ASN F 279 22.57 -1.45 52.81
CA ASN F 279 22.36 -1.28 51.35
C ASN F 279 22.01 -2.60 50.72
N HIS F 280 21.06 -2.64 49.79
CA HIS F 280 20.53 -3.87 49.15
C HIS F 280 20.83 -3.91 47.65
N SER F 281 21.79 -3.14 47.18
CA SER F 281 22.22 -3.22 45.77
C SER F 281 23.38 -4.20 45.74
N LYS F 282 23.39 -5.03 44.71
CA LYS F 282 24.48 -5.95 44.36
C LYS F 282 25.69 -5.13 43.92
N LYS F 283 25.56 -4.35 42.83
CA LYS F 283 26.62 -3.42 42.38
C LYS F 283 26.71 -2.31 43.42
N ASN F 284 27.91 -1.76 43.60
CA ASN F 284 28.13 -0.64 44.54
C ASN F 284 27.14 0.49 44.22
N PRO F 285 26.56 1.10 45.27
CA PRO F 285 25.70 2.26 45.09
C PRO F 285 26.55 3.44 44.66
N VAL F 286 25.91 4.43 44.03
CA VAL F 286 26.57 5.71 43.72
C VAL F 286 26.15 6.69 44.81
N CYS F 287 27.04 7.01 45.73
CA CYS F 287 26.70 7.68 47.00
C CYS F 287 26.99 9.16 46.93
N SER F 288 26.20 9.93 47.66
CA SER F 288 26.37 11.37 47.84
C SER F 288 27.42 11.64 48.95
N SER F 289 27.60 10.71 49.87
CA SER F 289 28.68 10.70 50.89
C SER F 289 28.91 9.23 51.22
N ILE F 290 30.10 8.86 51.71
CA ILE F 290 30.30 7.48 52.20
C ILE F 290 29.79 7.42 53.64
N CYS F 291 28.73 6.66 53.87
CA CYS F 291 28.07 6.61 55.20
C CYS F 291 28.52 5.34 55.92
N LEU F 292 29.14 5.51 57.08
CA LEU F 292 29.59 4.40 57.95
C LEU F 292 28.85 4.56 59.27
N LEU F 293 28.52 3.44 59.93
CA LEU F 293 27.97 3.43 61.31
C LEU F 293 29.06 2.90 62.26
N PHE F 294 29.47 3.74 63.21
CA PHE F 294 30.33 3.32 64.34
C PHE F 294 29.48 2.41 65.24
N ASP F 295 30.13 1.59 66.08
CA ASP F 295 29.38 0.60 66.88
C ASP F 295 28.79 1.31 68.11
N LYS F 296 29.13 2.56 68.40
CA LYS F 296 28.46 3.34 69.49
C LYS F 296 28.38 4.83 69.18
N PRO F 297 27.54 5.59 69.93
CA PRO F 297 27.41 7.03 69.73
C PRO F 297 28.77 7.72 69.89
N PHE F 298 28.99 8.78 69.13
CA PHE F 298 30.25 9.55 69.14
C PHE F 298 29.98 10.94 68.57
N ARG F 299 30.77 11.92 68.98
CA ARG F 299 30.66 13.32 68.52
C ARG F 299 31.56 13.51 67.29
N LEU F 300 31.04 14.20 66.28
CA LEU F 300 31.78 14.65 65.06
C LEU F 300 33.12 15.30 65.42
N ASP F 301 33.20 16.04 66.53
CA ASP F 301 34.38 16.89 66.79
C ASP F 301 35.60 16.01 67.13
N LYS F 302 35.42 14.70 67.31
CA LYS F 302 36.54 13.75 67.55
C LYS F 302 37.05 13.16 66.22
N ILE F 303 36.52 13.63 65.09
CA ILE F 303 37.00 13.24 63.73
C ILE F 303 37.76 14.42 63.12
N PRO F 304 39.10 14.30 62.93
CA PRO F 304 39.91 15.44 62.51
C PRO F 304 40.03 15.53 60.99
N PHE F 305 38.91 15.37 60.25
CA PHE F 305 38.78 15.77 58.83
C PHE F 305 37.32 16.14 58.53
N LEU F 306 37.09 16.80 57.38
CA LEU F 306 35.73 17.16 56.87
C LEU F 306 34.83 15.92 56.91
N SER F 307 33.78 15.99 57.72
CA SER F 307 32.84 14.88 57.91
C SER F 307 31.54 15.48 58.42
N ARG F 308 30.40 14.84 58.17
CA ARG F 308 29.08 15.29 58.68
C ARG F 308 28.28 14.12 59.25
N LYS F 309 27.19 14.48 59.91
CA LYS F 309 26.15 13.54 60.32
C LYS F 309 24.86 13.95 59.59
N TYR F 310 24.32 13.04 58.82
CA TYR F 310 22.94 13.16 58.27
C TYR F 310 22.22 11.89 58.66
N TYR F 311 20.89 11.92 58.82
CA TYR F 311 20.06 13.12 58.96
C TYR F 311 19.72 13.29 60.45
N LYS F 312 19.69 14.54 60.90
CA LYS F 312 19.16 14.86 62.25
C LYS F 312 17.70 14.45 62.23
N PRO F 313 17.24 13.54 63.11
CA PRO F 313 15.87 13.05 63.01
C PRO F 313 14.85 14.20 63.07
N LEU F 314 13.84 14.10 62.20
CA LEU F 314 12.68 15.03 62.19
C LEU F 314 11.94 14.94 63.52
N ASP F 315 11.82 13.73 64.08
CA ASP F 315 11.28 13.46 65.42
C ASP F 315 12.39 12.83 66.25
N LEU F 316 12.96 13.60 67.17
CA LEU F 316 14.12 13.14 68.00
C LEU F 316 13.70 12.02 68.95
N SER F 317 12.40 11.74 69.07
CA SER F 317 11.91 10.62 69.93
C SER F 317 11.97 9.27 69.20
N SER F 318 12.30 9.21 67.91
CA SER F 318 12.43 7.97 67.09
C SER F 318 13.78 7.32 67.44
N PRO F 319 13.81 6.25 68.25
CA PRO F 319 15.08 5.80 68.83
C PRO F 319 16.06 5.20 67.81
N VAL F 320 15.61 4.46 66.81
CA VAL F 320 16.56 3.89 65.80
C VAL F 320 17.14 5.07 64.99
N SER F 321 16.28 5.98 64.56
CA SER F 321 16.68 7.18 63.80
C SER F 321 17.76 7.91 64.60
N LEU F 322 17.51 8.17 65.88
CA LEU F 322 18.48 8.93 66.74
C LEU F 322 19.78 8.11 66.87
N ASP F 323 19.66 6.81 67.11
CA ASP F 323 20.85 5.92 67.26
C ASP F 323 21.70 5.99 65.97
N PHE F 324 21.08 5.93 64.78
CA PHE F 324 21.78 6.03 63.49
C PHE F 324 22.47 7.40 63.42
N TYR F 325 21.76 8.47 63.78
CA TYR F 325 22.32 9.85 63.71
C TYR F 325 23.57 9.94 64.60
N GLN F 326 23.51 9.39 65.81
CA GLN F 326 24.62 9.43 66.80
C GLN F 326 25.78 8.51 66.40
N ARG F 327 25.54 7.44 65.63
CA ARG F 327 26.59 6.47 65.22
C ARG F 327 27.14 6.76 63.82
N ILE F 328 26.46 7.57 63.03
CA ILE F 328 26.83 7.71 61.60
C ILE F 328 28.01 8.67 61.46
N LEU F 329 28.84 8.38 60.47
CA LEU F 329 29.85 9.32 59.96
C LEU F 329 29.69 9.38 58.43
N CYS F 330 29.42 10.57 57.89
CA CYS F 330 29.26 10.79 56.44
C CYS F 330 30.54 11.41 55.93
N ILE F 331 31.25 10.68 55.07
CA ILE F 331 32.59 11.07 54.57
C ILE F 331 32.43 11.61 53.15
N PRO F 332 33.12 12.71 52.80
CA PRO F 332 33.06 13.24 51.44
C PRO F 332 33.31 12.17 50.39
N CYS F 333 32.49 12.20 49.35
CA CYS F 333 32.56 11.25 48.22
C CYS F 333 32.33 12.04 46.94
N ASN F 334 33.38 12.31 46.18
CA ASN F 334 33.26 13.11 44.95
C ASN F 334 34.43 12.78 44.03
N ILE F 335 34.37 13.23 42.79
CA ILE F 335 35.37 12.89 41.73
C ILE F 335 36.68 13.67 41.94
N ASP F 336 36.79 14.54 42.97
CA ASP F 336 38.05 15.28 43.23
C ASP F 336 38.93 14.50 44.22
N LEU F 337 38.33 13.71 45.12
CA LEU F 337 39.01 12.88 46.15
C LEU F 337 40.05 11.96 45.50
N THR F 338 41.25 11.88 46.08
CA THR F 338 42.29 10.95 45.58
C THR F 338 42.27 9.66 46.42
N ASP F 339 42.75 8.56 45.84
CA ASP F 339 43.04 7.31 46.60
C ASP F 339 43.94 7.65 47.79
N ARG F 340 44.93 8.53 47.65
CA ARG F 340 45.82 8.83 48.82
C ARG F 340 44.96 9.36 49.98
N GLN F 341 43.98 10.22 49.70
CA GLN F 341 43.14 10.86 50.74
C GLN F 341 42.25 9.78 51.37
N ILE F 342 41.71 8.88 50.56
CA ILE F 342 40.81 7.80 51.06
C ILE F 342 41.61 6.94 52.06
N TYR F 343 42.80 6.47 51.68
CA TYR F 343 43.59 5.56 52.57
C TYR F 343 43.97 6.30 53.85
N GLU F 344 44.20 7.61 53.79
CA GLU F 344 44.53 8.44 54.98
C GLU F 344 43.27 8.56 55.87
N ILE F 345 42.11 8.83 55.26
CA ILE F 345 40.81 8.78 56.00
C ILE F 345 40.71 7.45 56.75
N ILE F 346 40.93 6.31 56.07
CA ILE F 346 40.71 4.96 56.68
C ILE F 346 41.72 4.79 57.82
N GLY F 347 42.95 5.27 57.63
CA GLY F 347 43.97 5.31 58.71
C GLY F 347 43.46 6.08 59.93
N VAL F 348 42.90 7.29 59.71
CA VAL F 348 42.44 8.18 60.82
C VAL F 348 41.29 7.47 61.57
N LEU F 349 40.43 6.75 60.84
CA LEU F 349 39.24 6.10 61.46
C LEU F 349 39.68 4.87 62.26
N ASN F 350 40.65 4.10 61.73
CA ASN F 350 41.27 2.97 62.46
C ASN F 350 41.81 3.53 63.79
N GLU F 351 42.48 4.68 63.75
CA GLU F 351 43.06 5.36 64.94
C GLU F 351 41.94 5.77 65.90
N PHE F 352 40.95 6.52 65.38
CA PHE F 352 39.79 6.99 66.16
C PHE F 352 39.18 5.80 66.92
N ALA F 353 39.01 4.67 66.24
CA ALA F 353 38.40 3.45 66.81
C ALA F 353 39.24 2.89 67.96
N ASP F 354 40.55 3.20 68.03
CA ASP F 354 41.49 2.74 69.10
C ASP F 354 41.22 3.50 70.40
N LYS F 355 41.15 4.83 70.35
CA LYS F 355 40.98 5.72 71.54
C LYS F 355 39.55 5.64 72.08
N ASN F 356 38.54 5.62 71.19
CA ASN F 356 37.10 5.74 71.56
C ASN F 356 36.44 4.36 71.45
N MET G 5 23.42 -10.27 27.92
CA MET G 5 22.70 -8.99 28.16
C MET G 5 23.60 -7.82 27.75
N GLY G 6 24.86 -7.76 28.24
CA GLY G 6 25.77 -6.61 28.09
C GLY G 6 26.52 -6.58 26.76
N LEU G 7 27.31 -5.52 26.52
CA LEU G 7 27.96 -5.27 25.20
C LEU G 7 29.17 -6.21 25.03
N GLU G 8 29.75 -6.72 26.11
CA GLU G 8 30.87 -7.69 26.01
C GLU G 8 30.37 -8.96 25.29
N LYS G 9 29.06 -9.16 25.15
CA LYS G 9 28.48 -10.40 24.57
C LYS G 9 28.22 -10.20 23.05
N LEU G 10 28.46 -9.00 22.50
CA LEU G 10 28.27 -8.72 21.05
C LEU G 10 29.11 -9.69 20.22
N THR G 11 28.54 -10.18 19.12
CA THR G 11 29.27 -10.88 18.03
C THR G 11 28.96 -10.18 16.72
N TRP G 12 29.85 -10.27 15.74
CA TRP G 12 29.65 -9.63 14.42
C TRP G 12 28.48 -10.31 13.66
N VAL G 13 28.41 -11.64 13.68
CA VAL G 13 27.32 -12.41 13.01
C VAL G 13 26.55 -13.23 14.05
N SER G 14 25.29 -13.52 13.71
CA SER G 14 24.40 -14.33 14.56
C SER G 14 24.98 -15.75 14.63
N GLU G 15 24.76 -16.43 15.75
CA GLU G 15 25.04 -17.87 15.90
C GLU G 15 24.38 -18.59 14.72
N LYS G 16 25.17 -19.33 13.93
CA LYS G 16 24.62 -20.14 12.82
C LYS G 16 25.06 -21.60 13.01
N LYS G 17 24.08 -22.52 12.95
CA LYS G 17 24.29 -23.96 13.11
C LYS G 17 23.51 -24.68 12.03
N PRO G 18 24.05 -25.76 11.43
CA PRO G 18 23.31 -26.52 10.42
C PRO G 18 22.03 -27.11 11.02
N ASP G 19 20.94 -26.92 10.30
CA ASP G 19 19.74 -27.78 10.42
C ASP G 19 20.15 -29.15 9.85
N TRP G 20 20.66 -30.05 10.67
CA TRP G 20 21.29 -31.31 10.18
C TRP G 20 20.28 -32.18 9.40
N SER G 21 19.06 -32.33 9.89
CA SER G 21 17.99 -33.08 9.19
C SER G 21 17.78 -32.57 7.74
N ASN G 22 17.59 -31.26 7.56
CA ASN G 22 17.30 -30.59 6.27
C ASN G 22 18.55 -30.65 5.36
N VAL G 23 19.74 -30.41 5.93
CA VAL G 23 21.02 -30.52 5.19
C VAL G 23 21.15 -31.96 4.66
N GLN G 24 20.92 -32.97 5.50
CA GLN G 24 21.07 -34.40 5.13
C GLN G 24 20.03 -34.76 4.06
N LYS G 25 18.87 -34.10 4.08
CA LYS G 25 17.78 -34.38 3.09
C LYS G 25 18.16 -33.75 1.74
N LEU G 26 18.75 -32.57 1.76
CA LEU G 26 19.18 -31.94 0.48
C LEU G 26 20.28 -32.82 -0.14
N ILE G 27 21.28 -33.23 0.64
CA ILE G 27 22.52 -33.90 0.13
C ILE G 27 22.19 -35.36 -0.27
N ALA G 28 21.14 -35.96 0.32
CA ALA G 28 20.58 -37.26 -0.13
C ALA G 28 20.55 -37.33 -1.67
N ALA G 29 20.17 -36.25 -2.36
CA ALA G 29 20.07 -36.19 -3.85
C ALA G 29 21.47 -36.37 -4.47
N CYS G 30 22.53 -35.80 -3.84
CA CYS G 30 23.95 -36.02 -4.25
C CYS G 30 24.36 -37.48 -3.98
N GLU G 31 24.02 -38.04 -2.81
CA GLU G 31 24.43 -39.42 -2.42
C GLU G 31 23.81 -40.43 -3.38
N ALA G 32 22.65 -40.11 -3.98
CA ALA G 32 21.88 -41.03 -4.84
C ALA G 32 22.58 -41.13 -6.20
N THR G 33 23.17 -40.02 -6.68
CA THR G 33 23.79 -39.91 -8.04
C THR G 33 25.33 -39.81 -7.98
N ASN G 34 25.92 -39.82 -6.77
CA ASN G 34 27.36 -39.56 -6.53
C ASN G 34 27.76 -38.25 -7.22
N GLN G 35 26.84 -37.28 -7.32
CA GLN G 35 27.12 -35.94 -7.91
C GLN G 35 27.07 -34.84 -6.83
N TYR G 36 28.25 -34.41 -6.37
CA TYR G 36 28.44 -33.42 -5.29
C TYR G 36 29.02 -32.12 -5.84
N THR G 37 29.32 -32.07 -7.14
CA THR G 37 29.82 -30.84 -7.79
C THR G 37 29.68 -30.97 -9.31
N ASN G 38 30.30 -30.04 -10.06
CA ASN G 38 30.12 -29.87 -11.52
C ASN G 38 28.61 -29.76 -11.82
N ILE G 39 27.91 -28.94 -11.03
CA ILE G 39 26.44 -28.65 -11.16
C ILE G 39 25.65 -29.93 -10.88
N GLY G 40 25.64 -30.34 -9.62
CA GLY G 40 24.81 -31.46 -9.12
C GLY G 40 23.36 -31.02 -8.93
N PRO G 41 22.57 -31.81 -8.19
CA PRO G 41 21.12 -31.58 -8.11
C PRO G 41 20.75 -30.43 -7.15
N ILE G 42 21.69 -29.96 -6.33
CA ILE G 42 21.39 -28.90 -5.31
C ILE G 42 21.50 -27.51 -5.95
N ILE G 43 22.28 -27.35 -7.01
CA ILE G 43 22.59 -26.02 -7.59
C ILE G 43 21.30 -25.30 -8.06
N SER G 44 20.46 -25.95 -8.87
CA SER G 44 19.23 -25.30 -9.42
C SER G 44 18.30 -24.92 -8.25
N GLN G 45 18.30 -25.70 -7.17
CA GLN G 45 17.44 -25.48 -5.98
C GLN G 45 17.87 -24.20 -5.25
N LEU G 46 19.18 -23.99 -5.02
CA LEU G 46 19.61 -22.70 -4.40
C LEU G 46 19.36 -21.55 -5.37
N GLU G 47 19.66 -21.71 -6.66
CA GLU G 47 19.48 -20.61 -7.65
C GLU G 47 18.00 -20.22 -7.74
N SER G 48 17.10 -21.20 -7.81
CA SER G 48 15.63 -21.00 -7.80
C SER G 48 15.24 -20.22 -6.53
N PHE G 49 15.64 -20.76 -5.37
CA PHE G 49 15.34 -20.15 -4.04
C PHE G 49 15.78 -18.69 -4.05
N ILE G 50 17.00 -18.40 -4.51
CA ILE G 50 17.49 -16.99 -4.58
C ILE G 50 16.57 -16.18 -5.50
N ARG G 51 16.20 -16.68 -6.68
CA ARG G 51 15.40 -15.90 -7.66
C ARG G 51 14.08 -15.44 -7.02
N ASP G 52 13.40 -16.39 -6.39
CA ASP G 52 12.02 -16.26 -5.87
C ASP G 52 12.04 -15.46 -4.57
N SER G 53 13.02 -15.74 -3.69
CA SER G 53 13.06 -15.18 -2.33
C SER G 53 13.61 -13.75 -2.34
N PHE G 54 14.60 -13.44 -3.19
CA PHE G 54 15.22 -12.09 -3.28
C PHE G 54 14.56 -11.30 -4.40
N LEU G 55 13.62 -11.95 -5.11
CA LEU G 55 12.75 -11.31 -6.12
C LEU G 55 13.63 -10.80 -7.26
N ILE G 56 14.34 -11.74 -7.91
CA ILE G 56 15.21 -11.39 -9.08
C ILE G 56 14.35 -11.42 -10.34
N GLU G 57 14.54 -10.45 -11.23
CA GLU G 57 13.75 -10.23 -12.47
C GLU G 57 14.10 -11.34 -13.47
N GLU G 58 13.09 -11.86 -14.17
CA GLU G 58 13.22 -12.83 -15.30
C GLU G 58 14.29 -12.42 -16.33
N SER G 59 14.60 -11.14 -16.53
CA SER G 59 15.61 -10.67 -17.49
C SER G 59 17.04 -10.97 -16.97
N LYS G 60 17.16 -11.72 -15.86
CA LYS G 60 18.45 -12.01 -15.19
C LYS G 60 18.61 -13.50 -14.92
N ALA G 61 19.86 -13.99 -15.12
CA ALA G 61 20.33 -15.29 -14.61
C ALA G 61 20.70 -15.14 -13.14
N VAL G 62 20.53 -16.21 -12.39
CA VAL G 62 21.05 -16.41 -11.02
C VAL G 62 22.09 -17.54 -11.13
N ILE G 63 23.35 -17.21 -10.86
CA ILE G 63 24.52 -18.11 -11.08
C ILE G 63 25.34 -18.20 -9.79
N VAL G 64 25.20 -19.28 -9.03
CA VAL G 64 25.94 -19.43 -7.75
C VAL G 64 27.39 -19.79 -8.09
N THR G 65 28.30 -19.39 -7.21
CA THR G 65 29.77 -19.51 -7.35
C THR G 65 30.40 -19.78 -5.98
N SER G 66 31.72 -20.05 -5.96
CA SER G 66 32.39 -20.56 -4.74
C SER G 66 32.41 -19.46 -3.66
N ASN G 67 32.44 -18.19 -4.03
CA ASN G 67 32.49 -17.04 -3.05
C ASN G 67 32.09 -15.77 -3.78
N GLY G 68 31.92 -14.65 -3.08
CA GLY G 68 31.58 -13.37 -3.72
C GLY G 68 32.64 -12.94 -4.68
N THR G 69 33.90 -13.22 -4.33
CA THR G 69 35.03 -12.75 -5.13
C THR G 69 34.95 -13.49 -6.47
N SER G 70 34.69 -14.80 -6.42
CA SER G 70 34.62 -15.58 -7.67
C SER G 70 33.36 -15.20 -8.46
N ALA G 71 32.29 -14.81 -7.76
CA ALA G 71 31.11 -14.28 -8.46
C ALA G 71 31.58 -13.10 -9.31
N LEU G 72 32.30 -12.15 -8.74
CA LEU G 72 32.76 -10.98 -9.50
C LEU G 72 33.75 -11.42 -10.59
N HIS G 73 34.66 -12.32 -10.27
CA HIS G 73 35.73 -12.63 -11.24
C HIS G 73 35.14 -13.46 -12.41
N ALA G 74 34.25 -14.44 -12.12
CA ALA G 74 33.53 -15.29 -13.09
C ALA G 74 32.63 -14.42 -13.96
N LEU G 75 32.00 -13.37 -13.38
CA LEU G 75 31.22 -12.39 -14.18
C LEU G 75 32.12 -11.66 -15.17
N VAL G 76 33.26 -11.14 -14.74
CA VAL G 76 34.17 -10.38 -15.65
C VAL G 76 34.82 -11.36 -16.66
N GLY G 77 35.27 -12.54 -16.19
CA GLY G 77 35.85 -13.58 -17.06
C GLY G 77 34.93 -13.98 -18.20
N GLY G 78 33.67 -14.26 -17.84
CA GLY G 78 32.62 -14.69 -18.78
C GLY G 78 32.37 -13.63 -19.83
N ILE G 79 32.30 -12.36 -19.43
CA ILE G 79 32.05 -11.26 -20.40
C ILE G 79 33.29 -11.05 -21.26
N ASN G 80 34.49 -11.12 -20.69
CA ASN G 80 35.74 -11.06 -21.49
C ASN G 80 35.70 -12.13 -22.58
N ARG G 81 35.33 -13.37 -22.20
CA ARG G 81 35.32 -14.53 -23.13
C ARG G 81 34.35 -14.18 -24.26
N GLN G 82 33.19 -13.66 -23.88
CA GLN G 82 32.06 -13.41 -24.82
C GLN G 82 32.49 -12.34 -25.82
N LEU G 83 33.10 -11.25 -25.37
CA LEU G 83 33.40 -10.10 -26.24
C LEU G 83 34.78 -10.24 -26.88
N GLY G 84 35.56 -11.26 -26.50
CA GLY G 84 36.88 -11.53 -27.12
C GLY G 84 37.94 -10.52 -26.75
N ARG G 85 37.90 -9.93 -25.54
CA ARG G 85 39.05 -9.13 -25.05
C ARG G 85 38.93 -8.92 -23.54
N GLU G 86 40.06 -8.59 -22.94
CA GLU G 86 40.17 -8.35 -21.49
C GLU G 86 39.61 -6.96 -21.19
N LEU G 87 38.44 -6.87 -20.57
CA LEU G 87 37.82 -5.54 -20.36
C LEU G 87 38.55 -4.80 -19.25
N LYS G 88 38.70 -3.49 -19.44
CA LYS G 88 39.25 -2.53 -18.46
C LYS G 88 38.10 -1.95 -17.60
N PHE G 89 38.05 -2.27 -16.30
CA PHE G 89 37.02 -1.71 -15.38
C PHE G 89 37.63 -0.61 -14.51
N VAL G 90 36.79 0.35 -14.11
CA VAL G 90 37.10 1.32 -13.02
C VAL G 90 36.34 0.84 -11.78
N THR G 91 36.98 0.94 -10.62
CA THR G 91 36.34 0.55 -9.33
C THR G 91 36.57 1.72 -8.40
N GLN G 92 35.80 1.79 -7.33
CA GLN G 92 35.91 2.90 -6.35
C GLN G 92 36.98 2.50 -5.35
N SER G 93 37.66 3.47 -4.75
CA SER G 93 38.69 3.20 -3.72
C SER G 93 38.03 2.64 -2.46
N PHE G 94 36.85 3.17 -2.11
CA PHE G 94 36.12 2.73 -0.90
C PHE G 94 35.37 1.42 -1.20
N THR G 95 36.07 0.28 -1.26
CA THR G 95 35.50 -1.05 -1.51
C THR G 95 36.49 -2.14 -1.07
N PHE G 96 36.06 -3.39 -1.16
CA PHE G 96 36.84 -4.60 -0.79
C PHE G 96 37.83 -4.91 -1.92
N PRO G 97 38.98 -5.55 -1.64
CA PRO G 97 39.98 -5.84 -2.68
C PRO G 97 39.53 -6.60 -3.93
N SER G 98 38.44 -7.38 -3.85
CA SER G 98 37.93 -8.30 -4.88
C SER G 98 37.92 -7.62 -6.24
N SER G 99 37.61 -6.33 -6.29
CA SER G 99 37.45 -5.58 -7.55
C SER G 99 38.76 -4.97 -8.04
N ASN G 100 39.92 -5.32 -7.43
CA ASN G 100 41.27 -5.03 -7.96
C ASN G 100 42.10 -6.33 -7.89
N GLN G 101 41.47 -7.47 -8.17
CA GLN G 101 42.10 -8.82 -8.15
C GLN G 101 41.58 -9.68 -9.30
N GLY G 102 42.27 -10.79 -9.57
CA GLY G 102 41.88 -11.74 -10.63
C GLY G 102 41.87 -11.01 -11.98
N PRO G 103 40.77 -11.14 -12.77
CA PRO G 103 40.75 -10.48 -14.05
C PRO G 103 40.68 -8.97 -13.89
N LEU G 104 40.45 -8.52 -12.66
CA LEU G 104 40.41 -7.05 -12.35
C LEU G 104 41.70 -6.63 -11.65
N LYS G 105 42.76 -7.44 -11.68
CA LYS G 105 44.02 -7.08 -10.95
C LYS G 105 44.60 -5.75 -11.47
N ASP G 106 44.30 -5.33 -12.72
CA ASP G 106 44.77 -4.04 -13.26
C ASP G 106 43.58 -3.08 -13.46
N SER G 107 42.50 -3.24 -12.69
CA SER G 107 41.37 -2.28 -12.76
C SER G 107 41.89 -0.88 -12.42
N ILE G 108 41.19 0.19 -12.83
CA ILE G 108 41.57 1.58 -12.51
C ILE G 108 40.79 1.98 -11.25
N ILE G 109 41.47 2.54 -10.25
CA ILE G 109 40.81 2.94 -8.97
C ILE G 109 40.61 4.45 -8.98
N VAL G 110 39.36 4.87 -8.77
CA VAL G 110 39.03 6.31 -8.55
C VAL G 110 38.34 6.47 -7.20
N ASP G 111 38.24 7.72 -6.76
CA ASP G 111 37.57 8.11 -5.49
C ASP G 111 36.06 7.88 -5.60
N ILE G 112 35.40 7.79 -4.44
CA ILE G 112 33.92 7.92 -4.30
C ILE G 112 33.60 9.41 -4.24
N ASP G 113 32.32 9.74 -4.47
CA ASP G 113 31.73 11.05 -4.12
C ASP G 113 31.13 10.91 -2.72
N GLU G 114 30.50 11.98 -2.23
CA GLU G 114 30.02 12.11 -0.83
C GLU G 114 28.78 11.23 -0.63
N ASP G 115 28.23 10.63 -1.69
CA ASP G 115 27.07 9.70 -1.62
C ASP G 115 27.47 8.22 -1.58
N GLY G 116 28.76 7.89 -1.51
CA GLY G 116 29.24 6.54 -1.15
C GLY G 116 29.68 5.71 -2.35
N GLY G 117 29.58 6.29 -3.54
CA GLY G 117 29.69 5.55 -4.80
C GLY G 117 30.72 6.18 -5.67
N LEU G 118 31.27 5.39 -6.58
CA LEU G 118 32.28 5.82 -7.58
C LEU G 118 31.94 7.22 -8.10
N ASP G 119 32.95 8.09 -8.10
CA ASP G 119 32.86 9.51 -8.52
C ASP G 119 32.94 9.58 -10.04
N LEU G 120 31.78 9.71 -10.70
CA LEU G 120 31.66 9.79 -12.19
C LEU G 120 32.49 10.95 -12.73
N ASN G 121 32.76 12.01 -11.96
CA ASN G 121 33.59 13.15 -12.44
C ASN G 121 35.04 12.69 -12.67
N ALA G 122 35.49 11.60 -12.03
CA ALA G 122 36.91 11.21 -12.04
C ALA G 122 37.26 10.32 -13.25
N VAL G 123 36.30 9.90 -14.07
CA VAL G 123 36.58 8.95 -15.19
C VAL G 123 36.56 9.67 -16.56
N LYS G 124 37.02 10.92 -16.66
CA LYS G 124 36.70 11.83 -17.80
C LYS G 124 37.85 11.96 -18.81
N ASN G 125 39.10 11.73 -18.41
CA ASN G 125 40.26 11.61 -19.35
C ASN G 125 40.86 10.22 -19.21
N ILE G 126 40.01 9.20 -19.23
CA ILE G 126 40.35 7.79 -18.86
C ILE G 126 39.66 6.83 -19.85
N GLU G 127 40.39 5.84 -20.36
CA GLU G 127 39.85 4.79 -21.27
C GLU G 127 39.46 3.56 -20.45
N TYR G 128 38.23 3.10 -20.59
CA TYR G 128 37.68 1.94 -19.84
C TYR G 128 36.46 1.40 -20.58
N ASP G 129 36.08 0.18 -20.26
CA ASP G 129 34.92 -0.55 -20.81
C ASP G 129 33.72 -0.53 -19.87
N GLY G 130 33.94 -0.41 -18.56
CA GLY G 130 32.87 -0.61 -17.56
C GLY G 130 33.27 -0.01 -16.23
N ILE G 131 32.31 0.09 -15.31
CA ILE G 131 32.53 0.52 -13.91
C ILE G 131 31.92 -0.51 -12.98
N ILE G 132 32.51 -0.57 -11.77
CA ILE G 132 32.06 -1.40 -10.64
C ILE G 132 31.75 -0.42 -9.52
N VAL G 133 30.49 -0.41 -9.08
CA VAL G 133 30.00 0.53 -8.02
C VAL G 133 29.62 -0.33 -6.83
N THR G 134 30.17 -0.03 -5.65
CA THR G 134 29.88 -0.80 -4.43
C THR G 134 28.72 -0.11 -3.72
N ASN G 135 27.71 -0.91 -3.41
CA ASN G 135 26.60 -0.53 -2.51
C ASN G 135 27.01 -0.98 -1.10
N ILE G 136 27.39 -0.03 -0.25
CA ILE G 136 28.19 -0.28 0.98
C ILE G 136 27.30 -0.88 2.07
N HIS G 137 27.59 -2.11 2.48
CA HIS G 137 27.03 -2.76 3.68
C HIS G 137 25.50 -2.71 3.73
N GLY G 138 24.85 -2.83 2.57
CA GLY G 138 23.38 -2.95 2.47
C GLY G 138 22.77 -1.65 2.01
N ASN G 139 23.53 -0.57 2.06
CA ASN G 139 23.15 0.78 1.61
C ASN G 139 23.29 0.82 0.11
N VAL G 140 22.52 1.67 -0.56
CA VAL G 140 22.62 1.78 -2.04
C VAL G 140 22.83 3.23 -2.45
N VAL G 141 23.61 3.40 -3.50
CA VAL G 141 23.91 4.71 -4.17
C VAL G 141 22.66 5.14 -4.93
N ASP G 142 22.75 6.27 -5.62
CA ASP G 142 21.70 6.78 -6.54
C ASP G 142 21.86 5.97 -7.83
N ILE G 143 21.26 4.78 -7.84
CA ILE G 143 21.58 3.72 -8.83
C ILE G 143 21.36 4.27 -10.24
N ASN G 144 20.31 5.10 -10.41
CA ASN G 144 19.94 5.60 -11.76
C ASN G 144 20.96 6.56 -12.32
N LYS G 145 21.74 7.30 -11.51
CA LYS G 145 22.71 8.24 -12.09
C LYS G 145 23.84 7.42 -12.73
N TYR G 146 24.09 6.20 -12.21
CA TYR G 146 25.11 5.24 -12.74
C TYR G 146 24.55 4.62 -14.02
N VAL G 147 23.35 4.02 -13.92
CA VAL G 147 22.59 3.41 -15.06
C VAL G 147 22.53 4.41 -16.23
N ASP G 148 22.20 5.67 -16.00
CA ASP G 148 22.07 6.71 -17.08
C ASP G 148 23.43 7.14 -17.63
N PHE G 149 24.46 7.23 -16.79
CA PHE G 149 25.81 7.66 -17.25
C PHE G 149 26.39 6.57 -18.16
N CYS G 150 26.22 5.30 -17.77
CA CYS G 150 26.73 4.10 -18.48
C CYS G 150 25.96 3.91 -19.81
N MET G 151 24.64 4.13 -19.82
CA MET G 151 23.81 4.10 -21.07
C MET G 151 24.35 5.19 -22.02
N ASN G 152 24.59 6.39 -21.51
CA ASN G 152 25.08 7.54 -22.32
C ASN G 152 26.45 7.24 -22.93
N HIS G 153 27.43 6.71 -22.19
CA HIS G 153 28.84 6.57 -22.67
C HIS G 153 29.12 5.15 -23.21
N ASN G 154 28.09 4.31 -23.32
CA ASN G 154 28.10 2.87 -23.69
C ASN G 154 29.14 2.10 -22.85
N LYS G 155 28.93 2.05 -21.52
CA LYS G 155 29.80 1.33 -20.57
C LYS G 155 29.02 0.24 -19.86
N LEU G 156 29.69 -0.88 -19.56
CA LEU G 156 29.15 -1.94 -18.71
C LEU G 156 29.04 -1.41 -17.27
N LEU G 157 28.06 -1.91 -16.51
CA LEU G 157 27.82 -1.43 -15.15
C LEU G 157 27.64 -2.65 -14.27
N ILE G 158 28.58 -2.84 -13.31
CA ILE G 158 28.47 -3.94 -12.33
C ILE G 158 28.25 -3.27 -10.97
N PHE G 159 27.29 -3.78 -10.21
CA PHE G 159 27.15 -3.41 -8.78
C PHE G 159 27.79 -4.48 -7.93
N ASP G 160 28.74 -4.10 -7.07
CA ASP G 160 29.23 -5.02 -6.03
C ASP G 160 28.24 -4.92 -4.86
N ASN G 161 27.32 -5.88 -4.79
CA ASN G 161 26.32 -6.07 -3.73
C ASN G 161 26.71 -7.23 -2.86
N ALA G 162 28.02 -7.49 -2.69
CA ALA G 162 28.49 -8.54 -1.77
C ALA G 162 27.68 -8.51 -0.48
N ALA G 163 27.52 -7.33 0.09
CA ALA G 163 26.91 -7.15 1.42
C ALA G 163 25.48 -6.60 1.29
N THR G 164 24.87 -6.71 0.11
CA THR G 164 23.62 -5.97 -0.24
C THR G 164 22.65 -6.90 -0.98
N GLY G 165 22.14 -7.91 -0.30
CA GLY G 165 21.33 -8.97 -0.91
C GLY G 165 19.86 -8.61 -1.00
N TYR G 166 19.39 -7.59 -0.24
CA TYR G 166 17.93 -7.33 -0.09
C TYR G 166 17.69 -5.88 0.31
N THR G 167 18.15 -4.96 -0.51
CA THR G 167 17.88 -3.52 -0.41
C THR G 167 17.25 -3.14 -1.74
N PHE G 168 16.06 -2.53 -1.70
CA PHE G 168 15.24 -2.24 -2.90
C PHE G 168 15.43 -0.78 -3.28
N TYR G 169 15.48 -0.53 -4.58
CA TYR G 169 15.60 0.82 -5.17
C TYR G 169 14.46 0.98 -6.19
N LEU G 170 13.65 2.02 -6.00
CA LEU G 170 12.49 2.35 -6.87
C LEU G 170 11.74 1.09 -7.28
N GLY G 171 11.45 0.17 -6.34
CA GLY G 171 10.45 -0.90 -6.49
C GLY G 171 11.00 -2.32 -6.63
N LYS G 172 12.31 -2.52 -6.81
CA LYS G 172 12.88 -3.88 -7.06
C LYS G 172 14.23 -4.04 -6.36
N ASN G 173 14.55 -5.28 -6.02
CA ASN G 173 15.88 -5.68 -5.44
C ASN G 173 16.96 -4.95 -6.25
N SER G 174 17.84 -4.17 -5.58
CA SER G 174 18.95 -3.40 -6.19
C SER G 174 19.76 -4.33 -7.14
N CYS G 175 19.80 -5.62 -6.87
CA CYS G 175 20.66 -6.59 -7.63
C CYS G 175 20.16 -6.68 -9.08
N ASN G 176 18.95 -6.19 -9.36
CA ASN G 176 18.32 -6.18 -10.73
C ASN G 176 18.82 -4.97 -11.52
N TYR G 177 19.66 -4.10 -10.99
CA TYR G 177 20.10 -2.90 -11.74
C TYR G 177 21.52 -3.09 -12.28
N GLY G 178 21.89 -2.31 -13.29
CA GLY G 178 23.14 -2.47 -14.06
C GLY G 178 23.05 -3.68 -14.97
N HIS G 179 24.16 -4.03 -15.63
CA HIS G 179 24.24 -5.30 -16.40
C HIS G 179 24.28 -6.50 -15.47
N ALA G 180 24.80 -6.31 -14.25
CA ALA G 180 24.98 -7.41 -13.31
C ALA G 180 25.27 -6.83 -11.94
N SER G 181 25.09 -7.68 -10.96
CA SER G 181 25.53 -7.46 -9.57
C SER G 181 26.05 -8.78 -9.05
N ILE G 182 26.75 -8.76 -7.92
CA ILE G 182 27.14 -10.00 -7.21
C ILE G 182 26.74 -9.87 -5.74
N ILE G 183 26.52 -11.01 -5.08
CA ILE G 183 26.22 -11.12 -3.62
C ILE G 183 27.19 -12.14 -3.04
N SER G 184 27.51 -12.00 -1.75
CA SER G 184 28.33 -12.98 -1.00
C SER G 184 27.46 -13.73 0.00
N PHE G 185 27.66 -15.04 0.10
CA PHE G 185 27.13 -15.90 1.17
C PHE G 185 28.26 -16.30 2.11
N HIS G 186 29.31 -15.47 2.23
CA HIS G 186 30.37 -15.64 3.24
C HIS G 186 29.68 -15.66 4.62
N HIS G 187 30.19 -16.43 5.55
CA HIS G 187 29.60 -16.55 6.90
C HIS G 187 29.40 -15.16 7.53
N THR G 188 30.26 -14.20 7.23
CA THR G 188 30.22 -12.84 7.84
C THR G 188 29.05 -12.03 7.31
N LYS G 189 28.31 -12.53 6.31
CA LYS G 189 27.22 -11.77 5.63
C LYS G 189 25.86 -12.24 6.17
N PRO G 190 24.86 -11.34 6.18
CA PRO G 190 23.58 -11.66 6.82
C PRO G 190 22.99 -12.98 6.32
N PHE G 191 23.06 -13.18 5.01
CA PHE G 191 22.50 -14.37 4.32
C PHE G 191 23.52 -15.50 4.19
N GLY G 192 24.72 -15.41 4.77
CA GLY G 192 25.82 -16.34 4.45
C GLY G 192 25.89 -17.55 5.36
N PHE G 193 26.55 -18.59 4.88
CA PHE G 193 26.88 -19.78 5.69
C PHE G 193 28.08 -20.45 5.05
N GLY G 194 29.21 -20.42 5.74
CA GLY G 194 30.49 -20.88 5.17
C GLY G 194 30.96 -19.89 4.12
N GLU G 195 31.03 -20.35 2.88
CA GLU G 195 31.50 -19.56 1.74
C GLU G 195 30.48 -19.71 0.62
N GLY G 196 30.32 -18.70 -0.18
CA GLY G 196 29.46 -18.79 -1.36
C GLY G 196 29.34 -17.45 -2.03
N GLY G 197 28.92 -17.48 -3.28
CA GLY G 197 28.72 -16.28 -4.11
C GLY G 197 27.53 -16.46 -5.04
N CYS G 198 27.06 -15.38 -5.61
CA CYS G 198 25.98 -15.40 -6.61
C CYS G 198 26.16 -14.23 -7.55
N ILE G 199 25.99 -14.51 -8.85
CA ILE G 199 25.94 -13.49 -9.94
C ILE G 199 24.47 -13.34 -10.36
N ILE G 200 24.02 -12.10 -10.42
CA ILE G 200 22.70 -11.67 -11.01
C ILE G 200 23.09 -10.95 -12.29
N VAL G 201 22.77 -11.50 -13.46
CA VAL G 201 23.28 -10.90 -14.73
C VAL G 201 22.32 -11.05 -15.93
N ASP G 202 22.40 -10.03 -16.78
CA ASP G 202 21.70 -9.92 -18.08
C ASP G 202 21.86 -11.26 -18.80
N ARG G 203 20.74 -11.83 -19.28
CA ARG G 203 20.70 -13.22 -19.81
C ARG G 203 21.68 -13.34 -20.98
N LEU G 204 22.02 -12.23 -21.62
CA LEU G 204 22.89 -12.15 -22.81
C LEU G 204 24.23 -12.85 -22.53
N TYR G 205 24.71 -12.83 -21.29
CA TYR G 205 26.05 -13.35 -20.91
C TYR G 205 25.90 -14.62 -20.09
N GLU G 206 24.68 -15.02 -19.76
CA GLU G 206 24.47 -16.16 -18.85
C GLU G 206 25.33 -17.35 -19.29
N ASN G 207 25.17 -17.79 -20.53
CA ASN G 207 25.68 -19.09 -20.99
C ASN G 207 27.21 -19.13 -20.83
N ASN G 208 27.87 -18.13 -21.38
CA ASN G 208 29.36 -17.95 -21.32
C ASN G 208 29.85 -17.84 -19.87
N ILE G 209 29.12 -17.15 -19.00
CA ILE G 209 29.50 -17.07 -17.56
C ILE G 209 29.37 -18.45 -16.90
N ARG G 210 28.31 -19.22 -17.21
CA ARG G 210 28.15 -20.55 -16.58
C ARG G 210 29.28 -21.44 -17.11
N ILE G 211 29.62 -21.32 -18.40
CA ILE G 211 30.68 -22.17 -19.03
C ILE G 211 32.02 -21.75 -18.40
N GLY G 212 32.16 -20.45 -18.13
CA GLY G 212 33.32 -19.83 -17.45
C GLY G 212 33.59 -20.34 -16.06
N LEU G 213 32.59 -20.91 -15.35
CA LEU G 213 32.79 -21.52 -14.01
C LEU G 213 33.56 -22.83 -14.14
N ASN G 214 33.51 -23.39 -15.34
CA ASN G 214 33.99 -24.73 -15.71
C ASN G 214 35.14 -24.57 -16.71
N PHE G 215 36.07 -23.67 -16.41
CA PHE G 215 37.33 -23.49 -17.19
C PHE G 215 37.06 -23.05 -18.62
N GLY G 216 35.82 -22.66 -18.95
CA GLY G 216 35.45 -22.25 -20.30
C GLY G 216 35.06 -23.46 -21.16
N LEU G 217 34.93 -24.66 -20.58
CA LEU G 217 34.60 -25.93 -21.28
C LEU G 217 33.07 -26.07 -21.37
N ASP G 218 32.53 -25.95 -22.57
CA ASP G 218 31.06 -26.11 -22.85
C ASP G 218 30.76 -27.59 -22.98
N ASN G 219 30.05 -28.15 -22.01
CA ASN G 219 29.61 -29.58 -22.04
C ASN G 219 28.68 -29.81 -23.24
N SER G 220 28.11 -28.75 -23.84
CA SER G 220 27.27 -28.84 -25.07
C SER G 220 28.12 -29.17 -26.31
N LEU G 221 29.46 -29.23 -26.22
CA LEU G 221 30.31 -29.61 -27.39
C LEU G 221 30.95 -30.99 -27.20
N GLY G 222 30.69 -31.66 -26.07
CA GLY G 222 31.32 -32.94 -25.75
C GLY G 222 32.82 -32.83 -26.01
N GLU G 223 33.34 -33.69 -26.88
CA GLU G 223 34.78 -33.86 -27.21
C GLU G 223 35.39 -32.55 -27.77
N LYS G 224 34.58 -31.67 -28.37
CA LYS G 224 35.04 -30.41 -29.03
C LYS G 224 35.12 -29.24 -28.02
N SER G 225 34.85 -29.48 -26.73
CA SER G 225 34.93 -28.42 -25.70
C SER G 225 36.36 -27.81 -25.70
N GLN G 226 36.45 -26.47 -25.64
CA GLN G 226 37.74 -25.73 -25.67
C GLN G 226 37.80 -24.81 -24.44
N TYR G 227 38.88 -24.84 -23.64
CA TYR G 227 39.07 -23.89 -22.52
C TYR G 227 39.29 -22.45 -23.04
N SER G 228 39.03 -21.48 -22.17
CA SER G 228 39.36 -20.05 -22.33
C SER G 228 40.37 -19.68 -21.24
N ASN G 229 41.36 -18.88 -21.56
CA ASN G 229 42.36 -18.39 -20.57
C ASN G 229 41.68 -17.35 -19.67
N GLN G 230 40.41 -16.99 -19.95
CA GLN G 230 39.63 -16.02 -19.13
C GLN G 230 38.81 -16.70 -18.04
N ALA G 231 38.80 -18.01 -18.00
CA ALA G 231 37.99 -18.83 -17.09
C ALA G 231 38.84 -19.44 -15.97
N SER G 232 38.20 -20.20 -15.11
CA SER G 232 38.84 -20.89 -13.99
C SER G 232 37.87 -21.90 -13.42
N ASN G 233 38.18 -22.41 -12.25
CA ASN G 233 37.25 -23.22 -11.45
C ASN G 233 36.56 -22.23 -10.49
N TYR G 234 35.33 -21.83 -10.79
CA TYR G 234 34.63 -20.78 -10.01
C TYR G 234 33.25 -21.24 -9.53
N ARG G 235 32.90 -22.49 -9.83
CA ARG G 235 31.58 -23.10 -9.52
C ARG G 235 31.35 -23.22 -8.00
N MET G 236 30.09 -23.25 -7.59
CA MET G 236 29.75 -23.62 -6.20
C MET G 236 29.61 -25.14 -6.13
N CYS G 237 30.25 -25.74 -5.15
CA CYS G 237 30.08 -27.16 -4.76
C CYS G 237 28.67 -27.34 -4.19
N ASP G 238 27.98 -28.41 -4.57
CA ASP G 238 26.61 -28.72 -4.07
C ASP G 238 26.63 -28.87 -2.55
N LEU G 239 27.71 -29.36 -1.93
CA LEU G 239 27.78 -29.45 -0.45
C LEU G 239 27.51 -28.05 0.14
N ASN G 240 28.15 -27.01 -0.41
CA ASN G 240 27.99 -25.62 0.09
C ASN G 240 26.58 -25.14 -0.21
N ALA G 241 26.12 -25.35 -1.46
CA ALA G 241 24.76 -24.97 -1.91
C ALA G 241 23.72 -25.43 -0.89
N ALA G 242 23.86 -26.65 -0.38
CA ALA G 242 22.91 -27.28 0.58
C ALA G 242 22.96 -26.51 1.91
N PHE G 243 24.14 -26.29 2.51
CA PHE G 243 24.26 -25.56 3.79
C PHE G 243 23.70 -24.15 3.64
N ILE G 244 23.91 -23.52 2.49
CA ILE G 244 23.43 -22.13 2.29
C ILE G 244 21.92 -22.16 2.16
N LEU G 245 21.39 -23.02 1.31
CA LEU G 245 19.94 -23.06 1.03
C LEU G 245 19.20 -23.33 2.35
N SER G 246 19.66 -24.33 3.11
CA SER G 246 19.03 -24.76 4.40
C SER G 246 18.99 -23.55 5.34
N TYR G 247 20.11 -22.81 5.47
CA TYR G 247 20.19 -21.60 6.33
C TYR G 247 19.18 -20.54 5.88
N LEU G 248 19.17 -20.24 4.57
CA LEU G 248 18.25 -19.23 3.99
C LEU G 248 16.79 -19.64 4.20
N GLN G 249 16.51 -20.95 4.00
CA GLN G 249 15.13 -21.51 4.12
C GLN G 249 14.62 -21.23 5.54
N ASN G 250 15.48 -21.47 6.54
CA ASN G 250 15.12 -21.37 7.96
C ASN G 250 15.12 -19.90 8.44
N ASN G 251 15.85 -18.98 7.81
CA ASN G 251 16.19 -17.68 8.45
C ASN G 251 15.97 -16.43 7.59
N TYR G 252 15.83 -16.48 6.26
CA TYR G 252 15.98 -15.27 5.39
C TYR G 252 14.92 -14.24 5.76
N LYS G 253 13.70 -14.69 6.08
CA LYS G 253 12.57 -13.79 6.42
C LYS G 253 12.90 -13.05 7.73
N LYS G 254 13.23 -13.77 8.79
CA LYS G 254 13.60 -13.20 10.12
C LYS G 254 14.75 -12.21 9.92
N ILE G 255 15.73 -12.54 9.05
CA ILE G 255 16.91 -11.68 8.83
C ILE G 255 16.49 -10.35 8.21
N ILE G 256 15.70 -10.35 7.12
CA ILE G 256 15.19 -9.11 6.48
C ILE G 256 14.39 -8.25 7.50
N ASN G 257 13.46 -8.87 8.21
CA ASN G 257 12.55 -8.12 9.14
C ASN G 257 13.39 -7.55 10.29
N ARG G 258 14.24 -8.37 10.90
CA ARG G 258 15.01 -7.94 12.09
C ARG G 258 16.07 -6.92 11.69
N HIS G 259 16.71 -7.05 10.52
CA HIS G 259 17.76 -6.09 10.09
C HIS G 259 17.12 -4.73 9.83
N SER G 260 15.91 -4.76 9.27
CA SER G 260 15.09 -3.56 9.00
C SER G 260 14.75 -2.87 10.33
N GLU G 261 14.35 -3.66 11.33
CA GLU G 261 13.98 -3.17 12.69
C GLU G 261 15.16 -2.49 13.38
N ILE G 262 16.34 -3.14 13.33
CA ILE G 262 17.60 -2.59 13.91
C ILE G 262 17.89 -1.26 13.23
N TYR G 263 17.82 -1.21 11.91
CA TYR G 263 18.06 0.05 11.16
C TYR G 263 17.14 1.15 11.70
N GLU G 264 15.88 0.77 11.91
CA GLU G 264 14.77 1.68 12.32
C GLU G 264 15.14 2.38 13.64
N ILE G 265 15.69 1.62 14.59
CA ILE G 265 16.08 2.15 15.92
C ILE G 265 17.21 3.18 15.74
N TYR G 266 18.23 2.91 14.92
CA TYR G 266 19.37 3.85 14.72
C TYR G 266 18.83 5.14 14.06
N LYS G 267 18.01 4.99 13.04
CA LYS G 267 17.43 6.10 12.25
C LYS G 267 16.70 7.05 13.22
N ASN G 268 15.98 6.49 14.20
CA ASN G 268 15.03 7.23 15.09
C ASN G 268 15.79 7.77 16.33
N ASN G 269 17.04 7.33 16.57
CA ASN G 269 17.76 7.64 17.83
C ASN G 269 19.25 7.93 17.57
N LEU G 270 19.56 8.62 16.47
CA LEU G 270 20.96 8.85 16.05
C LEU G 270 21.75 9.42 17.21
N PRO G 271 22.90 8.83 17.61
CA PRO G 271 23.79 9.50 18.54
C PRO G 271 24.25 10.83 17.93
N LYS G 272 24.45 11.82 18.79
CA LYS G 272 24.84 13.21 18.47
C LYS G 272 26.09 13.19 17.58
N ARG G 273 26.11 14.03 16.53
CA ARG G 273 27.26 14.23 15.62
C ARG G 273 27.56 12.96 14.80
N PHE G 274 26.65 11.98 14.78
CA PHE G 274 26.74 10.81 13.86
C PHE G 274 25.64 10.94 12.79
N LYS G 275 25.96 10.53 11.55
CA LYS G 275 24.95 10.39 10.48
C LYS G 275 24.89 8.94 10.01
N LEU G 276 23.71 8.50 9.57
CA LEU G 276 23.54 7.27 8.76
C LEU G 276 24.42 7.37 7.50
N PHE G 277 25.10 6.27 7.17
CA PHE G 277 25.81 6.16 5.88
C PHE G 277 24.84 6.53 4.76
N PRO G 278 25.28 7.34 3.76
CA PRO G 278 24.42 7.76 2.66
C PRO G 278 23.76 6.54 2.01
N ASN G 279 22.44 6.64 1.80
CA ASN G 279 21.56 5.53 1.37
C ASN G 279 20.38 6.12 0.61
N HIS G 280 20.04 5.58 -0.57
CA HIS G 280 18.96 6.12 -1.43
C HIS G 280 17.77 5.16 -1.52
N SER G 281 17.67 4.14 -0.67
CA SER G 281 16.47 3.27 -0.63
C SER G 281 15.38 4.05 0.15
N LYS G 282 14.12 4.06 -0.30
CA LYS G 282 13.05 4.73 0.48
C LYS G 282 12.63 3.82 1.65
N LYS G 283 12.71 2.50 1.51
CA LYS G 283 12.46 1.57 2.64
C LYS G 283 13.82 1.25 3.29
N ASN G 284 13.82 0.78 4.54
CA ASN G 284 15.06 0.50 5.32
C ASN G 284 15.91 -0.51 4.56
N PRO G 285 17.23 -0.24 4.37
CA PRO G 285 18.13 -1.24 3.81
C PRO G 285 18.30 -2.46 4.73
N VAL G 286 18.70 -3.61 4.18
CA VAL G 286 19.04 -4.79 5.02
C VAL G 286 20.56 -4.84 5.12
N CYS G 287 21.11 -4.47 6.28
CA CYS G 287 22.54 -4.09 6.40
C CYS G 287 23.34 -5.25 6.95
N SER G 288 24.59 -5.36 6.50
CA SER G 288 25.57 -6.32 7.02
C SER G 288 26.24 -5.78 8.30
N SER G 289 26.31 -4.47 8.44
CA SER G 289 26.63 -3.78 9.72
C SER G 289 25.90 -2.45 9.71
N ILE G 290 25.68 -1.83 10.89
CA ILE G 290 25.12 -0.46 10.86
C ILE G 290 26.27 0.52 10.72
N CYS G 291 26.30 1.28 9.63
CA CYS G 291 27.40 2.20 9.30
C CYS G 291 26.96 3.62 9.61
N LEU G 292 27.60 4.21 10.61
CA LEU G 292 27.46 5.64 10.92
C LEU G 292 28.73 6.36 10.49
N LEU G 293 28.61 7.62 10.13
CA LEU G 293 29.75 8.55 9.95
C LEU G 293 29.76 9.57 11.09
N PHE G 294 30.86 9.67 11.84
CA PHE G 294 31.15 10.76 12.81
C PHE G 294 31.48 12.03 12.03
N ASP G 295 31.36 13.23 12.62
CA ASP G 295 31.56 14.50 11.90
C ASP G 295 33.07 14.76 11.70
N LYS G 296 33.93 13.95 12.33
CA LYS G 296 35.38 14.08 12.08
C LYS G 296 36.07 12.75 12.27
N PRO G 297 37.34 12.69 11.79
CA PRO G 297 38.16 11.49 11.95
C PRO G 297 38.33 11.09 13.42
N PHE G 298 38.33 9.80 13.70
CA PHE G 298 38.55 9.25 15.05
C PHE G 298 39.13 7.84 14.91
N ARG G 299 39.80 7.36 15.96
CA ARG G 299 40.44 6.03 16.02
C ARG G 299 39.39 5.06 16.55
N LEU G 300 39.25 3.92 15.89
CA LEU G 300 38.40 2.78 16.31
C LEU G 300 38.70 2.41 17.76
N ASP G 301 39.96 2.57 18.23
CA ASP G 301 40.37 2.07 19.58
C ASP G 301 39.71 2.90 20.68
N LYS G 302 39.01 4.00 20.33
CA LYS G 302 38.27 4.85 21.29
C LYS G 302 36.85 4.34 21.51
N ILE G 303 36.40 3.34 20.74
CA ILE G 303 35.01 2.81 20.85
C ILE G 303 35.06 1.54 21.69
N PRO G 304 34.49 1.54 22.92
CA PRO G 304 34.63 0.41 23.84
C PRO G 304 33.60 -0.72 23.67
N PHE G 305 33.27 -1.07 22.43
CA PHE G 305 32.50 -2.31 22.11
C PHE G 305 32.92 -2.78 20.71
N LEU G 306 32.61 -4.02 20.37
CA LEU G 306 32.96 -4.68 19.10
C LEU G 306 32.49 -3.79 17.97
N SER G 307 33.41 -3.34 17.13
CA SER G 307 33.08 -2.46 16.00
C SER G 307 34.24 -2.48 15.02
N ARG G 308 33.95 -2.17 13.76
CA ARG G 308 35.01 -2.21 12.73
C ARG G 308 35.00 -0.90 11.95
N LYS G 309 36.02 -0.72 11.13
CA LYS G 309 36.01 0.28 10.04
C LYS G 309 36.17 -0.48 8.72
N TYR G 310 35.19 -0.39 7.85
CA TYR G 310 35.25 -0.83 6.43
C TYR G 310 34.92 0.39 5.57
N TYR G 311 35.50 0.54 4.37
CA TYR G 311 36.60 -0.26 3.83
C TYR G 311 37.86 0.60 3.88
N LYS G 312 38.98 0.00 4.29
CA LYS G 312 40.29 0.66 4.12
C LYS G 312 40.46 0.97 2.63
N PRO G 313 40.71 2.23 2.19
CA PRO G 313 40.77 2.50 0.76
C PRO G 313 41.80 1.64 -0.02
N LEU G 314 41.42 1.12 -1.18
CA LEU G 314 42.40 0.38 -2.03
C LEU G 314 43.53 1.32 -2.46
N ASP G 315 43.18 2.58 -2.71
CA ASP G 315 44.14 3.67 -2.98
C ASP G 315 43.99 4.71 -1.86
N LEU G 316 44.99 4.85 -1.00
CA LEU G 316 44.88 5.70 0.21
C LEU G 316 44.99 7.18 -0.17
N SER G 317 45.34 7.48 -1.42
CA SER G 317 45.45 8.86 -1.95
C SER G 317 44.06 9.36 -2.42
N SER G 318 43.01 8.53 -2.37
CA SER G 318 41.61 8.91 -2.70
C SER G 318 41.01 9.61 -1.48
N PRO G 319 40.85 10.97 -1.49
CA PRO G 319 40.50 11.71 -0.26
C PRO G 319 39.10 11.50 0.34
N VAL G 320 38.05 11.34 -0.48
CA VAL G 320 36.69 11.09 0.06
C VAL G 320 36.66 9.69 0.67
N SER G 321 37.26 8.72 -0.03
CA SER G 321 37.36 7.33 0.48
C SER G 321 38.08 7.36 1.84
N LEU G 322 39.18 8.09 1.93
CA LEU G 322 39.99 8.08 3.17
C LEU G 322 39.18 8.82 4.26
N ASP G 323 38.50 9.89 3.86
CA ASP G 323 37.66 10.67 4.83
C ASP G 323 36.58 9.74 5.39
N PHE G 324 35.88 9.00 4.53
CA PHE G 324 34.83 8.05 4.97
C PHE G 324 35.44 7.02 5.92
N TYR G 325 36.57 6.43 5.56
CA TYR G 325 37.23 5.40 6.39
C TYR G 325 37.53 6.00 7.77
N GLN G 326 38.03 7.23 7.81
CA GLN G 326 38.49 7.87 9.07
C GLN G 326 37.27 8.22 9.94
N ARG G 327 36.12 8.47 9.31
CA ARG G 327 34.89 8.96 10.01
C ARG G 327 33.93 7.82 10.28
N ILE G 328 34.09 6.64 9.67
CA ILE G 328 33.01 5.62 9.72
C ILE G 328 33.07 4.83 11.03
N LEU G 329 31.93 4.31 11.45
CA LEU G 329 31.87 3.27 12.49
C LEU G 329 30.92 2.17 12.05
N CYS G 330 31.40 0.93 11.96
CA CYS G 330 30.56 -0.20 11.55
C CYS G 330 30.18 -0.97 12.81
N ILE G 331 28.86 -1.05 13.09
CA ILE G 331 28.35 -1.63 14.36
C ILE G 331 27.73 -2.98 14.06
N PRO G 332 27.96 -4.03 14.89
CA PRO G 332 27.29 -5.31 14.67
C PRO G 332 25.80 -5.13 14.37
N CYS G 333 25.33 -5.87 13.36
CA CYS G 333 23.90 -5.95 12.97
C CYS G 333 23.54 -7.39 12.63
N ASN G 334 22.90 -8.11 13.55
CA ASN G 334 22.52 -9.53 13.32
C ASN G 334 21.27 -9.84 14.15
N ILE G 335 20.71 -11.03 13.95
CA ILE G 335 19.43 -11.40 14.59
C ILE G 335 19.64 -11.83 16.06
N ASP G 336 20.87 -11.86 16.61
CA ASP G 336 21.06 -12.18 18.05
C ASP G 336 21.06 -10.91 18.91
N LEU G 337 21.33 -9.75 18.32
CA LEU G 337 21.41 -8.44 19.01
C LEU G 337 20.07 -8.09 19.70
N THR G 338 20.11 -7.63 20.96
CA THR G 338 18.90 -7.19 21.73
C THR G 338 18.68 -5.68 21.56
N ASP G 339 17.43 -5.21 21.68
CA ASP G 339 17.15 -3.74 21.61
C ASP G 339 17.92 -3.04 22.73
N ARG G 340 17.96 -3.68 23.91
CA ARG G 340 18.74 -3.19 25.08
C ARG G 340 20.20 -2.97 24.66
N GLN G 341 20.80 -3.89 23.88
CA GLN G 341 22.21 -3.73 23.40
C GLN G 341 22.30 -2.51 22.48
N ILE G 342 21.34 -2.32 21.59
CA ILE G 342 21.34 -1.21 20.59
C ILE G 342 21.24 0.12 21.37
N TYR G 343 20.32 0.19 22.32
CA TYR G 343 20.21 1.43 23.12
C TYR G 343 21.50 1.68 23.90
N GLU G 344 22.17 0.64 24.42
CA GLU G 344 23.42 0.83 25.19
C GLU G 344 24.48 1.36 24.21
N ILE G 345 24.58 0.77 23.01
CA ILE G 345 25.52 1.24 21.97
C ILE G 345 25.28 2.74 21.71
N ILE G 346 24.04 3.14 21.50
CA ILE G 346 23.71 4.57 21.22
C ILE G 346 24.17 5.47 22.40
N GLY G 347 24.01 4.99 23.64
CA GLY G 347 24.47 5.70 24.85
C GLY G 347 25.98 5.83 24.87
N VAL G 348 26.67 4.76 24.48
CA VAL G 348 28.15 4.81 24.45
C VAL G 348 28.56 5.83 23.38
N LEU G 349 27.84 5.93 22.27
CA LEU G 349 28.24 6.82 21.16
C LEU G 349 27.89 8.29 21.46
N ASN G 350 26.81 8.51 22.20
CA ASN G 350 26.48 9.86 22.74
C ASN G 350 27.61 10.33 23.70
N GLU G 351 28.08 9.45 24.60
CA GLU G 351 29.21 9.73 25.53
C GLU G 351 30.45 10.03 24.69
N PHE G 352 30.71 9.20 23.69
CA PHE G 352 31.88 9.38 22.79
C PHE G 352 31.81 10.77 22.14
N ALA G 353 30.66 11.21 21.66
CA ALA G 353 30.52 12.50 20.94
C ALA G 353 30.86 13.64 21.93
N ASP G 354 30.44 13.49 23.18
CA ASP G 354 30.66 14.51 24.24
C ASP G 354 32.17 14.75 24.44
N LYS G 355 32.98 13.70 24.47
CA LYS G 355 34.44 13.74 24.81
C LYS G 355 35.32 13.89 23.56
N ASN G 356 34.74 13.89 22.35
CA ASN G 356 35.57 14.04 21.12
C ASN G 356 34.98 15.13 20.23
N GLY H 6 28.76 -56.97 -14.98
CA GLY H 6 29.03 -56.51 -16.37
C GLY H 6 29.79 -55.19 -16.40
N LEU H 7 30.31 -54.80 -17.57
CA LEU H 7 31.06 -53.52 -17.75
C LEU H 7 30.09 -52.33 -17.83
N GLU H 8 28.78 -52.56 -17.96
CA GLU H 8 27.77 -51.48 -17.97
C GLU H 8 27.77 -50.77 -16.60
N LYS H 9 28.18 -51.47 -15.52
CA LYS H 9 28.24 -50.99 -14.11
C LYS H 9 29.53 -50.21 -13.81
N LEU H 10 30.43 -50.03 -14.79
CA LEU H 10 31.67 -49.20 -14.61
C LEU H 10 31.26 -47.77 -14.28
N THR H 11 31.93 -47.17 -13.30
CA THR H 11 31.81 -45.71 -12.97
C THR H 11 33.22 -45.11 -13.01
N TRP H 12 33.35 -43.83 -13.32
CA TRP H 12 34.65 -43.14 -13.22
C TRP H 12 35.16 -43.17 -11.78
N VAL H 13 34.29 -42.76 -10.85
CA VAL H 13 34.55 -42.55 -9.39
C VAL H 13 33.93 -43.71 -8.62
N SER H 14 34.56 -44.19 -7.54
CA SER H 14 33.90 -45.03 -6.51
C SER H 14 32.67 -44.29 -6.03
N GLU H 15 31.66 -45.00 -5.54
CA GLU H 15 30.51 -44.36 -4.86
C GLU H 15 31.05 -43.75 -3.57
N LYS H 16 30.77 -42.47 -3.34
CA LYS H 16 31.21 -41.72 -2.13
C LYS H 16 29.97 -41.13 -1.44
N LYS H 17 29.87 -41.34 -0.13
CA LYS H 17 28.76 -40.86 0.75
C LYS H 17 29.34 -40.43 2.09
N PRO H 18 28.86 -39.31 2.67
CA PRO H 18 29.31 -38.89 4.00
C PRO H 18 29.09 -39.91 5.11
N ASP H 19 30.12 -40.12 5.93
CA ASP H 19 30.03 -40.66 7.30
C ASP H 19 29.43 -39.55 8.18
N TRP H 20 28.13 -39.34 8.09
CA TRP H 20 27.39 -38.21 8.74
C TRP H 20 27.75 -38.11 10.22
N SER H 21 27.93 -39.22 10.92
CA SER H 21 28.27 -39.21 12.36
C SER H 21 29.65 -38.54 12.53
N ASN H 22 30.65 -39.02 11.78
CA ASN H 22 32.05 -38.50 11.86
C ASN H 22 32.12 -37.07 11.35
N VAL H 23 31.37 -36.74 10.29
CA VAL H 23 31.35 -35.37 9.71
C VAL H 23 30.69 -34.40 10.69
N GLN H 24 29.62 -34.78 11.41
CA GLN H 24 29.00 -33.86 12.40
C GLN H 24 29.91 -33.71 13.62
N LYS H 25 30.63 -34.77 14.03
CA LYS H 25 31.63 -34.73 15.13
C LYS H 25 32.62 -33.62 14.78
N LEU H 26 33.08 -33.61 13.53
CA LEU H 26 34.11 -32.66 13.02
C LEU H 26 33.51 -31.25 13.04
N ILE H 27 32.37 -31.03 12.40
CA ILE H 27 31.78 -29.67 12.25
C ILE H 27 31.16 -29.18 13.58
N ALA H 28 30.98 -30.04 14.59
CA ALA H 28 30.68 -29.62 15.99
C ALA H 28 31.71 -28.59 16.49
N ALA H 29 32.97 -28.61 16.03
CA ALA H 29 33.98 -27.60 16.43
C ALA H 29 33.63 -26.23 15.82
N CYS H 30 33.18 -26.18 14.56
CA CYS H 30 32.69 -24.93 13.93
C CYS H 30 31.45 -24.43 14.67
N GLU H 31 30.55 -25.32 15.08
CA GLU H 31 29.26 -24.91 15.69
C GLU H 31 29.53 -24.24 17.04
N ALA H 32 30.51 -24.77 17.78
CA ALA H 32 30.90 -24.33 19.13
C ALA H 32 31.43 -22.89 19.09
N THR H 33 32.10 -22.50 17.99
CA THR H 33 32.85 -21.23 17.89
C THR H 33 32.19 -20.31 16.85
N ASN H 34 31.19 -20.83 16.13
CA ASN H 34 30.58 -20.17 14.95
C ASN H 34 31.64 -19.82 13.87
N GLN H 35 32.74 -20.57 13.81
CA GLN H 35 33.88 -20.32 12.86
C GLN H 35 33.83 -21.40 11.77
N TYR H 36 33.28 -21.08 10.60
CA TYR H 36 33.08 -22.03 9.47
C TYR H 36 34.03 -21.73 8.29
N THR H 37 34.75 -20.62 8.32
CA THR H 37 35.73 -20.25 7.27
C THR H 37 36.76 -19.28 7.86
N ASN H 38 37.54 -18.62 7.01
CA ASN H 38 38.66 -17.72 7.45
C ASN H 38 39.53 -18.51 8.44
N ILE H 39 39.74 -19.78 8.13
CA ILE H 39 40.62 -20.73 8.88
C ILE H 39 39.98 -20.98 10.25
N GLY H 40 38.94 -21.81 10.24
CA GLY H 40 38.30 -22.33 11.46
C GLY H 40 39.06 -23.54 11.98
N PRO H 41 38.42 -24.31 12.86
CA PRO H 41 39.13 -25.37 13.58
C PRO H 41 39.37 -26.63 12.77
N ILE H 42 38.77 -26.78 11.59
CA ILE H 42 38.95 -28.01 10.76
C ILE H 42 40.21 -27.88 9.88
N ILE H 43 40.61 -26.67 9.52
CA ILE H 43 41.68 -26.49 8.48
C ILE H 43 42.95 -27.19 8.95
N SER H 44 43.37 -26.95 10.19
CA SER H 44 44.61 -27.51 10.75
C SER H 44 44.51 -29.03 10.80
N GLN H 45 43.33 -29.55 11.14
CA GLN H 45 43.09 -31.01 11.26
C GLN H 45 43.31 -31.67 9.90
N LEU H 46 42.77 -31.09 8.84
CA LEU H 46 42.94 -31.63 7.47
C LEU H 46 44.39 -31.44 6.98
N GLU H 47 45.00 -30.27 7.19
CA GLU H 47 46.41 -30.10 6.75
C GLU H 47 47.30 -31.14 7.48
N SER H 48 47.10 -31.35 8.78
CA SER H 48 47.89 -32.31 9.59
C SER H 48 47.70 -33.75 9.06
N PHE H 49 46.46 -34.05 8.71
CA PHE H 49 46.08 -35.39 8.22
C PHE H 49 46.76 -35.66 6.88
N ILE H 50 46.75 -34.68 5.97
CA ILE H 50 47.48 -34.74 4.68
C ILE H 50 48.98 -34.92 4.97
N ARG H 51 49.59 -34.06 5.78
CA ARG H 51 51.02 -34.19 6.17
C ARG H 51 51.34 -35.63 6.60
N ASP H 52 50.59 -36.15 7.57
CA ASP H 52 50.93 -37.41 8.28
C ASP H 52 50.63 -38.59 7.36
N SER H 53 49.54 -38.51 6.60
CA SER H 53 49.00 -39.63 5.77
C SER H 53 49.74 -39.72 4.43
N PHE H 54 49.98 -38.59 3.78
CA PHE H 54 50.64 -38.55 2.44
C PHE H 54 52.16 -38.45 2.60
N LEU H 55 52.67 -38.32 3.83
CA LEU H 55 54.12 -38.32 4.14
C LEU H 55 54.77 -37.10 3.45
N ILE H 56 54.23 -35.93 3.78
CA ILE H 56 54.82 -34.62 3.38
C ILE H 56 55.98 -34.32 4.33
N GLU H 57 57.09 -33.81 3.78
CA GLU H 57 58.33 -33.54 4.53
C GLU H 57 58.15 -32.25 5.36
N GLU H 58 58.92 -32.14 6.45
CA GLU H 58 58.84 -30.97 7.37
C GLU H 58 59.25 -29.67 6.66
N SER H 59 60.05 -29.75 5.61
CA SER H 59 60.56 -28.59 4.83
C SER H 59 59.39 -27.96 4.08
N LYS H 60 58.24 -28.62 4.04
CA LYS H 60 57.07 -28.20 3.25
C LYS H 60 55.90 -27.78 4.12
N ALA H 61 55.24 -26.68 3.75
CA ALA H 61 53.89 -26.31 4.23
C ALA H 61 52.85 -27.19 3.53
N VAL H 62 51.76 -27.45 4.24
CA VAL H 62 50.53 -28.03 3.66
C VAL H 62 49.43 -26.99 3.80
N ILE H 63 48.95 -26.49 2.68
CA ILE H 63 48.01 -25.36 2.63
C ILE H 63 46.79 -25.75 1.82
N VAL H 64 45.65 -25.97 2.47
CA VAL H 64 44.41 -26.32 1.72
C VAL H 64 43.77 -25.08 1.12
N THR H 65 43.10 -25.29 0.01
CA THR H 65 42.47 -24.24 -0.79
C THR H 65 41.12 -24.75 -1.30
N SER H 66 40.40 -23.89 -1.95
CA SER H 66 39.00 -24.15 -2.41
C SER H 66 38.94 -25.27 -3.45
N ASN H 67 39.96 -25.36 -4.31
CA ASN H 67 40.02 -26.37 -5.40
C ASN H 67 41.46 -26.54 -5.85
N GLY H 68 41.73 -27.53 -6.70
CA GLY H 68 43.11 -27.77 -7.17
C GLY H 68 43.58 -26.57 -7.97
N THR H 69 42.69 -25.98 -8.76
CA THR H 69 42.99 -24.79 -9.57
C THR H 69 43.40 -23.61 -8.65
N SER H 70 42.65 -23.38 -7.57
CA SER H 70 43.01 -22.25 -6.67
C SER H 70 44.27 -22.59 -5.88
N ALA H 71 44.56 -23.88 -5.69
CA ALA H 71 45.86 -24.30 -5.13
C ALA H 71 46.98 -23.78 -6.04
N LEU H 72 46.91 -23.98 -7.37
CA LEU H 72 47.93 -23.52 -8.32
C LEU H 72 47.95 -21.98 -8.40
N HIS H 73 46.77 -21.34 -8.42
CA HIS H 73 46.72 -19.88 -8.60
C HIS H 73 47.16 -19.17 -7.31
N ALA H 74 46.82 -19.71 -6.15
CA ALA H 74 47.23 -19.12 -4.84
C ALA H 74 48.74 -19.34 -4.64
N LEU H 75 49.24 -20.45 -5.16
CA LEU H 75 50.69 -20.76 -5.14
C LEU H 75 51.44 -19.70 -5.94
N VAL H 76 51.02 -19.44 -7.19
CA VAL H 76 51.66 -18.43 -8.07
C VAL H 76 51.44 -17.03 -7.50
N GLY H 77 50.23 -16.70 -7.08
CA GLY H 77 49.96 -15.34 -6.57
C GLY H 77 50.76 -15.05 -5.33
N GLY H 78 50.89 -16.02 -4.45
CA GLY H 78 51.67 -15.88 -3.20
C GLY H 78 53.13 -15.62 -3.50
N ILE H 79 53.71 -16.34 -4.47
CA ILE H 79 55.14 -16.14 -4.78
C ILE H 79 55.28 -14.81 -5.53
N ASN H 80 54.36 -14.49 -6.43
CA ASN H 80 54.40 -13.17 -7.10
C ASN H 80 54.45 -12.06 -6.04
N ARG H 81 53.61 -12.16 -5.02
CA ARG H 81 53.56 -11.08 -3.99
C ARG H 81 54.90 -11.04 -3.23
N GLN H 82 55.43 -12.21 -2.85
CA GLN H 82 56.72 -12.27 -2.12
C GLN H 82 57.85 -11.69 -2.98
N LEU H 83 57.95 -12.07 -4.26
CA LEU H 83 59.10 -11.64 -5.09
C LEU H 83 58.90 -10.24 -5.66
N GLY H 84 57.69 -9.70 -5.67
CA GLY H 84 57.43 -8.35 -6.20
C GLY H 84 57.37 -8.25 -7.72
N ARG H 85 57.05 -9.33 -8.43
CA ARG H 85 56.76 -9.23 -9.87
C ARG H 85 55.74 -10.31 -10.25
N GLU H 86 55.12 -10.15 -11.43
CA GLU H 86 54.23 -11.18 -11.98
C GLU H 86 55.11 -12.22 -12.67
N LEU H 87 55.24 -13.40 -12.10
CA LEU H 87 56.17 -14.41 -12.64
C LEU H 87 55.61 -14.99 -13.94
N LYS H 88 56.51 -15.21 -14.91
CA LYS H 88 56.23 -15.83 -16.23
C LYS H 88 56.54 -17.33 -16.13
N PHE H 89 55.52 -18.16 -16.20
CA PHE H 89 55.67 -19.63 -16.13
C PHE H 89 55.51 -20.24 -17.52
N VAL H 90 56.23 -21.34 -17.70
CA VAL H 90 56.03 -22.29 -18.83
C VAL H 90 55.28 -23.50 -18.31
N THR H 91 54.23 -23.94 -19.03
CA THR H 91 53.47 -25.16 -18.75
C THR H 91 53.58 -26.03 -20.00
N GLN H 92 53.27 -27.31 -19.83
CA GLN H 92 53.24 -28.31 -20.95
C GLN H 92 51.84 -28.27 -21.60
N SER H 93 51.74 -28.59 -22.87
CA SER H 93 50.45 -28.61 -23.60
C SER H 93 49.57 -29.75 -23.11
N PHE H 94 50.17 -30.88 -22.80
CA PHE H 94 49.45 -32.07 -22.33
C PHE H 94 49.18 -31.87 -20.83
N THR H 95 48.14 -31.08 -20.50
CA THR H 95 47.69 -30.85 -19.10
C THR H 95 46.30 -30.21 -19.11
N PHE H 96 45.80 -29.94 -17.91
CA PHE H 96 44.48 -29.32 -17.66
C PHE H 96 44.59 -27.81 -17.78
N PRO H 97 43.51 -27.10 -18.14
CA PRO H 97 43.60 -25.65 -18.36
C PRO H 97 44.08 -24.75 -17.18
N SER H 98 44.10 -25.25 -15.94
CA SER H 98 44.39 -24.50 -14.69
C SER H 98 45.73 -23.75 -14.85
N SER H 99 46.72 -24.37 -15.52
CA SER H 99 48.04 -23.74 -15.65
C SER H 99 48.12 -22.76 -16.83
N ASN H 100 47.02 -22.40 -17.47
CA ASN H 100 46.96 -21.25 -18.40
C ASN H 100 45.74 -20.37 -18.05
N GLN H 101 45.46 -20.22 -16.76
CA GLN H 101 44.32 -19.39 -16.28
C GLN H 101 44.73 -18.57 -15.04
N GLY H 102 43.91 -17.64 -14.59
CA GLY H 102 44.25 -16.82 -13.39
C GLY H 102 45.58 -16.09 -13.57
N PRO H 103 46.52 -16.15 -12.59
CA PRO H 103 47.81 -15.47 -12.71
C PRO H 103 48.70 -16.13 -13.78
N LEU H 104 48.24 -17.28 -14.31
CA LEU H 104 48.95 -18.06 -15.36
C LEU H 104 48.21 -17.89 -16.70
N LYS H 105 47.30 -16.92 -16.82
CA LYS H 105 46.48 -16.80 -18.05
C LYS H 105 47.40 -16.50 -19.25
N ASP H 106 48.59 -15.92 -19.04
CA ASP H 106 49.55 -15.65 -20.14
C ASP H 106 50.81 -16.51 -19.98
N SER H 107 50.71 -17.68 -19.34
CA SER H 107 51.81 -18.69 -19.26
C SER H 107 52.15 -19.12 -20.69
N ILE H 108 53.40 -19.56 -20.89
CA ILE H 108 53.92 -20.00 -22.22
C ILE H 108 53.64 -21.51 -22.26
N ILE H 109 53.09 -22.01 -23.38
CA ILE H 109 52.74 -23.45 -23.52
C ILE H 109 53.78 -24.06 -24.47
N VAL H 110 54.44 -25.12 -24.02
CA VAL H 110 55.37 -25.92 -24.89
C VAL H 110 54.96 -27.38 -24.82
N ASP H 111 55.53 -28.16 -25.76
CA ASP H 111 55.22 -29.58 -25.86
C ASP H 111 55.82 -30.35 -24.71
N ILE H 112 55.28 -31.54 -24.53
CA ILE H 112 55.85 -32.62 -23.67
C ILE H 112 56.96 -33.27 -24.51
N ASP H 113 57.80 -34.05 -23.84
CA ASP H 113 58.62 -35.08 -24.55
C ASP H 113 57.94 -36.45 -24.33
N GLU H 114 58.56 -37.51 -24.87
CA GLU H 114 57.91 -38.83 -24.90
C GLU H 114 57.89 -39.44 -23.51
N ASP H 115 58.47 -38.81 -22.46
CA ASP H 115 58.33 -39.36 -21.09
C ASP H 115 57.18 -38.70 -20.32
N GLY H 116 56.42 -37.79 -20.94
CA GLY H 116 55.09 -37.35 -20.43
C GLY H 116 55.16 -36.01 -19.73
N GLY H 117 56.32 -35.37 -19.73
CA GLY H 117 56.53 -34.07 -19.05
C GLY H 117 57.01 -33.01 -19.99
N LEU H 118 56.81 -31.74 -19.65
CA LEU H 118 57.32 -30.54 -20.33
C LEU H 118 58.71 -30.80 -20.94
N ASP H 119 58.86 -30.50 -22.24
CA ASP H 119 60.17 -30.72 -22.92
C ASP H 119 61.10 -29.54 -22.65
N LEU H 120 62.15 -29.74 -21.82
CA LEU H 120 63.12 -28.68 -21.45
C LEU H 120 63.85 -28.14 -22.69
N ASN H 121 63.94 -28.92 -23.77
CA ASN H 121 64.56 -28.44 -25.02
C ASN H 121 63.78 -27.26 -25.57
N ALA H 122 62.45 -27.21 -25.36
CA ALA H 122 61.62 -26.13 -25.92
C ALA H 122 61.82 -24.78 -25.22
N VAL H 123 62.46 -24.72 -24.03
CA VAL H 123 62.58 -23.40 -23.33
C VAL H 123 63.97 -22.78 -23.52
N LYS H 124 64.82 -23.32 -24.40
CA LYS H 124 66.21 -22.82 -24.55
C LYS H 124 66.25 -21.32 -24.83
N ASN H 125 65.43 -20.79 -25.72
CA ASN H 125 65.56 -19.38 -26.16
C ASN H 125 64.36 -18.54 -25.68
N ILE H 126 63.74 -18.92 -24.57
CA ILE H 126 62.53 -18.24 -24.03
C ILE H 126 62.92 -17.53 -22.73
N GLU H 127 62.33 -16.36 -22.47
CA GLU H 127 62.42 -15.65 -21.17
C GLU H 127 61.28 -16.16 -20.27
N TYR H 128 61.62 -16.63 -19.08
CA TYR H 128 60.60 -17.15 -18.14
C TYR H 128 61.25 -17.18 -16.75
N ASP H 129 60.42 -17.28 -15.72
CA ASP H 129 60.88 -17.35 -14.32
C ASP H 129 60.76 -18.76 -13.76
N GLY H 130 59.86 -19.58 -14.32
CA GLY H 130 59.59 -20.91 -13.74
C GLY H 130 58.86 -21.84 -14.70
N ILE H 131 58.76 -23.11 -14.32
CA ILE H 131 58.04 -24.13 -15.13
C ILE H 131 57.06 -24.88 -14.26
N ILE H 132 55.99 -25.33 -14.90
CA ILE H 132 54.96 -26.21 -14.29
C ILE H 132 54.98 -27.52 -15.06
N VAL H 133 55.23 -28.60 -14.37
CA VAL H 133 55.37 -29.94 -15.00
C VAL H 133 54.24 -30.81 -14.44
N THR H 134 53.42 -31.43 -15.32
CA THR H 134 52.29 -32.27 -14.87
C THR H 134 52.67 -33.75 -14.83
N ASN H 135 52.48 -34.36 -13.66
CA ASN H 135 52.56 -35.80 -13.36
C ASN H 135 51.17 -36.33 -13.66
N ILE H 136 51.03 -37.02 -14.80
CA ILE H 136 49.72 -37.31 -15.47
C ILE H 136 49.04 -38.49 -14.76
N HIS H 137 47.90 -38.24 -14.10
CA HIS H 137 47.00 -39.28 -13.58
C HIS H 137 47.71 -40.21 -12.62
N GLY H 138 48.68 -39.71 -11.83
CA GLY H 138 49.32 -40.51 -10.77
C GLY H 138 50.68 -41.03 -11.23
N ASN H 139 50.94 -40.96 -12.53
CA ASN H 139 52.26 -41.27 -13.14
C ASN H 139 53.17 -40.10 -12.85
N VAL H 140 54.47 -40.36 -12.74
CA VAL H 140 55.48 -39.29 -12.48
C VAL H 140 56.51 -39.27 -13.61
N VAL H 141 56.91 -38.05 -14.00
CA VAL H 141 58.06 -37.78 -14.89
C VAL H 141 59.36 -38.16 -14.16
N ASP H 142 60.48 -38.07 -14.87
CA ASP H 142 61.82 -38.27 -14.27
C ASP H 142 62.14 -36.98 -13.55
N ILE H 143 61.62 -36.87 -12.33
CA ILE H 143 61.52 -35.56 -11.60
C ILE H 143 62.92 -34.94 -11.48
N ASN H 144 63.95 -35.75 -11.19
CA ASN H 144 65.32 -35.19 -11.00
C ASN H 144 65.79 -34.35 -12.20
N LYS H 145 65.46 -34.66 -13.46
CA LYS H 145 66.01 -33.82 -14.56
C LYS H 145 65.44 -32.40 -14.42
N TYR H 146 64.20 -32.29 -13.95
CA TYR H 146 63.53 -30.97 -13.80
C TYR H 146 64.13 -30.22 -12.60
N VAL H 147 64.33 -30.97 -11.52
CA VAL H 147 64.95 -30.41 -10.27
C VAL H 147 66.33 -29.88 -10.66
N ASP H 148 67.16 -30.69 -11.33
CA ASP H 148 68.51 -30.26 -11.73
C ASP H 148 68.39 -29.04 -12.63
N PHE H 149 67.59 -29.10 -13.69
CA PHE H 149 67.53 -28.01 -14.67
C PHE H 149 67.18 -26.68 -13.99
N CYS H 150 66.17 -26.72 -13.13
CA CYS H 150 65.65 -25.47 -12.50
C CYS H 150 66.66 -24.91 -11.48
N MET H 151 67.34 -25.79 -10.75
CA MET H 151 68.42 -25.34 -9.83
C MET H 151 69.52 -24.68 -10.68
N ASN H 152 69.91 -25.30 -11.80
CA ASN H 152 71.04 -24.81 -12.64
C ASN H 152 70.74 -23.45 -13.28
N HIS H 153 69.48 -23.18 -13.67
CA HIS H 153 69.05 -21.96 -14.38
C HIS H 153 68.33 -20.98 -13.44
N ASN H 154 68.31 -21.24 -12.12
CA ASN H 154 67.68 -20.33 -11.13
C ASN H 154 66.21 -20.09 -11.53
N LYS H 155 65.49 -21.18 -11.82
CA LYS H 155 64.04 -21.18 -12.18
C LYS H 155 63.19 -21.81 -11.09
N LEU H 156 61.95 -21.32 -10.93
CA LEU H 156 60.99 -21.95 -10.00
C LEU H 156 60.45 -23.22 -10.65
N LEU H 157 60.20 -24.25 -9.85
CA LEU H 157 59.65 -25.54 -10.35
C LEU H 157 58.43 -25.91 -9.53
N ILE H 158 57.30 -26.02 -10.24
CA ILE H 158 56.01 -26.47 -9.67
C ILE H 158 55.61 -27.76 -10.36
N PHE H 159 55.22 -28.76 -9.57
CA PHE H 159 54.58 -29.98 -10.11
C PHE H 159 53.08 -29.83 -9.95
N ASP H 160 52.37 -29.93 -11.07
CA ASP H 160 50.89 -30.09 -11.02
C ASP H 160 50.60 -31.57 -10.72
N ASN H 161 50.37 -31.88 -9.46
CA ASN H 161 50.06 -33.24 -8.93
C ASN H 161 48.54 -33.35 -8.61
N ALA H 162 47.73 -32.60 -9.34
CA ALA H 162 46.26 -32.56 -9.17
C ALA H 162 45.73 -33.99 -9.04
N ALA H 163 46.22 -34.91 -9.88
CA ALA H 163 45.76 -36.29 -9.98
C ALA H 163 46.78 -37.25 -9.35
N THR H 164 47.72 -36.76 -8.55
CA THR H 164 48.95 -37.49 -8.18
C THR H 164 49.28 -37.17 -6.70
N GLY H 165 48.42 -37.61 -5.78
CA GLY H 165 48.59 -37.44 -4.33
C GLY H 165 49.51 -38.45 -3.66
N TYR H 166 49.78 -39.63 -4.24
CA TYR H 166 50.54 -40.70 -3.53
C TYR H 166 51.27 -41.57 -4.53
N THR H 167 52.15 -40.94 -5.31
CA THR H 167 53.17 -41.63 -6.11
C THR H 167 54.55 -41.24 -5.58
N PHE H 168 55.36 -42.26 -5.27
CA PHE H 168 56.69 -42.12 -4.63
C PHE H 168 57.79 -42.12 -5.71
N TYR H 169 58.69 -41.14 -5.63
CA TYR H 169 59.85 -41.06 -6.51
C TYR H 169 61.08 -41.06 -5.61
N LEU H 170 61.95 -42.07 -5.77
CA LEU H 170 63.22 -42.16 -5.02
C LEU H 170 62.94 -42.01 -3.51
N GLY H 171 61.94 -42.73 -3.01
CA GLY H 171 61.76 -42.93 -1.56
C GLY H 171 60.80 -41.95 -0.92
N LYS H 172 60.27 -40.98 -1.64
CA LYS H 172 59.33 -40.06 -0.96
C LYS H 172 58.23 -39.61 -1.92
N ASN H 173 57.18 -39.06 -1.33
CA ASN H 173 55.98 -38.68 -2.09
C ASN H 173 56.43 -37.65 -3.11
N SER H 174 56.03 -37.81 -4.37
CA SER H 174 56.43 -36.91 -5.49
C SER H 174 56.06 -35.44 -5.18
N CYS H 175 55.07 -35.22 -4.33
CA CYS H 175 54.59 -33.87 -3.91
C CYS H 175 55.71 -33.09 -3.18
N ASN H 176 56.74 -33.79 -2.69
CA ASN H 176 57.90 -33.23 -1.95
C ASN H 176 58.98 -32.70 -2.88
N TYR H 177 58.86 -32.85 -4.21
CA TYR H 177 59.88 -32.35 -5.16
C TYR H 177 59.43 -31.02 -5.76
N GLY H 178 60.43 -30.30 -6.27
CA GLY H 178 60.27 -28.95 -6.79
C GLY H 178 60.09 -28.00 -5.62
N HIS H 179 59.92 -26.73 -5.93
CA HIS H 179 59.62 -25.69 -4.89
C HIS H 179 58.23 -25.94 -4.33
N ALA H 180 57.33 -26.52 -5.14
CA ALA H 180 55.94 -26.74 -4.74
C ALA H 180 55.30 -27.80 -5.64
N SER H 181 54.25 -28.41 -5.11
CA SER H 181 53.25 -29.15 -5.91
C SER H 181 51.85 -28.75 -5.46
N ILE H 182 50.85 -29.16 -6.24
CA ILE H 182 49.42 -28.98 -5.86
C ILE H 182 48.69 -30.30 -6.10
N ILE H 183 47.77 -30.61 -5.21
CA ILE H 183 46.86 -31.78 -5.29
C ILE H 183 45.42 -31.25 -5.38
N SER H 184 44.56 -32.00 -6.04
CA SER H 184 43.11 -31.70 -6.14
C SER H 184 42.32 -32.72 -5.33
N PHE H 185 41.35 -32.24 -4.58
CA PHE H 185 40.39 -33.07 -3.82
C PHE H 185 39.02 -32.94 -4.47
N HIS H 186 38.98 -32.61 -5.76
CA HIS H 186 37.76 -32.69 -6.61
C HIS H 186 37.15 -34.10 -6.51
N HIS H 187 35.82 -34.18 -6.58
CA HIS H 187 35.06 -35.45 -6.42
C HIS H 187 35.58 -36.55 -7.36
N THR H 188 36.06 -36.16 -8.55
CA THR H 188 36.56 -37.07 -9.62
C THR H 188 37.94 -37.68 -9.33
N LYS H 189 38.64 -37.27 -8.27
CA LYS H 189 40.00 -37.79 -7.91
C LYS H 189 39.90 -38.88 -6.85
N PRO H 190 40.87 -39.81 -6.80
CA PRO H 190 40.81 -40.88 -5.81
C PRO H 190 40.54 -40.36 -4.39
N PHE H 191 41.22 -39.28 -3.99
CA PHE H 191 41.20 -38.82 -2.58
C PHE H 191 40.18 -37.69 -2.43
N GLY H 192 39.42 -37.36 -3.48
CA GLY H 192 38.54 -36.18 -3.51
C GLY H 192 37.15 -36.42 -2.91
N PHE H 193 36.51 -35.34 -2.48
CA PHE H 193 35.09 -35.32 -2.04
C PHE H 193 34.55 -33.91 -2.20
N GLY H 194 33.69 -33.71 -3.19
CA GLY H 194 33.18 -32.38 -3.56
C GLY H 194 34.25 -31.56 -4.29
N GLU H 195 34.72 -30.49 -3.66
CA GLU H 195 35.75 -29.56 -4.19
C GLU H 195 36.83 -29.35 -3.11
N GLY H 196 38.09 -29.37 -3.51
CA GLY H 196 39.17 -29.01 -2.59
C GLY H 196 40.51 -29.08 -3.28
N GLY H 197 41.49 -28.40 -2.72
CA GLY H 197 42.87 -28.30 -3.26
C GLY H 197 43.85 -28.24 -2.12
N CYS H 198 45.10 -28.57 -2.41
CA CYS H 198 46.16 -28.44 -1.41
C CYS H 198 47.43 -27.99 -2.11
N ILE H 199 48.15 -27.07 -1.49
CA ILE H 199 49.55 -26.69 -1.86
C ILE H 199 50.52 -27.38 -0.92
N ILE H 200 51.56 -27.96 -1.51
CA ILE H 200 52.73 -28.47 -0.77
C ILE H 200 53.88 -27.56 -1.20
N VAL H 201 54.43 -26.71 -0.31
CA VAL H 201 55.39 -25.68 -0.81
C VAL H 201 56.50 -25.41 0.21
N ASP H 202 57.70 -25.10 -0.32
CA ASP H 202 58.84 -24.67 0.50
C ASP H 202 58.33 -23.60 1.51
N ARG H 203 58.68 -23.82 2.75
CA ARG H 203 58.29 -22.96 3.89
C ARG H 203 58.64 -21.49 3.63
N LEU H 204 59.70 -21.20 2.87
CA LEU H 204 60.10 -19.80 2.50
C LEU H 204 58.87 -18.99 2.05
N TYR H 205 57.94 -19.61 1.33
CA TYR H 205 56.77 -18.92 0.74
C TYR H 205 55.48 -19.14 1.54
N GLU H 206 55.49 -19.94 2.63
CA GLU H 206 54.27 -20.37 3.35
C GLU H 206 53.43 -19.16 3.77
N ASN H 207 54.05 -18.22 4.45
CA ASN H 207 53.30 -17.11 5.12
C ASN H 207 52.62 -16.28 4.03
N ASN H 208 53.36 -15.89 3.02
CA ASN H 208 52.77 -15.07 1.93
C ASN H 208 51.69 -15.85 1.19
N ILE H 209 51.82 -17.17 1.03
CA ILE H 209 50.74 -17.92 0.32
C ILE H 209 49.49 -17.96 1.21
N ARG H 210 49.65 -18.21 2.51
CA ARG H 210 48.50 -18.28 3.45
C ARG H 210 47.79 -16.92 3.48
N ILE H 211 48.53 -15.82 3.57
CA ILE H 211 47.80 -14.52 3.60
CA ILE H 211 47.94 -14.45 3.55
C ILE H 211 47.24 -14.23 2.20
N GLY H 212 47.83 -14.78 1.12
CA GLY H 212 47.32 -14.67 -0.25
C GLY H 212 45.99 -15.40 -0.47
N LEU H 213 45.60 -16.30 0.42
CA LEU H 213 44.25 -16.95 0.38
C LEU H 213 43.21 -15.96 0.89
N ASN H 214 43.66 -14.96 1.64
CA ASN H 214 42.85 -13.92 2.34
C ASN H 214 43.10 -12.55 1.70
N PHE H 215 43.16 -12.46 0.37
CA PHE H 215 43.25 -11.19 -0.37
C PHE H 215 44.63 -10.53 -0.18
N GLY H 216 45.60 -11.21 0.42
CA GLY H 216 46.90 -10.60 0.73
C GLY H 216 46.89 -9.89 2.10
N LEU H 217 45.77 -9.98 2.81
CA LEU H 217 45.58 -9.33 4.15
C LEU H 217 46.15 -10.18 5.26
N ASP H 218 47.20 -9.67 5.90
CA ASP H 218 47.93 -10.34 7.01
C ASP H 218 47.30 -9.89 8.33
N ASN H 219 46.54 -10.76 8.97
CA ASN H 219 45.87 -10.46 10.26
C ASN H 219 46.91 -10.08 11.34
N SER H 220 48.18 -10.49 11.20
CA SER H 220 49.30 -10.11 12.12
C SER H 220 49.53 -8.59 12.10
N LEU H 221 49.08 -7.88 11.07
CA LEU H 221 49.34 -6.43 11.00
C LEU H 221 48.15 -5.63 11.57
N GLY H 222 47.06 -6.29 11.93
CA GLY H 222 45.84 -5.61 12.43
C GLY H 222 45.32 -4.60 11.45
N GLU H 223 45.08 -3.36 11.89
CA GLU H 223 44.48 -2.30 11.04
C GLU H 223 45.46 -1.93 9.92
N LYS H 224 46.73 -2.33 10.00
CA LYS H 224 47.78 -1.97 9.02
C LYS H 224 47.82 -2.96 7.85
N SER H 225 47.02 -4.03 7.88
CA SER H 225 46.91 -5.01 6.76
C SER H 225 46.64 -4.28 5.43
N GLN H 226 47.28 -4.75 4.36
CA GLN H 226 47.15 -4.16 3.00
C GLN H 226 46.95 -5.29 1.99
N TYR H 227 45.96 -5.15 1.12
CA TYR H 227 45.69 -6.19 0.12
C TYR H 227 46.83 -6.21 -0.89
N SER H 228 46.89 -7.30 -1.64
CA SER H 228 47.74 -7.45 -2.84
C SER H 228 46.85 -7.74 -4.04
N ASN H 229 47.07 -7.03 -5.11
CA ASN H 229 46.38 -7.26 -6.40
C ASN H 229 46.79 -8.62 -6.98
N GLN H 230 47.77 -9.30 -6.37
CA GLN H 230 48.18 -10.66 -6.80
C GLN H 230 47.34 -11.74 -6.11
N ALA H 231 46.52 -11.38 -5.11
CA ALA H 231 45.81 -12.35 -4.25
C ALA H 231 44.33 -12.46 -4.64
N SER H 232 43.59 -13.26 -3.90
CA SER H 232 42.12 -13.41 -4.08
C SER H 232 41.50 -14.06 -2.85
N ASN H 233 40.26 -14.53 -2.98
CA ASN H 233 39.65 -15.48 -2.03
C ASN H 233 39.97 -16.86 -2.59
N TYR H 234 40.97 -17.54 -2.02
CA TYR H 234 41.41 -18.90 -2.42
C TYR H 234 41.28 -19.91 -1.28
N ARG H 235 40.80 -19.53 -0.09
CA ARG H 235 40.81 -20.43 1.08
C ARG H 235 39.81 -21.58 0.92
N MET H 236 40.10 -22.70 1.58
CA MET H 236 39.14 -23.81 1.79
C MET H 236 38.21 -23.45 2.96
N CYS H 237 36.91 -23.63 2.75
CA CYS H 237 35.86 -23.54 3.80
C CYS H 237 35.97 -24.77 4.73
N ASP H 238 35.77 -24.59 6.04
CA ASP H 238 35.91 -25.68 7.03
C ASP H 238 34.85 -26.76 6.74
N LEU H 239 33.70 -26.40 6.16
CA LEU H 239 32.64 -27.41 5.81
C LEU H 239 33.23 -28.45 4.84
N ASN H 240 33.82 -27.97 3.74
CA ASN H 240 34.50 -28.81 2.72
C ASN H 240 35.64 -29.59 3.36
N ALA H 241 36.46 -28.94 4.22
CA ALA H 241 37.59 -29.59 4.92
C ALA H 241 37.08 -30.82 5.67
N ALA H 242 35.91 -30.70 6.31
CA ALA H 242 35.32 -31.79 7.16
C ALA H 242 34.97 -33.01 6.29
N PHE H 243 34.27 -32.76 5.20
CA PHE H 243 33.84 -33.81 4.27
C PHE H 243 35.08 -34.48 3.66
N ILE H 244 36.10 -33.69 3.27
CA ILE H 244 37.34 -34.28 2.69
C ILE H 244 38.04 -35.08 3.78
N LEU H 245 38.25 -34.49 4.95
CA LEU H 245 38.96 -35.16 6.08
C LEU H 245 38.28 -36.50 6.43
N SER H 246 36.96 -36.49 6.56
CA SER H 246 36.17 -37.69 6.95
C SER H 246 36.35 -38.79 5.88
N TYR H 247 36.28 -38.41 4.61
CA TYR H 247 36.46 -39.35 3.48
C TYR H 247 37.86 -39.97 3.58
N LEU H 248 38.90 -39.16 3.79
CA LEU H 248 40.31 -39.63 3.82
C LEU H 248 40.49 -40.53 5.06
N GLN H 249 39.96 -40.12 6.21
CA GLN H 249 40.10 -40.90 7.46
C GLN H 249 39.54 -42.29 7.16
N ASN H 250 38.42 -42.34 6.45
CA ASN H 250 37.64 -43.60 6.24
C ASN H 250 38.23 -44.45 5.10
N ASN H 251 38.98 -43.87 4.15
CA ASN H 251 39.22 -44.54 2.84
C ASN H 251 40.66 -44.50 2.34
N TYR H 252 41.53 -43.62 2.82
CA TYR H 252 42.80 -43.35 2.09
C TYR H 252 43.65 -44.63 2.01
N LYS H 253 43.67 -45.45 3.08
CA LYS H 253 44.58 -46.63 3.10
C LYS H 253 44.14 -47.61 2.02
N LYS H 254 42.83 -47.83 1.89
CA LYS H 254 42.27 -48.82 0.93
C LYS H 254 42.39 -48.26 -0.51
N ILE H 255 42.24 -46.95 -0.69
CA ILE H 255 42.43 -46.30 -2.01
C ILE H 255 43.87 -46.55 -2.49
N ILE H 256 44.86 -46.28 -1.63
CA ILE H 256 46.29 -46.48 -2.01
C ILE H 256 46.51 -47.95 -2.37
N ASN H 257 46.17 -48.86 -1.46
CA ASN H 257 46.41 -50.33 -1.64
C ASN H 257 45.70 -50.83 -2.91
N ARG H 258 44.42 -50.55 -3.08
CA ARG H 258 43.58 -51.11 -4.18
C ARG H 258 44.01 -50.49 -5.51
N HIS H 259 44.29 -49.19 -5.57
CA HIS H 259 44.73 -48.53 -6.83
C HIS H 259 46.06 -49.14 -7.29
N SER H 260 46.96 -49.48 -6.35
CA SER H 260 48.25 -50.17 -6.59
C SER H 260 47.96 -51.58 -7.14
N GLU H 261 47.07 -52.32 -6.47
CA GLU H 261 46.59 -53.68 -6.90
C GLU H 261 46.06 -53.65 -8.33
N ILE H 262 45.25 -52.65 -8.69
CA ILE H 262 44.64 -52.52 -10.05
C ILE H 262 45.73 -52.28 -11.09
N TYR H 263 46.64 -51.34 -10.82
CA TYR H 263 47.79 -51.07 -11.73
C TYR H 263 48.57 -52.38 -11.93
N GLU H 264 48.73 -53.18 -10.86
CA GLU H 264 49.52 -54.45 -10.89
C GLU H 264 48.92 -55.41 -11.93
N ILE H 265 47.60 -55.52 -11.99
CA ILE H 265 46.88 -56.40 -12.97
C ILE H 265 47.22 -55.96 -14.40
N TYR H 266 47.11 -54.67 -14.70
CA TYR H 266 47.31 -54.14 -16.07
C TYR H 266 48.77 -54.35 -16.44
N LYS H 267 49.68 -54.05 -15.52
CA LYS H 267 51.16 -54.16 -15.72
C LYS H 267 51.52 -55.58 -16.21
N ASN H 268 50.92 -56.59 -15.56
CA ASN H 268 51.24 -58.04 -15.74
C ASN H 268 50.41 -58.68 -16.88
N ASN H 269 49.39 -57.98 -17.38
CA ASN H 269 48.42 -58.53 -18.36
C ASN H 269 48.13 -57.48 -19.43
N LEU H 270 49.14 -56.76 -19.89
CA LEU H 270 48.97 -55.64 -20.85
C LEU H 270 48.33 -56.16 -22.13
N PRO H 271 47.19 -55.59 -22.60
CA PRO H 271 46.62 -55.95 -23.90
C PRO H 271 47.63 -55.71 -25.03
N LYS H 272 47.44 -56.42 -26.15
CA LYS H 272 48.36 -56.36 -27.32
C LYS H 272 48.42 -54.93 -27.81
N ARG H 273 49.62 -54.44 -28.13
CA ARG H 273 49.87 -53.14 -28.81
C ARG H 273 49.51 -51.94 -27.90
N PHE H 274 49.31 -52.20 -26.60
CA PHE H 274 49.09 -51.14 -25.58
C PHE H 274 50.32 -51.08 -24.67
N LYS H 275 50.77 -49.87 -24.33
CA LYS H 275 51.83 -49.64 -23.30
C LYS H 275 51.25 -48.84 -22.11
N LEU H 276 51.76 -49.14 -20.92
CA LEU H 276 51.57 -48.31 -19.71
C LEU H 276 52.02 -46.88 -20.04
N PHE H 277 51.28 -45.88 -19.55
CA PHE H 277 51.73 -44.46 -19.66
C PHE H 277 53.15 -44.37 -19.09
N PRO H 278 54.06 -43.57 -19.64
CA PRO H 278 55.39 -43.42 -19.02
C PRO H 278 55.33 -43.05 -17.53
N ASN H 279 56.09 -43.77 -16.71
CA ASN H 279 56.06 -43.60 -15.24
C ASN H 279 57.43 -43.95 -14.65
N HIS H 280 57.89 -43.19 -13.66
CA HIS H 280 59.28 -43.31 -13.15
C HIS H 280 59.26 -43.65 -11.67
N SER H 281 58.12 -44.03 -11.11
CA SER H 281 58.02 -44.55 -9.73
C SER H 281 58.51 -46.01 -9.73
N LYS H 282 59.19 -46.40 -8.66
CA LYS H 282 59.73 -47.77 -8.46
C LYS H 282 58.54 -48.66 -8.07
N LYS H 283 57.73 -48.18 -7.14
CA LYS H 283 56.48 -48.85 -6.70
C LYS H 283 55.38 -48.39 -7.65
N ASN H 284 54.32 -49.20 -7.77
CA ASN H 284 53.16 -48.84 -8.61
C ASN H 284 52.61 -47.49 -8.15
N PRO H 285 52.29 -46.61 -9.12
CA PRO H 285 51.65 -45.35 -8.81
C PRO H 285 50.20 -45.55 -8.38
N VAL H 286 49.66 -44.56 -7.67
CA VAL H 286 48.24 -44.53 -7.26
C VAL H 286 47.55 -43.60 -8.26
N CYS H 287 46.87 -44.19 -9.27
CA CYS H 287 46.39 -43.46 -10.46
C CYS H 287 44.93 -43.05 -10.30
N SER H 288 44.56 -42.00 -11.03
CA SER H 288 43.21 -41.39 -11.09
C SER H 288 42.39 -42.08 -12.21
N SER H 289 43.10 -42.70 -13.13
CA SER H 289 42.59 -43.61 -14.18
C SER H 289 43.76 -44.48 -14.65
N ILE H 290 43.54 -45.71 -15.14
CA ILE H 290 44.66 -46.48 -15.79
C ILE H 290 44.80 -45.94 -17.22
N CYS H 291 45.93 -45.28 -17.48
CA CYS H 291 46.34 -44.64 -18.75
C CYS H 291 47.20 -45.62 -19.56
N LEU H 292 46.65 -46.09 -20.67
CA LEU H 292 47.38 -46.92 -21.66
C LEU H 292 47.55 -46.11 -22.93
N LEU H 293 48.64 -46.35 -23.67
CA LEU H 293 48.90 -45.77 -25.02
C LEU H 293 48.83 -46.92 -26.03
N PHE H 294 47.85 -46.85 -26.92
CA PHE H 294 47.76 -47.76 -28.09
C PHE H 294 48.89 -47.40 -29.05
N ASP H 295 49.28 -48.33 -29.92
CA ASP H 295 50.47 -48.11 -30.79
C ASP H 295 50.14 -47.14 -31.92
N LYS H 296 48.87 -46.81 -32.14
CA LYS H 296 48.48 -45.81 -33.18
C LYS H 296 47.28 -45.01 -32.69
N PRO H 297 47.04 -43.82 -33.29
CA PRO H 297 45.81 -43.05 -33.04
C PRO H 297 44.57 -43.90 -33.21
N PHE H 298 43.62 -43.75 -32.30
CA PHE H 298 42.28 -44.36 -32.40
C PHE H 298 41.23 -43.43 -31.80
N ARG H 299 39.98 -43.73 -32.16
CA ARG H 299 38.80 -42.93 -31.79
C ARG H 299 38.16 -43.57 -30.55
N LEU H 300 37.83 -42.74 -29.58
CA LEU H 300 37.26 -43.19 -28.29
C LEU H 300 35.99 -44.03 -28.55
N ASP H 301 35.22 -43.69 -29.60
CA ASP H 301 33.91 -44.36 -29.87
C ASP H 301 34.10 -45.85 -30.19
N LYS H 302 35.34 -46.31 -30.46
CA LYS H 302 35.63 -47.73 -30.81
C LYS H 302 35.70 -48.59 -29.55
N ILE H 303 35.74 -47.99 -28.36
CA ILE H 303 35.88 -48.79 -27.11
C ILE H 303 34.48 -48.90 -26.47
N PRO H 304 33.89 -50.11 -26.44
CA PRO H 304 32.52 -50.29 -25.91
C PRO H 304 32.42 -50.42 -24.39
N PHE H 305 33.21 -49.66 -23.63
CA PHE H 305 33.05 -49.52 -22.15
C PHE H 305 33.45 -48.10 -21.74
N LEU H 306 33.00 -47.70 -20.56
CA LEU H 306 33.28 -46.37 -19.96
C LEU H 306 34.80 -46.13 -20.01
N SER H 307 35.21 -45.10 -20.74
CA SER H 307 36.62 -44.77 -21.05
C SER H 307 36.74 -43.31 -21.53
N ARG H 308 37.87 -42.66 -21.22
CA ARG H 308 38.09 -41.27 -21.64
C ARG H 308 39.47 -41.08 -22.29
N LYS H 309 39.63 -39.92 -22.91
CA LYS H 309 40.95 -39.34 -23.28
C LYS H 309 41.21 -38.05 -22.48
N TYR H 310 42.29 -38.05 -21.71
CA TYR H 310 42.88 -36.81 -21.14
C TYR H 310 44.33 -36.74 -21.57
N TYR H 311 44.93 -35.54 -21.65
CA TYR H 311 44.29 -34.24 -21.65
C TYR H 311 44.26 -33.74 -23.08
N LYS H 312 43.18 -33.11 -23.49
CA LYS H 312 43.13 -32.47 -24.80
C LYS H 312 44.17 -31.37 -24.78
N PRO H 313 45.15 -31.36 -25.70
CA PRO H 313 46.24 -30.39 -25.60
C PRO H 313 45.74 -28.93 -25.49
N LEU H 314 46.35 -28.16 -24.60
CA LEU H 314 46.05 -26.71 -24.49
C LEU H 314 46.45 -26.06 -25.80
N ASP H 315 47.51 -26.59 -26.42
CA ASP H 315 47.96 -26.06 -27.72
C ASP H 315 48.03 -27.30 -28.63
N LEU H 316 47.08 -27.39 -29.56
CA LEU H 316 46.89 -28.62 -30.39
C LEU H 316 48.02 -28.68 -31.40
N SER H 317 48.83 -27.62 -31.50
CA SER H 317 50.02 -27.52 -32.40
C SER H 317 51.25 -28.18 -31.75
N SER H 318 51.12 -28.73 -30.52
CA SER H 318 52.18 -29.47 -29.78
C SER H 318 52.14 -30.93 -30.21
N PRO H 319 53.07 -31.41 -31.08
CA PRO H 319 52.87 -32.72 -31.72
C PRO H 319 52.95 -33.91 -30.78
N VAL H 320 53.90 -33.97 -29.83
CA VAL H 320 53.92 -35.10 -28.86
C VAL H 320 52.64 -35.10 -28.03
N SER H 321 52.23 -33.93 -27.52
CA SER H 321 50.99 -33.85 -26.71
C SER H 321 49.80 -34.42 -27.51
N LEU H 322 49.66 -33.99 -28.75
CA LEU H 322 48.51 -34.44 -29.58
C LEU H 322 48.59 -35.95 -29.85
N ASP H 323 49.81 -36.47 -30.11
CA ASP H 323 50.01 -37.92 -30.36
C ASP H 323 49.58 -38.70 -29.12
N PHE H 324 49.97 -38.22 -27.94
CA PHE H 324 49.56 -38.85 -26.65
C PHE H 324 48.03 -38.84 -26.56
N TYR H 325 47.42 -37.71 -26.86
CA TYR H 325 45.95 -37.54 -26.69
C TYR H 325 45.23 -38.53 -27.64
N GLN H 326 45.74 -38.65 -28.85
CA GLN H 326 45.20 -39.55 -29.92
C GLN H 326 45.46 -41.03 -29.63
N ARG H 327 46.53 -41.36 -28.88
CA ARG H 327 46.89 -42.76 -28.55
C ARG H 327 46.37 -43.17 -27.16
N ILE H 328 45.97 -42.23 -26.29
CA ILE H 328 45.74 -42.62 -24.88
C ILE H 328 44.36 -43.27 -24.73
N LEU H 329 44.26 -44.23 -23.84
CA LEU H 329 42.98 -44.71 -23.31
C LEU H 329 43.07 -44.60 -21.79
N CYS H 330 42.18 -43.81 -21.19
CA CYS H 330 42.03 -43.66 -19.72
C CYS H 330 40.89 -44.55 -19.24
N ILE H 331 41.22 -45.53 -18.43
CA ILE H 331 40.28 -46.59 -17.98
C ILE H 331 39.96 -46.31 -16.53
N PRO H 332 38.66 -46.39 -16.14
CA PRO H 332 38.26 -46.20 -14.75
C PRO H 332 39.19 -46.94 -13.78
N CYS H 333 39.57 -46.24 -12.72
CA CYS H 333 40.39 -46.80 -11.62
C CYS H 333 39.80 -46.33 -10.30
N ASN H 334 39.12 -47.22 -9.56
CA ASN H 334 38.46 -46.90 -8.26
C ASN H 334 38.22 -48.17 -7.45
N ILE H 335 38.00 -48.02 -6.14
CA ILE H 335 37.88 -49.11 -5.12
C ILE H 335 36.60 -49.95 -5.33
N ASP H 336 35.71 -49.60 -6.27
CA ASP H 336 34.48 -50.35 -6.61
C ASP H 336 34.76 -51.38 -7.71
N LEU H 337 35.86 -51.25 -8.46
CA LEU H 337 36.14 -52.12 -9.63
C LEU H 337 36.64 -53.48 -9.16
N THR H 338 36.16 -54.54 -9.79
CA THR H 338 36.46 -55.95 -9.42
C THR H 338 37.57 -56.49 -10.32
N ASP H 339 38.38 -57.42 -9.81
CA ASP H 339 39.34 -58.19 -10.65
C ASP H 339 38.58 -58.71 -11.89
N ARG H 340 37.32 -59.13 -11.73
CA ARG H 340 36.48 -59.67 -12.85
C ARG H 340 36.37 -58.63 -13.98
N GLN H 341 35.99 -57.40 -13.62
CA GLN H 341 35.78 -56.28 -14.58
C GLN H 341 37.09 -55.95 -15.29
N ILE H 342 38.22 -56.08 -14.58
CA ILE H 342 39.54 -55.70 -15.16
C ILE H 342 39.89 -56.70 -16.28
N TYR H 343 39.76 -58.00 -16.01
CA TYR H 343 40.08 -59.03 -17.05
C TYR H 343 39.13 -58.88 -18.23
N GLU H 344 37.84 -58.63 -17.96
CA GLU H 344 36.86 -58.36 -19.05
C GLU H 344 37.35 -57.17 -19.86
N ILE H 345 37.85 -56.12 -19.20
CA ILE H 345 38.32 -54.88 -19.90
C ILE H 345 39.50 -55.24 -20.81
N ILE H 346 40.48 -55.98 -20.28
CA ILE H 346 41.69 -56.43 -21.02
C ILE H 346 41.26 -57.32 -22.20
N GLY H 347 40.30 -58.22 -22.00
CA GLY H 347 39.65 -59.00 -23.08
C GLY H 347 39.22 -58.12 -24.24
N VAL H 348 38.37 -57.11 -23.97
CA VAL H 348 37.78 -56.17 -24.98
C VAL H 348 38.91 -55.41 -25.69
N LEU H 349 39.96 -55.03 -24.96
CA LEU H 349 41.07 -54.24 -25.55
C LEU H 349 41.90 -55.15 -26.46
N ASN H 350 42.02 -56.42 -26.07
CA ASN H 350 42.71 -57.47 -26.88
C ASN H 350 41.94 -57.66 -28.19
N GLU H 351 40.60 -57.73 -28.14
CA GLU H 351 39.70 -57.80 -29.32
C GLU H 351 39.89 -56.52 -30.14
N PHE H 352 39.87 -55.35 -29.49
CA PHE H 352 40.09 -54.05 -30.15
C PHE H 352 41.42 -54.04 -30.92
N ALA H 353 42.48 -54.47 -30.25
CA ALA H 353 43.82 -54.63 -30.86
C ALA H 353 43.69 -55.46 -32.14
N ASP H 354 43.03 -56.64 -32.07
CA ASP H 354 42.99 -57.61 -33.20
C ASP H 354 42.34 -57.00 -34.45
N LYS H 355 41.39 -56.09 -34.29
CA LYS H 355 40.50 -55.64 -35.41
C LYS H 355 40.91 -54.23 -35.86
N ASN H 356 42.05 -53.72 -35.39
CA ASN H 356 42.42 -52.27 -35.47
C ASN H 356 43.95 -52.13 -35.58
N LEU I 7 -10.74 -4.71 -60.84
CA LEU I 7 -10.48 -6.10 -60.33
C LEU I 7 -9.50 -6.84 -61.26
N GLU I 8 -9.41 -6.42 -62.53
CA GLU I 8 -8.39 -6.81 -63.53
C GLU I 8 -7.01 -6.29 -63.09
N LYS I 9 -6.94 -5.08 -62.53
CA LYS I 9 -5.71 -4.35 -62.15
C LYS I 9 -5.27 -4.72 -60.73
N LEU I 10 -5.85 -5.75 -60.11
CA LEU I 10 -5.46 -6.20 -58.74
C LEU I 10 -4.04 -6.79 -58.77
N THR I 11 -3.19 -6.37 -57.83
CA THR I 11 -1.81 -6.93 -57.61
C THR I 11 -1.73 -7.50 -56.20
N TRP I 12 -1.01 -8.60 -55.99
CA TRP I 12 -0.91 -9.25 -54.65
C TRP I 12 -0.21 -8.28 -53.69
N VAL I 13 0.72 -7.51 -54.25
CA VAL I 13 1.66 -6.65 -53.48
C VAL I 13 1.70 -5.29 -54.16
N SER I 14 1.91 -4.23 -53.39
CA SER I 14 2.11 -2.86 -53.91
C SER I 14 3.32 -2.91 -54.85
N GLU I 15 3.32 -2.05 -55.87
CA GLU I 15 4.54 -1.67 -56.61
C GLU I 15 5.59 -1.25 -55.61
N LYS I 16 6.78 -1.86 -55.67
CA LYS I 16 7.96 -1.49 -54.87
C LYS I 16 9.11 -1.20 -55.83
N LYS I 17 9.71 -0.02 -55.66
CA LYS I 17 10.88 0.42 -56.45
C LYS I 17 11.91 0.98 -55.48
N PRO I 18 13.23 0.81 -55.76
CA PRO I 18 14.23 1.36 -54.84
C PRO I 18 14.18 2.90 -54.79
N ASP I 19 14.38 3.48 -53.60
CA ASP I 19 14.81 4.88 -53.41
C ASP I 19 16.34 4.91 -53.62
N TRP I 20 16.75 5.12 -54.87
CA TRP I 20 18.16 4.90 -55.32
C TRP I 20 19.11 5.82 -54.56
N SER I 21 18.69 7.08 -54.38
CA SER I 21 19.40 8.11 -53.60
C SER I 21 19.75 7.54 -52.21
N ASN I 22 18.73 7.04 -51.50
CA ASN I 22 18.84 6.55 -50.11
C ASN I 22 19.68 5.27 -50.13
N VAL I 23 19.31 4.32 -50.99
CA VAL I 23 19.98 2.99 -51.09
C VAL I 23 21.49 3.23 -51.29
N GLN I 24 21.86 4.08 -52.24
CA GLN I 24 23.27 4.41 -52.57
C GLN I 24 23.96 5.08 -51.38
N LYS I 25 23.25 5.98 -50.69
CA LYS I 25 23.76 6.67 -49.47
C LYS I 25 24.10 5.63 -48.40
N LEU I 26 23.19 4.70 -48.13
CA LEU I 26 23.44 3.62 -47.16
C LEU I 26 24.65 2.79 -47.59
N ILE I 27 24.74 2.43 -48.88
CA ILE I 27 25.75 1.41 -49.34
C ILE I 27 27.12 2.09 -49.49
N ALA I 28 27.18 3.44 -49.45
CA ALA I 28 28.46 4.18 -49.30
C ALA I 28 29.27 3.63 -48.12
N ALA I 29 28.63 3.30 -46.99
CA ALA I 29 29.33 2.77 -45.80
C ALA I 29 30.07 1.46 -46.17
N CYS I 30 29.43 0.61 -46.99
CA CYS I 30 29.99 -0.67 -47.52
C CYS I 30 31.16 -0.39 -48.48
N GLU I 31 30.97 0.56 -49.38
CA GLU I 31 31.95 0.94 -50.42
C GLU I 31 33.21 1.55 -49.77
N ALA I 32 33.09 2.26 -48.65
CA ALA I 32 34.26 2.89 -47.99
C ALA I 32 35.14 1.81 -47.34
N THR I 33 34.53 0.75 -46.79
CA THR I 33 35.21 -0.31 -46.01
C THR I 33 35.38 -1.58 -46.85
N ASN I 34 34.84 -1.63 -48.07
CA ASN I 34 34.71 -2.88 -48.87
C ASN I 34 34.07 -3.99 -48.03
N GLN I 35 33.20 -3.65 -47.07
CA GLN I 35 32.49 -4.66 -46.24
C GLN I 35 31.01 -4.71 -46.65
N TYR I 36 30.60 -5.78 -47.37
CA TYR I 36 29.22 -5.97 -47.87
C TYR I 36 28.53 -7.15 -47.25
N THR I 37 29.24 -7.98 -46.47
CA THR I 37 28.60 -9.07 -45.70
C THR I 37 29.49 -9.38 -44.50
N ASN I 38 29.25 -10.53 -43.88
CA ASN I 38 29.90 -10.96 -42.61
C ASN I 38 29.64 -9.85 -41.57
N ILE I 39 28.39 -9.40 -41.50
CA ILE I 39 27.91 -8.32 -40.58
C ILE I 39 28.66 -7.03 -40.89
N GLY I 40 28.35 -6.40 -42.01
CA GLY I 40 28.89 -5.11 -42.47
C GLY I 40 28.20 -3.94 -41.75
N PRO I 41 28.29 -2.69 -42.26
CA PRO I 41 27.83 -1.53 -41.50
C PRO I 41 26.33 -1.21 -41.59
N ILE I 42 25.55 -2.01 -42.31
CA ILE I 42 24.08 -1.78 -42.49
C ILE I 42 23.29 -2.68 -41.54
N ILE I 43 23.81 -3.87 -41.20
CA ILE I 43 23.06 -4.87 -40.38
C ILE I 43 22.55 -4.22 -39.07
N SER I 44 23.40 -3.49 -38.34
CA SER I 44 23.04 -2.90 -37.02
C SER I 44 22.04 -1.74 -37.25
N GLN I 45 22.21 -0.99 -38.34
CA GLN I 45 21.25 0.09 -38.76
C GLN I 45 19.86 -0.49 -39.02
N LEU I 46 19.74 -1.65 -39.71
CA LEU I 46 18.42 -2.29 -39.93
C LEU I 46 17.93 -2.95 -38.65
N GLU I 47 18.82 -3.55 -37.84
CA GLU I 47 18.39 -4.18 -36.57
C GLU I 47 17.86 -3.08 -35.62
N SER I 48 18.52 -1.93 -35.56
CA SER I 48 18.14 -0.74 -34.73
C SER I 48 16.77 -0.22 -35.20
N PHE I 49 16.66 0.04 -36.50
CA PHE I 49 15.42 0.56 -37.14
C PHE I 49 14.25 -0.38 -36.88
N ILE I 50 14.46 -1.69 -36.92
CA ILE I 50 13.38 -2.68 -36.65
C ILE I 50 13.00 -2.57 -35.17
N ARG I 51 13.98 -2.42 -34.28
CA ARG I 51 13.71 -2.41 -32.82
C ARG I 51 12.83 -1.19 -32.50
N ASP I 52 13.15 -0.06 -33.13
CA ASP I 52 12.66 1.30 -32.75
C ASP I 52 11.31 1.52 -33.42
N SER I 53 11.07 0.87 -34.57
CA SER I 53 9.90 1.11 -35.45
C SER I 53 8.78 0.12 -35.13
N PHE I 54 9.13 -1.13 -34.84
CA PHE I 54 8.20 -2.24 -34.54
C PHE I 54 8.11 -2.39 -33.04
N LEU I 55 8.83 -1.53 -32.30
CA LEU I 55 8.76 -1.47 -30.82
C LEU I 55 9.12 -2.84 -30.28
N ILE I 56 10.37 -3.26 -30.51
CA ILE I 56 10.87 -4.51 -29.88
C ILE I 56 11.40 -4.21 -28.49
N GLU I 57 11.14 -5.11 -27.57
CA GLU I 57 11.50 -5.01 -26.14
C GLU I 57 13.00 -5.29 -25.90
N GLU I 58 13.56 -4.65 -24.87
CA GLU I 58 14.98 -4.74 -24.45
C GLU I 58 15.38 -6.20 -24.13
N SER I 59 14.43 -7.06 -23.78
CA SER I 59 14.66 -8.46 -23.34
C SER I 59 14.99 -9.36 -24.54
N LYS I 60 14.85 -8.79 -25.73
CA LYS I 60 14.85 -9.52 -27.04
C LYS I 60 15.98 -8.96 -27.91
N ALA I 61 16.72 -9.87 -28.57
CA ALA I 61 17.64 -9.49 -29.67
C ALA I 61 16.87 -9.37 -30.98
N VAL I 62 17.23 -8.41 -31.81
CA VAL I 62 16.83 -8.32 -33.23
C VAL I 62 18.01 -8.83 -34.08
N ILE I 63 17.84 -9.96 -34.77
CA ILE I 63 18.92 -10.59 -35.61
C ILE I 63 18.39 -10.85 -37.03
N VAL I 64 18.84 -10.05 -38.00
CA VAL I 64 18.44 -10.17 -39.43
C VAL I 64 19.17 -11.37 -40.05
N THR I 65 18.47 -12.07 -40.93
CA THR I 65 18.93 -13.29 -41.66
C THR I 65 18.58 -13.15 -43.15
N SER I 66 19.01 -14.09 -44.00
CA SER I 66 18.89 -13.97 -45.47
C SER I 66 17.41 -14.04 -45.89
N ASN I 67 16.61 -14.80 -45.16
CA ASN I 67 15.15 -14.90 -45.47
C ASN I 67 14.38 -15.33 -44.22
N GLY I 68 13.04 -15.36 -44.33
CA GLY I 68 12.20 -15.76 -43.19
C GLY I 68 12.50 -17.17 -42.80
N THR I 69 12.78 -18.01 -43.80
CA THR I 69 13.05 -19.44 -43.60
C THR I 69 14.36 -19.59 -42.79
N SER I 70 15.37 -18.85 -43.18
CA SER I 70 16.72 -18.95 -42.53
C SER I 70 16.66 -18.31 -41.14
N ALA I 71 15.74 -17.36 -40.95
CA ALA I 71 15.45 -16.78 -39.62
C ALA I 71 15.00 -17.92 -38.73
N LEU I 72 14.03 -18.76 -39.13
CA LEU I 72 13.58 -19.89 -38.30
C LEU I 72 14.70 -20.93 -38.12
N HIS I 73 15.40 -21.30 -39.20
CA HIS I 73 16.39 -22.40 -39.17
C HIS I 73 17.59 -22.03 -38.28
N ALA I 74 18.04 -20.79 -38.40
CA ALA I 74 19.13 -20.15 -37.59
C ALA I 74 18.71 -20.05 -36.13
N LEU I 75 17.47 -19.63 -35.86
CA LEU I 75 16.92 -19.63 -34.47
C LEU I 75 17.05 -21.03 -33.87
N VAL I 76 16.56 -22.07 -34.54
CA VAL I 76 16.60 -23.45 -34.02
C VAL I 76 18.07 -23.90 -33.98
N GLY I 77 18.82 -23.63 -35.03
CA GLY I 77 20.23 -24.11 -35.09
C GLY I 77 21.07 -23.52 -33.95
N GLY I 78 20.89 -22.23 -33.67
CA GLY I 78 21.49 -21.50 -32.53
C GLY I 78 21.11 -22.11 -31.19
N ILE I 79 19.81 -22.41 -30.95
CA ILE I 79 19.38 -23.10 -29.69
C ILE I 79 19.94 -24.53 -29.63
N ASN I 80 19.90 -25.29 -30.74
CA ASN I 80 20.39 -26.69 -30.68
C ASN I 80 21.86 -26.69 -30.17
N ARG I 81 22.63 -25.80 -30.73
CA ARG I 81 24.09 -25.69 -30.45
C ARG I 81 24.31 -25.29 -28.99
N GLN I 82 23.50 -24.36 -28.49
CA GLN I 82 23.62 -23.88 -27.09
C GLN I 82 23.29 -25.02 -26.14
N LEU I 83 22.22 -25.78 -26.39
CA LEU I 83 21.74 -26.82 -25.47
C LEU I 83 22.46 -28.14 -25.73
N GLY I 84 23.19 -28.24 -26.84
CA GLY I 84 23.94 -29.45 -27.22
C GLY I 84 23.08 -30.64 -27.62
N ARG I 85 21.91 -30.43 -28.22
CA ARG I 85 21.13 -31.53 -28.80
C ARG I 85 20.27 -30.99 -29.96
N GLU I 86 19.75 -31.88 -30.79
CA GLU I 86 18.89 -31.50 -31.94
C GLU I 86 17.46 -31.44 -31.42
N LEU I 87 16.95 -30.25 -31.16
CA LEU I 87 15.65 -30.10 -30.45
C LEU I 87 14.51 -30.59 -31.35
N LYS I 88 13.56 -31.30 -30.75
CA LYS I 88 12.35 -31.83 -31.42
C LYS I 88 11.26 -30.76 -31.28
N PHE I 89 10.81 -30.22 -32.40
CA PHE I 89 9.75 -29.19 -32.38
C PHE I 89 8.49 -29.76 -32.97
N VAL I 90 7.38 -29.18 -32.50
CA VAL I 90 6.01 -29.33 -33.05
C VAL I 90 5.66 -28.04 -33.77
N THR I 91 5.13 -28.19 -34.99
CA THR I 91 4.57 -27.07 -35.78
C THR I 91 3.11 -27.41 -36.15
N GLN I 92 2.33 -26.40 -36.52
CA GLN I 92 0.90 -26.52 -36.93
C GLN I 92 0.89 -26.85 -38.44
N SER I 93 -0.06 -27.65 -38.93
CA SER I 93 -0.19 -28.01 -40.36
C SER I 93 -0.54 -26.79 -41.21
N PHE I 94 -1.38 -25.92 -40.69
CA PHE I 94 -1.77 -24.66 -41.36
C PHE I 94 -0.63 -23.66 -41.22
N THR I 95 0.42 -23.84 -42.04
CA THR I 95 1.59 -22.92 -42.11
C THR I 95 2.41 -23.23 -43.36
N PHE I 96 3.41 -22.38 -43.57
CA PHE I 96 4.35 -22.46 -44.73
C PHE I 96 5.39 -23.56 -44.45
N PRO I 97 5.93 -24.24 -45.50
CA PRO I 97 6.89 -25.32 -45.33
C PRO I 97 8.15 -25.09 -44.48
N SER I 98 8.53 -23.85 -44.20
CA SER I 98 9.79 -23.50 -43.47
C SER I 98 9.89 -24.26 -42.16
N SER I 99 8.80 -24.41 -41.39
CA SER I 99 8.82 -25.09 -40.07
C SER I 99 8.84 -26.61 -40.19
N ASN I 100 9.02 -27.17 -41.40
CA ASN I 100 9.30 -28.62 -41.60
C ASN I 100 10.49 -28.83 -42.56
N GLN I 101 11.47 -27.96 -42.49
CA GLN I 101 12.66 -28.06 -43.37
C GLN I 101 13.92 -27.79 -42.55
N GLY I 102 15.11 -28.00 -43.13
CA GLY I 102 16.38 -27.65 -42.45
C GLY I 102 16.49 -28.37 -41.12
N PRO I 103 16.86 -27.64 -40.01
CA PRO I 103 16.92 -28.27 -38.69
C PRO I 103 15.57 -28.75 -38.13
N LEU I 104 14.49 -28.33 -38.80
CA LEU I 104 13.10 -28.76 -38.50
C LEU I 104 12.58 -29.74 -39.57
N LYS I 105 13.47 -30.38 -40.35
CA LYS I 105 13.02 -31.31 -41.41
C LYS I 105 12.29 -32.53 -40.84
N ASP I 106 12.48 -32.86 -39.55
CA ASP I 106 11.76 -33.97 -38.90
C ASP I 106 10.89 -33.40 -37.76
N SER I 107 10.51 -32.13 -37.83
CA SER I 107 9.53 -31.55 -36.87
C SER I 107 8.26 -32.41 -36.90
N ILE I 108 7.49 -32.34 -35.81
CA ILE I 108 6.18 -33.02 -35.69
C ILE I 108 5.12 -32.00 -36.05
N ILE I 109 4.23 -32.41 -36.96
CA ILE I 109 3.14 -31.55 -37.48
C ILE I 109 1.84 -31.95 -36.79
N VAL I 110 1.14 -30.97 -36.20
CA VAL I 110 -0.20 -31.24 -35.62
C VAL I 110 -1.19 -30.23 -36.20
N ASP I 111 -2.48 -30.46 -35.90
CA ASP I 111 -3.56 -29.58 -36.40
C ASP I 111 -3.55 -28.25 -35.67
N ILE I 112 -4.20 -27.24 -36.27
CA ILE I 112 -4.61 -26.00 -35.56
C ILE I 112 -5.86 -26.35 -34.75
N ASP I 113 -6.23 -25.46 -33.84
CA ASP I 113 -7.60 -25.40 -33.28
C ASP I 113 -8.32 -24.30 -34.08
N GLU I 114 -9.59 -24.05 -33.78
CA GLU I 114 -10.45 -23.22 -34.66
C GLU I 114 -10.09 -21.75 -34.45
N ASP I 115 -9.17 -21.44 -33.53
CA ASP I 115 -8.70 -20.04 -33.33
C ASP I 115 -7.45 -19.80 -34.20
N GLY I 116 -7.05 -20.78 -35.00
CA GLY I 116 -6.07 -20.59 -36.10
C GLY I 116 -4.62 -20.80 -35.69
N GLY I 117 -4.37 -21.30 -34.48
CA GLY I 117 -3.04 -21.66 -33.93
C GLY I 117 -2.95 -23.15 -33.62
N LEU I 118 -1.73 -23.69 -33.52
CA LEU I 118 -1.47 -25.07 -32.99
C LEU I 118 -2.41 -25.44 -31.83
N ASP I 119 -2.91 -26.67 -31.91
CA ASP I 119 -3.84 -27.26 -30.94
C ASP I 119 -3.03 -27.90 -29.82
N LEU I 120 -2.90 -27.20 -28.69
CA LEU I 120 -2.18 -27.71 -27.49
C LEU I 120 -2.73 -29.07 -27.10
N ASN I 121 -3.97 -29.42 -27.45
CA ASN I 121 -4.55 -30.74 -27.09
C ASN I 121 -3.80 -31.86 -27.79
N ALA I 122 -3.13 -31.57 -28.91
CA ALA I 122 -2.52 -32.61 -29.79
C ALA I 122 -1.11 -33.01 -29.31
N VAL I 123 -0.46 -32.24 -28.42
CA VAL I 123 0.92 -32.54 -27.94
C VAL I 123 0.89 -33.28 -26.60
N LYS I 124 -0.29 -33.63 -26.08
CA LYS I 124 -0.46 -34.21 -24.71
C LYS I 124 0.37 -35.50 -24.55
N ASN I 125 0.37 -36.42 -25.53
CA ASN I 125 0.97 -37.77 -25.43
C ASN I 125 2.32 -37.88 -26.17
N ILE I 126 2.93 -36.74 -26.53
CA ILE I 126 4.10 -36.65 -27.45
C ILE I 126 5.36 -36.18 -26.69
N GLU I 127 6.52 -36.72 -27.04
CA GLU I 127 7.83 -36.22 -26.53
C GLU I 127 8.36 -35.14 -27.48
N TYR I 128 8.67 -33.96 -26.95
CA TYR I 128 9.09 -32.79 -27.76
C TYR I 128 9.67 -31.75 -26.81
N ASP I 129 10.39 -30.78 -27.36
CA ASP I 129 11.17 -29.75 -26.62
C ASP I 129 10.52 -28.39 -26.79
N GLY I 130 9.75 -28.18 -27.88
CA GLY I 130 9.34 -26.82 -28.25
C GLY I 130 8.19 -26.88 -29.24
N ILE I 131 7.47 -25.75 -29.36
CA ILE I 131 6.40 -25.59 -30.37
C ILE I 131 6.67 -24.34 -31.19
N ILE I 132 6.19 -24.40 -32.45
CA ILE I 132 6.16 -23.26 -33.38
C ILE I 132 4.69 -22.98 -33.68
N VAL I 133 4.26 -21.75 -33.39
CA VAL I 133 2.85 -21.36 -33.63
C VAL I 133 2.85 -20.26 -34.66
N THR I 134 2.00 -20.37 -35.71
CA THR I 134 1.94 -19.32 -36.77
C THR I 134 0.80 -18.31 -36.51
N ASN I 135 1.15 -17.03 -36.50
CA ASN I 135 0.22 -15.86 -36.54
C ASN I 135 -0.05 -15.51 -38.02
N ILE I 136 -1.20 -15.95 -38.54
CA ILE I 136 -1.53 -16.03 -40.00
C ILE I 136 -1.84 -14.65 -40.59
N HIS I 137 -1.02 -14.24 -41.55
CA HIS I 137 -1.26 -13.10 -42.48
C HIS I 137 -1.50 -11.81 -41.68
N GLY I 138 -0.93 -11.72 -40.46
CA GLY I 138 -0.99 -10.52 -39.60
C GLY I 138 -1.93 -10.72 -38.43
N ASN I 139 -2.74 -11.77 -38.52
CA ASN I 139 -3.70 -12.16 -37.45
C ASN I 139 -2.87 -12.77 -36.35
N VAL I 140 -3.27 -12.57 -35.12
CA VAL I 140 -2.54 -13.24 -34.02
C VAL I 140 -3.52 -14.16 -33.31
N VAL I 141 -3.00 -15.31 -32.92
CA VAL I 141 -3.69 -16.25 -32.00
C VAL I 141 -3.82 -15.63 -30.60
N ASP I 142 -4.42 -16.38 -29.69
CA ASP I 142 -4.48 -16.11 -28.22
C ASP I 142 -3.10 -16.47 -27.64
N ILE I 143 -2.20 -15.49 -27.70
CA ILE I 143 -0.73 -15.67 -27.49
C ILE I 143 -0.47 -16.09 -26.04
N ASN I 144 -1.20 -15.55 -25.05
CA ASN I 144 -0.98 -15.92 -23.62
C ASN I 144 -1.31 -17.40 -23.38
N LYS I 145 -2.18 -18.05 -24.14
CA LYS I 145 -2.54 -19.46 -23.77
C LYS I 145 -1.32 -20.30 -24.11
N TYR I 146 -0.56 -19.88 -25.13
CA TYR I 146 0.70 -20.58 -25.54
C TYR I 146 1.80 -20.30 -24.51
N VAL I 147 2.09 -19.03 -24.22
CA VAL I 147 3.07 -18.59 -23.19
C VAL I 147 2.80 -19.40 -21.92
N ASP I 148 1.58 -19.30 -21.39
CA ASP I 148 1.20 -19.98 -20.11
C ASP I 148 1.38 -21.50 -20.23
N PHE I 149 1.03 -22.11 -21.36
CA PHE I 149 1.17 -23.60 -21.53
C PHE I 149 2.66 -24.00 -21.51
N CYS I 150 3.49 -23.29 -22.26
CA CYS I 150 4.92 -23.68 -22.46
C CYS I 150 5.66 -23.49 -21.13
N MET I 151 5.37 -22.38 -20.43
CA MET I 151 5.92 -22.05 -19.08
C MET I 151 5.50 -23.10 -18.07
N ASN I 152 4.26 -23.60 -18.13
CA ASN I 152 3.78 -24.66 -17.20
C ASN I 152 4.40 -26.00 -17.58
N HIS I 153 4.78 -26.21 -18.85
CA HIS I 153 5.26 -27.55 -19.30
C HIS I 153 6.78 -27.54 -19.56
N ASN I 154 7.47 -26.41 -19.38
CA ASN I 154 8.93 -26.21 -19.61
C ASN I 154 9.26 -26.55 -21.07
N LYS I 155 8.51 -25.96 -22.00
CA LYS I 155 8.68 -26.13 -23.48
C LYS I 155 9.11 -24.79 -24.04
N LEU I 156 9.95 -24.79 -25.09
CA LEU I 156 10.33 -23.57 -25.83
C LEU I 156 9.15 -23.17 -26.73
N LEU I 157 9.01 -21.90 -27.01
CA LEU I 157 7.82 -21.47 -27.78
C LEU I 157 8.30 -20.49 -28.82
N ILE I 158 8.12 -20.81 -30.10
CA ILE I 158 8.47 -19.85 -31.18
C ILE I 158 7.20 -19.36 -31.89
N PHE I 159 7.09 -18.08 -32.21
CA PHE I 159 5.98 -17.58 -33.06
C PHE I 159 6.55 -17.42 -34.47
N ASP I 160 5.93 -18.09 -35.44
CA ASP I 160 6.16 -17.77 -36.86
C ASP I 160 5.30 -16.56 -37.23
N ASN I 161 5.90 -15.36 -37.20
CA ASN I 161 5.31 -14.06 -37.57
C ASN I 161 5.84 -13.66 -38.94
N ALA I 162 6.18 -14.61 -39.81
CA ALA I 162 6.69 -14.29 -41.15
C ALA I 162 5.85 -13.18 -41.79
N ALA I 163 4.53 -13.23 -41.64
CA ALA I 163 3.61 -12.27 -42.28
C ALA I 163 2.97 -11.30 -41.27
N THR I 164 3.54 -11.17 -40.08
CA THR I 164 2.96 -10.52 -38.86
C THR I 164 4.04 -9.69 -38.16
N GLY I 165 4.49 -8.63 -38.82
CA GLY I 165 5.51 -7.69 -38.34
C GLY I 165 4.96 -6.67 -37.36
N TYR I 166 3.67 -6.31 -37.44
CA TYR I 166 3.13 -5.20 -36.62
C TYR I 166 1.66 -5.42 -36.30
N THR I 167 1.38 -6.50 -35.60
CA THR I 167 0.10 -6.70 -34.88
C THR I 167 0.37 -6.73 -33.38
N PHE I 168 -0.28 -5.81 -32.65
CA PHE I 168 -0.06 -5.65 -31.19
C PHE I 168 -1.05 -6.53 -30.45
N TYR I 169 -0.56 -7.12 -29.37
CA TYR I 169 -1.31 -7.96 -28.42
C TYR I 169 -0.96 -7.48 -27.01
N LEU I 170 -2.01 -7.16 -26.23
CA LEU I 170 -1.91 -6.66 -24.84
C LEU I 170 -0.79 -5.61 -24.72
N GLY I 171 -0.75 -4.70 -25.69
CA GLY I 171 -0.02 -3.42 -25.60
C GLY I 171 1.37 -3.48 -26.21
N LYS I 172 1.81 -4.63 -26.74
CA LYS I 172 3.15 -4.69 -27.37
C LYS I 172 3.14 -5.53 -28.64
N ASN I 173 4.08 -5.23 -29.56
CA ASN I 173 4.25 -6.00 -30.82
C ASN I 173 4.24 -7.48 -30.44
N SER I 174 3.40 -8.29 -31.08
CA SER I 174 3.26 -9.76 -30.87
C SER I 174 4.61 -10.53 -31.00
N CYS I 175 5.55 -9.99 -31.77
CA CYS I 175 6.95 -10.50 -31.94
C CYS I 175 7.65 -10.55 -30.57
N ASN I 176 7.15 -9.79 -29.58
CA ASN I 176 7.77 -9.66 -28.24
C ASN I 176 7.41 -10.88 -27.39
N TYR I 177 6.57 -11.79 -27.89
CA TYR I 177 6.00 -12.91 -27.13
C TYR I 177 6.70 -14.25 -27.46
N GLY I 178 6.59 -15.19 -26.52
CA GLY I 178 7.29 -16.50 -26.50
C GLY I 178 8.78 -16.31 -26.25
N HIS I 179 9.56 -17.37 -26.43
CA HIS I 179 11.05 -17.31 -26.38
C HIS I 179 11.62 -16.61 -27.62
N ALA I 180 10.91 -16.70 -28.75
CA ALA I 180 11.33 -16.08 -30.02
C ALA I 180 10.19 -16.00 -31.04
N SER I 181 10.31 -15.04 -31.94
CA SER I 181 9.48 -14.92 -33.17
C SER I 181 10.38 -14.71 -34.38
N ILE I 182 9.86 -14.99 -35.58
CA ILE I 182 10.55 -14.63 -36.84
C ILE I 182 9.60 -13.90 -37.75
N ILE I 183 10.13 -12.91 -38.49
CA ILE I 183 9.39 -12.13 -39.51
C ILE I 183 10.12 -12.26 -40.86
N SER I 184 9.38 -12.18 -41.96
CA SER I 184 9.87 -12.29 -43.35
C SER I 184 9.87 -10.90 -43.99
N PHE I 185 10.94 -10.56 -44.72
CA PHE I 185 11.02 -9.34 -45.56
C PHE I 185 11.01 -9.75 -47.04
N HIS I 186 10.49 -10.94 -47.31
CA HIS I 186 10.22 -11.41 -48.70
C HIS I 186 9.37 -10.34 -49.38
N HIS I 187 9.60 -10.14 -50.68
CA HIS I 187 8.93 -9.09 -51.49
C HIS I 187 7.41 -9.14 -51.37
N THR I 188 6.85 -10.32 -51.18
CA THR I 188 5.39 -10.59 -51.14
C THR I 188 4.78 -10.17 -49.80
N LYS I 189 5.60 -9.68 -48.86
CA LYS I 189 5.16 -9.23 -47.52
C LYS I 189 5.04 -7.71 -47.49
N PRO I 190 4.15 -7.18 -46.63
CA PRO I 190 3.95 -5.73 -46.53
C PRO I 190 5.28 -5.00 -46.35
N PHE I 191 6.14 -5.47 -45.44
CA PHE I 191 7.39 -4.76 -45.05
C PHE I 191 8.56 -5.29 -45.89
N GLY I 192 8.27 -6.16 -46.85
CA GLY I 192 9.30 -6.90 -47.62
C GLY I 192 9.82 -6.14 -48.81
N PHE I 193 11.06 -6.46 -49.19
CA PHE I 193 11.70 -5.99 -50.42
C PHE I 193 12.81 -6.98 -50.80
N GLY I 194 12.58 -7.77 -51.85
CA GLY I 194 13.45 -8.90 -52.25
C GLY I 194 13.35 -10.10 -51.32
N GLU I 195 14.41 -10.37 -50.55
CA GLU I 195 14.52 -11.48 -49.58
C GLU I 195 15.08 -10.92 -48.28
N GLY I 196 14.63 -11.43 -47.15
CA GLY I 196 15.14 -11.05 -45.82
C GLY I 196 14.36 -11.76 -44.75
N GLY I 197 14.98 -11.93 -43.59
CA GLY I 197 14.25 -12.38 -42.40
C GLY I 197 14.76 -11.66 -41.16
N CYS I 198 14.12 -11.92 -40.02
CA CYS I 198 14.53 -11.34 -38.72
C CYS I 198 14.10 -12.32 -37.64
N ILE I 199 14.98 -12.47 -36.66
CA ILE I 199 14.71 -13.24 -35.43
C ILE I 199 14.55 -12.17 -34.34
N ILE I 200 13.46 -12.27 -33.61
CA ILE I 200 13.27 -11.65 -32.26
C ILE I 200 13.41 -12.75 -31.21
N VAL I 201 14.41 -12.63 -30.33
CA VAL I 201 14.74 -13.77 -29.45
C VAL I 201 15.26 -13.29 -28.08
N ASP I 202 14.92 -14.08 -27.09
CA ASP I 202 15.38 -14.03 -25.66
C ASP I 202 16.92 -13.96 -25.68
N ARG I 203 17.52 -13.01 -24.96
CA ARG I 203 18.96 -12.70 -25.12
C ARG I 203 19.77 -13.91 -24.63
N LEU I 204 19.17 -14.83 -23.89
CA LEU I 204 19.84 -16.07 -23.41
C LEU I 204 20.54 -16.73 -24.61
N TYR I 205 19.87 -16.70 -25.75
CA TYR I 205 20.24 -17.43 -27.00
C TYR I 205 20.91 -16.49 -28.03
N GLU I 206 20.94 -15.20 -27.83
CA GLU I 206 21.43 -14.23 -28.86
C GLU I 206 22.82 -14.59 -29.42
N ASN I 207 23.82 -14.74 -28.57
CA ASN I 207 25.22 -14.77 -29.06
C ASN I 207 25.37 -16.02 -29.92
N ASN I 208 24.89 -17.16 -29.43
CA ASN I 208 25.00 -18.44 -30.17
C ASN I 208 24.19 -18.40 -31.46
N ILE I 209 23.10 -17.63 -31.51
CA ILE I 209 22.35 -17.51 -32.80
C ILE I 209 23.13 -16.62 -33.76
N ARG I 210 23.75 -15.54 -33.31
CA ARG I 210 24.51 -14.61 -34.17
C ARG I 210 25.73 -15.37 -34.70
N ILE I 211 26.40 -16.12 -33.85
CA ILE I 211 27.56 -17.00 -34.23
C ILE I 211 27.09 -18.06 -35.25
N GLY I 212 25.89 -18.65 -35.06
CA GLY I 212 25.25 -19.68 -35.90
C GLY I 212 24.94 -19.23 -37.31
N LEU I 213 24.89 -17.93 -37.55
CA LEU I 213 24.73 -17.32 -38.88
C LEU I 213 26.02 -17.51 -39.68
N ASN I 214 27.11 -17.72 -38.93
CA ASN I 214 28.51 -17.73 -39.41
C ASN I 214 29.11 -19.11 -39.13
N PHE I 215 28.41 -20.17 -39.50
CA PHE I 215 28.89 -21.58 -39.45
C PHE I 215 29.15 -22.03 -38.03
N GLY I 216 28.74 -21.20 -37.04
CA GLY I 216 28.99 -21.42 -35.62
C GLY I 216 30.37 -20.94 -35.21
N LEU I 217 31.03 -20.17 -36.09
CA LEU I 217 32.45 -19.72 -35.89
C LEU I 217 32.37 -18.45 -35.05
N ASP I 218 32.81 -18.50 -33.78
CA ASP I 218 32.80 -17.31 -32.89
C ASP I 218 34.06 -16.51 -33.17
N ASN I 219 33.94 -15.35 -33.80
CA ASN I 219 35.11 -14.50 -34.10
C ASN I 219 35.80 -14.06 -32.79
N SER I 220 35.13 -14.08 -31.63
CA SER I 220 35.73 -13.78 -30.30
C SER I 220 36.76 -14.85 -29.88
N LEU I 221 36.87 -15.98 -30.59
CA LEU I 221 37.84 -17.05 -30.26
C LEU I 221 39.06 -16.99 -31.18
N GLY I 222 39.06 -16.13 -32.21
CA GLY I 222 40.15 -16.03 -33.21
C GLY I 222 40.46 -17.38 -33.84
N GLU I 223 41.73 -17.83 -33.82
CA GLU I 223 42.19 -19.08 -34.48
C GLU I 223 41.51 -20.29 -33.82
N LYS I 224 40.95 -20.14 -32.62
CA LYS I 224 40.34 -21.25 -31.85
C LYS I 224 38.83 -21.39 -32.12
N SER I 225 38.23 -20.56 -32.96
CA SER I 225 36.83 -20.77 -33.39
C SER I 225 36.69 -22.17 -34.01
N GLN I 226 35.52 -22.78 -33.78
CA GLN I 226 35.16 -24.15 -34.17
C GLN I 226 33.76 -24.08 -34.77
N TYR I 227 33.57 -24.53 -36.00
CA TYR I 227 32.22 -24.65 -36.61
C TYR I 227 31.30 -25.53 -35.75
N SER I 228 29.97 -25.38 -35.93
CA SER I 228 28.96 -26.33 -35.43
C SER I 228 28.28 -27.00 -36.61
N ASN I 229 28.06 -28.31 -36.55
CA ASN I 229 27.29 -29.03 -37.59
C ASN I 229 25.81 -28.59 -37.49
N GLN I 230 25.46 -27.73 -36.52
CA GLN I 230 24.06 -27.26 -36.37
C GLN I 230 23.87 -25.95 -37.07
N ALA I 231 24.95 -25.38 -37.59
CA ALA I 231 24.98 -24.03 -38.18
C ALA I 231 25.05 -24.06 -39.71
N SER I 232 25.12 -22.89 -40.33
CA SER I 232 25.17 -22.77 -41.80
C SER I 232 25.55 -21.35 -42.12
N ASN I 233 25.47 -20.94 -43.39
CA ASN I 233 25.46 -19.54 -43.82
C ASN I 233 24.01 -19.04 -43.74
N TYR I 234 23.66 -18.24 -42.75
CA TYR I 234 22.24 -17.77 -42.59
C TYR I 234 22.17 -16.23 -42.55
N ARG I 235 23.32 -15.58 -42.68
CA ARG I 235 23.45 -14.13 -42.47
C ARG I 235 22.68 -13.38 -43.55
N MET I 236 22.21 -12.20 -43.18
CA MET I 236 21.73 -11.24 -44.17
C MET I 236 22.90 -10.48 -44.74
N CYS I 237 22.91 -10.31 -46.05
CA CYS I 237 23.90 -9.50 -46.79
C CYS I 237 23.57 -8.02 -46.55
N ASP I 238 24.58 -7.18 -46.36
CA ASP I 238 24.43 -5.70 -46.17
C ASP I 238 23.76 -5.07 -47.41
N LEU I 239 23.90 -5.63 -48.62
CA LEU I 239 23.16 -5.08 -49.79
C LEU I 239 21.64 -5.20 -49.59
N ASN I 240 21.15 -6.37 -49.19
CA ASN I 240 19.71 -6.65 -48.97
C ASN I 240 19.25 -5.77 -47.79
N ALA I 241 20.04 -5.68 -46.72
CA ALA I 241 19.69 -4.87 -45.54
C ALA I 241 19.36 -3.42 -45.95
N ALA I 242 20.14 -2.85 -46.86
CA ALA I 242 20.00 -1.48 -47.40
C ALA I 242 18.68 -1.34 -48.16
N PHE I 243 18.39 -2.22 -49.10
CA PHE I 243 17.09 -2.25 -49.84
C PHE I 243 15.92 -2.36 -48.87
N ILE I 244 15.99 -3.24 -47.87
CA ILE I 244 14.89 -3.47 -46.89
C ILE I 244 14.78 -2.24 -45.98
N LEU I 245 15.87 -1.78 -45.38
CA LEU I 245 15.88 -0.60 -44.47
C LEU I 245 15.19 0.58 -45.18
N SER I 246 15.60 0.85 -46.43
CA SER I 246 15.20 2.03 -47.25
C SER I 246 13.68 1.98 -47.48
N TYR I 247 13.20 0.80 -47.85
CA TYR I 247 11.77 0.55 -48.08
C TYR I 247 11.04 0.86 -46.78
N LEU I 248 11.54 0.36 -45.65
CA LEU I 248 10.90 0.57 -44.34
C LEU I 248 10.95 2.05 -43.95
N GLN I 249 12.11 2.72 -44.10
CA GLN I 249 12.24 4.15 -43.73
C GLN I 249 11.15 4.91 -44.48
N ASN I 250 10.96 4.61 -45.77
CA ASN I 250 10.09 5.39 -46.69
C ASN I 250 8.61 4.99 -46.58
N ASN I 251 8.27 3.82 -46.02
CA ASN I 251 6.89 3.28 -46.22
C ASN I 251 6.29 2.60 -44.99
N TYR I 252 7.02 2.33 -43.92
CA TYR I 252 6.48 1.47 -42.84
C TYR I 252 5.25 2.13 -42.18
N LYS I 253 5.23 3.45 -41.95
CA LYS I 253 4.05 4.13 -41.34
C LYS I 253 2.84 3.98 -42.28
N LYS I 254 2.93 4.53 -43.49
CA LYS I 254 1.84 4.46 -44.51
C LYS I 254 1.29 3.02 -44.56
N ILE I 255 2.16 2.00 -44.47
CA ILE I 255 1.71 0.58 -44.63
C ILE I 255 0.89 0.18 -43.41
N ILE I 256 1.35 0.49 -42.19
CA ILE I 256 0.60 0.12 -40.96
C ILE I 256 -0.78 0.81 -41.03
N ASN I 257 -0.81 2.08 -41.43
CA ASN I 257 -2.05 2.91 -41.39
C ASN I 257 -3.04 2.38 -42.41
N ARG I 258 -2.63 2.37 -43.68
CA ARG I 258 -3.52 1.99 -44.80
C ARG I 258 -3.98 0.53 -44.63
N HIS I 259 -3.11 -0.36 -44.15
CA HIS I 259 -3.42 -1.80 -43.98
C HIS I 259 -4.49 -1.94 -42.88
N SER I 260 -4.44 -1.08 -41.85
CA SER I 260 -5.45 -1.10 -40.77
C SER I 260 -6.77 -0.51 -41.29
N GLU I 261 -6.71 0.59 -42.07
CA GLU I 261 -7.91 1.20 -42.73
C GLU I 261 -8.59 0.16 -43.64
N ILE I 262 -7.80 -0.61 -44.40
CA ILE I 262 -8.33 -1.64 -45.35
C ILE I 262 -9.04 -2.71 -44.54
N TYR I 263 -8.44 -3.17 -43.47
CA TYR I 263 -9.07 -4.19 -42.60
C TYR I 263 -10.34 -3.62 -41.92
N GLU I 264 -10.36 -2.33 -41.59
CA GLU I 264 -11.54 -1.64 -40.99
C GLU I 264 -12.71 -1.73 -41.97
N ILE I 265 -12.47 -1.47 -43.26
CA ILE I 265 -13.53 -1.58 -44.32
C ILE I 265 -14.09 -3.02 -44.33
N TYR I 266 -13.26 -4.06 -44.33
CA TYR I 266 -13.78 -5.44 -44.44
C TYR I 266 -14.53 -5.83 -43.15
N LYS I 267 -14.09 -5.35 -41.98
CA LYS I 267 -14.65 -5.77 -40.66
C LYS I 267 -16.10 -5.24 -40.60
N ASN I 268 -16.30 -4.05 -41.12
CA ASN I 268 -17.57 -3.27 -40.99
C ASN I 268 -18.54 -3.66 -42.11
N ASN I 269 -18.09 -4.33 -43.15
CA ASN I 269 -18.90 -4.55 -44.38
C ASN I 269 -18.77 -5.99 -44.87
N LEU I 270 -18.71 -6.97 -43.97
CA LEU I 270 -18.42 -8.38 -44.39
C LEU I 270 -19.39 -8.85 -45.48
N PRO I 271 -18.92 -9.50 -46.56
CA PRO I 271 -19.85 -10.11 -47.50
C PRO I 271 -20.59 -11.25 -46.78
N LYS I 272 -21.74 -11.63 -47.35
CA LYS I 272 -22.70 -12.62 -46.79
C LYS I 272 -21.97 -13.94 -46.60
N ARG I 273 -22.06 -14.52 -45.41
CA ARG I 273 -21.64 -15.92 -45.12
C ARG I 273 -20.10 -16.03 -45.07
N PHE I 274 -19.39 -14.89 -45.02
CA PHE I 274 -17.93 -14.78 -44.83
C PHE I 274 -17.61 -14.22 -43.42
N LYS I 275 -16.58 -14.78 -42.77
CA LYS I 275 -16.12 -14.28 -41.44
C LYS I 275 -14.64 -13.88 -41.53
N LEU I 276 -14.26 -12.83 -40.80
CA LEU I 276 -12.85 -12.46 -40.60
C LEU I 276 -12.13 -13.72 -40.13
N PHE I 277 -10.90 -13.93 -40.60
CA PHE I 277 -10.00 -14.95 -40.01
C PHE I 277 -9.88 -14.66 -38.52
N PRO I 278 -9.88 -15.69 -37.63
CA PRO I 278 -9.60 -15.51 -36.19
C PRO I 278 -8.35 -14.67 -35.85
N ASN I 279 -8.55 -13.66 -35.02
CA ASN I 279 -7.56 -12.61 -34.62
C ASN I 279 -7.89 -12.12 -33.20
N HIS I 280 -6.89 -12.06 -32.30
CA HIS I 280 -7.07 -11.69 -30.87
C HIS I 280 -6.41 -10.34 -30.59
N SER I 281 -5.97 -9.59 -31.58
CA SER I 281 -5.53 -8.19 -31.36
C SER I 281 -6.79 -7.32 -31.13
N LYS I 282 -6.68 -6.28 -30.31
CA LYS I 282 -7.85 -5.44 -29.97
C LYS I 282 -7.84 -4.25 -30.94
N LYS I 283 -6.65 -3.78 -31.33
CA LYS I 283 -6.46 -2.91 -32.51
C LYS I 283 -6.44 -3.80 -33.77
N ASN I 284 -6.82 -3.22 -34.92
CA ASN I 284 -6.84 -3.93 -36.24
C ASN I 284 -5.44 -4.43 -36.53
N PRO I 285 -5.31 -5.71 -36.95
CA PRO I 285 -4.02 -6.21 -37.48
C PRO I 285 -3.51 -5.48 -38.72
N VAL I 286 -2.18 -5.45 -38.88
CA VAL I 286 -1.55 -5.12 -40.17
C VAL I 286 -1.38 -6.44 -40.94
N CYS I 287 -2.21 -6.70 -41.96
CA CYS I 287 -2.31 -8.02 -42.64
C CYS I 287 -1.53 -8.04 -43.98
N SER I 288 -1.05 -9.22 -44.37
CA SER I 288 -0.33 -9.48 -45.66
C SER I 288 -1.32 -9.80 -46.77
N SER I 289 -2.49 -10.33 -46.40
CA SER I 289 -3.67 -10.43 -47.29
C SER I 289 -4.90 -10.28 -46.39
N ILE I 290 -6.06 -9.93 -46.92
CA ILE I 290 -7.29 -10.04 -46.09
C ILE I 290 -7.81 -11.47 -46.21
N CYS I 291 -7.74 -12.22 -45.13
CA CYS I 291 -8.22 -13.61 -45.07
C CYS I 291 -9.64 -13.61 -44.53
N LEU I 292 -10.59 -14.05 -45.36
CA LEU I 292 -11.97 -14.35 -44.91
C LEU I 292 -12.12 -15.86 -44.98
N LEU I 293 -13.00 -16.44 -44.16
CA LEU I 293 -13.45 -17.86 -44.22
C LEU I 293 -14.91 -17.88 -44.68
N PHE I 294 -15.18 -18.51 -45.82
CA PHE I 294 -16.56 -18.81 -46.26
C PHE I 294 -17.13 -19.87 -45.32
N ASP I 295 -18.45 -20.03 -45.28
CA ASP I 295 -19.13 -20.93 -44.31
C ASP I 295 -19.01 -22.38 -44.78
N LYS I 296 -18.55 -22.62 -46.00
CA LYS I 296 -18.29 -24.02 -46.43
C LYS I 296 -17.22 -24.04 -47.52
N PRO I 297 -16.75 -25.26 -47.89
CA PRO I 297 -15.67 -25.43 -48.86
C PRO I 297 -16.06 -24.80 -50.21
N PHE I 298 -15.08 -24.21 -50.91
CA PHE I 298 -15.28 -23.72 -52.29
C PHE I 298 -13.95 -23.72 -53.03
N ARG I 299 -14.02 -23.78 -54.36
CA ARG I 299 -12.84 -23.82 -55.26
C ARG I 299 -12.49 -22.40 -55.64
N LEU I 300 -11.20 -22.09 -55.60
CA LEU I 300 -10.67 -20.74 -55.90
C LEU I 300 -11.15 -20.27 -57.30
N ASP I 301 -11.33 -21.20 -58.24
CA ASP I 301 -11.65 -20.90 -59.66
C ASP I 301 -13.10 -20.40 -59.81
N LYS I 302 -13.86 -20.34 -58.72
CA LYS I 302 -15.24 -19.77 -58.73
C LYS I 302 -15.20 -18.34 -58.23
N ILE I 303 -14.01 -17.83 -57.87
CA ILE I 303 -13.78 -16.40 -57.52
C ILE I 303 -13.11 -15.73 -58.70
N PRO I 304 -13.79 -14.79 -59.39
CA PRO I 304 -13.28 -14.24 -60.64
C PRO I 304 -12.36 -13.01 -60.49
N PHE I 305 -11.63 -12.86 -59.36
CA PHE I 305 -10.62 -11.80 -59.18
C PHE I 305 -9.34 -12.40 -58.57
N LEU I 306 -8.25 -11.61 -58.58
CA LEU I 306 -6.94 -12.06 -58.04
C LEU I 306 -7.18 -12.42 -56.57
N SER I 307 -7.00 -13.68 -56.23
CA SER I 307 -7.28 -14.22 -54.88
C SER I 307 -6.53 -15.54 -54.74
N ARG I 308 -6.04 -15.88 -53.56
CA ARG I 308 -5.31 -17.16 -53.32
C ARG I 308 -5.91 -17.88 -52.13
N LYS I 309 -5.50 -19.12 -51.95
CA LYS I 309 -5.66 -19.85 -50.67
C LYS I 309 -4.29 -20.09 -50.06
N TYR I 310 -4.09 -19.69 -48.79
CA TYR I 310 -2.93 -20.07 -47.93
C TYR I 310 -3.53 -20.59 -46.64
N TYR I 311 -2.81 -21.45 -45.90
CA TYR I 311 -1.67 -22.22 -46.36
C TYR I 311 -2.20 -23.58 -46.75
N LYS I 312 -1.72 -24.15 -47.83
CA LYS I 312 -2.01 -25.59 -48.07
C LYS I 312 -1.43 -26.43 -46.94
N PRO I 313 -2.22 -27.28 -46.23
CA PRO I 313 -1.67 -27.98 -45.05
C PRO I 313 -0.41 -28.82 -45.33
N LEU I 314 0.61 -28.67 -44.48
CA LEU I 314 1.84 -29.49 -44.60
C LEU I 314 1.43 -30.94 -44.45
N ASP I 315 0.43 -31.15 -43.61
CA ASP I 315 -0.13 -32.51 -43.44
C ASP I 315 -1.64 -32.40 -43.73
N LEU I 316 -2.06 -32.94 -44.91
CA LEU I 316 -3.46 -32.80 -45.41
C LEU I 316 -4.45 -33.59 -44.54
N SER I 317 -3.96 -34.47 -43.64
CA SER I 317 -4.76 -35.28 -42.68
C SER I 317 -5.04 -34.50 -41.39
N SER I 318 -4.66 -33.22 -41.31
CA SER I 318 -5.00 -32.26 -40.23
C SER I 318 -6.37 -31.62 -40.56
N PRO I 319 -7.51 -32.05 -39.95
CA PRO I 319 -8.84 -31.64 -40.43
C PRO I 319 -9.17 -30.14 -40.28
N VAL I 320 -8.82 -29.54 -39.17
CA VAL I 320 -9.12 -28.08 -39.07
C VAL I 320 -8.29 -27.30 -40.10
N SER I 321 -6.98 -27.56 -40.24
CA SER I 321 -6.11 -26.87 -41.22
C SER I 321 -6.71 -27.05 -42.63
N LEU I 322 -7.09 -28.28 -42.96
CA LEU I 322 -7.69 -28.50 -44.29
C LEU I 322 -9.01 -27.75 -44.42
N ASP I 323 -9.84 -27.71 -43.37
CA ASP I 323 -11.16 -27.05 -43.47
C ASP I 323 -10.89 -25.56 -43.72
N PHE I 324 -9.91 -25.03 -42.98
CA PHE I 324 -9.51 -23.61 -43.11
C PHE I 324 -9.05 -23.32 -44.55
N TYR I 325 -8.18 -24.17 -45.09
CA TYR I 325 -7.66 -24.01 -46.47
C TYR I 325 -8.81 -24.06 -47.49
N GLN I 326 -9.70 -25.03 -47.37
CA GLN I 326 -10.90 -25.17 -48.25
C GLN I 326 -11.84 -23.97 -48.17
N ARG I 327 -11.92 -23.27 -47.03
CA ARG I 327 -12.94 -22.21 -46.80
C ARG I 327 -12.31 -20.84 -46.88
N ILE I 328 -10.96 -20.74 -46.84
CA ILE I 328 -10.27 -19.43 -46.78
C ILE I 328 -10.34 -18.74 -48.14
N LEU I 329 -10.27 -17.40 -48.11
CA LEU I 329 -10.04 -16.62 -49.33
C LEU I 329 -9.09 -15.49 -48.95
N CYS I 330 -7.89 -15.53 -49.52
CA CYS I 330 -6.86 -14.51 -49.25
C CYS I 330 -6.99 -13.45 -50.34
N ILE I 331 -7.26 -12.23 -49.93
CA ILE I 331 -7.58 -11.11 -50.85
C ILE I 331 -6.42 -10.15 -50.80
N PRO I 332 -5.96 -9.65 -51.97
CA PRO I 332 -4.87 -8.69 -52.00
C PRO I 332 -5.08 -7.62 -50.93
N CYS I 333 -4.03 -7.27 -50.18
CA CYS I 333 -3.99 -6.17 -49.20
C CYS I 333 -2.68 -5.41 -49.36
N ASN I 334 -2.70 -4.19 -49.87
CA ASN I 334 -1.48 -3.38 -50.05
C ASN I 334 -1.88 -1.92 -50.18
N ILE I 335 -0.91 -1.02 -50.13
CA ILE I 335 -1.12 0.45 -50.17
C ILE I 335 -1.52 0.88 -51.60
N ASP I 336 -1.60 -0.01 -52.59
CA ASP I 336 -1.98 0.32 -53.99
C ASP I 336 -3.48 0.11 -54.21
N LEU I 337 -4.12 -0.70 -53.36
CA LEU I 337 -5.58 -0.95 -53.43
C LEU I 337 -6.35 0.33 -53.09
N THR I 338 -7.41 0.59 -53.86
CA THR I 338 -8.44 1.65 -53.68
C THR I 338 -9.66 1.09 -52.95
N ASP I 339 -10.41 1.93 -52.24
CA ASP I 339 -11.70 1.60 -51.58
C ASP I 339 -12.66 1.02 -52.63
N ARG I 340 -12.71 1.60 -53.82
CA ARG I 340 -13.65 1.16 -54.89
C ARG I 340 -13.41 -0.34 -55.14
N GLN I 341 -12.15 -0.73 -55.31
CA GLN I 341 -11.78 -2.15 -55.56
C GLN I 341 -12.29 -3.01 -54.39
N ILE I 342 -12.10 -2.53 -53.16
CA ILE I 342 -12.46 -3.27 -51.91
C ILE I 342 -13.99 -3.42 -51.86
N TYR I 343 -14.69 -2.30 -51.97
CA TYR I 343 -16.17 -2.30 -51.93
C TYR I 343 -16.65 -3.18 -53.10
N GLU I 344 -16.02 -3.08 -54.29
CA GLU I 344 -16.38 -3.96 -55.43
C GLU I 344 -16.06 -5.44 -55.16
N ILE I 345 -14.88 -5.78 -54.62
CA ILE I 345 -14.59 -7.19 -54.22
C ILE I 345 -15.71 -7.67 -53.27
N ILE I 346 -16.06 -6.85 -52.28
CA ILE I 346 -17.17 -7.24 -51.34
C ILE I 346 -18.41 -7.46 -52.22
N GLY I 347 -18.66 -6.53 -53.14
CA GLY I 347 -19.72 -6.70 -54.15
C GLY I 347 -19.74 -8.13 -54.65
N VAL I 348 -18.67 -8.53 -55.37
CA VAL I 348 -18.54 -9.84 -56.08
C VAL I 348 -18.75 -11.02 -55.11
N LEU I 349 -18.35 -10.89 -53.84
CA LEU I 349 -18.38 -12.05 -52.90
C LEU I 349 -19.81 -12.29 -52.38
N ASN I 350 -20.58 -11.22 -52.17
CA ASN I 350 -22.05 -11.26 -51.91
C ASN I 350 -22.71 -11.99 -53.08
N GLU I 351 -22.38 -11.62 -54.33
CA GLU I 351 -22.87 -12.30 -55.56
C GLU I 351 -22.50 -13.80 -55.49
N PHE I 352 -21.25 -14.13 -55.15
CA PHE I 352 -20.73 -15.53 -55.03
C PHE I 352 -21.51 -16.30 -53.97
N ALA I 353 -21.72 -15.71 -52.78
CA ALA I 353 -22.40 -16.34 -51.62
C ALA I 353 -23.85 -16.69 -51.99
N ASP I 354 -24.53 -15.77 -52.70
CA ASP I 354 -25.95 -15.95 -53.13
C ASP I 354 -26.04 -17.12 -54.14
N LYS I 355 -25.03 -17.33 -54.99
CA LYS I 355 -25.05 -18.41 -56.02
C LYS I 355 -24.41 -19.72 -55.52
N ASN I 356 -23.93 -19.77 -54.26
CA ASN I 356 -23.18 -20.94 -53.74
C ASN I 356 -23.71 -21.34 -52.36
N GLY J 6 53.89 -1.47 -51.45
CA GLY J 6 54.01 -1.39 -49.95
C GLY J 6 53.17 -2.46 -49.27
N LEU J 7 53.76 -3.30 -48.43
CA LEU J 7 53.12 -4.54 -47.86
C LEU J 7 52.05 -4.21 -46.81
N GLU J 8 52.12 -3.03 -46.17
CA GLU J 8 51.09 -2.52 -45.21
C GLU J 8 49.72 -2.38 -45.89
N LYS J 9 49.72 -2.24 -47.23
CA LYS J 9 48.54 -1.90 -48.08
C LYS J 9 48.04 -3.15 -48.82
N LEU J 10 48.42 -4.34 -48.34
CA LEU J 10 47.78 -5.62 -48.74
C LEU J 10 46.36 -5.64 -48.15
N THR J 11 45.40 -6.10 -48.94
CA THR J 11 44.02 -6.50 -48.51
C THR J 11 43.73 -7.90 -49.06
N TRP J 12 42.86 -8.67 -48.40
CA TRP J 12 42.54 -10.05 -48.84
C TRP J 12 41.82 -10.01 -50.20
N VAL J 13 40.88 -9.09 -50.32
CA VAL J 13 39.94 -8.92 -51.46
C VAL J 13 40.30 -7.61 -52.13
N SER J 14 40.16 -7.52 -53.45
CA SER J 14 40.30 -6.26 -54.19
C SER J 14 39.15 -5.32 -53.77
N GLU J 15 39.36 -4.00 -53.92
CA GLU J 15 38.29 -3.02 -53.69
C GLU J 15 37.21 -3.22 -54.74
N LYS J 16 36.00 -3.52 -54.30
CA LYS J 16 34.82 -3.76 -55.16
C LYS J 16 33.81 -2.66 -54.83
N LYS J 17 33.29 -1.98 -55.85
CA LYS J 17 32.22 -0.97 -55.74
C LYS J 17 31.18 -1.23 -56.83
N PRO J 18 29.88 -1.09 -56.53
CA PRO J 18 28.85 -1.22 -57.55
C PRO J 18 29.11 -0.22 -58.68
N ASP J 19 28.95 -0.70 -59.90
CA ASP J 19 28.78 0.17 -61.08
C ASP J 19 27.31 0.57 -61.05
N TRP J 20 26.98 1.66 -60.35
CA TRP J 20 25.56 2.01 -60.07
C TRP J 20 24.75 2.13 -61.35
N SER J 21 25.27 2.77 -62.40
CA SER J 21 24.54 2.92 -63.69
C SER J 21 24.13 1.53 -64.20
N ASN J 22 25.07 0.58 -64.24
CA ASN J 22 24.83 -0.79 -64.77
C ASN J 22 23.83 -1.51 -63.85
N VAL J 23 24.01 -1.43 -62.53
CA VAL J 23 23.14 -2.14 -61.54
C VAL J 23 21.71 -1.60 -61.66
N GLN J 24 21.57 -0.29 -61.82
CA GLN J 24 20.22 0.34 -61.92
C GLN J 24 19.57 -0.12 -63.23
N LYS J 25 20.34 -0.29 -64.31
CA LYS J 25 19.75 -0.66 -65.62
C LYS J 25 19.29 -2.11 -65.57
N LEU J 26 20.07 -2.98 -64.92
CA LEU J 26 19.65 -4.39 -64.74
C LEU J 26 18.39 -4.39 -63.88
N ILE J 27 18.43 -3.78 -62.69
CA ILE J 27 17.29 -3.85 -61.72
C ILE J 27 16.05 -3.14 -62.32
N ALA J 28 16.22 -2.34 -63.38
CA ALA J 28 15.10 -1.70 -64.10
C ALA J 28 14.05 -2.74 -64.50
N ALA J 29 14.48 -3.93 -64.93
CA ALA J 29 13.59 -5.02 -65.38
C ALA J 29 12.75 -5.51 -64.19
N CYS J 30 13.33 -5.52 -62.98
CA CYS J 30 12.62 -5.88 -61.73
C CYS J 30 11.55 -4.80 -61.43
N GLU J 31 11.92 -3.52 -61.56
CA GLU J 31 11.04 -2.36 -61.26
C GLU J 31 9.79 -2.42 -62.16
N ALA J 32 9.97 -2.65 -63.47
CA ALA J 32 8.90 -2.68 -64.49
C ALA J 32 7.85 -3.76 -64.19
N THR J 33 8.21 -4.89 -63.57
CA THR J 33 7.28 -6.04 -63.29
C THR J 33 7.06 -6.24 -61.79
N ASN J 34 7.74 -5.48 -60.93
CA ASN J 34 7.66 -5.66 -59.46
C ASN J 34 8.14 -7.06 -59.10
N GLN J 35 9.00 -7.68 -59.91
CA GLN J 35 9.54 -9.04 -59.65
C GLN J 35 11.01 -8.93 -59.24
N TYR J 36 11.30 -9.02 -57.94
CA TYR J 36 12.69 -8.95 -57.40
C TYR J 36 13.19 -10.31 -56.89
N THR J 37 12.34 -11.33 -56.83
CA THR J 37 12.74 -12.69 -56.40
C THR J 37 11.75 -13.74 -56.94
N ASN J 38 11.84 -14.96 -56.43
CA ASN J 38 11.10 -16.14 -56.96
C ASN J 38 11.39 -16.21 -58.48
N ILE J 39 12.64 -15.97 -58.87
CA ILE J 39 13.14 -16.12 -60.26
C ILE J 39 12.54 -15.01 -61.11
N GLY J 40 13.02 -13.80 -60.88
CA GLY J 40 12.66 -12.63 -61.68
C GLY J 40 13.49 -12.58 -62.94
N PRO J 41 13.53 -11.41 -63.61
CA PRO J 41 14.17 -11.28 -64.91
C PRO J 41 15.71 -11.31 -64.89
N ILE J 42 16.39 -11.23 -63.75
CA ILE J 42 17.90 -11.16 -63.71
C ILE J 42 18.49 -12.56 -63.64
N ILE J 43 17.75 -13.52 -63.09
CA ILE J 43 18.34 -14.84 -62.77
C ILE J 43 18.89 -15.47 -64.05
N SER J 44 18.09 -15.50 -65.11
CA SER J 44 18.46 -16.15 -66.39
C SER J 44 19.65 -15.38 -66.99
N GLN J 45 19.69 -14.06 -66.81
CA GLN J 45 20.83 -13.26 -67.31
C GLN J 45 22.12 -13.69 -66.60
N LEU J 46 22.12 -13.87 -65.27
CA LEU J 46 23.34 -14.25 -64.51
C LEU J 46 23.70 -15.70 -64.87
N GLU J 47 22.70 -16.59 -64.95
CA GLU J 47 23.01 -18.00 -65.22
C GLU J 47 23.61 -18.11 -66.63
N SER J 48 23.08 -17.39 -67.63
CA SER J 48 23.60 -17.39 -69.02
C SER J 48 25.03 -16.80 -69.06
N PHE J 49 25.29 -15.78 -68.26
CA PHE J 49 26.63 -15.15 -68.22
C PHE J 49 27.65 -16.14 -67.67
N ILE J 50 27.29 -16.86 -66.59
CA ILE J 50 28.16 -17.88 -65.98
C ILE J 50 28.44 -18.95 -67.03
N ARG J 51 27.39 -19.49 -67.65
CA ARG J 51 27.53 -20.55 -68.68
C ARG J 51 28.55 -20.10 -69.74
N ASP J 52 28.35 -18.92 -70.30
CA ASP J 52 29.11 -18.48 -71.50
C ASP J 52 30.52 -18.03 -71.09
N SER J 53 30.68 -17.44 -69.90
CA SER J 53 31.97 -16.83 -69.45
C SER J 53 32.88 -17.87 -68.82
N PHE J 54 32.33 -18.83 -68.06
CA PHE J 54 33.10 -19.90 -67.40
C PHE J 54 33.21 -21.13 -68.30
N LEU J 55 32.57 -21.19 -69.46
CA LEU J 55 32.63 -22.34 -70.42
C LEU J 55 32.08 -23.60 -69.73
N ILE J 56 30.86 -23.48 -69.25
CA ILE J 56 30.08 -24.62 -68.73
C ILE J 56 29.51 -25.39 -69.92
N GLU J 57 29.59 -26.70 -69.88
CA GLU J 57 29.12 -27.56 -71.00
C GLU J 57 27.58 -27.63 -71.03
N GLU J 58 27.05 -27.89 -72.20
CA GLU J 58 25.60 -28.00 -72.49
C GLU J 58 24.96 -29.10 -71.64
N SER J 59 25.69 -30.16 -71.27
CA SER J 59 25.21 -31.29 -70.44
C SER J 59 24.94 -30.85 -68.98
N LYS J 60 25.26 -29.61 -68.58
CA LYS J 60 25.10 -29.14 -67.18
C LYS J 60 24.10 -28.00 -67.13
N ALA J 61 23.31 -28.00 -66.07
CA ALA J 61 22.53 -26.81 -65.65
C ALA J 61 23.45 -25.83 -64.91
N VAL J 62 23.14 -24.56 -65.02
CA VAL J 62 23.74 -23.48 -64.22
C VAL J 62 22.59 -22.92 -63.38
N ILE J 63 22.69 -23.10 -62.06
CA ILE J 63 21.63 -22.73 -61.09
C ILE J 63 22.19 -21.85 -59.98
N VAL J 64 21.86 -20.55 -60.01
CA VAL J 64 22.28 -19.63 -58.92
C VAL J 64 21.43 -19.84 -57.65
N THR J 65 22.06 -19.59 -56.51
CA THR J 65 21.52 -19.76 -55.15
C THR J 65 21.95 -18.59 -54.25
N SER J 66 21.47 -18.57 -53.01
CA SER J 66 21.70 -17.42 -52.09
C SER J 66 23.19 -17.31 -51.70
N ASN J 67 23.92 -18.43 -51.67
CA ASN J 67 25.34 -18.45 -51.24
C ASN J 67 25.97 -19.77 -51.67
N GLY J 68 27.29 -19.90 -51.54
CA GLY J 68 27.98 -21.14 -51.88
C GLY J 68 27.50 -22.26 -51.00
N THR J 69 27.17 -21.96 -49.75
CA THR J 69 26.70 -22.99 -48.81
C THR J 69 25.34 -23.51 -49.31
N SER J 70 24.45 -22.60 -49.70
CA SER J 70 23.11 -23.04 -50.15
C SER J 70 23.23 -23.68 -51.54
N ALA J 71 24.26 -23.34 -52.31
CA ALA J 71 24.52 -24.06 -53.58
C ALA J 71 24.72 -25.53 -53.24
N LEU J 72 25.62 -25.81 -52.29
CA LEU J 72 25.89 -27.20 -51.90
C LEU J 72 24.66 -27.85 -51.29
N HIS J 73 23.95 -27.16 -50.38
CA HIS J 73 22.83 -27.79 -49.67
C HIS J 73 21.66 -27.99 -50.65
N ALA J 74 21.41 -27.06 -51.54
CA ALA J 74 20.35 -27.19 -52.56
C ALA J 74 20.69 -28.34 -53.51
N LEU J 75 21.97 -28.50 -53.85
CA LEU J 75 22.38 -29.63 -54.72
C LEU J 75 22.05 -30.96 -54.04
N VAL J 76 22.48 -31.15 -52.80
CA VAL J 76 22.23 -32.41 -52.06
C VAL J 76 20.72 -32.60 -51.83
N GLY J 77 20.02 -31.57 -51.38
CA GLY J 77 18.59 -31.65 -51.09
C GLY J 77 17.80 -31.98 -52.34
N GLY J 78 18.13 -31.36 -53.48
CA GLY J 78 17.49 -31.67 -54.78
C GLY J 78 17.68 -33.13 -55.19
N ILE J 79 18.91 -33.67 -55.10
CA ILE J 79 19.18 -35.09 -55.45
C ILE J 79 18.50 -36.00 -54.43
N ASN J 80 18.55 -35.65 -53.14
CA ASN J 80 17.84 -36.40 -52.09
C ASN J 80 16.36 -36.53 -52.48
N ARG J 81 15.74 -35.44 -52.89
CA ARG J 81 14.29 -35.42 -53.24
C ARG J 81 14.06 -36.27 -54.48
N GLN J 82 14.95 -36.16 -55.46
CA GLN J 82 14.83 -36.93 -56.71
C GLN J 82 14.97 -38.41 -56.40
N LEU J 83 15.94 -38.82 -55.58
CA LEU J 83 16.23 -40.25 -55.39
C LEU J 83 15.38 -40.84 -54.27
N GLY J 84 14.65 -40.04 -53.50
CA GLY J 84 13.77 -40.50 -52.41
C GLY J 84 14.53 -40.98 -51.17
N ARG J 85 15.75 -40.50 -50.93
CA ARG J 85 16.43 -40.83 -49.64
C ARG J 85 17.40 -39.72 -49.26
N GLU J 86 17.78 -39.71 -47.98
CA GLU J 86 18.75 -38.72 -47.46
C GLU J 86 20.13 -39.32 -47.68
N LEU J 87 20.84 -38.82 -48.68
CA LEU J 87 22.12 -39.42 -49.15
C LEU J 87 23.22 -39.16 -48.11
N LYS J 88 24.08 -40.15 -47.91
CA LYS J 88 25.25 -40.14 -46.99
C LYS J 88 26.47 -39.77 -47.82
N PHE J 89 27.00 -38.59 -47.59
CA PHE J 89 28.26 -38.16 -48.26
C PHE J 89 29.44 -38.28 -47.31
N VAL J 90 30.59 -38.54 -47.92
CA VAL J 90 31.94 -38.39 -47.30
C VAL J 90 32.49 -37.06 -47.81
N THR J 91 33.04 -36.25 -46.91
CA THR J 91 33.79 -35.03 -47.24
C THR J 91 35.22 -35.13 -46.62
N GLN J 92 36.09 -34.27 -47.08
CA GLN J 92 37.51 -34.29 -46.63
C GLN J 92 37.59 -33.37 -45.43
N SER J 93 38.52 -33.64 -44.52
CA SER J 93 38.67 -32.81 -43.31
C SER J 93 39.19 -31.42 -43.67
N PHE J 94 39.97 -31.31 -44.72
CA PHE J 94 40.62 -30.07 -45.14
C PHE J 94 39.70 -29.34 -46.10
N THR J 95 38.68 -28.73 -45.53
CA THR J 95 37.65 -27.95 -46.26
C THR J 95 36.91 -27.02 -45.30
N PHE J 96 35.95 -26.29 -45.86
CA PHE J 96 35.04 -25.36 -45.13
C PHE J 96 33.88 -26.14 -44.52
N PRO J 97 33.32 -25.66 -43.38
CA PRO J 97 32.23 -26.38 -42.69
C PRO J 97 30.93 -26.70 -43.46
N SER J 98 30.68 -26.02 -44.57
CA SER J 98 29.46 -26.15 -45.42
C SER J 98 29.19 -27.62 -45.72
N SER J 99 30.22 -28.43 -46.00
CA SER J 99 30.00 -29.86 -46.29
C SER J 99 29.81 -30.72 -45.06
N ASN J 100 29.63 -30.14 -43.87
CA ASN J 100 29.20 -30.93 -42.68
C ASN J 100 28.07 -30.18 -41.99
N GLN J 101 27.20 -29.54 -42.81
CA GLN J 101 26.06 -28.71 -42.33
C GLN J 101 24.83 -28.92 -43.21
N GLY J 102 23.66 -28.47 -42.72
CA GLY J 102 22.40 -28.64 -43.47
C GLY J 102 22.19 -30.10 -43.77
N PRO J 103 21.86 -30.48 -45.03
CA PRO J 103 21.58 -31.89 -45.34
C PRO J 103 22.86 -32.73 -45.27
N LEU J 104 23.96 -32.06 -45.03
CA LEU J 104 25.28 -32.73 -44.87
C LEU J 104 25.72 -32.69 -43.39
N LYS J 105 24.85 -32.30 -42.45
CA LYS J 105 25.27 -32.19 -41.03
C LYS J 105 25.81 -33.51 -40.48
N ASP J 106 25.47 -34.68 -41.05
CA ASP J 106 25.94 -35.99 -40.58
C ASP J 106 26.82 -36.64 -41.65
N SER J 107 27.45 -35.82 -42.49
CA SER J 107 28.39 -36.34 -43.50
C SER J 107 29.52 -37.00 -42.71
N ILE J 108 30.16 -37.97 -43.36
CA ILE J 108 31.39 -38.62 -42.83
C ILE J 108 32.62 -37.79 -43.22
N ILE J 109 33.51 -37.51 -42.27
CA ILE J 109 34.74 -36.71 -42.54
C ILE J 109 35.93 -37.68 -42.52
N VAL J 110 36.69 -37.65 -43.61
CA VAL J 110 37.95 -38.44 -43.77
C VAL J 110 39.07 -37.49 -44.15
N ASP J 111 40.31 -37.97 -44.07
CA ASP J 111 41.47 -37.10 -44.32
C ASP J 111 41.61 -36.88 -45.83
N ILE J 112 42.40 -35.89 -46.18
CA ILE J 112 43.01 -35.76 -47.52
C ILE J 112 44.25 -36.65 -47.67
N ASP J 113 44.67 -36.81 -48.92
CA ASP J 113 46.02 -37.36 -49.25
C ASP J 113 46.91 -36.16 -49.52
N GLU J 114 48.20 -36.40 -49.81
CA GLU J 114 49.17 -35.29 -49.99
C GLU J 114 48.95 -34.52 -51.30
N ASP J 115 47.95 -34.85 -52.12
CA ASP J 115 47.64 -34.07 -53.35
C ASP J 115 46.49 -33.08 -53.11
N GLY J 116 45.99 -32.97 -51.87
CA GLY J 116 45.07 -31.87 -51.47
C GLY J 116 43.61 -32.28 -51.48
N GLY J 117 43.29 -33.52 -51.87
CA GLY J 117 41.91 -33.98 -51.96
C GLY J 117 41.63 -35.18 -51.08
N LEU J 118 40.35 -35.43 -50.81
CA LEU J 118 39.83 -36.62 -50.08
C LEU J 118 40.67 -37.87 -50.41
N ASP J 119 41.07 -38.61 -49.37
CA ASP J 119 41.89 -39.82 -49.52
C ASP J 119 40.96 -40.99 -49.81
N LEU J 120 40.99 -41.50 -51.05
CA LEU J 120 40.14 -42.62 -51.48
C LEU J 120 40.50 -43.89 -50.71
N ASN J 121 41.71 -43.96 -50.15
CA ASN J 121 42.09 -45.12 -49.32
C ASN J 121 41.31 -45.08 -48.00
N ALA J 122 40.73 -43.94 -47.63
CA ALA J 122 40.09 -43.80 -46.29
C ALA J 122 38.63 -44.27 -46.29
N VAL J 123 38.04 -44.57 -47.45
CA VAL J 123 36.59 -44.91 -47.54
C VAL J 123 36.41 -46.42 -47.75
N LYS J 124 37.49 -47.21 -47.65
CA LYS J 124 37.51 -48.64 -48.05
C LYS J 124 36.33 -49.40 -47.41
N ASN J 125 36.08 -49.22 -46.11
CA ASN J 125 35.11 -50.06 -45.34
C ASN J 125 33.93 -49.22 -44.83
N ILE J 126 33.62 -48.09 -45.47
CA ILE J 126 32.52 -47.17 -45.09
C ILE J 126 31.33 -47.43 -46.01
N GLU J 127 30.11 -47.28 -45.48
CA GLU J 127 28.83 -47.14 -46.24
C GLU J 127 28.58 -45.67 -46.56
N TYR J 128 28.47 -45.33 -47.85
CA TYR J 128 28.19 -43.96 -48.29
C TYR J 128 27.62 -44.01 -49.71
N ASP J 129 26.98 -42.93 -50.10
CA ASP J 129 26.34 -42.79 -51.42
C ASP J 129 27.19 -41.92 -52.34
N GLY J 130 28.00 -41.04 -51.80
CA GLY J 130 28.76 -40.07 -52.61
C GLY J 130 29.87 -39.43 -51.83
N ILE J 131 30.72 -38.71 -52.54
CA ILE J 131 31.90 -38.01 -51.97
C ILE J 131 31.87 -36.58 -52.45
N ILE J 132 32.34 -35.70 -51.60
CA ILE J 132 32.59 -34.27 -51.91
C ILE J 132 34.08 -34.02 -51.80
N VAL J 133 34.63 -33.54 -52.91
CA VAL J 133 36.08 -33.27 -53.03
C VAL J 133 36.25 -31.78 -53.19
N THR J 134 37.15 -31.20 -52.40
CA THR J 134 37.39 -29.74 -52.44
C THR J 134 38.64 -29.43 -53.23
N ASN J 135 38.48 -28.58 -54.24
CA ASN J 135 39.51 -27.98 -55.11
C ASN J 135 39.93 -26.69 -54.41
N ILE J 136 41.04 -26.79 -53.67
CA ILE J 136 41.42 -25.83 -52.60
C ILE J 136 41.88 -24.52 -53.23
N HIS J 137 41.16 -23.45 -52.96
CA HIS J 137 41.53 -22.07 -53.33
C HIS J 137 41.96 -21.93 -54.78
N GLY J 138 41.26 -22.57 -55.73
CA GLY J 138 41.50 -22.39 -57.16
C GLY J 138 42.43 -23.48 -57.70
N ASN J 139 43.13 -24.17 -56.84
CA ASN J 139 43.92 -25.38 -57.21
C ASN J 139 42.92 -26.50 -57.51
N VAL J 140 43.30 -27.45 -58.38
CA VAL J 140 42.47 -28.66 -58.65
C VAL J 140 43.26 -29.91 -58.33
N VAL J 141 42.52 -30.87 -57.77
CA VAL J 141 43.00 -32.24 -57.48
C VAL J 141 43.18 -32.91 -58.84
N ASP J 142 43.63 -34.15 -58.82
CA ASP J 142 43.75 -34.96 -60.05
C ASP J 142 42.35 -35.56 -60.29
N ILE J 143 41.50 -34.75 -60.88
CA ILE J 143 40.03 -34.99 -60.98
C ILE J 143 39.73 -36.38 -61.53
N ASN J 144 40.45 -36.85 -62.56
CA ASN J 144 40.11 -38.18 -63.13
C ASN J 144 40.17 -39.27 -62.06
N LYS J 145 41.04 -39.22 -61.05
CA LYS J 145 41.15 -40.39 -60.16
C LYS J 145 39.83 -40.53 -59.38
N TYR J 146 39.19 -39.40 -59.11
CA TYR J 146 37.88 -39.36 -58.40
C TYR J 146 36.74 -39.78 -59.33
N VAL J 147 36.77 -39.29 -60.57
CA VAL J 147 35.78 -39.68 -61.61
C VAL J 147 35.83 -41.19 -61.77
N ASP J 148 37.04 -41.73 -61.94
CA ASP J 148 37.18 -43.20 -62.14
C ASP J 148 36.68 -43.97 -60.92
N PHE J 149 37.10 -43.59 -59.72
CA PHE J 149 36.75 -44.31 -58.47
C PHE J 149 35.23 -44.33 -58.32
N CYS J 150 34.58 -43.18 -58.49
CA CYS J 150 33.12 -43.03 -58.27
C CYS J 150 32.36 -43.82 -59.32
N MET J 151 32.89 -43.91 -60.55
CA MET J 151 32.26 -44.68 -61.65
C MET J 151 32.37 -46.17 -61.30
N ASN J 152 33.53 -46.63 -60.86
CA ASN J 152 33.77 -48.05 -60.53
C ASN J 152 32.88 -48.48 -59.35
N HIS J 153 32.64 -47.61 -58.37
CA HIS J 153 31.90 -47.93 -57.12
C HIS J 153 30.46 -47.41 -57.11
N ASN J 154 30.01 -46.76 -58.19
CA ASN J 154 28.63 -46.25 -58.39
C ASN J 154 28.31 -45.27 -57.25
N LYS J 155 29.14 -44.26 -57.11
CA LYS J 155 29.02 -43.21 -56.07
C LYS J 155 28.82 -41.87 -56.77
N LEU J 156 28.04 -40.96 -56.15
CA LEU J 156 27.90 -39.60 -56.65
C LEU J 156 29.22 -38.86 -56.36
N LEU J 157 29.59 -37.90 -57.21
CA LEU J 157 30.82 -37.11 -57.08
C LEU J 157 30.46 -35.62 -57.23
N ILE J 158 30.68 -34.86 -56.16
CA ILE J 158 30.53 -33.38 -56.15
C ILE J 158 31.89 -32.77 -55.88
N PHE J 159 32.23 -31.78 -56.65
CA PHE J 159 33.43 -30.94 -56.41
C PHE J 159 32.97 -29.67 -55.70
N ASP J 160 33.53 -29.42 -54.54
CA ASP J 160 33.35 -28.12 -53.85
C ASP J 160 34.32 -27.15 -54.48
N ASN J 161 33.84 -26.42 -55.47
CA ASN J 161 34.62 -25.41 -56.22
C ASN J 161 34.25 -24.03 -55.71
N ALA J 162 33.89 -23.88 -54.43
CA ALA J 162 33.60 -22.56 -53.83
C ALA J 162 34.58 -21.50 -54.31
N ALA J 163 35.86 -21.84 -54.21
CA ALA J 163 36.98 -20.89 -54.49
C ALA J 163 37.63 -21.19 -55.84
N THR J 164 36.96 -21.90 -56.74
CA THR J 164 37.60 -22.45 -57.97
C THR J 164 36.64 -22.34 -59.15
N GLY J 165 36.38 -21.12 -59.63
CA GLY J 165 35.41 -20.92 -60.70
C GLY J 165 36.04 -21.03 -62.08
N TYR J 166 37.38 -20.93 -62.19
CA TYR J 166 38.00 -20.90 -63.53
C TYR J 166 39.39 -21.54 -63.51
N THR J 167 39.47 -22.81 -63.09
CA THR J 167 40.68 -23.63 -63.28
C THR J 167 40.28 -24.80 -64.17
N PHE J 168 41.09 -25.07 -65.18
CA PHE J 168 40.78 -26.04 -66.26
C PHE J 168 41.56 -27.31 -66.00
N TYR J 169 40.92 -28.42 -66.36
CA TYR J 169 41.46 -29.78 -66.26
C TYR J 169 41.15 -30.49 -67.58
N LEU J 170 42.22 -30.98 -68.20
CA LEU J 170 42.18 -31.58 -69.56
C LEU J 170 41.35 -30.71 -70.51
N GLY J 171 41.51 -29.41 -70.43
CA GLY J 171 40.96 -28.47 -71.44
C GLY J 171 39.52 -28.02 -71.20
N LYS J 172 38.90 -28.36 -70.09
CA LYS J 172 37.57 -27.75 -69.80
C LYS J 172 37.53 -27.33 -68.34
N ASN J 173 36.62 -26.42 -68.04
CA ASN J 173 36.49 -25.87 -66.68
C ASN J 173 36.34 -27.04 -65.70
N SER J 174 37.07 -27.05 -64.60
CA SER J 174 36.98 -28.11 -63.58
C SER J 174 35.51 -28.28 -63.10
N CYS J 175 34.71 -27.22 -63.15
CA CYS J 175 33.29 -27.27 -62.68
C CYS J 175 32.47 -28.29 -63.48
N ASN J 176 32.94 -28.67 -64.67
CA ASN J 176 32.23 -29.57 -65.59
C ASN J 176 32.45 -31.02 -65.21
N TYR J 177 33.29 -31.35 -64.22
CA TYR J 177 33.55 -32.76 -63.83
C TYR J 177 32.71 -33.17 -62.63
N GLY J 178 32.61 -34.48 -62.48
CA GLY J 178 31.73 -35.13 -61.50
C GLY J 178 30.27 -34.89 -61.86
N HIS J 179 29.35 -35.34 -61.03
CA HIS J 179 27.89 -35.13 -61.26
C HIS J 179 27.57 -33.64 -61.11
N ALA J 180 28.35 -32.93 -60.29
CA ALA J 180 28.10 -31.50 -60.05
C ALA J 180 29.30 -30.84 -59.37
N SER J 181 29.30 -29.53 -59.45
CA SER J 181 30.20 -28.65 -58.67
C SER J 181 29.42 -27.46 -58.15
N ILE J 182 29.99 -26.79 -57.16
CA ILE J 182 29.42 -25.50 -56.70
C ILE J 182 30.53 -24.47 -56.72
N ILE J 183 30.14 -23.21 -56.90
CA ILE J 183 31.02 -22.01 -56.81
C ILE J 183 30.38 -21.05 -55.79
N SER J 184 31.21 -20.25 -55.15
CA SER J 184 30.75 -19.16 -54.26
C SER J 184 30.98 -17.79 -54.92
N PHE J 185 30.01 -16.88 -54.79
CA PHE J 185 30.16 -15.45 -55.14
C PHE J 185 30.21 -14.61 -53.87
N HIS J 186 30.61 -15.20 -52.74
CA HIS J 186 30.90 -14.46 -51.49
C HIS J 186 31.89 -13.32 -51.79
N HIS J 187 31.74 -12.18 -51.11
CA HIS J 187 32.60 -11.01 -51.34
C HIS J 187 34.07 -11.41 -51.26
N THR J 188 34.44 -12.41 -50.47
CA THR J 188 35.84 -12.81 -50.22
C THR J 188 36.45 -13.59 -51.39
N LYS J 189 35.65 -14.03 -52.37
CA LYS J 189 36.13 -14.83 -53.53
C LYS J 189 36.44 -13.94 -54.71
N PRO J 190 37.31 -14.34 -55.67
CA PRO J 190 37.66 -13.48 -56.79
C PRO J 190 36.48 -12.97 -57.64
N PHE J 191 35.49 -13.83 -57.88
CA PHE J 191 34.37 -13.44 -58.77
C PHE J 191 33.18 -12.94 -57.93
N GLY J 192 33.38 -12.78 -56.63
CA GLY J 192 32.29 -12.60 -55.65
C GLY J 192 31.93 -11.13 -55.48
N PHE J 193 30.68 -10.87 -55.11
CA PHE J 193 30.19 -9.53 -54.72
C PHE J 193 29.00 -9.71 -53.78
N GLY J 194 29.23 -9.48 -52.50
CA GLY J 194 28.24 -9.67 -51.43
C GLY J 194 28.08 -11.13 -51.09
N GLU J 195 26.92 -11.68 -51.43
CA GLU J 195 26.64 -13.11 -51.17
C GLU J 195 26.07 -13.72 -52.46
N GLY J 196 26.44 -14.96 -52.75
CA GLY J 196 25.79 -15.69 -53.84
C GLY J 196 26.43 -17.05 -54.04
N GLY J 197 25.72 -17.96 -54.69
CA GLY J 197 26.32 -19.25 -55.06
C GLY J 197 25.85 -19.69 -56.43
N CYS J 198 26.48 -20.73 -56.94
CA CYS J 198 25.97 -21.37 -58.17
C CYS J 198 26.23 -22.87 -58.13
N ILE J 199 25.25 -23.63 -58.63
CA ILE J 199 25.35 -25.08 -58.89
C ILE J 199 25.58 -25.29 -60.38
N ILE J 200 26.55 -26.15 -60.66
CA ILE J 200 26.80 -26.73 -62.01
C ILE J 200 26.49 -28.23 -61.92
N VAL J 201 25.48 -28.74 -62.63
CA VAL J 201 24.96 -30.09 -62.31
C VAL J 201 24.41 -30.76 -63.56
N ASP J 202 24.59 -32.06 -63.62
CA ASP J 202 23.97 -32.92 -64.66
C ASP J 202 22.47 -32.56 -64.79
N ARG J 203 22.04 -32.34 -66.03
CA ARG J 203 20.63 -31.96 -66.36
C ARG J 203 19.64 -32.97 -65.75
N LEU J 204 19.99 -34.23 -65.58
CA LEU J 204 19.10 -35.23 -64.97
C LEU J 204 18.48 -34.67 -63.70
N TYR J 205 19.23 -33.86 -62.92
CA TYR J 205 18.77 -33.40 -61.58
C TYR J 205 18.28 -31.94 -61.61
N GLU J 206 18.34 -31.27 -62.76
CA GLU J 206 18.14 -29.80 -62.84
C GLU J 206 16.76 -29.42 -62.30
N ASN J 207 15.71 -30.07 -62.77
CA ASN J 207 14.34 -29.62 -62.45
C ASN J 207 14.10 -29.74 -60.94
N ASN J 208 14.48 -30.86 -60.34
CA ASN J 208 14.26 -31.10 -58.88
C ASN J 208 15.14 -30.12 -58.06
N ILE J 209 16.34 -29.77 -58.54
CA ILE J 209 17.20 -28.80 -57.83
C ILE J 209 16.56 -27.43 -57.90
N ARG J 210 16.02 -27.05 -59.05
CA ARG J 210 15.44 -25.70 -59.21
C ARG J 210 14.18 -25.60 -58.35
N ILE J 211 13.33 -26.62 -58.35
CA ILE J 211 12.09 -26.62 -57.51
CA ILE J 211 12.11 -26.50 -57.50
C ILE J 211 12.51 -26.59 -56.03
N GLY J 212 13.62 -27.28 -55.70
CA GLY J 212 14.15 -27.41 -54.33
C GLY J 212 14.64 -26.06 -53.78
N LEU J 213 14.85 -25.05 -54.62
CA LEU J 213 15.20 -23.66 -54.17
C LEU J 213 13.93 -23.00 -53.63
N ASN J 214 12.79 -23.59 -53.97
CA ASN J 214 11.43 -23.00 -53.73
C ASN J 214 10.66 -23.97 -52.87
N PHE J 215 11.28 -24.49 -51.80
CA PHE J 215 10.61 -25.36 -50.79
C PHE J 215 10.19 -26.67 -51.43
N GLY J 216 10.61 -26.98 -52.67
CA GLY J 216 10.20 -28.20 -53.35
C GLY J 216 8.87 -28.03 -54.08
N LEU J 217 8.37 -26.79 -54.12
CA LEU J 217 7.05 -26.46 -54.73
C LEU J 217 7.26 -26.21 -56.22
N ASP J 218 6.67 -27.09 -57.03
CA ASP J 218 6.79 -27.01 -58.50
C ASP J 218 5.63 -26.16 -59.01
N ASN J 219 5.89 -24.98 -59.56
CA ASN J 219 4.78 -24.07 -60.00
C ASN J 219 4.10 -24.67 -61.25
N SER J 220 4.75 -25.61 -61.96
CA SER J 220 4.13 -26.35 -63.09
C SER J 220 2.96 -27.22 -62.61
N LEU J 221 2.83 -27.47 -61.30
CA LEU J 221 1.69 -28.28 -60.78
C LEU J 221 0.53 -27.40 -60.27
N GLY J 222 0.70 -26.08 -60.23
CA GLY J 222 -0.29 -25.12 -59.72
C GLY J 222 -0.75 -25.47 -58.30
N GLU J 223 -2.05 -25.65 -58.07
CA GLU J 223 -2.62 -25.85 -56.71
C GLU J 223 -2.16 -27.19 -56.13
N LYS J 224 -1.65 -28.10 -56.98
CA LYS J 224 -1.28 -29.49 -56.60
C LYS J 224 0.19 -29.55 -56.17
N SER J 225 0.92 -28.43 -56.22
CA SER J 225 2.31 -28.36 -55.72
C SER J 225 2.37 -28.87 -54.25
N GLN J 226 3.36 -29.72 -53.96
CA GLN J 226 3.64 -30.23 -52.58
C GLN J 226 5.10 -29.96 -52.21
N TYR J 227 5.33 -29.41 -51.00
CA TYR J 227 6.70 -29.16 -50.47
C TYR J 227 7.46 -30.46 -50.28
N SER J 228 8.79 -30.35 -50.23
CA SER J 228 9.69 -31.44 -49.77
C SER J 228 10.41 -31.00 -48.50
N ASN J 229 10.42 -31.85 -47.50
CA ASN J 229 11.16 -31.61 -46.23
C ASN J 229 12.67 -31.64 -46.53
N GLN J 230 13.09 -31.96 -47.77
CA GLN J 230 14.52 -31.94 -48.19
C GLN J 230 14.90 -30.60 -48.80
N ALA J 231 13.95 -29.64 -48.95
CA ALA J 231 14.15 -28.35 -49.60
C ALA J 231 14.16 -27.24 -48.56
N SER J 232 14.21 -26.03 -49.06
CA SER J 232 14.27 -24.79 -48.26
C SER J 232 14.07 -23.62 -49.20
N ASN J 233 14.36 -22.43 -48.68
CA ASN J 233 14.44 -21.19 -49.45
C ASN J 233 15.94 -21.05 -49.79
N TYR J 234 16.34 -21.52 -50.98
CA TYR J 234 17.78 -21.54 -51.34
C TYR J 234 18.04 -20.66 -52.54
N ARG J 235 17.02 -19.94 -53.04
CA ARG J 235 17.09 -19.17 -54.29
C ARG J 235 18.00 -17.93 -54.11
N MET J 236 18.57 -17.46 -55.22
CA MET J 236 19.22 -16.13 -55.28
C MET J 236 18.14 -15.07 -55.57
N CYS J 237 18.13 -14.02 -54.76
CA CYS J 237 17.31 -12.80 -54.98
C CYS J 237 17.83 -12.06 -56.22
N ASP J 238 16.95 -11.53 -57.06
CA ASP J 238 17.37 -10.85 -58.30
C ASP J 238 18.23 -9.59 -57.98
N LEU J 239 18.08 -8.99 -56.79
CA LEU J 239 18.95 -7.83 -56.46
C LEU J 239 20.42 -8.32 -56.42
N ASN J 240 20.67 -9.41 -55.68
CA ASN J 240 22.03 -9.98 -55.55
C ASN J 240 22.54 -10.36 -56.95
N ALA J 241 21.65 -10.93 -57.78
CA ALA J 241 22.03 -11.43 -59.11
C ALA J 241 22.55 -10.25 -59.91
N ALA J 242 21.97 -9.05 -59.72
CA ALA J 242 22.34 -7.86 -60.52
C ALA J 242 23.74 -7.35 -60.09
N PHE J 243 24.02 -7.33 -58.78
CA PHE J 243 25.30 -6.81 -58.24
C PHE J 243 26.41 -7.76 -58.70
N ILE J 244 26.17 -9.08 -58.64
CA ILE J 244 27.14 -10.10 -59.13
C ILE J 244 27.31 -9.97 -60.65
N LEU J 245 26.24 -9.97 -61.44
CA LEU J 245 26.34 -9.89 -62.91
C LEU J 245 27.18 -8.67 -63.30
N SER J 246 26.83 -7.52 -62.71
CA SER J 246 27.53 -6.24 -62.98
C SER J 246 29.03 -6.40 -62.64
N TYR J 247 29.38 -6.91 -61.44
CA TYR J 247 30.80 -7.11 -61.04
C TYR J 247 31.45 -8.07 -62.05
N LEU J 248 30.76 -9.16 -62.44
CA LEU J 248 31.36 -10.15 -63.36
C LEU J 248 31.56 -9.49 -64.74
N GLN J 249 30.54 -8.78 -65.21
CA GLN J 249 30.63 -8.16 -66.55
C GLN J 249 31.83 -7.20 -66.61
N ASN J 250 32.12 -6.49 -65.53
CA ASN J 250 33.15 -5.40 -65.52
C ASN J 250 34.54 -5.98 -65.26
N ASN J 251 34.66 -7.18 -64.66
CA ASN J 251 35.97 -7.57 -64.08
C ASN J 251 36.40 -9.00 -64.45
N TYR J 252 35.53 -9.92 -64.91
CA TYR J 252 35.90 -11.37 -64.80
C TYR J 252 37.17 -11.68 -65.61
N LYS J 253 37.32 -11.09 -66.81
CA LYS J 253 38.46 -11.34 -67.72
C LYS J 253 39.77 -10.90 -67.04
N LYS J 254 39.73 -9.70 -66.47
CA LYS J 254 40.87 -9.05 -65.78
C LYS J 254 41.25 -9.91 -64.57
N ILE J 255 40.25 -10.42 -63.84
CA ILE J 255 40.50 -11.33 -62.68
C ILE J 255 41.26 -12.57 -63.15
N ILE J 256 40.76 -13.23 -64.19
CA ILE J 256 41.37 -14.48 -64.73
C ILE J 256 42.79 -14.17 -65.18
N ASN J 257 42.96 -13.12 -65.97
CA ASN J 257 44.28 -12.77 -66.57
C ASN J 257 45.28 -12.35 -65.47
N ARG J 258 44.89 -11.52 -64.52
CA ARG J 258 45.82 -11.01 -63.48
C ARG J 258 46.08 -12.11 -62.47
N HIS J 259 45.08 -12.91 -62.09
CA HIS J 259 45.30 -13.99 -61.09
C HIS J 259 46.32 -14.99 -61.68
N SER J 260 46.22 -15.26 -62.98
CA SER J 260 47.17 -16.13 -63.72
C SER J 260 48.59 -15.52 -63.65
N GLU J 261 48.73 -14.24 -63.94
CA GLU J 261 50.05 -13.53 -63.86
C GLU J 261 50.66 -13.59 -62.44
N ILE J 262 49.84 -13.36 -61.41
CA ILE J 262 50.31 -13.42 -59.99
C ILE J 262 50.85 -14.82 -59.71
N TYR J 263 50.11 -15.86 -60.09
CA TYR J 263 50.55 -17.26 -59.88
C TYR J 263 51.92 -17.46 -60.56
N GLU J 264 52.07 -16.91 -61.77
CA GLU J 264 53.26 -17.12 -62.65
C GLU J 264 54.51 -16.65 -61.89
N ILE J 265 54.42 -15.51 -61.21
CA ILE J 265 55.59 -14.91 -60.50
C ILE J 265 56.00 -15.85 -59.34
N TYR J 266 55.05 -16.40 -58.56
CA TYR J 266 55.39 -17.27 -57.41
C TYR J 266 56.02 -18.55 -57.94
N LYS J 267 55.39 -19.10 -58.99
CA LYS J 267 55.83 -20.34 -59.66
C LYS J 267 57.32 -20.22 -60.04
N ASN J 268 57.71 -19.07 -60.59
CA ASN J 268 59.05 -18.86 -61.20
C ASN J 268 60.02 -18.30 -60.17
N ASN J 269 59.60 -18.10 -58.91
CA ASN J 269 60.39 -17.34 -57.91
C ASN J 269 60.06 -17.83 -56.50
N LEU J 270 59.83 -19.14 -56.35
CA LEU J 270 59.42 -19.78 -55.07
C LEU J 270 60.45 -19.48 -54.00
N PRO J 271 60.06 -18.88 -52.85
CA PRO J 271 60.96 -18.78 -51.71
C PRO J 271 61.44 -20.15 -51.25
N LYS J 272 62.63 -20.17 -50.65
CA LYS J 272 63.35 -21.38 -50.18
C LYS J 272 62.40 -22.18 -49.28
N ARG J 273 62.38 -23.51 -49.43
CA ARG J 273 61.71 -24.49 -48.52
C ARG J 273 60.19 -24.27 -48.54
N PHE J 274 59.69 -23.59 -49.58
CA PHE J 274 58.22 -23.40 -49.87
C PHE J 274 57.88 -24.09 -51.20
N LYS J 275 56.75 -24.80 -51.22
CA LYS J 275 56.24 -25.43 -52.48
C LYS J 275 54.83 -24.89 -52.73
N LEU J 276 54.47 -24.73 -54.00
CA LEU J 276 53.05 -24.45 -54.41
C LEU J 276 52.13 -25.55 -53.86
N PHE J 277 50.92 -25.16 -53.44
CA PHE J 277 49.87 -26.12 -53.05
C PHE J 277 49.70 -27.09 -54.21
N PRO J 278 49.52 -28.39 -54.01
CA PRO J 278 49.37 -29.33 -55.11
C PRO J 278 48.23 -28.94 -56.05
N ASN J 279 48.50 -28.99 -57.36
CA ASN J 279 47.60 -28.48 -58.41
C ASN J 279 47.80 -29.31 -59.69
N HIS J 280 46.72 -29.56 -60.43
CA HIS J 280 46.73 -30.46 -61.60
C HIS J 280 46.19 -29.76 -62.85
N SER J 281 46.19 -28.44 -62.89
CA SER J 281 45.83 -27.70 -64.12
C SER J 281 47.10 -27.55 -64.98
N LYS J 282 46.96 -27.49 -66.29
CA LYS J 282 48.06 -27.24 -67.25
C LYS J 282 48.42 -25.75 -67.26
N LYS J 283 47.43 -24.88 -67.39
CA LYS J 283 47.70 -23.43 -67.28
C LYS J 283 47.61 -23.09 -65.79
N ASN J 284 48.10 -21.92 -65.40
CA ASN J 284 48.06 -21.48 -64.00
C ASN J 284 46.61 -21.51 -63.55
N PRO J 285 46.37 -21.96 -62.30
CA PRO J 285 45.04 -21.88 -61.71
C PRO J 285 44.72 -20.42 -61.41
N VAL J 286 43.41 -20.12 -61.34
CA VAL J 286 42.90 -18.78 -60.92
C VAL J 286 42.52 -18.90 -59.44
N CYS J 287 43.35 -18.34 -58.57
CA CYS J 287 43.36 -18.71 -57.13
C CYS J 287 42.61 -17.66 -56.30
N SER J 288 42.02 -18.08 -55.19
CA SER J 288 41.37 -17.11 -54.26
C SER J 288 42.41 -16.54 -53.30
N SER J 289 43.52 -17.25 -53.14
CA SER J 289 44.73 -16.88 -52.37
C SER J 289 45.90 -17.69 -52.95
N ILE J 290 47.14 -17.22 -52.84
CA ILE J 290 48.32 -18.06 -53.25
C ILE J 290 48.71 -18.92 -52.05
N CYS J 291 48.53 -20.23 -52.16
CA CYS J 291 48.75 -21.18 -51.06
C CYS J 291 50.12 -21.86 -51.25
N LEU J 292 51.03 -21.62 -50.32
CA LEU J 292 52.39 -22.22 -50.30
C LEU J 292 52.43 -23.17 -49.11
N LEU J 293 53.16 -24.28 -49.23
CA LEU J 293 53.42 -25.16 -48.09
C LEU J 293 54.88 -24.99 -47.67
N PHE J 294 55.12 -24.66 -46.40
CA PHE J 294 56.48 -24.63 -45.82
C PHE J 294 56.90 -26.06 -45.54
N ASP J 295 58.20 -26.36 -45.38
CA ASP J 295 58.61 -27.78 -45.18
C ASP J 295 58.32 -28.25 -43.76
N LYS J 296 57.97 -27.35 -42.83
CA LYS J 296 57.53 -27.78 -41.47
C LYS J 296 56.48 -26.85 -40.86
N PRO J 297 55.80 -27.35 -39.80
CA PRO J 297 54.78 -26.58 -39.09
C PRO J 297 55.38 -25.26 -38.63
N PHE J 298 54.59 -24.18 -38.72
CA PHE J 298 54.98 -22.83 -38.24
C PHE J 298 53.73 -22.00 -37.93
N ARG J 299 53.87 -20.96 -37.09
CA ARG J 299 52.77 -20.03 -36.69
C ARG J 299 52.75 -18.81 -37.61
N LEU J 300 51.55 -18.35 -37.95
CA LEU J 300 51.27 -17.11 -38.72
C LEU J 300 51.97 -15.88 -38.13
N ASP J 301 52.06 -15.79 -36.79
CA ASP J 301 52.56 -14.58 -36.05
C ASP J 301 53.99 -14.24 -36.48
N LYS J 302 54.73 -15.19 -37.09
CA LYS J 302 56.14 -15.00 -37.52
C LYS J 302 56.19 -14.45 -38.96
N ILE J 303 55.05 -14.27 -39.64
CA ILE J 303 55.02 -13.71 -41.03
C ILE J 303 54.49 -12.28 -40.93
N PRO J 304 55.35 -11.28 -41.20
CA PRO J 304 55.01 -9.87 -41.01
C PRO J 304 54.32 -9.26 -42.23
N PHE J 305 53.19 -9.84 -42.63
CA PHE J 305 52.27 -9.27 -43.63
C PHE J 305 50.97 -10.08 -43.61
N LEU J 306 49.91 -9.47 -44.15
CA LEU J 306 48.54 -10.03 -44.23
C LEU J 306 48.64 -11.43 -44.82
N SER J 307 48.23 -12.46 -44.08
CA SER J 307 48.41 -13.88 -44.44
C SER J 307 47.43 -14.72 -43.62
N ARG J 308 46.89 -15.79 -44.21
CA ARG J 308 45.97 -16.68 -43.48
C ARG J 308 46.37 -18.14 -43.61
N LYS J 309 45.80 -18.98 -42.74
CA LYS J 309 45.84 -20.45 -42.86
C LYS J 309 44.40 -20.95 -43.02
N TYR J 310 44.08 -21.48 -44.20
CA TYR J 310 42.85 -22.24 -44.52
C TYR J 310 43.29 -23.62 -44.97
N TYR J 311 42.53 -24.68 -44.66
CA TYR J 311 41.36 -24.65 -43.81
C TYR J 311 41.69 -25.27 -42.47
N LYS J 312 41.16 -24.72 -41.38
CA LYS J 312 41.25 -25.47 -40.12
C LYS J 312 40.49 -26.78 -40.29
N PRO J 313 41.12 -27.96 -40.10
CA PRO J 313 40.42 -29.23 -40.31
C PRO J 313 39.11 -29.40 -39.53
N LEU J 314 38.08 -29.89 -40.22
CA LEU J 314 36.77 -30.16 -39.61
C LEU J 314 36.93 -31.24 -38.53
N ASP J 315 37.87 -32.17 -38.74
CA ASP J 315 38.27 -33.25 -37.83
C ASP J 315 39.77 -33.07 -37.60
N LEU J 316 40.15 -32.52 -36.44
CA LEU J 316 41.57 -32.18 -36.18
C LEU J 316 42.40 -33.45 -36.04
N SER J 317 41.77 -34.61 -35.95
CA SER J 317 42.45 -35.93 -35.84
C SER J 317 42.80 -36.47 -37.24
N SER J 318 42.54 -35.71 -38.31
CA SER J 318 42.97 -36.03 -39.71
C SER J 318 44.40 -35.54 -39.94
N PRO J 319 45.43 -36.43 -39.95
CA PRO J 319 46.81 -35.97 -39.83
C PRO J 319 47.34 -35.22 -41.05
N VAL J 320 47.04 -35.68 -42.27
CA VAL J 320 47.45 -34.91 -43.47
C VAL J 320 46.80 -33.54 -43.48
N SER J 321 45.47 -33.46 -43.24
CA SER J 321 44.76 -32.16 -43.12
C SER J 321 45.44 -31.24 -42.10
N LEU J 322 45.78 -31.76 -40.93
CA LEU J 322 46.36 -30.90 -39.86
C LEU J 322 47.79 -30.53 -40.24
N ASP J 323 48.53 -31.44 -40.89
CA ASP J 323 49.92 -31.17 -41.37
C ASP J 323 49.86 -30.01 -42.37
N PHE J 324 48.93 -30.08 -43.33
CA PHE J 324 48.72 -29.00 -44.32
C PHE J 324 48.35 -27.70 -43.62
N TYR J 325 47.38 -27.74 -42.70
CA TYR J 325 46.96 -26.51 -41.98
C TYR J 325 48.18 -25.90 -41.29
N GLN J 326 48.99 -26.75 -40.66
CA GLN J 326 50.14 -26.26 -39.83
C GLN J 326 51.27 -25.77 -40.76
N ARG J 327 51.34 -26.22 -42.02
CA ARG J 327 52.44 -25.86 -42.95
C ARG J 327 51.97 -24.81 -43.97
N ILE J 328 50.68 -24.53 -44.12
CA ILE J 328 50.24 -23.70 -45.28
C ILE J 328 50.41 -22.23 -44.94
N LEU J 329 50.61 -21.42 -45.97
CA LEU J 329 50.56 -19.94 -45.90
C LEU J 329 49.70 -19.50 -47.06
N CYS J 330 48.57 -18.88 -46.76
CA CYS J 330 47.68 -18.35 -47.82
C CYS J 330 47.90 -16.84 -47.89
N ILE J 331 48.34 -16.40 -49.05
CA ILE J 331 48.84 -15.04 -49.32
C ILE J 331 47.80 -14.33 -50.16
N PRO J 332 47.48 -13.04 -49.88
CA PRO J 332 46.54 -12.28 -50.70
C PRO J 332 46.85 -12.39 -52.20
N CYS J 333 45.77 -12.59 -52.98
CA CYS J 333 45.80 -12.71 -54.45
C CYS J 333 44.52 -12.04 -54.96
N ASN J 334 44.67 -10.90 -55.61
CA ASN J 334 43.54 -10.06 -56.01
C ASN J 334 44.11 -9.04 -57.00
N ILE J 335 43.26 -8.33 -57.71
CA ILE J 335 43.72 -7.49 -58.86
C ILE J 335 44.21 -6.11 -58.39
N ASP J 336 44.32 -5.85 -57.08
CA ASP J 336 44.91 -4.60 -56.52
C ASP J 336 46.40 -4.86 -56.20
N LEU J 337 46.79 -6.11 -56.06
CA LEU J 337 48.17 -6.53 -55.66
C LEU J 337 49.15 -6.13 -56.76
N THR J 338 50.28 -5.49 -56.42
CA THR J 338 51.33 -5.09 -57.42
C THR J 338 52.41 -6.16 -57.53
N ASP J 339 53.08 -6.22 -58.67
CA ASP J 339 54.31 -7.02 -58.89
C ASP J 339 55.34 -6.67 -57.79
N ARG J 340 55.54 -5.38 -57.51
CA ARG J 340 56.45 -4.95 -56.41
C ARG J 340 56.06 -5.67 -55.10
N GLN J 341 54.75 -5.79 -54.82
CA GLN J 341 54.28 -6.39 -53.54
C GLN J 341 54.66 -7.86 -53.53
N ILE J 342 54.54 -8.54 -54.66
CA ILE J 342 54.78 -10.01 -54.75
C ILE J 342 56.25 -10.27 -54.43
N TYR J 343 57.14 -9.54 -55.09
CA TYR J 343 58.60 -9.73 -54.89
C TYR J 343 58.97 -9.43 -53.43
N GLU J 344 58.43 -8.38 -52.83
CA GLU J 344 58.65 -8.05 -51.40
C GLU J 344 58.18 -9.24 -50.57
N ILE J 345 57.01 -9.79 -50.89
CA ILE J 345 56.45 -10.96 -50.14
C ILE J 345 57.46 -12.09 -50.23
N ILE J 346 57.97 -12.36 -51.44
CA ILE J 346 58.95 -13.46 -51.66
C ILE J 346 60.23 -13.12 -50.90
N GLY J 347 60.66 -11.86 -50.93
CA GLY J 347 61.79 -11.36 -50.08
C GLY J 347 61.60 -11.80 -48.64
N VAL J 348 60.44 -11.47 -48.04
CA VAL J 348 60.14 -11.69 -46.60
C VAL J 348 60.15 -13.21 -46.32
N LEU J 349 59.58 -14.01 -47.24
CA LEU J 349 59.49 -15.48 -47.02
C LEU J 349 60.90 -16.09 -47.08
N ASN J 350 61.77 -15.57 -47.95
CA ASN J 350 63.19 -15.96 -48.01
C ASN J 350 63.84 -15.65 -46.66
N GLU J 351 63.60 -14.46 -46.09
CA GLU J 351 64.10 -14.07 -44.74
C GLU J 351 63.53 -15.05 -43.71
N PHE J 352 62.22 -15.37 -43.80
CA PHE J 352 61.57 -16.30 -42.85
C PHE J 352 62.26 -17.68 -42.92
N ALA J 353 62.49 -18.18 -44.13
CA ALA J 353 63.02 -19.53 -44.40
C ALA J 353 64.43 -19.70 -43.80
N ASP J 354 65.19 -18.60 -43.70
CA ASP J 354 66.60 -18.63 -43.21
C ASP J 354 66.64 -18.73 -41.69
N LYS J 355 65.73 -18.01 -41.00
CA LYS J 355 65.67 -17.94 -39.51
C LYS J 355 64.95 -19.18 -38.95
N ASN J 356 64.34 -20.03 -39.80
CA ASN J 356 63.52 -21.19 -39.36
C ASN J 356 63.90 -22.43 -40.18
#